data_8DFO
#
_entry.id   8DFO
#
_cell.length_a   1.00
_cell.length_b   1.00
_cell.length_c   1.00
_cell.angle_alpha   90.00
_cell.angle_beta   90.00
_cell.angle_gamma   90.00
#
_symmetry.space_group_name_H-M   'P 1'
#
loop_
_entity.id
_entity.type
_entity.pdbx_description
1 polymer 'pre-crRNA processing endonuclease'
2 polymer 'CRISPR-associated protein, TM1801 family'
3 polymer 'CRISPR-associated protein, CT1133 family'
4 polymer 'CRISPR-associated protein, CT1133 family'
5 polymer 'RNA (45-MER)'
6 polymer AcrIC4
#
loop_
_entity_poly.entity_id
_entity_poly.type
_entity_poly.pdbx_seq_one_letter_code
_entity_poly.pdbx_strand_id
1 'polypeptide(L)'
;MTHGAVKTYGIRLRVWGDYACFTRPEMKVERVSYDVMPPSAARGILEAIHWKPAIRWIVDRIHVLRPIVFDNVRRNEVSS
KIPKPNPATAMRDRKPLYFLVDDGSNRQQRAATLLRNVDYVIEAHFELTDKAGAEDNAGKHLDIFRRRARAGQSFQQPCL
GCREFPASFELLEGDVPLSCYAGEKRDLGYMLLDIDFERDMTPLFFKAVMEDGVITPPSRTSPEVRA
;
A
2 'polypeptide(L)'
;MTAIANRYEFVLLFDVENGNPNGDPDAGNMPRIDPETGHGLVTDVCLKRKIRNHVALTKEGAERFNIYIQEKAILNETHE
RAYTACDLKPEPKKLPKKVEDAKRVTDWMCTNFYDIRTFGAVMTTEVNCGQVRGPVQMAFARSVEPVVPQEVSITRMAVT
TKAEAEKQQGDNRTMGRKHIVPYGLYVAHGFISAPLAEKTGFSDEDLTLFWDALVNMFEHDRSAARGLMSSRKLIVFKHQ
NRLGNAPAHKLFDLVKVSRAEGSSGPARSFADYAVTVGQAPEGVEVKEML
;
B,C,D,E,F,G,H
3 'polypeptide(L)'
;MILQALHGYYQRMSADPDAGMPPYGTSMENISFALVLDAKGTLRGIEDLREQEGKKLRPRKMLVPIAEKKGNGIKPNFLW
ENTSYILGVDAKGKQERTDKCHAAFIAHIKAYCDTADQDLAAVLQFLEHGEKDLSAFPVSEEVIGSNIVFRIEGEPGFVH
ERPAARQAWANCLNRREQGLCGQCLITGERQKPIAQLHPSIKGGRDGVRGAQAVASIVSFNNTAFESYGKEQSINAPVSQ
EAAFSYVTALNYLLNPSNRQKVTIADATVVFWAERSSPAEDIFAGMFDPPSTTAKPESSNGTPPEDSEEGSQPDTARDDP
HAAARMHDLLVAIRSGKRATDIMPDMDESVRFHVLGLSPNAARLSVRFWEVDTVGHMLDKVGRHYRELEIIPQFNNEQEF
PSLSTLLRQTAVLNKTENISPVLAGGLFRAMLTGGPYPQSLLPAVLGRIRAEHARPEDKSRYRLEVVTYYRAALIKAYLI
RNRKLEVPVSLDPARTDRPYLLGRLFAVLEKAQEDAVPGANATIKDRYLASASANPGQVFHMLLKNASNHTAKLRKDPER
KGSAIHYEIMMQEIIDNISDFPVTMSSDEQGLFMIGYYHQRKALFTKKNKEN
;
I
4 'polypeptide(L)'
;VSLDPARTDRPYLLGRLFAVLEKAQEDAVPGANATIKDRYLASASANPGQVFHMLLKNASNHTAKLRKDPERKGSAIHYE
IMMQEIIDNISDFPVTMSSDEQGLFMIGYYHQRKALFTKKNKEN
;
J,K
5 'polyribonucleotide' GGAUUGAAACGCCAUGCUCAGGCUGGCGAGUGCGCGCCACUCAUC L
6 'polypeptide(L)' MDNKITPADEEKIREWLNCEEASVDNDGDVWVAVPMTGHWLSDEQKAKYIEWRGDET M
#
# COMPACT_ATOMS: atom_id res chain seq x y z
N THR A 8 -42.80 -43.54 52.85
CA THR A 8 -41.56 -44.36 52.98
C THR A 8 -41.59 -45.53 52.02
N TYR A 9 -42.68 -46.31 52.05
CA TYR A 9 -42.84 -47.44 51.15
C TYR A 9 -43.24 -46.92 49.76
N GLY A 10 -42.32 -47.02 48.81
CA GLY A 10 -42.50 -46.49 47.47
C GLY A 10 -41.19 -46.10 46.84
N ILE A 11 -41.29 -45.59 45.62
CA ILE A 11 -40.13 -45.23 44.80
C ILE A 11 -40.33 -43.83 44.26
N ARG A 12 -39.23 -43.18 43.93
CA ARG A 12 -39.25 -41.87 43.28
C ARG A 12 -38.09 -41.81 42.29
N LEU A 13 -38.38 -42.16 41.04
CA LEU A 13 -37.38 -42.27 40.00
C LEU A 13 -37.43 -41.03 39.11
N ARG A 14 -36.28 -40.43 38.84
CA ARG A 14 -36.20 -39.30 37.94
C ARG A 14 -35.67 -39.75 36.59
N VAL A 15 -36.25 -39.20 35.52
CA VAL A 15 -35.83 -39.48 34.15
C VAL A 15 -35.85 -38.19 33.36
N TRP A 16 -34.91 -38.05 32.43
CA TRP A 16 -34.84 -36.88 31.58
C TRP A 16 -34.08 -37.24 30.30
N GLY A 17 -34.28 -36.43 29.27
CA GLY A 17 -33.60 -36.65 28.01
C GLY A 17 -33.94 -35.55 27.04
N ASP A 18 -33.13 -35.47 25.99
CA ASP A 18 -33.35 -34.44 24.98
C ASP A 18 -34.66 -34.65 24.23
N TYR A 19 -34.89 -35.86 23.74
CA TYR A 19 -36.03 -36.16 22.89
C TYR A 19 -36.99 -37.08 23.61
N ALA A 20 -38.24 -37.09 23.14
CA ALA A 20 -39.23 -38.04 23.62
C ALA A 20 -40.41 -38.02 22.66
N CYS A 21 -41.07 -39.12 22.46
CA CYS A 21 -42.18 -39.34 21.61
C CYS A 21 -43.15 -40.35 22.17
N PHE A 22 -44.13 -39.98 22.93
CA PHE A 22 -45.19 -40.74 23.48
C PHE A 22 -46.39 -40.67 22.58
N THR A 23 -46.41 -41.38 21.50
CA THR A 23 -47.31 -41.28 20.42
C THR A 23 -48.74 -41.50 20.82
N ARG A 24 -49.66 -40.71 20.42
CA ARG A 24 -51.05 -40.84 20.61
C ARG A 24 -51.58 -42.03 19.86
N PRO A 25 -52.55 -42.82 20.34
CA PRO A 25 -53.05 -43.97 19.59
C PRO A 25 -53.80 -43.55 18.32
N GLU A 26 -54.53 -42.45 18.36
CA GLU A 26 -55.26 -41.91 17.21
C GLU A 26 -54.37 -41.16 16.19
N MET A 27 -53.06 -41.13 16.37
CA MET A 27 -52.10 -40.48 15.46
C MET A 27 -50.79 -41.27 15.35
N LYS A 28 -50.85 -42.60 15.33
CA LYS A 28 -49.67 -43.48 15.30
C LYS A 28 -48.94 -43.46 13.95
N VAL A 29 -49.69 -43.26 12.85
CA VAL A 29 -49.27 -43.26 11.50
C VAL A 29 -48.41 -42.08 11.15
N GLU A 30 -48.71 -40.93 11.64
CA GLU A 30 -48.04 -39.68 11.62
C GLU A 30 -47.85 -39.18 13.03
N ARG A 31 -46.85 -39.58 13.73
CA ARG A 31 -46.67 -39.54 15.13
C ARG A 31 -47.06 -38.21 15.72
N VAL A 32 -47.84 -38.16 16.75
CA VAL A 32 -48.15 -37.10 17.63
C VAL A 32 -47.97 -37.51 19.06
N SER A 33 -47.24 -36.83 19.86
CA SER A 33 -46.86 -37.11 21.18
C SER A 33 -47.79 -36.54 22.21
N TYR A 34 -48.13 -37.23 23.25
CA TYR A 34 -48.75 -36.76 24.41
C TYR A 34 -47.93 -35.67 25.04
N ASP A 35 -48.57 -34.62 25.55
CA ASP A 35 -47.81 -33.55 26.16
C ASP A 35 -46.96 -34.04 27.32
N VAL A 36 -47.37 -35.12 27.97
CA VAL A 36 -46.66 -35.66 29.13
C VAL A 36 -46.57 -37.17 28.95
N MET A 37 -45.64 -37.80 29.55
CA MET A 37 -45.40 -39.18 29.52
C MET A 37 -46.57 -39.91 30.08
N PRO A 38 -47.27 -40.78 29.35
CA PRO A 38 -48.36 -41.53 29.91
C PRO A 38 -47.93 -42.56 30.91
N PRO A 39 -48.79 -42.98 31.84
CA PRO A 39 -48.42 -44.04 32.75
C PRO A 39 -47.89 -45.30 32.12
N SER A 40 -48.28 -45.63 30.94
CA SER A 40 -47.81 -46.72 30.17
C SER A 40 -46.33 -46.63 29.92
N ALA A 41 -45.86 -45.53 29.43
CA ALA A 41 -44.51 -45.22 29.21
C ALA A 41 -43.71 -45.27 30.49
N ALA A 42 -44.23 -44.76 31.55
CA ALA A 42 -43.69 -44.76 32.85
C ALA A 42 -43.42 -46.15 33.32
N ARG A 43 -44.36 -47.02 33.20
CA ARG A 43 -44.32 -48.39 33.51
C ARG A 43 -43.25 -49.10 32.71
N GLY A 44 -43.15 -48.84 31.45
CA GLY A 44 -42.15 -49.34 30.64
C GLY A 44 -40.77 -48.99 31.04
N ILE A 45 -40.52 -47.77 31.38
CA ILE A 45 -39.32 -47.25 31.90
C ILE A 45 -38.94 -47.96 33.17
N LEU A 46 -39.91 -48.07 34.08
CA LEU A 46 -39.67 -48.75 35.35
C LEU A 46 -39.27 -50.19 35.13
N GLU A 47 -39.97 -50.90 34.25
CA GLU A 47 -39.65 -52.28 33.96
C GLU A 47 -38.28 -52.42 33.30
N ALA A 48 -37.84 -51.41 32.56
CA ALA A 48 -36.51 -51.47 31.97
C ALA A 48 -35.41 -51.54 33.02
N ILE A 49 -35.62 -50.95 34.19
CA ILE A 49 -34.62 -51.00 35.26
C ILE A 49 -34.60 -52.38 35.91
N HIS A 50 -35.72 -52.75 36.53
CA HIS A 50 -35.84 -54.05 37.18
C HIS A 50 -37.28 -54.53 37.03
N TRP A 51 -37.44 -55.81 36.74
CA TRP A 51 -38.77 -56.39 36.71
C TRP A 51 -38.66 -57.92 36.66
N LYS A 52 -39.65 -58.58 37.25
CA LYS A 52 -39.78 -60.02 37.18
C LYS A 52 -41.25 -60.35 37.03
N PRO A 53 -41.59 -61.54 36.53
CA PRO A 53 -43.00 -61.89 36.36
C PRO A 53 -43.80 -61.78 37.66
N ALA A 54 -43.10 -61.85 38.79
CA ALA A 54 -43.76 -61.92 40.09
C ALA A 54 -44.30 -60.58 40.57
N ILE A 55 -44.00 -59.48 39.87
CA ILE A 55 -44.25 -58.14 40.42
C ILE A 55 -44.86 -57.25 39.34
N ARG A 56 -45.76 -56.37 39.79
CA ARG A 56 -46.43 -55.40 38.93
C ARG A 56 -46.07 -54.00 39.38
N TRP A 57 -45.67 -53.16 38.42
CA TRP A 57 -45.34 -51.77 38.72
C TRP A 57 -46.58 -50.89 38.62
N ILE A 58 -46.72 -50.00 39.59
CA ILE A 58 -47.84 -49.06 39.64
C ILE A 58 -47.27 -47.65 39.75
N VAL A 59 -47.83 -46.73 38.98
CA VAL A 59 -47.35 -45.35 38.90
C VAL A 59 -48.29 -44.48 39.71
N ASP A 60 -47.77 -43.93 40.81
CA ASP A 60 -48.61 -43.12 41.70
C ASP A 60 -48.77 -41.71 41.16
N ARG A 61 -47.67 -40.99 40.98
CA ARG A 61 -47.67 -39.63 40.46
C ARG A 61 -46.62 -39.54 39.37
N ILE A 62 -46.83 -38.62 38.44
CA ILE A 62 -45.84 -38.27 37.43
C ILE A 62 -45.68 -36.77 37.46
N HIS A 63 -44.48 -36.30 37.81
CA HIS A 63 -44.19 -34.88 37.88
C HIS A 63 -43.61 -34.44 36.54
N VAL A 64 -44.07 -33.28 36.06
CA VAL A 64 -43.57 -32.68 34.84
C VAL A 64 -42.75 -31.47 35.26
N LEU A 65 -41.42 -31.60 35.22
CA LEU A 65 -40.55 -30.55 35.74
C LEU A 65 -40.27 -29.49 34.67
N ARG A 66 -39.66 -29.90 33.55
CA ARG A 66 -39.37 -28.94 32.49
C ARG A 66 -40.63 -28.63 31.69
N PRO A 67 -40.72 -27.45 31.08
CA PRO A 67 -41.93 -27.08 30.35
C PRO A 67 -42.11 -27.92 29.09
N ILE A 68 -43.35 -27.96 28.61
CA ILE A 68 -43.68 -28.75 27.42
C ILE A 68 -43.20 -28.01 26.18
N VAL A 69 -42.43 -28.69 25.35
CA VAL A 69 -41.90 -28.14 24.11
C VAL A 69 -42.04 -29.18 23.02
N PHE A 70 -42.33 -28.74 21.80
CA PHE A 70 -42.60 -29.63 20.69
C PHE A 70 -41.61 -29.38 19.55
N ASP A 71 -41.45 -30.40 18.70
CA ASP A 71 -40.55 -30.31 17.56
C ASP A 71 -41.00 -31.32 16.52
N ASN A 72 -40.53 -31.13 15.29
CA ASN A 72 -40.93 -31.95 14.15
C ASN A 72 -39.71 -32.62 13.55
N VAL A 73 -39.80 -33.94 13.33
CA VAL A 73 -38.77 -34.71 12.67
C VAL A 73 -39.46 -35.68 11.71
N ARG A 74 -38.90 -35.84 10.51
CA ARG A 74 -39.48 -36.72 9.50
C ARG A 74 -38.43 -37.73 9.05
N ARG A 75 -38.85 -38.99 8.89
CA ARG A 75 -37.96 -40.08 8.61
C ARG A 75 -38.53 -40.98 7.52
N ASN A 76 -37.64 -41.52 6.69
CA ASN A 76 -38.01 -42.58 5.77
C ASN A 76 -38.21 -43.86 6.56
N GLU A 77 -39.18 -44.64 6.25
CA GLU A 77 -39.66 -45.79 6.93
C GLU A 77 -40.14 -46.89 6.02
N VAL A 78 -40.24 -48.10 6.47
CA VAL A 78 -40.67 -49.28 5.85
C VAL A 78 -42.13 -49.51 6.11
N SER A 79 -42.92 -49.92 5.17
CA SER A 79 -44.32 -50.01 5.18
C SER A 79 -44.89 -51.27 5.78
N SER A 80 -44.14 -52.30 5.99
CA SER A 80 -44.54 -53.61 6.30
C SER A 80 -43.67 -54.36 7.26
N LYS A 81 -44.27 -55.19 8.12
CA LYS A 81 -43.58 -56.21 8.92
C LYS A 81 -43.05 -57.33 8.03
N ILE A 82 -41.88 -57.88 8.33
CA ILE A 82 -41.24 -58.94 7.63
C ILE A 82 -42.08 -60.18 7.70
N PRO A 83 -42.25 -60.97 6.64
CA PRO A 83 -43.06 -62.16 6.71
C PRO A 83 -42.39 -63.32 7.38
N LYS A 84 -43.11 -64.21 8.00
CA LYS A 84 -42.68 -65.41 8.60
C LYS A 84 -42.23 -66.41 7.57
N PRO A 85 -40.99 -66.88 7.55
CA PRO A 85 -40.66 -68.09 6.81
C PRO A 85 -41.00 -69.32 7.63
N ASN A 86 -41.07 -70.45 6.94
CA ASN A 86 -41.18 -71.74 7.62
C ASN A 86 -39.80 -72.37 7.65
N PRO A 87 -39.24 -72.67 8.82
CA PRO A 87 -37.84 -73.13 8.85
C PRO A 87 -37.54 -74.29 7.90
N ALA A 88 -38.45 -75.26 7.78
CA ALA A 88 -38.18 -76.40 6.92
C ALA A 88 -38.23 -76.02 5.45
N THR A 89 -39.39 -75.55 4.98
CA THR A 89 -39.51 -75.15 3.59
C THR A 89 -38.55 -74.01 3.24
N ALA A 90 -38.09 -73.26 4.25
CA ALA A 90 -37.10 -72.23 4.01
C ALA A 90 -35.79 -72.81 3.47
N MET A 91 -35.53 -74.09 3.72
CA MET A 91 -34.33 -74.75 3.24
C MET A 91 -34.60 -75.93 2.32
N ARG A 92 -35.85 -76.36 2.18
CA ARG A 92 -36.15 -77.43 1.21
C ARG A 92 -35.59 -77.06 -0.16
N ASP A 93 -35.63 -75.78 -0.51
CA ASP A 93 -35.00 -75.27 -1.71
C ASP A 93 -34.28 -73.97 -1.33
N ARG A 94 -32.95 -74.02 -1.28
CA ARG A 94 -32.19 -72.88 -0.83
C ARG A 94 -32.58 -71.64 -1.62
N LYS A 95 -32.88 -70.56 -0.90
CA LYS A 95 -33.38 -69.34 -1.51
C LYS A 95 -32.88 -68.15 -0.71
N PRO A 96 -32.61 -67.02 -1.36
CA PRO A 96 -32.35 -65.79 -0.60
C PRO A 96 -33.61 -65.26 0.06
N LEU A 97 -33.47 -64.83 1.31
CA LEU A 97 -34.55 -64.18 2.06
C LEU A 97 -34.12 -62.76 2.40
N TYR A 98 -34.91 -61.78 2.02
CA TYR A 98 -34.58 -60.40 2.31
C TYR A 98 -35.83 -59.53 2.17
N PHE A 99 -35.75 -58.32 2.60
CA PHE A 99 -36.68 -57.25 2.62
C PHE A 99 -36.07 -55.99 2.07
N LEU A 100 -36.39 -55.61 0.84
CA LEU A 100 -35.67 -54.56 0.13
C LEU A 100 -36.43 -53.24 0.29
N VAL A 101 -35.79 -52.26 0.92
CA VAL A 101 -36.44 -50.98 1.19
C VAL A 101 -36.55 -50.13 -0.07
N ASP A 102 -35.84 -50.49 -1.13
CA ASP A 102 -35.85 -49.73 -2.38
C ASP A 102 -36.77 -50.33 -3.44
N ASP A 103 -37.52 -51.38 -3.11
CA ASP A 103 -38.35 -52.07 -4.10
C ASP A 103 -39.76 -51.50 -4.07
N GLY A 104 -39.89 -50.31 -4.65
CA GLY A 104 -41.21 -49.76 -4.91
C GLY A 104 -41.97 -49.47 -3.64
N SER A 105 -43.07 -50.13 -3.42
CA SER A 105 -44.01 -49.95 -2.38
C SER A 105 -43.41 -50.04 -0.99
N ASN A 106 -42.20 -50.48 -0.83
CA ASN A 106 -41.52 -50.69 0.38
C ASN A 106 -41.29 -49.44 1.17
N ARG A 107 -41.09 -48.33 0.53
CA ARG A 107 -40.71 -47.08 1.05
C ARG A 107 -41.87 -46.30 1.60
N GLN A 108 -41.87 -45.87 2.81
CA GLN A 108 -42.82 -45.12 3.54
C GLN A 108 -42.24 -43.96 4.28
N GLN A 109 -42.76 -42.79 4.19
CA GLN A 109 -42.45 -41.58 4.86
C GLN A 109 -43.39 -41.33 6.01
N ARG A 110 -42.95 -40.93 7.15
CA ARG A 110 -43.61 -40.92 8.39
C ARG A 110 -43.16 -39.81 9.30
N ALA A 111 -43.84 -38.72 9.42
CA ALA A 111 -43.52 -37.59 10.20
C ALA A 111 -43.65 -37.90 11.67
N ALA A 112 -43.27 -37.01 12.54
CA ALA A 112 -43.29 -37.08 13.95
C ALA A 112 -43.40 -35.75 14.63
N THR A 113 -44.27 -35.55 15.56
CA THR A 113 -44.46 -34.45 16.43
C THR A 113 -44.02 -34.83 17.82
N LEU A 114 -42.76 -34.62 18.16
CA LEU A 114 -42.14 -35.19 19.35
C LEU A 114 -41.68 -34.10 20.30
N LEU A 115 -41.61 -34.45 21.57
CA LEU A 115 -41.24 -33.50 22.61
C LEU A 115 -39.74 -33.25 22.60
N ARG A 116 -39.32 -32.21 23.32
CA ARG A 116 -37.92 -31.89 23.49
C ARG A 116 -37.65 -31.51 24.94
N ASN A 117 -36.45 -31.88 25.41
CA ASN A 117 -35.99 -31.51 26.74
C ASN A 117 -37.03 -31.84 27.80
N VAL A 118 -37.31 -33.13 27.94
CA VAL A 118 -38.26 -33.58 28.97
C VAL A 118 -37.52 -33.76 30.29
N ASP A 119 -38.27 -33.76 31.38
CA ASP A 119 -37.71 -34.04 32.70
C ASP A 119 -38.87 -34.42 33.61
N TYR A 120 -38.88 -35.66 34.08
CA TYR A 120 -39.96 -36.20 34.88
C TYR A 120 -39.42 -36.80 36.18
N VAL A 121 -40.29 -36.87 37.18
CA VAL A 121 -40.06 -37.64 38.39
C VAL A 121 -41.21 -38.62 38.52
N ILE A 122 -40.90 -39.91 38.50
CA ILE A 122 -41.90 -40.96 38.55
C ILE A 122 -41.97 -41.50 39.97
N GLU A 123 -43.14 -41.38 40.59
CA GLU A 123 -43.41 -42.01 41.86
C GLU A 123 -44.16 -43.30 41.61
N ALA A 124 -43.61 -44.42 42.09
CA ALA A 124 -44.19 -45.72 41.81
C ALA A 124 -43.97 -46.64 43.00
N HIS A 125 -44.59 -47.81 42.91
CA HIS A 125 -44.49 -48.81 43.95
C HIS A 125 -44.73 -50.18 43.34
N PHE A 126 -44.38 -51.23 44.08
CA PHE A 126 -44.50 -52.58 43.57
C PHE A 126 -45.79 -53.24 44.02
N GLU A 127 -46.14 -54.32 43.33
CA GLU A 127 -47.29 -55.15 43.70
C GLU A 127 -47.05 -56.55 43.17
N LEU A 128 -47.18 -57.54 44.05
CA LEU A 128 -46.90 -58.92 43.66
C LEU A 128 -48.00 -59.46 42.75
N THR A 129 -47.59 -60.08 41.65
CA THR A 129 -48.54 -60.74 40.79
C THR A 129 -49.06 -62.03 41.45
N ASP A 130 -50.20 -62.52 40.95
CA ASP A 130 -50.76 -63.75 41.49
C ASP A 130 -49.84 -64.94 41.30
N LYS A 131 -48.99 -64.93 40.26
CA LYS A 131 -48.02 -65.99 40.04
C LYS A 131 -46.71 -65.73 40.78
N ALA A 132 -46.74 -64.93 41.83
CA ALA A 132 -45.54 -64.68 42.62
C ALA A 132 -45.13 -65.94 43.36
N GLY A 133 -43.82 -66.12 43.53
CA GLY A 133 -43.33 -67.20 44.35
C GLY A 133 -43.67 -66.99 45.81
N ALA A 134 -43.79 -68.11 46.54
CA ALA A 134 -44.10 -68.02 47.95
C ALA A 134 -42.99 -67.33 48.72
N GLU A 135 -41.74 -67.55 48.32
CA GLU A 135 -40.58 -66.94 48.97
C GLU A 135 -40.26 -65.56 48.43
N ASP A 136 -41.00 -65.07 47.43
CA ASP A 136 -40.67 -63.82 46.75
C ASP A 136 -41.14 -62.66 47.60
N ASN A 137 -40.19 -62.05 48.32
CA ASN A 137 -40.51 -60.88 49.14
C ASN A 137 -40.54 -59.63 48.28
N ALA A 138 -41.57 -58.80 48.50
CA ALA A 138 -41.63 -57.52 47.78
C ALA A 138 -40.50 -56.59 48.22
N GLY A 139 -40.14 -56.61 49.51
CA GLY A 139 -39.02 -55.82 49.96
C GLY A 139 -37.73 -56.16 49.25
N LYS A 140 -37.54 -57.45 48.95
CA LYS A 140 -36.35 -57.84 48.19
C LYS A 140 -36.29 -57.10 46.86
N HIS A 141 -37.38 -57.15 46.09
CA HIS A 141 -37.38 -56.50 44.78
C HIS A 141 -37.25 -55.00 44.92
N LEU A 142 -37.86 -54.40 45.94
CA LEU A 142 -37.65 -52.99 46.19
C LEU A 142 -36.16 -52.69 46.34
N ASP A 143 -35.48 -53.49 47.15
CA ASP A 143 -34.05 -53.28 47.38
C ASP A 143 -33.26 -53.45 46.10
N ILE A 144 -33.59 -54.47 45.29
CA ILE A 144 -32.85 -54.70 44.06
C ILE A 144 -33.02 -53.54 43.10
N PHE A 145 -34.25 -53.06 42.93
CA PHE A 145 -34.47 -51.92 42.05
C PHE A 145 -33.73 -50.70 42.54
N ARG A 146 -33.77 -50.44 43.85
CA ARG A 146 -33.07 -49.27 44.38
C ARG A 146 -31.57 -49.38 44.15
N ARG A 147 -31.01 -50.58 44.36
CA ARG A 147 -29.60 -50.78 44.08
C ARG A 147 -29.27 -50.48 42.63
N ARG A 148 -30.07 -51.01 41.71
CA ARG A 148 -29.80 -50.80 40.29
C ARG A 148 -29.90 -49.33 39.93
N ALA A 149 -30.93 -48.65 40.45
CA ALA A 149 -31.10 -47.23 40.15
C ALA A 149 -29.94 -46.41 40.68
N ARG A 150 -29.50 -46.69 41.91
CA ARG A 150 -28.38 -45.95 42.47
C ARG A 150 -27.09 -46.20 41.68
N ALA A 151 -26.84 -47.46 41.32
CA ALA A 151 -25.60 -47.80 40.61
C ALA A 151 -25.67 -47.51 39.12
N GLY A 152 -26.82 -47.12 38.60
CA GLY A 152 -26.95 -46.88 37.17
C GLY A 152 -27.10 -48.14 36.34
N GLN A 153 -27.32 -49.28 36.98
CA GLN A 153 -27.48 -50.54 36.27
C GLN A 153 -28.90 -50.66 35.72
N SER A 154 -29.05 -51.45 34.67
CA SER A 154 -30.37 -51.62 34.07
C SER A 154 -30.35 -52.84 33.16
N PHE A 155 -31.52 -53.47 33.04
CA PHE A 155 -31.72 -54.51 32.04
C PHE A 155 -31.39 -53.98 30.65
N GLN A 156 -31.95 -52.88 30.24
CA GLN A 156 -31.79 -52.15 29.05
C GLN A 156 -31.84 -50.67 29.29
N GLN A 157 -31.24 -49.89 28.42
CA GLN A 157 -31.32 -48.44 28.59
C GLN A 157 -32.79 -48.01 28.46
N PRO A 158 -33.40 -47.47 29.50
CA PRO A 158 -34.77 -46.98 29.36
C PRO A 158 -34.84 -45.87 28.33
N CYS A 159 -35.88 -45.80 27.57
CA CYS A 159 -36.16 -44.93 26.50
C CYS A 159 -37.42 -44.15 26.67
N LEU A 160 -37.48 -42.91 26.28
CA LEU A 160 -38.57 -42.01 26.28
C LEU A 160 -39.54 -42.41 25.19
N GLY A 161 -40.28 -43.46 25.34
CA GLY A 161 -41.16 -43.97 24.42
C GLY A 161 -40.67 -44.86 23.36
N CYS A 162 -39.73 -44.44 22.58
CA CYS A 162 -39.13 -45.04 21.46
C CYS A 162 -37.63 -45.24 21.60
N ARG A 163 -37.04 -46.26 21.07
CA ARG A 163 -35.70 -46.67 21.25
C ARG A 163 -34.70 -45.65 20.82
N GLU A 164 -35.02 -44.73 19.96
CA GLU A 164 -34.21 -43.66 19.52
C GLU A 164 -33.96 -42.63 20.57
N PHE A 165 -34.63 -42.64 21.67
CA PHE A 165 -34.74 -41.69 22.71
C PHE A 165 -34.35 -42.25 24.05
N PRO A 166 -33.07 -42.51 24.31
CA PRO A 166 -32.67 -43.09 25.60
C PRO A 166 -32.94 -42.13 26.74
N ALA A 167 -33.23 -42.70 27.90
CA ALA A 167 -33.57 -41.91 29.09
C ALA A 167 -32.48 -42.05 30.13
N SER A 168 -31.90 -40.93 30.54
CA SER A 168 -31.03 -40.91 31.69
C SER A 168 -31.87 -40.90 32.96
N PHE A 169 -31.35 -41.53 34.01
CA PHE A 169 -32.16 -41.70 35.21
C PHE A 169 -31.31 -41.65 36.47
N GLU A 170 -31.94 -41.21 37.55
CA GLU A 170 -31.36 -41.17 38.87
C GLU A 170 -32.45 -41.51 39.87
N LEU A 171 -32.05 -41.92 41.07
CA LEU A 171 -33.01 -42.20 42.13
C LEU A 171 -33.09 -41.02 43.08
N LEU A 172 -34.31 -40.60 43.40
CA LEU A 172 -34.54 -39.47 44.29
C LEU A 172 -34.77 -40.00 45.71
N GLU A 173 -33.78 -39.77 46.58
CA GLU A 173 -33.97 -40.07 48.00
C GLU A 173 -34.50 -38.86 48.76
N GLY A 174 -34.34 -37.66 48.21
CA GLY A 174 -34.81 -36.45 48.85
C GLY A 174 -36.18 -36.02 48.36
N ASP A 175 -36.57 -34.82 48.78
CA ASP A 175 -37.88 -34.29 48.40
C ASP A 175 -37.89 -33.89 46.93
N VAL A 176 -39.06 -34.01 46.32
CA VAL A 176 -39.16 -33.81 44.87
C VAL A 176 -38.90 -32.34 44.54
N PRO A 177 -38.18 -32.04 43.48
CA PRO A 177 -38.02 -30.63 43.07
C PRO A 177 -39.30 -30.08 42.47
N LEU A 178 -39.39 -28.75 42.46
CA LEU A 178 -40.59 -28.08 41.98
C LEU A 178 -40.59 -27.98 40.47
N SER A 179 -41.79 -27.92 39.88
CA SER A 179 -41.95 -27.87 38.44
C SER A 179 -42.19 -26.44 37.97
N CYS A 180 -42.10 -26.25 36.65
CA CYS A 180 -42.41 -24.95 36.06
C CYS A 180 -43.89 -24.63 36.22
N TYR A 181 -44.74 -25.65 36.21
CA TYR A 181 -46.18 -25.49 36.35
C TYR A 181 -46.63 -25.55 37.81
N ALA A 182 -45.77 -25.15 38.73
CA ALA A 182 -46.05 -25.31 40.16
C ALA A 182 -47.34 -24.65 40.60
N GLY A 183 -47.73 -23.54 39.96
CA GLY A 183 -48.94 -22.84 40.36
C GLY A 183 -49.97 -22.77 39.25
N GLU A 184 -49.99 -23.78 38.40
CA GLU A 184 -50.87 -23.82 37.24
C GLU A 184 -51.72 -25.07 37.26
N LYS A 185 -52.87 -25.00 36.60
CA LYS A 185 -53.76 -26.14 36.41
C LYS A 185 -54.07 -26.28 34.94
N ARG A 186 -54.19 -27.53 34.48
CA ARG A 186 -54.29 -27.79 33.05
C ARG A 186 -54.95 -29.14 32.83
N ASP A 187 -56.04 -29.17 32.07
CA ASP A 187 -56.72 -30.40 31.70
C ASP A 187 -56.20 -30.84 30.34
N LEU A 188 -55.52 -31.98 30.29
CA LEU A 188 -54.92 -32.45 29.05
C LEU A 188 -55.83 -33.38 28.25
N GLY A 189 -57.03 -33.62 28.62
CA GLY A 189 -57.90 -34.49 28.02
C GLY A 189 -57.71 -35.93 28.30
N TYR A 190 -58.36 -36.81 27.63
CA TYR A 190 -58.32 -38.21 27.74
C TYR A 190 -57.08 -38.78 27.08
N MET A 191 -56.24 -39.48 27.75
CA MET A 191 -55.00 -40.02 27.33
C MET A 191 -54.78 -41.44 27.79
N LEU A 192 -53.87 -42.15 27.20
CA LEU A 192 -53.57 -43.51 27.36
C LEU A 192 -53.11 -43.82 28.76
N LEU A 193 -53.86 -44.50 29.56
CA LEU A 193 -53.52 -45.01 30.83
C LEU A 193 -52.57 -46.17 30.74
N ASP A 194 -53.02 -47.26 30.23
CA ASP A 194 -52.41 -48.52 30.11
C ASP A 194 -52.96 -49.32 28.95
N ILE A 195 -52.62 -50.55 28.81
CA ILE A 195 -53.14 -51.57 27.95
C ILE A 195 -53.42 -52.82 28.72
N ASP A 196 -54.62 -53.28 28.86
CA ASP A 196 -55.07 -54.42 29.56
C ASP A 196 -54.91 -55.65 28.70
N PHE A 197 -53.82 -56.34 28.75
CA PHE A 197 -53.47 -57.46 27.97
C PHE A 197 -54.31 -58.68 28.27
N GLU A 198 -54.90 -58.77 29.41
CA GLU A 198 -55.86 -59.74 29.80
C GLU A 198 -57.12 -59.65 28.97
N ARG A 199 -57.62 -58.44 28.74
CA ARG A 199 -58.90 -58.16 28.06
C ARG A 199 -58.69 -57.86 26.58
N ASP A 200 -57.98 -58.75 25.89
CA ASP A 200 -57.66 -58.69 24.46
C ASP A 200 -56.95 -57.40 23.98
N MET A 201 -56.16 -56.77 24.86
CA MET A 201 -55.23 -55.68 24.51
C MET A 201 -55.90 -54.38 24.04
N THR A 202 -57.10 -54.04 24.50
CA THR A 202 -57.64 -52.69 24.24
C THR A 202 -56.90 -51.63 25.06
N PRO A 203 -56.83 -50.38 24.59
CA PRO A 203 -56.43 -49.28 25.46
C PRO A 203 -57.55 -48.95 26.44
N LEU A 204 -57.16 -48.36 27.57
CA LEU A 204 -57.92 -47.70 28.57
C LEU A 204 -57.40 -46.33 28.87
N PHE A 205 -58.20 -45.32 28.99
CA PHE A 205 -57.93 -43.95 29.08
C PHE A 205 -58.41 -43.31 30.36
N PHE A 206 -57.82 -42.25 30.80
CA PHE A 206 -58.10 -41.43 31.92
C PHE A 206 -58.06 -39.96 31.60
N LYS A 207 -58.74 -39.13 32.30
CA LYS A 207 -58.78 -37.72 32.22
C LYS A 207 -57.54 -37.14 32.86
N ALA A 208 -56.58 -36.67 32.07
CA ALA A 208 -55.31 -36.18 32.61
C ALA A 208 -55.46 -34.72 32.99
N VAL A 209 -55.80 -34.50 34.26
CA VAL A 209 -55.87 -33.15 34.82
C VAL A 209 -54.54 -32.89 35.52
N MET A 210 -53.67 -32.10 34.89
CA MET A 210 -52.43 -31.70 35.52
C MET A 210 -52.68 -30.52 36.45
N GLU A 211 -52.09 -30.59 37.65
CA GLU A 211 -52.18 -29.49 38.60
C GLU A 211 -50.86 -29.37 39.34
N ASP A 212 -50.39 -28.15 39.48
CA ASP A 212 -49.09 -27.86 40.10
C ASP A 212 -47.95 -28.63 39.44
N GLY A 213 -48.16 -29.10 38.21
CA GLY A 213 -47.15 -29.82 37.49
C GLY A 213 -47.09 -31.31 37.78
N VAL A 214 -48.05 -31.86 38.51
CA VAL A 214 -48.04 -33.26 38.91
C VAL A 214 -49.33 -33.92 38.46
N ILE A 215 -49.22 -35.12 37.89
CA ILE A 215 -50.34 -35.90 37.39
C ILE A 215 -50.47 -37.17 38.22
N THR A 216 -51.68 -37.45 38.67
CA THR A 216 -51.96 -38.66 39.45
C THR A 216 -53.04 -39.47 38.74
N PRO A 217 -52.69 -40.53 38.02
CA PRO A 217 -53.69 -41.32 37.32
C PRO A 217 -54.30 -42.35 38.24
N PRO A 218 -55.47 -42.89 37.90
CA PRO A 218 -56.04 -43.98 38.71
C PRO A 218 -55.25 -45.26 38.56
N SER A 219 -55.48 -46.19 39.47
CA SER A 219 -54.76 -47.45 39.47
C SER A 219 -55.17 -48.28 38.25
N ARG A 220 -54.26 -48.72 37.45
CA ARG A 220 -54.44 -49.47 36.27
C ARG A 220 -55.10 -50.80 36.52
N THR A 221 -55.08 -51.31 37.71
CA THR A 221 -55.66 -52.51 38.18
C THR A 221 -57.03 -52.35 38.82
N SER A 222 -57.62 -51.21 38.82
CA SER A 222 -58.87 -50.90 39.37
C SER A 222 -59.97 -51.65 38.68
N PRO A 223 -60.82 -52.42 39.36
CA PRO A 223 -61.92 -53.10 38.69
C PRO A 223 -62.91 -52.22 37.99
N GLU A 224 -63.12 -51.02 38.41
CA GLU A 224 -64.02 -50.05 37.93
C GLU A 224 -63.54 -49.28 36.72
N VAL A 225 -62.30 -49.31 36.39
CA VAL A 225 -61.69 -48.86 35.20
C VAL A 225 -61.74 -49.88 34.11
N ARG A 226 -61.36 -51.08 34.40
CA ARG A 226 -61.40 -52.23 33.59
C ARG A 226 -62.82 -52.67 33.33
N ALA A 227 -63.12 -53.30 32.25
CA ALA A 227 -64.36 -53.86 31.87
C ALA A 227 -64.69 -55.08 32.69
N MET B 1 -26.71 -71.59 25.12
CA MET B 1 -26.36 -70.62 24.04
C MET B 1 -25.24 -69.69 24.50
N THR B 2 -24.45 -69.20 23.55
CA THR B 2 -23.39 -68.25 23.85
C THR B 2 -23.88 -66.83 23.63
N ALA B 3 -23.34 -65.91 24.42
CA ALA B 3 -23.72 -64.51 24.33
C ALA B 3 -22.60 -63.66 24.91
N ILE B 4 -22.62 -62.37 24.56
CA ILE B 4 -21.65 -61.45 25.15
C ILE B 4 -21.91 -61.35 26.64
N ALA B 5 -20.84 -61.12 27.40
CA ALA B 5 -20.92 -61.24 28.85
C ALA B 5 -21.08 -59.91 29.57
N ASN B 6 -20.83 -58.78 28.89
CA ASN B 6 -20.79 -57.49 29.56
C ASN B 6 -21.58 -56.44 28.79
N ARG B 7 -22.22 -55.56 29.54
CA ARG B 7 -22.82 -54.37 28.95
C ARG B 7 -21.72 -53.47 28.39
N TYR B 8 -21.96 -52.94 27.20
CA TYR B 8 -21.03 -52.02 26.56
C TYR B 8 -21.73 -50.70 26.30
N GLU B 9 -20.99 -49.61 26.45
CA GLU B 9 -21.36 -48.31 25.92
C GLU B 9 -20.30 -47.89 24.93
N PHE B 10 -20.70 -47.12 23.93
CA PHE B 10 -19.76 -46.60 22.96
C PHE B 10 -20.19 -45.22 22.51
N VAL B 11 -19.21 -44.36 22.29
CA VAL B 11 -19.42 -43.02 21.76
C VAL B 11 -18.68 -42.96 20.44
N LEU B 12 -19.43 -42.85 19.35
CA LEU B 12 -18.85 -42.84 18.01
C LEU B 12 -18.80 -41.41 17.50
N LEU B 13 -17.61 -40.98 17.09
CA LEU B 13 -17.40 -39.65 16.53
C LEU B 13 -17.04 -39.80 15.06
N PHE B 14 -17.87 -39.25 14.19
CA PHE B 14 -17.64 -39.24 12.77
C PHE B 14 -17.85 -37.83 12.25
N ASP B 15 -17.31 -37.55 11.07
CA ASP B 15 -17.33 -36.21 10.52
C ASP B 15 -17.54 -36.25 9.02
N VAL B 16 -18.02 -35.14 8.48
CA VAL B 16 -18.35 -35.00 7.07
C VAL B 16 -17.69 -33.75 6.53
N GLU B 17 -17.17 -33.82 5.31
CA GLU B 17 -16.52 -32.70 4.64
C GLU B 17 -17.22 -32.44 3.32
N ASN B 18 -17.83 -31.25 3.20
CA ASN B 18 -18.51 -30.85 1.97
C ASN B 18 -19.44 -31.94 1.47
N GLY B 19 -20.37 -32.35 2.34
CA GLY B 19 -21.31 -33.40 1.99
C GLY B 19 -22.61 -33.22 2.73
N ASN B 20 -23.60 -34.01 2.31
CA ASN B 20 -24.90 -34.05 2.95
C ASN B 20 -25.00 -35.33 3.77
N PRO B 21 -24.63 -35.31 5.05
CA PRO B 21 -24.58 -36.58 5.80
C PRO B 21 -25.92 -37.29 5.85
N ASN B 22 -27.01 -36.54 6.03
CA ASN B 22 -28.34 -37.14 6.12
C ASN B 22 -29.34 -36.05 5.78
N GLY B 23 -30.05 -36.21 4.67
CA GLY B 23 -30.99 -35.21 4.23
C GLY B 23 -32.28 -35.21 5.02
N ASP B 24 -32.99 -34.09 4.96
CA ASP B 24 -34.26 -33.93 5.65
C ASP B 24 -35.38 -34.02 4.64
N PRO B 25 -36.16 -35.10 4.59
CA PRO B 25 -37.24 -35.18 3.60
C PRO B 25 -38.28 -34.10 3.78
N ASP B 26 -38.34 -33.47 4.95
CA ASP B 26 -39.30 -32.41 5.24
C ASP B 26 -38.72 -31.02 5.05
N ALA B 27 -37.50 -30.89 4.54
CA ALA B 27 -36.90 -29.58 4.33
C ALA B 27 -36.17 -29.55 2.99
N GLY B 28 -36.81 -30.10 1.96
CA GLY B 28 -36.23 -30.06 0.63
C GLY B 28 -34.90 -30.75 0.51
N ASN B 29 -34.67 -31.77 1.33
CA ASN B 29 -33.45 -32.57 1.30
C ASN B 29 -32.23 -31.83 1.84
N MET B 30 -32.44 -30.68 2.46
CA MET B 30 -31.35 -30.03 3.17
C MET B 30 -30.92 -30.91 4.35
N PRO B 31 -29.63 -30.89 4.71
CA PRO B 31 -29.21 -31.66 5.87
C PRO B 31 -29.93 -31.19 7.13
N ARG B 32 -30.32 -32.15 7.96
CA ARG B 32 -31.07 -31.83 9.17
C ARG B 32 -30.24 -30.97 10.09
N ILE B 33 -30.90 -30.06 10.80
CA ILE B 33 -30.30 -29.37 11.92
C ILE B 33 -31.36 -29.22 13.01
N ASP B 34 -30.94 -29.44 14.25
CA ASP B 34 -31.83 -29.46 15.40
C ASP B 34 -32.42 -28.07 15.64
N PRO B 35 -33.74 -27.91 15.66
CA PRO B 35 -34.31 -26.58 15.84
C PRO B 35 -34.06 -25.97 17.21
N GLU B 36 -33.86 -26.76 18.26
CA GLU B 36 -33.73 -26.21 19.60
C GLU B 36 -32.32 -25.76 19.93
N THR B 37 -31.31 -26.22 19.19
CA THR B 37 -29.93 -25.85 19.47
C THR B 37 -29.12 -25.46 18.24
N GLY B 38 -29.59 -25.74 17.03
CA GLY B 38 -28.81 -25.46 15.85
C GLY B 38 -27.79 -26.52 15.52
N HIS B 39 -27.75 -27.62 16.27
CA HIS B 39 -26.83 -28.70 15.96
C HIS B 39 -27.31 -29.48 14.76
N GLY B 40 -26.35 -29.95 13.95
CA GLY B 40 -26.69 -30.89 12.91
C GLY B 40 -27.18 -32.20 13.49
N LEU B 41 -28.02 -32.89 12.73
CA LEU B 41 -28.72 -34.07 13.23
C LEU B 41 -28.64 -35.19 12.21
N VAL B 42 -28.35 -36.39 12.69
CA VAL B 42 -28.33 -37.59 11.86
C VAL B 42 -29.13 -38.66 12.59
N THR B 43 -30.15 -39.19 11.93
CA THR B 43 -31.00 -40.20 12.55
C THR B 43 -30.22 -41.49 12.76
N ASP B 44 -30.58 -42.21 13.83
CA ASP B 44 -29.93 -43.49 14.07
C ASP B 44 -30.15 -44.45 12.91
N VAL B 45 -31.38 -44.52 12.40
CA VAL B 45 -31.70 -45.45 11.32
C VAL B 45 -30.86 -45.14 10.10
N CYS B 46 -30.41 -43.91 9.94
CA CYS B 46 -29.45 -43.61 8.88
C CYS B 46 -28.15 -44.35 9.10
N LEU B 47 -27.68 -44.42 10.35
CA LEU B 47 -26.44 -45.14 10.65
C LEU B 47 -26.66 -46.65 10.62
N LYS B 48 -27.77 -47.11 11.18
CA LYS B 48 -28.05 -48.54 11.16
C LYS B 48 -28.07 -49.06 9.73
N ARG B 49 -28.59 -48.26 8.81
CA ARG B 49 -28.57 -48.66 7.40
C ARG B 49 -27.15 -48.85 6.90
N LYS B 50 -26.23 -47.96 7.29
CA LYS B 50 -24.85 -48.11 6.88
C LYS B 50 -24.23 -49.36 7.47
N ILE B 51 -24.51 -49.66 8.73
CA ILE B 51 -23.97 -50.87 9.34
C ILE B 51 -24.47 -52.09 8.59
N ARG B 52 -25.78 -52.11 8.31
CA ARG B 52 -26.36 -53.23 7.58
C ARG B 52 -25.67 -53.41 6.23
N ASN B 53 -25.53 -52.33 5.46
CA ASN B 53 -24.92 -52.45 4.15
C ASN B 53 -23.49 -52.95 4.24
N HIS B 54 -22.72 -52.42 5.18
CA HIS B 54 -21.33 -52.81 5.30
C HIS B 54 -21.21 -54.29 5.64
N VAL B 55 -22.02 -54.77 6.58
CA VAL B 55 -21.93 -56.17 6.93
C VAL B 55 -22.38 -57.04 5.77
N ALA B 56 -23.39 -56.59 5.02
CA ALA B 56 -23.84 -57.37 3.87
C ALA B 56 -22.72 -57.53 2.87
N LEU B 57 -22.00 -56.44 2.58
CA LEU B 57 -20.88 -56.53 1.66
C LEU B 57 -19.77 -57.42 2.21
N THR B 58 -19.41 -57.24 3.48
CA THR B 58 -18.23 -57.90 4.02
C THR B 58 -18.44 -59.39 4.19
N LYS B 59 -19.57 -59.81 4.77
CA LYS B 59 -19.80 -61.22 5.03
C LYS B 59 -20.44 -61.94 3.86
N GLU B 60 -20.78 -61.23 2.80
CA GLU B 60 -21.21 -61.81 1.52
C GLU B 60 -22.04 -63.08 1.69
N GLY B 61 -23.04 -63.03 2.57
CA GLY B 61 -23.96 -64.15 2.69
C GLY B 61 -23.41 -65.38 3.38
N ALA B 62 -22.42 -65.22 4.25
CA ALA B 62 -21.91 -66.37 5.00
C ALA B 62 -23.03 -67.00 5.80
N GLU B 63 -22.76 -68.19 6.35
CA GLU B 63 -23.84 -69.00 6.91
C GLU B 63 -24.62 -68.24 7.97
N ARG B 64 -23.95 -67.67 8.96
CA ARG B 64 -24.60 -67.05 10.10
C ARG B 64 -24.69 -65.53 10.00
N PHE B 65 -24.32 -64.94 8.87
CA PHE B 65 -24.20 -63.48 8.79
C PHE B 65 -24.89 -62.92 7.55
N ASN B 66 -26.06 -63.46 7.20
CA ASN B 66 -26.89 -62.84 6.18
C ASN B 66 -27.63 -61.64 6.79
N ILE B 67 -28.22 -60.82 5.91
CA ILE B 67 -28.90 -59.61 6.33
C ILE B 67 -30.28 -59.58 5.69
N TYR B 68 -31.31 -59.31 6.43
CA TYR B 68 -32.67 -59.31 6.04
C TYR B 68 -33.08 -58.05 5.31
N ILE B 69 -32.98 -56.93 5.91
CA ILE B 69 -33.41 -55.65 5.49
C ILE B 69 -32.42 -55.05 4.52
N GLN B 70 -32.46 -55.46 3.26
CA GLN B 70 -31.49 -55.01 2.26
C GLN B 70 -31.97 -53.74 1.57
N GLU B 71 -31.14 -53.24 0.68
CA GLU B 71 -31.55 -52.26 -0.32
C GLU B 71 -30.97 -52.70 -1.66
N LYS B 72 -31.57 -52.21 -2.75
CA LYS B 72 -31.26 -52.73 -4.08
C LYS B 72 -29.86 -52.25 -4.52
N ALA B 73 -28.87 -52.70 -3.78
CA ALA B 73 -27.47 -52.54 -4.15
C ALA B 73 -26.73 -53.83 -3.77
N ILE B 74 -27.35 -54.97 -4.07
CA ILE B 74 -26.95 -56.26 -3.53
C ILE B 74 -26.78 -57.25 -4.69
N LEU B 75 -26.16 -58.38 -4.38
CA LEU B 75 -25.93 -59.44 -5.35
C LEU B 75 -26.47 -60.76 -4.82
N ASN B 76 -26.90 -61.64 -5.73
CA ASN B 76 -27.54 -62.90 -5.38
C ASN B 76 -26.68 -64.12 -5.67
N GLU B 77 -25.36 -63.96 -5.79
CA GLU B 77 -24.55 -65.03 -6.37
C GLU B 77 -24.38 -66.22 -5.42
N THR B 78 -24.34 -66.00 -4.11
CA THR B 78 -24.05 -67.07 -3.17
C THR B 78 -24.83 -66.87 -1.88
N HIS B 79 -25.22 -67.99 -1.25
CA HIS B 79 -26.04 -67.97 -0.06
C HIS B 79 -25.89 -69.28 0.70
N GLU B 80 -26.34 -69.29 1.95
CA GLU B 80 -26.32 -70.49 2.79
C GLU B 80 -27.05 -70.20 4.10
N ARG B 81 -27.64 -71.23 4.69
CA ARG B 81 -28.45 -71.10 5.90
C ARG B 81 -27.86 -71.94 7.03
N ALA B 82 -28.06 -71.47 8.26
CA ALA B 82 -27.60 -72.22 9.43
C ALA B 82 -28.41 -73.49 9.63
N TYR B 83 -29.74 -73.40 9.58
CA TYR B 83 -30.61 -74.57 9.62
C TYR B 83 -30.39 -75.39 10.89
N THR B 84 -30.68 -74.77 12.04
CA THR B 84 -30.55 -75.46 13.31
C THR B 84 -31.65 -76.51 13.47
N ASP B 101 -44.08 -72.44 21.56
CA ASP B 101 -44.02 -73.36 20.43
C ASP B 101 -43.54 -72.64 19.17
N ALA B 102 -43.71 -71.32 19.15
CA ALA B 102 -43.19 -70.50 18.06
C ALA B 102 -41.75 -70.07 18.29
N LYS B 103 -41.12 -70.51 19.38
CA LYS B 103 -39.73 -70.16 19.63
C LYS B 103 -38.79 -70.67 18.54
N ARG B 104 -39.10 -71.84 17.96
CA ARG B 104 -38.22 -72.39 16.94
C ARG B 104 -38.04 -71.42 15.79
N VAL B 105 -39.13 -70.90 15.24
CA VAL B 105 -39.02 -70.01 14.09
C VAL B 105 -38.29 -68.73 14.47
N THR B 106 -38.60 -68.16 15.64
CA THR B 106 -37.94 -66.93 16.06
C THR B 106 -36.44 -67.13 16.13
N ASP B 107 -36.00 -68.17 16.84
CA ASP B 107 -34.57 -68.41 16.99
C ASP B 107 -33.92 -68.86 15.69
N TRP B 108 -34.71 -69.36 14.73
CA TRP B 108 -34.16 -69.60 13.41
C TRP B 108 -33.90 -68.28 12.69
N MET B 109 -34.81 -67.32 12.84
CA MET B 109 -34.58 -66.00 12.27
C MET B 109 -33.36 -65.33 12.88
N CYS B 110 -33.21 -65.45 14.20
CA CYS B 110 -32.12 -64.77 14.87
C CYS B 110 -30.76 -65.34 14.46
N THR B 111 -30.67 -66.65 14.31
CA THR B 111 -29.39 -67.34 14.26
C THR B 111 -28.65 -67.15 12.94
N ASN B 112 -29.28 -66.67 11.88
CA ASN B 112 -28.64 -66.56 10.58
C ASN B 112 -28.75 -65.21 9.92
N PHE B 113 -29.59 -64.30 10.41
CA PHE B 113 -29.67 -62.94 9.90
C PHE B 113 -28.99 -62.02 10.90
N TYR B 114 -27.87 -61.43 10.50
CA TYR B 114 -27.08 -60.63 11.43
C TYR B 114 -27.87 -59.45 11.95
N ASP B 115 -28.59 -58.74 11.07
CA ASP B 115 -29.29 -57.53 11.48
C ASP B 115 -30.45 -57.85 12.42
N ILE B 116 -31.17 -58.94 12.17
CA ILE B 116 -32.25 -59.33 13.09
C ILE B 116 -31.66 -59.73 14.44
N ARG B 117 -30.49 -60.35 14.43
CA ARG B 117 -29.85 -60.73 15.68
C ARG B 117 -29.36 -59.52 16.45
N THR B 118 -28.90 -58.48 15.75
CA THR B 118 -28.20 -57.37 16.37
C THR B 118 -29.13 -56.23 16.75
N PHE B 119 -30.00 -55.80 15.83
CA PHE B 119 -30.89 -54.67 16.07
C PHE B 119 -32.32 -55.07 16.42
N GLY B 120 -32.71 -56.32 16.14
CA GLY B 120 -34.08 -56.73 16.36
C GLY B 120 -34.92 -56.60 15.10
N ALA B 121 -36.11 -57.08 15.14
CA ALA B 121 -37.06 -57.15 14.10
C ALA B 121 -38.48 -57.30 14.58
N VAL B 122 -39.42 -57.32 13.71
CA VAL B 122 -40.80 -57.64 13.86
C VAL B 122 -41.29 -58.54 12.77
N MET B 123 -41.94 -59.62 13.03
CA MET B 123 -42.54 -60.55 12.16
C MET B 123 -44.02 -60.34 12.06
N THR B 124 -44.64 -60.73 10.99
CA THR B 124 -45.94 -60.36 10.59
C THR B 124 -46.98 -60.66 11.65
N THR B 125 -46.99 -61.84 12.18
CA THR B 125 -48.00 -62.38 13.00
C THR B 125 -47.49 -63.26 14.12
N GLU B 126 -48.16 -63.30 15.22
CA GLU B 126 -48.06 -64.16 16.33
C GLU B 126 -49.26 -64.06 17.23
N VAL B 127 -49.48 -64.95 18.13
CA VAL B 127 -50.36 -64.79 19.22
C VAL B 127 -49.92 -63.60 20.04
N ASN B 128 -48.66 -63.42 20.22
CA ASN B 128 -47.97 -62.25 20.60
C ASN B 128 -47.87 -61.30 19.44
N CYS B 129 -47.23 -60.14 19.61
CA CYS B 129 -47.13 -59.12 18.57
C CYS B 129 -45.93 -59.30 17.62
N GLY B 130 -45.03 -60.28 17.86
CA GLY B 130 -43.96 -60.60 17.05
C GLY B 130 -42.72 -59.81 17.08
N GLN B 131 -42.33 -59.32 18.20
CA GLN B 131 -41.25 -58.45 18.45
C GLN B 131 -39.96 -59.15 18.81
N VAL B 132 -38.85 -58.80 18.25
CA VAL B 132 -37.51 -59.14 18.53
C VAL B 132 -36.68 -57.90 18.72
N ARG B 133 -36.01 -57.69 19.80
CA ARG B 133 -35.37 -56.51 20.25
C ARG B 133 -33.95 -56.34 19.79
N GLY B 134 -33.13 -57.36 20.03
CA GLY B 134 -31.72 -57.26 19.78
C GLY B 134 -31.07 -56.40 20.84
N PRO B 135 -29.80 -56.64 21.14
CA PRO B 135 -29.15 -55.92 22.24
C PRO B 135 -28.75 -54.50 21.90
N VAL B 136 -28.29 -54.26 20.67
CA VAL B 136 -27.73 -52.96 20.32
C VAL B 136 -28.82 -51.91 20.30
N GLN B 137 -28.48 -50.70 20.77
CA GLN B 137 -29.36 -49.55 20.71
C GLN B 137 -28.49 -48.31 20.52
N MET B 138 -28.96 -47.38 19.69
CA MET B 138 -28.20 -46.17 19.44
C MET B 138 -29.15 -45.03 19.17
N ALA B 139 -28.69 -43.81 19.49
CA ALA B 139 -29.53 -42.63 19.52
C ALA B 139 -29.19 -41.69 18.37
N PHE B 140 -30.00 -40.64 18.23
CA PHE B 140 -29.75 -39.63 17.22
C PHE B 140 -28.36 -39.04 17.40
N ALA B 141 -27.59 -39.02 16.31
CA ALA B 141 -26.26 -38.44 16.33
C ALA B 141 -26.38 -36.95 16.02
N ARG B 142 -25.87 -36.11 16.92
CA ARG B 142 -25.97 -34.67 16.78
C ARG B 142 -24.59 -34.05 16.78
N SER B 143 -24.49 -32.88 16.14
CA SER B 143 -23.20 -32.23 15.98
C SER B 143 -22.64 -31.82 17.34
N VAL B 144 -21.31 -31.75 17.42
CA VAL B 144 -20.67 -31.25 18.63
C VAL B 144 -20.95 -29.76 18.79
N GLU B 145 -20.98 -29.02 17.69
CA GLU B 145 -21.34 -27.61 17.72
C GLU B 145 -22.15 -27.30 16.47
N PRO B 146 -22.91 -26.20 16.46
CA PRO B 146 -23.86 -25.96 15.38
C PRO B 146 -23.20 -25.93 14.01
N VAL B 147 -23.92 -26.45 13.01
CA VAL B 147 -23.47 -26.47 11.63
C VAL B 147 -24.37 -25.55 10.83
N VAL B 148 -23.81 -24.99 9.75
CA VAL B 148 -24.54 -24.05 8.90
C VAL B 148 -24.42 -24.51 7.44
N PRO B 149 -25.35 -25.30 6.92
CA PRO B 149 -25.19 -25.82 5.57
C PRO B 149 -25.19 -24.73 4.51
N GLN B 150 -24.51 -25.01 3.41
CA GLN B 150 -24.37 -24.09 2.29
C GLN B 150 -25.09 -24.64 1.07
N GLU B 151 -25.82 -23.78 0.37
CA GLU B 151 -26.48 -24.16 -0.86
C GLU B 151 -25.52 -24.00 -2.03
N VAL B 152 -25.35 -25.06 -2.82
CA VAL B 152 -24.41 -25.08 -3.93
C VAL B 152 -25.23 -25.16 -5.21
N SER B 153 -25.08 -24.17 -6.08
CA SER B 153 -25.80 -24.15 -7.34
C SER B 153 -24.95 -24.81 -8.43
N ILE B 154 -25.57 -25.74 -9.15
CA ILE B 154 -24.89 -26.50 -10.21
C ILE B 154 -25.75 -26.45 -11.46
N THR B 155 -25.11 -26.67 -12.61
CA THR B 155 -25.77 -26.56 -13.90
C THR B 155 -25.43 -27.77 -14.75
N ARG B 156 -26.36 -28.19 -15.61
CA ARG B 156 -26.17 -29.35 -16.46
C ARG B 156 -26.06 -28.93 -17.92
N MET B 157 -25.45 -29.81 -18.72
CA MET B 157 -25.28 -29.56 -20.15
C MET B 157 -26.58 -29.80 -20.92
N ALA B 158 -27.07 -31.03 -20.86
CA ALA B 158 -28.18 -31.46 -21.70
C ALA B 158 -29.52 -31.18 -21.01
N VAL B 159 -30.59 -31.29 -21.79
CA VAL B 159 -31.95 -31.15 -21.30
C VAL B 159 -32.63 -32.51 -21.42
N THR B 160 -33.57 -32.78 -20.53
CA THR B 160 -34.10 -34.14 -20.42
C THR B 160 -35.28 -34.35 -21.36
N THR B 161 -36.22 -33.41 -21.41
CA THR B 161 -37.36 -33.52 -22.31
C THR B 161 -37.06 -32.80 -23.62
N LYS B 162 -37.81 -33.19 -24.66
CA LYS B 162 -37.76 -32.44 -25.91
C LYS B 162 -38.48 -31.10 -25.78
N ALA B 163 -39.48 -31.04 -24.89
CA ALA B 163 -40.25 -29.81 -24.72
C ALA B 163 -39.36 -28.67 -24.22
N GLU B 164 -38.51 -28.95 -23.23
CA GLU B 164 -37.67 -27.92 -22.65
C GLU B 164 -36.45 -27.60 -23.50
N ALA B 165 -36.28 -28.27 -24.64
CA ALA B 165 -35.26 -27.86 -25.60
C ALA B 165 -35.68 -26.63 -26.38
N GLU B 166 -36.94 -26.22 -26.29
CA GLU B 166 -37.43 -25.05 -27.00
C GLU B 166 -36.83 -23.78 -26.41
N ASP B 171 -28.84 -21.47 -24.76
CA ASP B 171 -30.04 -21.98 -25.42
C ASP B 171 -30.73 -23.04 -24.58
N ASN B 172 -29.97 -24.08 -24.21
CA ASN B 172 -30.53 -25.24 -23.51
C ASN B 172 -29.61 -25.59 -22.34
N ARG B 173 -30.03 -25.26 -21.13
CA ARG B 173 -29.29 -25.64 -19.94
C ARG B 173 -30.20 -25.46 -18.74
N THR B 174 -30.03 -26.35 -17.76
CA THR B 174 -30.88 -26.40 -16.59
C THR B 174 -30.02 -26.27 -15.34
N MET B 175 -30.55 -25.57 -14.33
CA MET B 175 -29.81 -25.23 -13.13
C MET B 175 -30.38 -25.97 -11.94
N GLY B 176 -29.54 -26.75 -11.25
CA GLY B 176 -29.92 -27.47 -10.07
C GLY B 176 -29.26 -26.90 -8.82
N ARG B 177 -29.50 -27.58 -7.70
CA ARG B 177 -28.96 -27.14 -6.42
C ARG B 177 -28.59 -28.35 -5.57
N LYS B 178 -27.47 -28.22 -4.87
CA LYS B 178 -26.96 -29.25 -3.96
C LYS B 178 -26.66 -28.60 -2.62
N HIS B 179 -27.03 -29.29 -1.54
CA HIS B 179 -26.84 -28.81 -0.19
C HIS B 179 -25.71 -29.59 0.47
N ILE B 180 -24.78 -28.89 1.10
CA ILE B 180 -23.59 -29.49 1.68
C ILE B 180 -23.37 -28.93 3.07
N VAL B 181 -22.82 -29.76 3.96
CA VAL B 181 -22.35 -29.31 5.25
C VAL B 181 -20.84 -29.10 5.14
N PRO B 182 -20.33 -27.87 5.21
CA PRO B 182 -18.88 -27.69 5.00
C PRO B 182 -18.02 -28.55 5.91
N TYR B 183 -18.40 -28.66 7.19
CA TYR B 183 -17.78 -29.62 8.08
C TYR B 183 -18.60 -29.69 9.37
N GLY B 184 -18.51 -30.83 10.04
CA GLY B 184 -19.18 -31.02 11.30
C GLY B 184 -18.89 -32.38 11.91
N LEU B 185 -18.55 -32.40 13.18
CA LEU B 185 -18.23 -33.63 13.90
C LEU B 185 -19.45 -34.05 14.71
N TYR B 186 -19.89 -35.29 14.53
CA TYR B 186 -21.14 -35.79 15.07
C TYR B 186 -20.87 -36.84 16.12
N VAL B 187 -21.51 -36.70 17.28
CA VAL B 187 -21.32 -37.62 18.40
C VAL B 187 -22.53 -38.55 18.44
N ALA B 188 -22.28 -39.85 18.25
CA ALA B 188 -23.33 -40.86 18.23
C ALA B 188 -23.16 -41.78 19.43
N HIS B 189 -24.09 -41.71 20.37
CA HIS B 189 -24.10 -42.59 21.53
C HIS B 189 -24.76 -43.91 21.18
N GLY B 190 -24.50 -44.92 22.00
CA GLY B 190 -25.10 -46.22 21.78
C GLY B 190 -24.91 -47.12 22.99
N PHE B 191 -25.80 -48.10 23.11
CA PHE B 191 -25.82 -49.00 24.25
C PHE B 191 -26.00 -50.42 23.77
N ILE B 192 -25.22 -51.33 24.34
CA ILE B 192 -25.34 -52.75 24.08
C ILE B 192 -25.71 -53.41 25.40
N SER B 193 -26.90 -53.99 25.47
CA SER B 193 -27.39 -54.62 26.69
C SER B 193 -27.17 -56.12 26.59
N ALA B 194 -26.30 -56.65 27.46
CA ALA B 194 -26.04 -58.09 27.45
C ALA B 194 -27.29 -58.91 27.72
N PRO B 195 -28.16 -58.56 28.66
CA PRO B 195 -29.35 -59.39 28.89
C PRO B 195 -30.22 -59.57 27.65
N LEU B 196 -30.36 -58.52 26.83
CA LEU B 196 -31.06 -58.68 25.57
C LEU B 196 -30.33 -59.63 24.65
N ALA B 197 -29.00 -59.58 24.65
CA ALA B 197 -28.23 -60.52 23.84
C ALA B 197 -28.49 -61.95 24.26
N GLU B 198 -28.59 -62.20 25.56
CA GLU B 198 -28.79 -63.57 26.04
C GLU B 198 -30.07 -64.18 25.47
N LYS B 199 -31.07 -63.35 25.13
CA LYS B 199 -32.28 -63.84 24.49
C LYS B 199 -32.15 -63.92 22.99
N THR B 200 -31.01 -63.53 22.42
CA THR B 200 -30.86 -63.45 20.97
C THR B 200 -29.54 -64.02 20.47
N GLY B 201 -28.72 -64.62 21.34
CA GLY B 201 -27.51 -65.26 20.89
C GLY B 201 -26.48 -64.33 20.31
N PHE B 202 -26.53 -63.04 20.63
CA PHE B 202 -25.55 -62.08 20.16
C PHE B 202 -24.23 -62.37 20.85
N SER B 203 -23.29 -62.96 20.12
CA SER B 203 -22.05 -63.47 20.70
C SER B 203 -20.89 -62.51 20.42
N ASP B 204 -19.74 -62.84 21.01
CA ASP B 204 -18.58 -61.96 20.91
C ASP B 204 -18.09 -61.83 19.47
N GLU B 205 -18.28 -62.87 18.65
CA GLU B 205 -17.95 -62.74 17.23
C GLU B 205 -18.81 -61.66 16.59
N ASP B 206 -20.11 -61.69 16.87
CA ASP B 206 -21.00 -60.65 16.38
C ASP B 206 -20.55 -59.28 16.87
N LEU B 207 -20.15 -59.20 18.14
CA LEU B 207 -19.77 -57.92 18.71
C LEU B 207 -18.51 -57.36 18.06
N THR B 208 -17.51 -58.23 17.82
CA THR B 208 -16.31 -57.77 17.14
C THR B 208 -16.60 -57.34 15.72
N LEU B 209 -17.42 -58.10 15.00
CA LEU B 209 -17.85 -57.67 13.68
C LEU B 209 -18.59 -56.33 13.76
N PHE B 210 -19.31 -56.10 14.86
CA PHE B 210 -20.06 -54.87 15.01
C PHE B 210 -19.13 -53.67 15.21
N TRP B 211 -18.15 -53.81 16.10
CA TRP B 211 -17.14 -52.77 16.20
C TRP B 211 -16.48 -52.53 14.86
N ASP B 212 -16.23 -53.61 14.11
CA ASP B 212 -15.62 -53.48 12.79
C ASP B 212 -16.50 -52.63 11.87
N ALA B 213 -17.80 -52.89 11.87
CA ALA B 213 -18.70 -52.12 11.01
C ALA B 213 -18.75 -50.66 11.44
N LEU B 214 -18.89 -50.40 12.73
CA LEU B 214 -18.93 -49.02 13.20
C LEU B 214 -17.68 -48.28 12.79
N VAL B 215 -16.53 -48.94 12.84
CA VAL B 215 -15.29 -48.30 12.41
C VAL B 215 -15.28 -48.10 10.90
N ASN B 216 -15.80 -49.00 10.12
CA ASN B 216 -15.80 -49.08 8.71
C ASN B 216 -17.11 -48.79 8.03
N MET B 217 -18.11 -48.30 8.78
CA MET B 217 -19.42 -48.00 8.22
C MET B 217 -19.32 -47.28 6.88
N PHE B 218 -18.68 -46.13 6.87
CA PHE B 218 -18.79 -45.20 5.76
C PHE B 218 -17.84 -45.50 4.61
N GLU B 219 -17.11 -46.57 4.59
CA GLU B 219 -16.16 -46.93 3.62
C GLU B 219 -16.75 -47.31 2.29
N HIS B 220 -17.83 -48.00 2.25
CA HIS B 220 -18.59 -48.45 1.15
C HIS B 220 -19.78 -47.61 0.79
N ASP B 221 -19.98 -46.50 1.49
CA ASP B 221 -21.18 -45.69 1.36
C ASP B 221 -20.96 -44.45 0.51
N ARG B 222 -19.92 -44.33 -0.25
CA ARG B 222 -19.60 -43.26 -1.10
C ARG B 222 -20.69 -43.03 -2.12
N SER B 223 -21.02 -41.77 -2.39
CA SER B 223 -21.98 -41.42 -3.43
C SER B 223 -21.81 -39.94 -3.72
N ALA B 224 -22.54 -39.46 -4.72
CA ALA B 224 -22.37 -38.07 -5.15
C ALA B 224 -22.72 -37.09 -4.04
N ALA B 225 -23.59 -37.48 -3.12
CA ALA B 225 -24.14 -36.51 -2.18
C ALA B 225 -23.30 -36.36 -0.93
N ARG B 226 -22.80 -37.46 -0.37
CA ARG B 226 -22.28 -37.44 1.00
C ARG B 226 -20.86 -36.94 1.11
N GLY B 227 -20.15 -36.75 0.02
CA GLY B 227 -18.77 -36.29 0.13
C GLY B 227 -17.92 -37.32 0.83
N LEU B 228 -17.17 -36.95 1.82
CA LEU B 228 -16.28 -37.68 2.62
C LEU B 228 -16.74 -37.80 4.05
N MET B 229 -17.21 -38.96 4.47
CA MET B 229 -17.61 -39.21 5.85
C MET B 229 -16.76 -40.34 6.41
N SER B 230 -16.30 -40.17 7.65
CA SER B 230 -15.35 -41.11 8.24
C SER B 230 -15.61 -41.21 9.73
N SER B 231 -15.34 -42.39 10.28
CA SER B 231 -15.44 -42.60 11.73
C SER B 231 -14.08 -42.30 12.35
N ARG B 232 -14.00 -41.19 13.08
CA ARG B 232 -12.73 -40.72 13.60
C ARG B 232 -12.37 -41.36 14.94
N LYS B 233 -13.32 -41.52 15.85
CA LYS B 233 -13.07 -42.14 17.14
C LYS B 233 -14.23 -43.05 17.52
N LEU B 234 -13.91 -44.09 18.27
CA LEU B 234 -14.90 -45.04 18.78
C LEU B 234 -14.41 -45.48 20.16
N ILE B 235 -14.90 -44.82 21.20
CA ILE B 235 -14.58 -45.17 22.57
C ILE B 235 -15.59 -46.20 23.04
N VAL B 236 -15.11 -47.24 23.72
CA VAL B 236 -15.95 -48.33 24.20
C VAL B 236 -15.74 -48.50 25.69
N PHE B 237 -16.80 -48.32 26.45
CA PHE B 237 -16.77 -48.52 27.90
C PHE B 237 -17.25 -49.94 28.18
N LYS B 238 -16.32 -50.83 28.52
CA LYS B 238 -16.64 -52.24 28.76
C LYS B 238 -16.85 -52.46 30.25
N HIS B 239 -18.05 -52.90 30.61
CA HIS B 239 -18.40 -53.06 32.01
C HIS B 239 -18.00 -54.44 32.52
N GLN B 240 -17.89 -54.56 33.84
CA GLN B 240 -17.56 -55.85 34.44
C GLN B 240 -18.80 -56.71 34.61
N ASN B 241 -19.87 -56.13 35.13
CA ASN B 241 -21.08 -56.88 35.47
C ASN B 241 -21.88 -57.21 34.21
N ARG B 242 -22.74 -58.22 34.34
CA ARG B 242 -23.69 -58.52 33.28
C ARG B 242 -24.55 -57.29 32.98
N LEU B 243 -25.01 -56.61 34.01
CA LEU B 243 -25.56 -55.27 33.89
C LEU B 243 -24.39 -54.29 33.92
N GLY B 244 -24.67 -52.99 34.07
CA GLY B 244 -23.63 -52.00 34.07
C GLY B 244 -22.90 -51.88 35.40
N ASN B 245 -21.99 -50.93 35.46
CA ASN B 245 -21.28 -50.58 36.68
C ASN B 245 -21.30 -49.09 36.97
N ALA B 246 -21.81 -48.28 36.04
CA ALA B 246 -22.01 -46.86 36.26
C ALA B 246 -23.09 -46.39 35.29
N PRO B 247 -23.79 -45.31 35.61
CA PRO B 247 -24.86 -44.84 34.71
C PRO B 247 -24.27 -44.43 33.36
N ALA B 248 -24.97 -44.79 32.29
CA ALA B 248 -24.46 -44.50 30.96
C ALA B 248 -24.31 -43.01 30.75
N HIS B 249 -25.28 -42.22 31.20
CA HIS B 249 -25.21 -40.78 30.98
C HIS B 249 -24.00 -40.18 31.68
N LYS B 250 -23.60 -40.76 32.82
CA LYS B 250 -22.40 -40.29 33.49
C LYS B 250 -21.14 -40.80 32.81
N LEU B 251 -21.20 -41.96 32.14
CA LEU B 251 -20.06 -42.43 31.37
C LEU B 251 -19.81 -41.55 30.16
N PHE B 252 -20.87 -41.23 29.43
CA PHE B 252 -20.71 -40.37 28.27
C PHE B 252 -20.11 -39.02 28.64
N ASP B 253 -20.27 -38.61 29.90
CA ASP B 253 -19.75 -37.32 30.32
C ASP B 253 -18.23 -37.27 30.28
N LEU B 254 -17.56 -38.43 30.31
CA LEU B 254 -16.11 -38.43 30.35
C LEU B 254 -15.49 -38.07 29.01
N VAL B 255 -16.22 -38.27 27.91
CA VAL B 255 -15.66 -37.99 26.60
C VAL B 255 -15.82 -36.51 26.31
N LYS B 256 -14.87 -35.71 26.78
CA LYS B 256 -14.93 -34.26 26.63
C LYS B 256 -14.35 -33.89 25.27
N VAL B 257 -15.22 -33.91 24.27
CA VAL B 257 -14.84 -33.47 22.92
C VAL B 257 -14.97 -31.96 22.86
N SER B 258 -13.84 -31.26 22.86
CA SER B 258 -13.83 -29.81 22.84
C SER B 258 -12.73 -29.36 21.89
N ARG B 259 -12.70 -28.07 21.62
CA ARG B 259 -11.88 -27.53 20.54
C ARG B 259 -10.43 -27.38 20.97
N ALA B 260 -9.52 -27.71 20.06
CA ALA B 260 -8.10 -27.57 20.34
C ALA B 260 -7.78 -26.13 20.64
N GLU B 261 -6.83 -25.90 21.54
CA GLU B 261 -6.53 -24.55 21.99
C GLU B 261 -6.09 -23.66 20.84
N GLY B 262 -5.44 -24.22 19.83
CA GLY B 262 -4.88 -23.43 18.76
C GLY B 262 -5.84 -23.06 17.64
N SER B 263 -7.10 -23.47 17.71
CA SER B 263 -8.05 -23.27 16.63
C SER B 263 -9.14 -22.28 17.05
N SER B 264 -9.47 -21.37 16.15
CA SER B 264 -10.57 -20.44 16.33
C SER B 264 -11.35 -20.35 15.02
N GLY B 265 -12.61 -19.97 15.12
CA GLY B 265 -13.47 -19.89 13.96
C GLY B 265 -14.10 -21.23 13.65
N PRO B 266 -14.71 -21.35 12.47
CA PRO B 266 -15.39 -22.61 12.13
C PRO B 266 -14.43 -23.77 12.08
N ALA B 267 -14.92 -24.94 12.50
CA ALA B 267 -14.11 -26.16 12.45
C ALA B 267 -14.20 -26.77 11.06
N ARG B 268 -13.03 -27.09 10.49
CA ARG B 268 -12.97 -27.62 9.13
C ARG B 268 -12.21 -28.91 8.99
N SER B 269 -11.70 -29.49 10.09
CA SER B 269 -11.09 -30.81 10.05
C SER B 269 -10.97 -31.30 11.48
N PHE B 270 -10.85 -32.62 11.63
CA PHE B 270 -10.86 -33.21 12.95
C PHE B 270 -9.75 -32.69 13.84
N ALA B 271 -8.67 -32.17 13.25
CA ALA B 271 -7.61 -31.59 14.06
C ALA B 271 -8.09 -30.40 14.87
N ASP B 272 -9.20 -29.79 14.48
CA ASP B 272 -9.73 -28.65 15.21
C ASP B 272 -10.38 -29.05 16.53
N TYR B 273 -10.55 -30.34 16.78
CA TYR B 273 -11.20 -30.83 17.99
C TYR B 273 -10.23 -31.67 18.79
N ALA B 274 -10.22 -31.46 20.10
CA ALA B 274 -9.45 -32.29 21.03
C ALA B 274 -10.42 -33.08 21.90
N VAL B 275 -10.27 -34.40 21.91
CA VAL B 275 -11.18 -35.29 22.60
C VAL B 275 -10.39 -36.14 23.58
N THR B 276 -10.87 -36.22 24.82
CA THR B 276 -10.21 -36.98 25.87
C THR B 276 -11.26 -37.69 26.71
N VAL B 277 -10.86 -38.82 27.29
CA VAL B 277 -11.73 -39.60 28.17
C VAL B 277 -11.11 -39.62 29.56
N GLY B 278 -11.91 -39.28 30.56
CA GLY B 278 -11.44 -39.32 31.93
C GLY B 278 -11.37 -40.74 32.46
N GLN B 279 -11.00 -40.83 33.73
CA GLN B 279 -10.92 -42.12 34.42
C GLN B 279 -12.33 -42.60 34.74
N ALA B 280 -12.79 -43.62 34.03
CA ALA B 280 -14.10 -44.18 34.32
C ALA B 280 -14.06 -44.93 35.66
N PRO B 281 -15.19 -45.04 36.35
CA PRO B 281 -15.21 -45.74 37.63
C PRO B 281 -14.53 -47.10 37.53
N GLU B 282 -13.98 -47.56 38.65
CA GLU B 282 -13.09 -48.72 38.60
C GLU B 282 -13.78 -49.95 38.05
N GLY B 283 -15.11 -50.00 38.13
CA GLY B 283 -15.84 -51.16 37.67
C GLY B 283 -16.03 -51.27 36.17
N VAL B 284 -15.61 -50.26 35.40
CA VAL B 284 -15.83 -50.23 33.96
C VAL B 284 -14.54 -49.78 33.28
N GLU B 285 -14.17 -50.48 32.20
CA GLU B 285 -12.94 -50.19 31.47
C GLU B 285 -13.20 -49.14 30.39
N VAL B 286 -12.18 -48.90 29.58
CA VAL B 286 -12.29 -48.05 28.41
C VAL B 286 -11.33 -48.57 27.35
N LYS B 287 -11.73 -48.49 26.10
CA LYS B 287 -10.86 -48.79 24.97
C LYS B 287 -11.14 -47.80 23.85
N GLU B 288 -10.07 -47.29 23.24
CA GLU B 288 -10.18 -46.46 22.05
C GLU B 288 -9.88 -47.33 20.84
N MET B 289 -10.92 -47.88 20.22
CA MET B 289 -10.73 -48.64 18.99
C MET B 289 -10.10 -47.75 17.92
N LEU B 290 -10.56 -46.52 17.80
CA LEU B 290 -9.91 -45.52 16.96
C LEU B 290 -9.50 -44.34 17.83
N MET C 1 -16.76 -57.63 -20.71
CA MET C 1 -15.77 -56.74 -20.04
C MET C 1 -15.70 -57.05 -18.54
N THR C 2 -14.69 -57.83 -18.16
CA THR C 2 -14.55 -58.24 -16.77
C THR C 2 -14.27 -57.04 -15.88
N ALA C 3 -14.84 -56.98 -14.72
CA ALA C 3 -14.76 -55.99 -13.73
C ALA C 3 -13.43 -56.00 -13.00
N ILE C 4 -12.98 -54.91 -12.47
CA ILE C 4 -11.87 -54.77 -11.61
C ILE C 4 -12.11 -55.48 -10.31
N ALA C 5 -11.13 -55.79 -9.55
CA ALA C 5 -11.11 -56.56 -8.36
C ALA C 5 -10.57 -55.92 -7.12
N ASN C 6 -10.04 -54.74 -7.16
CA ASN C 6 -9.39 -54.00 -6.16
C ASN C 6 -10.10 -52.73 -5.79
N ARG C 7 -10.17 -52.33 -4.57
CA ARG C 7 -10.59 -51.08 -4.08
C ARG C 7 -9.52 -50.03 -4.22
N TYR C 8 -9.82 -48.88 -4.83
CA TYR C 8 -8.83 -47.82 -5.04
C TYR C 8 -9.36 -46.50 -4.50
N GLU C 9 -8.49 -45.76 -3.83
CA GLU C 9 -8.55 -44.40 -3.47
C GLU C 9 -7.51 -43.60 -4.20
N PHE C 10 -7.73 -42.37 -4.52
CA PHE C 10 -6.82 -41.49 -5.15
C PHE C 10 -6.90 -40.08 -4.66
N VAL C 11 -5.84 -39.34 -4.68
CA VAL C 11 -5.64 -37.97 -4.38
C VAL C 11 -5.17 -37.24 -5.59
N LEU C 12 -5.80 -36.23 -6.07
CA LEU C 12 -5.49 -35.39 -7.16
C LEU C 12 -5.10 -34.00 -6.71
N LEU C 13 -3.98 -33.50 -7.06
CA LEU C 13 -3.49 -32.18 -6.93
C LEU C 13 -3.47 -31.47 -8.25
N PHE C 14 -4.04 -30.33 -8.40
CA PHE C 14 -4.07 -29.51 -9.54
C PHE C 14 -3.94 -28.05 -9.23
N ASP C 15 -3.42 -27.26 -10.10
CA ASP C 15 -3.09 -25.90 -10.05
C ASP C 15 -4.14 -25.02 -10.67
N VAL C 16 -4.08 -23.72 -10.39
CA VAL C 16 -4.71 -22.70 -11.21
C VAL C 16 -3.87 -21.45 -11.12
N GLU C 17 -3.68 -20.79 -12.26
CA GLU C 17 -2.87 -19.58 -12.34
C GLU C 17 -3.60 -18.55 -13.17
N ASN C 18 -4.07 -17.49 -12.54
CA ASN C 18 -4.81 -16.43 -13.23
C ASN C 18 -5.98 -17.02 -14.01
N GLY C 19 -6.77 -17.85 -13.33
CA GLY C 19 -7.89 -18.49 -13.96
C GLY C 19 -9.07 -18.61 -13.01
N ASN C 20 -10.23 -18.87 -13.61
CA ASN C 20 -11.45 -19.14 -12.87
C ASN C 20 -11.70 -20.64 -12.91
N PRO C 21 -11.19 -21.41 -11.95
CA PRO C 21 -11.31 -22.87 -12.06
C PRO C 21 -12.74 -23.35 -12.11
N ASN C 22 -13.65 -22.65 -11.44
CA ASN C 22 -15.05 -23.06 -11.39
C ASN C 22 -15.85 -21.84 -10.98
N GLY C 23 -16.78 -21.40 -11.83
CA GLY C 23 -17.58 -20.24 -11.51
C GLY C 23 -18.78 -20.57 -10.66
N ASP C 24 -19.16 -19.61 -9.82
CA ASP C 24 -20.30 -19.77 -8.93
C ASP C 24 -21.51 -19.12 -9.57
N PRO C 25 -22.58 -19.86 -9.88
CA PRO C 25 -23.74 -19.22 -10.51
C PRO C 25 -24.35 -18.12 -9.68
N ASP C 26 -24.12 -18.09 -8.36
CA ASP C 26 -24.74 -17.11 -7.49
C ASP C 26 -23.95 -15.81 -7.40
N ALA C 27 -22.65 -15.89 -7.13
CA ALA C 27 -21.84 -14.69 -6.96
C ALA C 27 -21.44 -14.14 -8.32
N GLY C 28 -22.40 -14.00 -9.23
CA GLY C 28 -22.17 -13.41 -10.52
C GLY C 28 -21.48 -14.39 -11.45
N ASN C 29 -20.15 -14.49 -11.32
CA ASN C 29 -19.43 -15.66 -11.77
C ASN C 29 -18.23 -15.94 -10.88
N MET C 30 -18.21 -15.38 -9.67
CA MET C 30 -17.01 -15.42 -8.85
C MET C 30 -16.60 -16.87 -8.59
N PRO C 31 -15.30 -17.15 -8.49
CA PRO C 31 -14.88 -18.50 -8.16
C PRO C 31 -15.54 -18.95 -6.86
N ARG C 32 -16.00 -20.20 -6.85
CA ARG C 32 -16.60 -20.75 -5.64
C ARG C 32 -15.61 -20.66 -4.49
N ILE C 33 -16.10 -20.21 -3.33
CA ILE C 33 -15.29 -20.16 -2.12
C ILE C 33 -16.12 -20.65 -0.95
N ASP C 34 -15.43 -21.03 0.11
CA ASP C 34 -16.07 -21.31 1.39
C ASP C 34 -16.19 -19.97 2.11
N PRO C 35 -17.37 -19.36 2.15
CA PRO C 35 -17.45 -17.97 2.62
C PRO C 35 -16.94 -17.77 4.03
N GLU C 36 -16.98 -18.80 4.87
CA GLU C 36 -16.60 -18.66 6.26
C GLU C 36 -15.10 -18.80 6.50
N THR C 37 -14.33 -19.30 5.53
CA THR C 37 -12.88 -19.40 5.68
C THR C 37 -12.09 -18.95 4.46
N GLY C 38 -12.70 -18.74 3.30
CA GLY C 38 -12.00 -18.21 2.15
C GLY C 38 -11.35 -19.24 1.26
N HIS C 39 -11.40 -20.52 1.61
CA HIS C 39 -10.80 -21.54 0.76
C HIS C 39 -11.63 -21.72 -0.50
N GLY C 40 -10.94 -21.90 -1.63
CA GLY C 40 -11.63 -22.10 -2.90
C GLY C 40 -12.18 -23.51 -3.04
N LEU C 41 -13.23 -23.62 -3.85
CA LEU C 41 -13.91 -24.89 -4.08
C LEU C 41 -14.06 -25.14 -5.56
N VAL C 42 -14.00 -26.41 -5.94
CA VAL C 42 -14.35 -26.87 -7.28
C VAL C 42 -15.31 -28.03 -7.12
N THR C 43 -16.51 -27.90 -7.65
CA THR C 43 -17.48 -28.97 -7.52
C THR C 43 -16.93 -30.23 -8.19
N ASP C 44 -17.18 -31.38 -7.55
CA ASP C 44 -16.84 -32.65 -8.16
C ASP C 44 -17.47 -32.76 -9.54
N VAL C 45 -18.61 -32.11 -9.72
CA VAL C 45 -19.31 -32.14 -11.00
C VAL C 45 -18.43 -31.57 -12.10
N CYS C 46 -17.69 -30.50 -11.81
CA CYS C 46 -16.83 -29.90 -12.82
C CYS C 46 -15.72 -30.85 -13.25
N LEU C 47 -15.06 -31.51 -12.28
CA LEU C 47 -14.02 -32.45 -12.62
C LEU C 47 -14.58 -33.63 -13.41
N LYS C 48 -15.76 -34.10 -13.02
CA LYS C 48 -16.42 -35.16 -13.77
C LYS C 48 -16.66 -34.73 -15.21
N ARG C 49 -17.07 -33.47 -15.40
CA ARG C 49 -17.26 -32.96 -16.75
C ARG C 49 -15.97 -32.98 -17.54
N LYS C 50 -14.86 -32.57 -16.92
CA LYS C 50 -13.59 -32.59 -17.64
C LYS C 50 -13.17 -34.00 -18.00
N ILE C 51 -13.37 -34.98 -17.19
CA ILE C 51 -13.14 -36.36 -17.44
C ILE C 51 -13.96 -36.84 -18.59
N ARG C 52 -15.25 -36.48 -18.57
CA ARG C 52 -16.14 -36.83 -19.67
C ARG C 52 -15.64 -36.25 -20.99
N ASN C 53 -15.21 -35.00 -20.96
CA ASN C 53 -14.69 -34.37 -22.17
C ASN C 53 -13.47 -35.12 -22.67
N HIS C 54 -12.56 -35.51 -21.85
CA HIS C 54 -11.41 -36.26 -22.16
C HIS C 54 -11.77 -37.57 -22.81
N VAL C 55 -12.73 -38.26 -22.21
CA VAL C 55 -13.18 -39.53 -22.77
C VAL C 55 -13.68 -39.32 -24.20
N ALA C 56 -14.53 -38.33 -24.38
CA ALA C 56 -15.12 -38.11 -25.71
C ALA C 56 -14.05 -37.71 -26.72
N LEU C 57 -13.08 -36.91 -26.30
CA LEU C 57 -12.04 -36.46 -27.24
C LEU C 57 -11.09 -37.58 -27.62
N THR C 58 -10.72 -38.43 -26.65
CA THR C 58 -9.71 -39.44 -26.92
C THR C 58 -10.30 -40.68 -27.58
N LYS C 59 -11.57 -41.01 -27.32
CA LYS C 59 -12.20 -42.14 -27.96
C LYS C 59 -13.03 -41.74 -29.18
N GLU C 60 -13.45 -40.48 -29.25
CA GLU C 60 -14.15 -39.95 -30.42
C GLU C 60 -15.36 -40.81 -30.80
N GLY C 61 -16.08 -41.29 -29.80
CA GLY C 61 -17.31 -42.01 -30.05
C GLY C 61 -17.14 -43.45 -30.45
N ALA C 62 -16.02 -44.09 -30.10
CA ALA C 62 -15.87 -45.50 -30.36
C ALA C 62 -16.88 -46.30 -29.54
N GLU C 63 -17.19 -47.49 -30.02
CA GLU C 63 -18.18 -48.31 -29.33
C GLU C 63 -17.72 -48.60 -27.91
N ARG C 64 -18.69 -48.73 -27.01
CA ARG C 64 -18.43 -48.93 -25.58
C ARG C 64 -17.85 -47.68 -24.92
N PHE C 65 -17.71 -46.59 -25.67
CA PHE C 65 -17.05 -45.41 -25.11
C PHE C 65 -17.74 -44.12 -25.52
N ASN C 66 -19.07 -44.15 -25.68
CA ASN C 66 -19.83 -42.92 -25.78
C ASN C 66 -20.03 -42.31 -24.40
N ILE C 67 -20.40 -41.03 -24.37
CA ILE C 67 -20.69 -40.35 -23.12
C ILE C 67 -22.14 -39.87 -23.15
N TYR C 68 -22.75 -39.76 -21.98
CA TYR C 68 -24.19 -39.66 -21.87
C TYR C 68 -24.65 -38.20 -21.75
N ILE C 69 -23.95 -37.40 -20.96
CA ILE C 69 -24.26 -35.98 -20.81
C ILE C 69 -23.40 -35.22 -21.81
N GLN C 70 -24.04 -34.66 -22.83
CA GLN C 70 -23.31 -33.93 -23.86
C GLN C 70 -23.93 -32.54 -24.03
N GLU C 71 -23.24 -31.71 -24.81
CA GLU C 71 -23.55 -30.29 -24.84
C GLU C 71 -24.91 -29.98 -25.46
N LYS C 72 -25.44 -30.86 -26.31
CA LYS C 72 -26.73 -30.61 -26.93
C LYS C 72 -27.60 -31.85 -27.00
N ALA C 73 -27.36 -32.85 -26.17
CA ALA C 73 -28.15 -34.08 -26.22
C ALA C 73 -29.51 -33.87 -25.56
N ILE C 74 -30.44 -34.74 -25.91
CA ILE C 74 -31.74 -34.84 -25.23
C ILE C 74 -31.81 -36.23 -24.64
N LEU C 75 -31.99 -36.31 -23.32
CA LEU C 75 -31.83 -37.58 -22.64
C LEU C 75 -32.85 -38.61 -23.10
N ASN C 76 -34.10 -38.20 -23.30
CA ASN C 76 -35.13 -39.15 -23.71
C ASN C 76 -34.83 -39.74 -25.07
N GLU C 77 -34.31 -38.92 -26.00
CA GLU C 77 -33.94 -39.46 -27.30
C GLU C 77 -32.81 -40.48 -27.16
N THR C 78 -31.95 -40.32 -26.15
CA THR C 78 -30.88 -41.29 -25.93
C THR C 78 -31.42 -42.56 -25.28
N HIS C 79 -32.42 -42.43 -24.42
CA HIS C 79 -33.00 -43.61 -23.78
C HIS C 79 -33.80 -44.44 -24.79
N GLU C 80 -34.48 -43.76 -25.72
CA GLU C 80 -35.17 -44.47 -26.78
C GLU C 80 -34.20 -45.32 -27.59
N ARG C 81 -32.94 -44.89 -27.69
CA ARG C 81 -31.94 -45.73 -28.35
C ARG C 81 -31.80 -47.07 -27.64
N ALA C 82 -31.72 -47.03 -26.31
CA ALA C 82 -31.58 -48.27 -25.56
C ALA C 82 -32.82 -49.13 -25.71
N TYR C 83 -34.01 -48.50 -25.66
CA TYR C 83 -35.25 -49.27 -25.80
C TYR C 83 -35.33 -49.93 -27.18
N THR C 84 -34.93 -49.20 -28.22
CA THR C 84 -34.94 -49.76 -29.57
C THR C 84 -33.93 -50.89 -29.70
N ALA C 85 -32.68 -50.65 -29.28
CA ALA C 85 -31.65 -51.68 -29.34
C ALA C 85 -32.03 -52.91 -28.53
N CYS C 86 -32.89 -52.77 -27.55
CA CYS C 86 -33.46 -53.92 -26.83
C CYS C 86 -34.75 -54.41 -27.47
N ASP C 87 -35.20 -53.79 -28.57
CA ASP C 87 -36.40 -54.09 -29.33
C ASP C 87 -37.69 -53.77 -28.57
N LEU C 88 -37.61 -53.27 -27.34
CA LEU C 88 -38.81 -52.89 -26.61
C LEU C 88 -39.39 -51.59 -27.16
N LYS C 89 -40.71 -51.52 -27.21
CA LYS C 89 -41.37 -50.23 -27.41
C LYS C 89 -41.17 -49.40 -26.15
N PRO C 90 -40.78 -48.12 -26.25
CA PRO C 90 -40.52 -47.35 -25.04
C PRO C 90 -41.79 -47.15 -24.23
N GLU C 91 -41.89 -47.83 -23.11
CA GLU C 91 -43.11 -47.79 -22.32
C GLU C 91 -43.38 -46.36 -21.88
N PRO C 92 -44.59 -45.85 -22.09
CA PRO C 92 -44.83 -44.43 -21.81
C PRO C 92 -44.63 -44.09 -20.34
N LYS C 93 -43.59 -43.32 -20.04
CA LYS C 93 -43.28 -42.84 -18.70
C LYS C 93 -42.84 -43.95 -17.76
N LYS C 94 -42.71 -45.19 -18.24
CA LYS C 94 -42.62 -46.34 -17.36
C LYS C 94 -41.52 -47.28 -17.84
N LEU C 95 -41.16 -48.20 -16.95
CA LEU C 95 -40.27 -49.29 -17.29
C LEU C 95 -41.01 -50.34 -18.10
N PRO C 96 -40.29 -51.27 -18.73
CA PRO C 96 -40.96 -52.44 -19.29
C PRO C 96 -41.46 -53.36 -18.19
N LYS C 97 -42.64 -53.94 -18.41
CA LYS C 97 -43.28 -54.73 -17.37
C LYS C 97 -42.49 -55.98 -17.01
N LYS C 98 -41.55 -56.41 -17.85
CA LYS C 98 -40.73 -57.57 -17.59
C LYS C 98 -39.42 -57.12 -16.96
N VAL C 99 -39.11 -57.67 -15.78
CA VAL C 99 -37.92 -57.23 -15.05
C VAL C 99 -36.66 -57.52 -15.85
N GLU C 100 -36.63 -58.64 -16.56
CA GLU C 100 -35.43 -58.99 -17.32
C GLU C 100 -35.15 -57.98 -18.43
N ASP C 101 -36.20 -57.53 -19.12
CA ASP C 101 -36.01 -56.50 -20.13
C ASP C 101 -35.55 -55.19 -19.51
N ALA C 102 -36.05 -54.87 -18.31
CA ALA C 102 -35.57 -53.69 -17.61
C ALA C 102 -34.08 -53.79 -17.35
N LYS C 103 -33.63 -54.95 -16.86
CA LYS C 103 -32.21 -55.14 -16.61
C LYS C 103 -31.42 -55.00 -17.92
N ARG C 104 -31.95 -55.56 -19.01
CA ARG C 104 -31.22 -55.52 -20.27
C ARG C 104 -31.06 -54.08 -20.77
N VAL C 105 -32.14 -53.28 -20.68
CA VAL C 105 -32.03 -51.89 -21.12
C VAL C 105 -31.05 -51.12 -20.24
N THR C 106 -31.12 -51.34 -18.92
CA THR C 106 -30.20 -50.64 -18.04
C THR C 106 -28.76 -51.03 -18.32
N ASP C 107 -28.51 -52.31 -18.58
CA ASP C 107 -27.15 -52.76 -18.87
C ASP C 107 -26.65 -52.23 -20.22
N TRP C 108 -27.52 -52.20 -21.22
CA TRP C 108 -27.13 -51.60 -22.49
C TRP C 108 -26.74 -50.15 -22.29
N MET C 109 -27.48 -49.43 -21.45
CA MET C 109 -27.07 -48.07 -21.11
C MET C 109 -25.71 -48.07 -20.43
N CYS C 110 -25.48 -49.00 -19.50
CA CYS C 110 -24.20 -49.05 -18.80
C CYS C 110 -23.09 -49.52 -19.73
N THR C 111 -23.32 -50.58 -20.49
CA THR C 111 -22.25 -51.21 -21.26
C THR C 111 -21.81 -50.39 -22.45
N ASN C 112 -22.60 -49.39 -22.86
CA ASN C 112 -22.24 -48.57 -24.01
C ASN C 112 -21.60 -47.26 -23.58
N PHE C 113 -22.31 -46.46 -22.78
CA PHE C 113 -21.88 -45.11 -22.43
C PHE C 113 -20.86 -45.19 -21.31
N TYR C 114 -19.68 -44.69 -21.51
CA TYR C 114 -18.57 -44.72 -20.64
C TYR C 114 -18.86 -44.07 -19.31
N ASP C 115 -19.45 -42.88 -19.39
CA ASP C 115 -19.64 -42.11 -18.16
C ASP C 115 -20.80 -42.64 -17.32
N ILE C 116 -21.76 -43.32 -17.94
CA ILE C 116 -22.77 -44.03 -17.14
C ILE C 116 -22.13 -45.22 -16.45
N ARG C 117 -21.24 -45.92 -17.15
CA ARG C 117 -20.53 -47.03 -16.56
C ARG C 117 -19.68 -46.58 -15.38
N THR C 118 -19.09 -45.42 -15.41
CA THR C 118 -18.17 -44.84 -14.51
C THR C 118 -18.80 -44.13 -13.34
N PHE C 119 -19.51 -43.04 -13.64
CA PHE C 119 -20.04 -42.14 -12.62
C PHE C 119 -21.48 -42.44 -12.23
N GLY C 120 -22.16 -43.35 -12.91
CA GLY C 120 -23.55 -43.63 -12.61
C GLY C 120 -24.47 -42.56 -13.18
N ALA C 121 -25.78 -42.79 -13.02
CA ALA C 121 -26.75 -41.85 -13.56
C ALA C 121 -28.12 -42.14 -12.96
N VAL C 122 -28.98 -41.11 -13.02
CA VAL C 122 -30.38 -41.22 -12.63
C VAL C 122 -31.23 -41.00 -13.87
N MET C 123 -31.63 -42.09 -14.53
CA MET C 123 -32.29 -42.02 -15.82
C MET C 123 -33.79 -42.22 -15.74
N THR C 124 -34.35 -42.26 -14.53
CA THR C 124 -35.78 -42.51 -14.37
C THR C 124 -36.61 -41.28 -14.71
N THR C 125 -36.66 -40.90 -15.98
CA THR C 125 -37.38 -39.71 -16.41
C THR C 125 -38.03 -39.96 -17.76
N GLU C 126 -39.34 -39.71 -17.83
CA GLU C 126 -40.15 -40.04 -19.00
C GLU C 126 -39.90 -41.49 -19.40
N VAL C 127 -39.32 -41.73 -20.58
CA VAL C 127 -38.84 -43.05 -20.94
C VAL C 127 -37.83 -43.48 -19.89
N ASN C 128 -38.14 -44.53 -19.15
CA ASN C 128 -37.41 -44.87 -17.94
C ASN C 128 -36.34 -45.91 -18.23
N CYS C 129 -35.09 -45.59 -17.93
CA CYS C 129 -33.96 -46.49 -18.13
C CYS C 129 -33.34 -46.93 -16.81
N GLY C 130 -33.99 -46.70 -15.68
CA GLY C 130 -33.51 -47.19 -14.42
C GLY C 130 -32.43 -46.32 -13.81
N GLN C 131 -31.76 -46.87 -12.80
CA GLN C 131 -30.81 -46.13 -11.98
C GLN C 131 -29.48 -46.87 -11.94
N VAL C 132 -28.41 -46.11 -11.71
CA VAL C 132 -27.07 -46.66 -11.56
C VAL C 132 -26.34 -45.80 -10.53
N ARG C 133 -25.54 -46.45 -9.67
CA ARG C 133 -24.89 -45.73 -8.58
C ARG C 133 -23.50 -45.25 -8.92
N GLY C 134 -22.78 -45.95 -9.78
CA GLY C 134 -21.48 -45.50 -10.22
C GLY C 134 -20.37 -46.05 -9.34
N PRO C 135 -19.47 -46.85 -9.92
CA PRO C 135 -18.32 -47.32 -9.18
C PRO C 135 -17.35 -46.27 -8.73
N VAL C 136 -17.37 -45.11 -9.30
CA VAL C 136 -16.49 -44.02 -9.19
C VAL C 136 -17.12 -42.84 -8.53
N GLN C 137 -16.56 -42.23 -7.54
CA GLN C 137 -16.94 -41.07 -6.83
C GLN C 137 -15.79 -40.14 -6.58
N MET C 138 -16.00 -38.88 -6.44
CA MET C 138 -15.07 -37.88 -6.10
C MET C 138 -15.68 -36.72 -5.37
N ALA C 139 -14.98 -36.16 -4.39
CA ALA C 139 -15.52 -35.11 -3.55
C ALA C 139 -15.13 -33.74 -4.08
N PHE C 140 -15.71 -32.71 -3.47
CA PHE C 140 -15.36 -31.35 -3.83
C PHE C 140 -13.87 -31.11 -3.65
N ALA C 141 -13.25 -30.48 -4.64
CA ALA C 141 -11.87 -30.05 -4.46
C ALA C 141 -11.84 -28.81 -3.60
N ARG C 142 -10.85 -28.73 -2.72
CA ARG C 142 -10.72 -27.62 -1.78
C ARG C 142 -9.26 -27.19 -1.71
N SER C 143 -9.04 -25.88 -1.77
CA SER C 143 -7.68 -25.37 -1.80
C SER C 143 -6.97 -25.62 -0.48
N VAL C 144 -5.65 -25.72 -0.55
CA VAL C 144 -4.85 -25.95 0.65
C VAL C 144 -4.64 -24.67 1.45
N GLU C 145 -4.80 -23.51 0.82
CA GLU C 145 -4.71 -22.23 1.50
C GLU C 145 -5.81 -21.34 0.97
N PRO C 146 -6.29 -20.37 1.76
CA PRO C 146 -7.35 -19.49 1.28
C PRO C 146 -6.90 -18.73 0.04
N VAL C 147 -7.80 -18.66 -0.93
CA VAL C 147 -7.54 -17.98 -2.18
C VAL C 147 -8.13 -16.58 -2.12
N VAL C 148 -7.55 -15.66 -2.87
CA VAL C 148 -8.02 -14.28 -2.92
C VAL C 148 -8.51 -14.00 -4.34
N PRO C 149 -9.80 -14.18 -4.63
CA PRO C 149 -10.27 -13.91 -5.99
C PRO C 149 -10.32 -12.41 -6.26
N GLN C 150 -9.77 -12.01 -7.39
CA GLN C 150 -9.72 -10.61 -7.77
C GLN C 150 -10.57 -10.40 -9.02
N GLU C 151 -11.13 -9.21 -9.12
CA GLU C 151 -12.12 -8.86 -10.13
C GLU C 151 -11.45 -7.99 -11.19
N VAL C 152 -11.51 -8.41 -12.45
CA VAL C 152 -10.80 -7.77 -13.55
C VAL C 152 -11.84 -7.22 -14.49
N SER C 153 -11.89 -5.89 -14.64
CA SER C 153 -12.82 -5.28 -15.57
C SER C 153 -12.20 -5.14 -16.95
N ILE C 154 -12.99 -5.45 -17.97
CA ILE C 154 -12.56 -5.41 -19.37
C ILE C 154 -13.62 -4.69 -20.18
N THR C 155 -13.25 -4.31 -21.40
CA THR C 155 -14.13 -3.53 -22.27
C THR C 155 -14.20 -4.18 -23.64
N ARG C 156 -15.37 -4.06 -24.29
CA ARG C 156 -15.50 -4.43 -25.69
C ARG C 156 -15.75 -3.20 -26.54
N MET C 157 -15.02 -3.09 -27.64
CA MET C 157 -15.13 -1.97 -28.56
C MET C 157 -16.18 -2.21 -29.63
N ALA C 158 -17.13 -3.10 -29.39
CA ALA C 158 -18.28 -3.29 -30.27
C ALA C 158 -19.47 -3.71 -29.41
N VAL C 159 -20.67 -3.48 -29.93
CA VAL C 159 -21.89 -3.73 -29.18
C VAL C 159 -22.84 -4.58 -30.02
N THR C 160 -23.69 -5.34 -29.34
CA THR C 160 -24.56 -6.29 -30.03
C THR C 160 -25.75 -5.58 -30.67
N THR C 161 -26.60 -4.97 -29.86
CA THR C 161 -27.85 -4.39 -30.35
C THR C 161 -27.62 -2.96 -30.83
N LYS C 162 -28.72 -2.25 -31.09
CA LYS C 162 -28.65 -0.83 -31.42
C LYS C 162 -28.46 -0.02 -30.14
N ALA C 163 -27.28 0.55 -29.99
CA ALA C 163 -26.94 1.31 -28.79
C ALA C 163 -26.17 2.55 -29.20
N GLU C 164 -26.27 3.59 -28.36
CA GLU C 164 -25.59 4.86 -28.58
C GLU C 164 -24.55 5.18 -27.53
N ALA C 165 -24.27 4.24 -26.62
CA ALA C 165 -23.30 4.49 -25.55
C ALA C 165 -21.90 4.70 -26.08
N GLU C 166 -21.61 4.28 -27.31
CA GLU C 166 -20.27 4.41 -27.87
C GLU C 166 -20.30 4.38 -29.39
N ASP C 171 -20.64 8.60 -23.33
CA ASP C 171 -19.75 8.02 -24.33
C ASP C 171 -18.62 7.25 -23.65
N ASN C 172 -18.83 5.95 -23.47
CA ASN C 172 -17.83 5.10 -22.86
C ASN C 172 -18.02 3.67 -23.36
N ARG C 173 -16.96 2.87 -23.29
CA ARG C 173 -16.97 1.56 -23.88
C ARG C 173 -17.88 0.60 -23.11
N THR C 174 -18.19 -0.53 -23.72
CA THR C 174 -19.01 -1.56 -23.10
C THR C 174 -18.20 -2.36 -22.08
N MET C 175 -18.60 -2.30 -20.81
CA MET C 175 -17.81 -2.89 -19.75
C MET C 175 -18.22 -4.33 -19.46
N GLY C 176 -17.22 -5.18 -19.24
CA GLY C 176 -17.43 -6.52 -18.73
C GLY C 176 -16.31 -6.88 -17.78
N ARG C 177 -16.47 -8.00 -17.09
CA ARG C 177 -15.49 -8.34 -16.07
C ARG C 177 -15.22 -9.85 -16.05
N LYS C 178 -13.99 -10.18 -15.68
CA LYS C 178 -13.54 -11.54 -15.42
C LYS C 178 -13.13 -11.66 -13.97
N HIS C 179 -13.45 -12.79 -13.35
CA HIS C 179 -12.97 -13.12 -12.01
C HIS C 179 -11.92 -14.22 -12.14
N ILE C 180 -10.81 -14.07 -11.42
CA ILE C 180 -9.70 -15.00 -11.53
C ILE C 180 -9.10 -15.21 -10.15
N VAL C 181 -8.61 -16.43 -9.91
CA VAL C 181 -7.81 -16.74 -8.74
C VAL C 181 -6.36 -16.53 -9.10
N PRO C 182 -5.62 -15.64 -8.44
CA PRO C 182 -4.20 -15.46 -8.81
C PRO C 182 -3.41 -16.75 -8.74
N TYR C 183 -3.69 -17.60 -7.76
CA TYR C 183 -3.11 -18.93 -7.71
C TYR C 183 -3.74 -19.70 -6.55
N GLY C 184 -3.81 -21.01 -6.70
CA GLY C 184 -4.32 -21.87 -5.66
C GLY C 184 -4.13 -23.34 -5.96
N LEU C 185 -3.73 -24.14 -5.03
CA LEU C 185 -3.50 -25.52 -5.07
C LEU C 185 -4.67 -26.29 -4.52
N TYR C 186 -5.36 -27.09 -5.27
CA TYR C 186 -6.54 -27.80 -5.01
C TYR C 186 -6.30 -29.26 -4.77
N VAL C 187 -6.71 -29.85 -3.70
CA VAL C 187 -6.65 -31.20 -3.31
C VAL C 187 -7.98 -31.86 -3.46
N ALA C 188 -8.22 -32.69 -4.42
CA ALA C 188 -9.39 -33.39 -4.76
C ALA C 188 -9.25 -34.87 -4.53
N HIS C 189 -9.94 -35.47 -3.64
CA HIS C 189 -10.00 -36.84 -3.33
C HIS C 189 -10.90 -37.58 -4.29
N GLY C 190 -10.85 -38.86 -4.35
CA GLY C 190 -11.66 -39.74 -5.06
C GLY C 190 -11.70 -41.14 -4.64
N PHE C 191 -12.63 -41.93 -5.08
CA PHE C 191 -12.94 -43.24 -4.68
C PHE C 191 -13.41 -44.12 -5.79
N ILE C 192 -13.00 -45.34 -5.89
CA ILE C 192 -13.34 -46.37 -6.79
C ILE C 192 -13.78 -47.61 -6.06
N SER C 193 -14.92 -48.15 -6.30
CA SER C 193 -15.59 -49.21 -5.63
C SER C 193 -15.68 -50.47 -6.45
N ALA C 194 -15.04 -51.53 -6.12
CA ALA C 194 -15.13 -52.81 -6.71
C ALA C 194 -16.51 -53.42 -6.66
N PRO C 195 -17.14 -53.47 -5.49
CA PRO C 195 -18.49 -54.04 -5.42
C PRO C 195 -19.48 -53.48 -6.39
N LEU C 196 -19.47 -52.17 -6.56
CA LEU C 196 -20.37 -51.52 -7.52
C LEU C 196 -19.84 -51.66 -8.94
N ALA C 197 -18.58 -51.66 -9.18
CA ALA C 197 -17.95 -51.88 -10.42
C ALA C 197 -18.39 -53.17 -11.05
N GLU C 198 -18.40 -54.22 -10.22
CA GLU C 198 -18.89 -55.51 -10.69
C GLU C 198 -20.33 -55.39 -11.17
N LYS C 199 -21.19 -54.71 -10.40
CA LYS C 199 -22.58 -54.52 -10.79
C LYS C 199 -22.74 -53.64 -12.01
N THR C 200 -21.72 -52.87 -12.38
CA THR C 200 -21.80 -51.97 -13.51
C THR C 200 -20.99 -52.43 -14.72
N GLY C 201 -19.84 -53.04 -14.52
CA GLY C 201 -18.99 -53.48 -15.61
C GLY C 201 -17.74 -52.66 -15.84
N PHE C 202 -17.20 -51.99 -14.88
CA PHE C 202 -16.07 -51.15 -14.90
C PHE C 202 -14.81 -51.96 -14.96
N SER C 203 -14.15 -52.05 -16.11
CA SER C 203 -13.01 -52.92 -16.31
C SER C 203 -11.70 -52.14 -16.26
N ASP C 204 -10.60 -52.80 -16.10
CA ASP C 204 -9.30 -52.28 -15.98
C ASP C 204 -8.88 -51.44 -17.16
N GLU C 205 -9.36 -51.69 -18.33
CA GLU C 205 -9.25 -50.87 -19.47
C GLU C 205 -9.86 -49.52 -19.20
N ASP C 206 -11.04 -49.48 -18.70
CA ASP C 206 -11.74 -48.35 -18.24
C ASP C 206 -10.95 -47.60 -17.20
N LEU C 207 -10.39 -48.27 -16.25
CA LEU C 207 -9.63 -47.76 -15.19
C LEU C 207 -8.37 -47.07 -15.68
N THR C 208 -7.67 -47.66 -16.59
CA THR C 208 -6.55 -47.13 -17.26
C THR C 208 -6.88 -45.84 -17.95
N LEU C 209 -7.93 -45.81 -18.70
CA LEU C 209 -8.48 -44.67 -19.32
C LEU C 209 -8.83 -43.59 -18.34
N PHE C 210 -9.29 -43.95 -17.18
CA PHE C 210 -9.65 -43.13 -16.09
C PHE C 210 -8.46 -42.38 -15.52
N TRP C 211 -7.40 -43.11 -15.14
CA TRP C 211 -6.17 -42.47 -14.69
C TRP C 211 -5.61 -41.57 -15.78
N ASP C 212 -5.64 -41.99 -17.04
CA ASP C 212 -5.25 -41.25 -18.17
C ASP C 212 -5.94 -39.91 -18.20
N ALA C 213 -7.23 -39.90 -18.12
CA ALA C 213 -8.08 -38.78 -18.11
C ALA C 213 -7.77 -37.83 -16.99
N LEU C 214 -7.57 -38.30 -15.80
CA LEU C 214 -7.18 -37.57 -14.66
C LEU C 214 -5.86 -36.86 -14.86
N VAL C 215 -4.86 -37.57 -15.40
CA VAL C 215 -3.54 -36.99 -15.67
C VAL C 215 -3.62 -35.93 -16.77
N ASN C 216 -4.38 -36.18 -17.83
CA ASN C 216 -4.61 -35.38 -18.97
C ASN C 216 -5.89 -34.60 -18.96
N MET C 217 -6.50 -34.37 -17.85
CA MET C 217 -7.78 -33.79 -17.66
C MET C 217 -7.86 -32.41 -18.26
N PHE C 218 -7.03 -31.52 -17.82
CA PHE C 218 -7.01 -30.13 -18.09
C PHE C 218 -6.31 -29.72 -19.34
N GLU C 219 -5.55 -30.56 -19.97
CA GLU C 219 -4.72 -30.29 -21.07
C GLU C 219 -5.46 -29.87 -22.31
N HIS C 220 -6.69 -30.21 -22.45
CA HIS C 220 -7.61 -29.89 -23.48
C HIS C 220 -8.80 -29.06 -23.07
N ASP C 221 -8.77 -28.52 -21.85
CA ASP C 221 -9.84 -27.71 -21.32
C ASP C 221 -9.55 -26.22 -21.46
N ARG C 222 -8.54 -25.85 -22.24
CA ARG C 222 -8.13 -24.45 -22.33
C ARG C 222 -9.27 -23.59 -22.84
N SER C 223 -9.49 -22.45 -22.18
CA SER C 223 -10.47 -21.47 -22.61
C SER C 223 -10.07 -20.11 -22.08
N ALA C 224 -10.73 -19.07 -22.60
CA ALA C 224 -10.36 -17.71 -22.25
C ALA C 224 -10.58 -17.41 -20.78
N ALA C 225 -11.41 -18.19 -20.09
CA ALA C 225 -11.71 -17.94 -18.69
C ALA C 225 -11.03 -18.93 -17.75
N ARG C 226 -10.40 -19.97 -18.27
CA ARG C 226 -9.82 -21.01 -17.43
C ARG C 226 -8.39 -20.69 -17.01
N GLY C 227 -7.67 -19.88 -17.78
CA GLY C 227 -6.30 -19.61 -17.44
C GLY C 227 -5.40 -20.79 -17.73
N LEU C 228 -4.37 -20.95 -16.89
CA LEU C 228 -3.43 -22.06 -17.01
C LEU C 228 -3.69 -23.02 -15.86
N MET C 229 -4.23 -24.20 -16.18
CA MET C 229 -4.59 -25.20 -15.20
C MET C 229 -3.87 -26.49 -15.53
N SER C 230 -3.37 -27.20 -14.56
CA SER C 230 -2.53 -28.32 -14.65
C SER C 230 -2.72 -29.30 -13.52
N SER C 231 -2.45 -30.55 -13.71
CA SER C 231 -2.42 -31.61 -12.79
C SER C 231 -1.03 -31.86 -12.28
N ARG C 232 -0.75 -31.79 -11.02
CA ARG C 232 0.51 -31.84 -10.37
C ARG C 232 0.87 -33.15 -9.72
N LYS C 233 -0.10 -33.84 -9.11
CA LYS C 233 0.05 -35.20 -8.58
C LYS C 233 -1.21 -36.00 -8.83
N LEU C 234 -1.10 -37.32 -8.91
CA LEU C 234 -2.22 -38.26 -8.84
C LEU C 234 -1.82 -39.44 -7.96
N ILE C 235 -1.85 -39.26 -6.65
CA ILE C 235 -1.38 -40.28 -5.71
C ILE C 235 -2.48 -41.33 -5.55
N VAL C 236 -2.29 -42.49 -6.16
CA VAL C 236 -3.24 -43.60 -6.14
C VAL C 236 -2.84 -44.62 -5.09
N PHE C 237 -3.78 -45.00 -4.25
CA PHE C 237 -3.65 -46.01 -3.21
C PHE C 237 -4.46 -47.24 -3.61
N LYS C 238 -3.77 -48.24 -4.17
CA LYS C 238 -4.34 -49.53 -4.55
C LYS C 238 -4.45 -50.42 -3.32
N HIS C 239 -5.65 -50.84 -2.94
CA HIS C 239 -5.82 -51.91 -1.94
C HIS C 239 -5.67 -53.27 -2.59
N GLN C 240 -5.16 -54.27 -1.86
CA GLN C 240 -4.85 -55.58 -2.43
C GLN C 240 -6.06 -56.53 -2.60
N ASN C 241 -7.28 -56.17 -2.19
CA ASN C 241 -8.47 -56.94 -2.19
C ASN C 241 -9.70 -56.12 -2.53
N ARG C 242 -10.84 -56.71 -2.66
CA ARG C 242 -12.07 -56.09 -2.99
C ARG C 242 -12.44 -55.00 -2.02
N LEU C 243 -12.37 -55.26 -0.77
CA LEU C 243 -12.59 -54.42 0.35
C LEU C 243 -11.28 -53.99 0.98
N GLY C 244 -11.02 -52.75 1.17
CA GLY C 244 -9.79 -52.24 1.48
C GLY C 244 -9.16 -52.69 2.74
N ASN C 245 -7.88 -52.56 2.90
CA ASN C 245 -7.04 -52.88 3.99
C ASN C 245 -6.79 -51.75 4.97
N ALA C 246 -7.24 -50.56 4.71
CA ALA C 246 -7.03 -49.37 5.44
C ALA C 246 -8.13 -48.36 5.25
N PRO C 247 -8.62 -47.69 6.29
CA PRO C 247 -9.57 -46.62 6.10
C PRO C 247 -9.09 -45.52 5.19
N ALA C 248 -9.92 -44.91 4.41
CA ALA C 248 -9.61 -43.90 3.48
C ALA C 248 -8.84 -42.78 4.12
N HIS C 249 -9.38 -42.15 5.10
CA HIS C 249 -8.84 -41.03 5.77
C HIS C 249 -7.45 -41.31 6.29
N LYS C 250 -7.18 -42.50 6.70
CA LYS C 250 -5.92 -43.01 7.10
C LYS C 250 -4.93 -43.07 5.98
N LEU C 251 -5.32 -43.02 4.72
CA LEU C 251 -4.45 -42.97 3.54
C LEU C 251 -4.27 -41.56 3.01
N PHE C 252 -5.31 -40.74 2.94
CA PHE C 252 -5.27 -39.37 2.60
C PHE C 252 -4.28 -38.62 3.47
N ASP C 253 -4.21 -38.93 4.72
CA ASP C 253 -3.35 -38.39 5.70
C ASP C 253 -1.90 -38.66 5.43
N LEU C 254 -1.56 -39.71 4.68
CA LEU C 254 -0.17 -39.99 4.28
C LEU C 254 0.33 -38.92 3.32
N VAL C 255 -0.54 -38.34 2.50
CA VAL C 255 -0.32 -37.27 1.61
C VAL C 255 -0.38 -35.97 2.36
N LYS C 256 0.69 -35.34 2.70
CA LYS C 256 0.86 -34.14 3.40
C LYS C 256 1.24 -33.00 2.48
N VAL C 257 0.53 -31.94 2.40
CA VAL C 257 0.70 -30.77 1.64
C VAL C 257 1.11 -29.62 2.52
N SER C 258 2.32 -29.11 2.39
CA SER C 258 2.81 -28.02 3.21
C SER C 258 3.48 -27.01 2.29
N ARG C 259 3.94 -25.90 2.89
CA ARG C 259 4.65 -24.88 2.14
C ARG C 259 6.15 -25.05 2.29
N ALA C 260 6.87 -24.94 1.18
CA ALA C 260 8.30 -25.17 1.19
C ALA C 260 8.97 -24.30 2.24
N GLU C 261 10.13 -24.77 2.74
CA GLU C 261 10.81 -24.06 3.80
C GLU C 261 11.26 -22.68 3.35
N GLY C 262 11.75 -22.55 2.14
CA GLY C 262 12.22 -21.28 1.62
C GLY C 262 11.16 -20.41 1.01
N SER C 263 9.89 -20.80 1.09
CA SER C 263 8.80 -20.05 0.47
C SER C 263 8.14 -19.14 1.50
N SER C 264 8.03 -17.87 1.17
CA SER C 264 7.34 -16.90 2.02
C SER C 264 6.47 -16.03 1.13
N GLY C 265 5.43 -15.46 1.74
CA GLY C 265 4.49 -14.64 1.02
C GLY C 265 3.48 -15.49 0.28
N PRO C 266 2.57 -14.84 -0.45
CA PRO C 266 1.52 -15.59 -1.15
C PRO C 266 2.12 -16.58 -2.15
N ALA C 267 1.52 -17.76 -2.22
CA ALA C 267 1.98 -18.77 -3.16
C ALA C 267 1.65 -18.34 -4.59
N ARG C 268 2.59 -18.56 -5.50
CA ARG C 268 2.38 -18.24 -6.89
C ARG C 268 2.92 -19.28 -7.85
N SER C 269 3.41 -20.42 -7.35
CA SER C 269 3.83 -21.51 -8.19
C SER C 269 3.87 -22.78 -7.35
N PHE C 270 3.81 -23.93 -7.96
CA PHE C 270 3.84 -25.20 -7.35
C PHE C 270 5.04 -25.37 -6.46
N ALA C 271 6.13 -24.68 -6.81
CA ALA C 271 7.36 -24.80 -6.05
C ALA C 271 7.26 -24.23 -4.65
N ASP C 272 6.21 -23.47 -4.36
CA ASP C 272 6.03 -22.94 -3.00
C ASP C 272 5.54 -24.01 -2.04
N TYR C 273 5.07 -25.13 -2.46
CA TYR C 273 4.50 -26.21 -1.77
C TYR C 273 5.38 -27.43 -1.73
N ALA C 274 5.55 -28.09 -0.64
CA ALA C 274 6.22 -29.30 -0.40
C ALA C 274 5.26 -30.43 -0.17
N VAL C 275 5.18 -31.43 -0.99
CA VAL C 275 4.35 -32.57 -0.99
C VAL C 275 5.12 -33.79 -0.56
N THR C 276 4.74 -34.49 0.45
CA THR C 276 5.31 -35.64 1.03
C THR C 276 4.33 -36.78 1.13
N VAL C 277 4.68 -37.98 0.67
CA VAL C 277 3.80 -39.15 0.77
C VAL C 277 4.42 -40.16 1.72
N GLY C 278 3.74 -40.45 2.83
CA GLY C 278 4.21 -41.40 3.84
C GLY C 278 4.21 -42.85 3.36
N GLN C 279 4.62 -43.75 4.26
CA GLN C 279 4.60 -45.15 4.15
C GLN C 279 3.20 -45.68 4.28
N ALA C 280 2.64 -46.34 3.26
CA ALA C 280 1.30 -46.88 3.36
C ALA C 280 1.26 -48.16 4.22
N PRO C 281 0.12 -48.47 4.86
CA PRO C 281 -0.09 -49.76 5.51
C PRO C 281 0.25 -50.93 4.58
N GLU C 282 0.68 -52.04 5.15
CA GLU C 282 1.11 -53.24 4.53
C GLU C 282 0.10 -53.83 3.59
N GLY C 283 -1.20 -53.60 3.78
CA GLY C 283 -2.23 -54.04 2.83
C GLY C 283 -2.44 -53.15 1.60
N VAL C 284 -1.70 -52.05 1.45
CA VAL C 284 -1.91 -51.05 0.39
C VAL C 284 -0.60 -50.87 -0.39
N GLU C 285 -0.69 -50.56 -1.68
CA GLU C 285 0.47 -50.07 -2.42
C GLU C 285 0.17 -48.73 -3.09
N VAL C 286 1.17 -47.85 -3.11
CA VAL C 286 1.04 -46.48 -3.58
C VAL C 286 1.72 -46.38 -4.92
N LYS C 287 1.02 -45.82 -5.91
CA LYS C 287 1.54 -45.59 -7.27
C LYS C 287 1.53 -44.12 -7.63
N GLU C 288 2.18 -43.33 -6.78
CA GLU C 288 2.48 -41.91 -6.96
C GLU C 288 3.26 -41.59 -8.25
N MET C 289 3.80 -42.61 -8.91
CA MET C 289 4.39 -42.55 -10.25
C MET C 289 3.48 -41.96 -11.34
N LEU C 290 2.17 -41.88 -11.13
CA LEU C 290 1.22 -41.25 -12.04
C LEU C 290 1.46 -39.73 -12.16
N MET D 1 -10.91 -31.87 -42.61
CA MET D 1 -10.39 -30.89 -43.60
C MET D 1 -8.91 -30.62 -43.36
N THR D 2 -8.33 -29.71 -44.16
CA THR D 2 -6.91 -29.39 -44.09
C THR D 2 -6.64 -28.34 -43.00
N ALA D 3 -6.85 -28.77 -41.76
CA ALA D 3 -6.49 -27.96 -40.59
C ALA D 3 -5.11 -28.37 -40.10
N ILE D 4 -4.60 -27.65 -39.10
CA ILE D 4 -3.31 -28.01 -38.54
C ILE D 4 -3.39 -29.43 -37.96
N ALA D 5 -2.27 -30.14 -38.01
CA ALA D 5 -2.23 -31.55 -37.65
C ALA D 5 -1.28 -31.82 -36.48
N ASN D 6 -1.13 -30.86 -35.57
CA ASN D 6 -0.29 -31.04 -34.40
C ASN D 6 -0.80 -30.15 -33.28
N ARG D 7 -0.41 -30.38 -32.07
CA ARG D 7 -0.58 -29.60 -30.92
C ARG D 7 0.55 -28.62 -30.75
N TYR D 8 0.26 -27.37 -30.41
CA TYR D 8 1.30 -26.37 -30.20
C TYR D 8 1.08 -25.65 -28.88
N GLU D 9 2.17 -25.42 -28.16
CA GLU D 9 2.24 -24.45 -27.08
C GLU D 9 3.27 -23.40 -27.45
N PHE D 10 3.21 -22.24 -26.80
CA PHE D 10 4.22 -21.23 -27.04
C PHE D 10 4.32 -20.32 -25.84
N VAL D 11 5.47 -19.65 -25.74
CA VAL D 11 5.74 -18.66 -24.71
C VAL D 11 6.20 -17.39 -25.43
N LEU D 12 5.60 -16.27 -25.08
CA LEU D 12 5.95 -14.98 -25.65
C LEU D 12 6.47 -14.07 -24.55
N LEU D 13 7.64 -13.49 -24.77
CA LEU D 13 8.23 -12.53 -23.85
C LEU D 13 8.21 -11.15 -24.48
N PHE D 14 7.67 -10.17 -23.77
CA PHE D 14 7.67 -8.79 -24.21
C PHE D 14 7.84 -7.90 -23.00
N ASP D 15 8.28 -6.67 -23.24
CA ASP D 15 8.53 -5.72 -22.17
C ASP D 15 8.10 -4.33 -22.61
N VAL D 16 8.08 -3.40 -21.65
CA VAL D 16 7.65 -2.03 -21.88
C VAL D 16 8.62 -1.09 -21.19
N GLU D 17 8.93 0.02 -21.85
CA GLU D 17 9.77 1.06 -21.28
C GLU D 17 8.96 2.35 -21.17
N ASN D 18 8.80 2.84 -19.94
CA ASN D 18 8.07 4.08 -19.68
C ASN D 18 6.75 4.11 -20.43
N GLY D 19 5.88 3.16 -20.11
CA GLY D 19 4.61 3.07 -20.80
C GLY D 19 3.56 2.41 -19.94
N ASN D 20 2.32 2.43 -20.43
CA ASN D 20 1.20 1.81 -19.77
C ASN D 20 0.76 0.62 -20.62
N PRO D 21 1.24 -0.60 -20.32
CA PRO D 21 0.90 -1.73 -21.21
C PRO D 21 -0.59 -2.01 -21.28
N ASN D 22 -1.30 -1.84 -20.17
CA ASN D 22 -2.73 -2.12 -20.11
C ASN D 22 -3.28 -1.45 -18.87
N GLY D 23 -4.29 -0.61 -19.04
CA GLY D 23 -4.82 0.16 -17.94
C GLY D 23 -6.00 -0.51 -17.25
N ASP D 24 -6.12 -0.24 -15.95
CA ASP D 24 -7.20 -0.81 -15.15
C ASP D 24 -8.42 0.07 -15.27
N PRO D 25 -9.51 -0.37 -15.89
CA PRO D 25 -10.67 0.51 -16.05
C PRO D 25 -11.30 0.95 -14.73
N ASP D 26 -11.13 0.18 -13.65
CA ASP D 26 -11.80 0.47 -12.38
C ASP D 26 -10.84 1.00 -11.32
N ALA D 27 -9.62 1.39 -11.71
CA ALA D 27 -8.65 1.99 -10.81
C ALA D 27 -8.05 3.22 -11.49
N GLY D 28 -8.93 4.03 -12.07
CA GLY D 28 -8.48 5.12 -12.91
C GLY D 28 -7.97 4.58 -14.22
N ASN D 29 -6.66 4.69 -14.45
CA ASN D 29 -6.06 3.99 -15.58
C ASN D 29 -4.71 3.39 -15.18
N MET D 30 -4.46 3.19 -13.90
CA MET D 30 -3.19 2.66 -13.45
C MET D 30 -2.95 1.29 -14.08
N PRO D 31 -1.72 0.95 -14.44
CA PRO D 31 -1.45 -0.39 -14.94
C PRO D 31 -1.92 -1.46 -13.98
N ARG D 32 -2.54 -2.51 -14.51
CA ARG D 32 -2.99 -3.61 -13.68
C ARG D 32 -1.81 -4.22 -12.93
N ILE D 33 -2.02 -4.57 -11.67
CA ILE D 33 -1.01 -5.26 -10.88
C ILE D 33 -1.66 -6.36 -10.08
N ASP D 34 -0.86 -7.35 -9.71
CA ASP D 34 -1.31 -8.40 -8.80
C ASP D 34 -1.45 -7.77 -7.42
N PRO D 35 -2.66 -7.72 -6.83
CA PRO D 35 -2.84 -6.94 -5.60
C PRO D 35 -2.01 -7.44 -4.43
N GLU D 36 -1.57 -8.70 -4.44
CA GLU D 36 -0.86 -9.27 -3.30
C GLU D 36 0.65 -9.24 -3.44
N THR D 37 1.18 -9.01 -4.65
CA THR D 37 2.63 -9.01 -4.85
C THR D 37 3.16 -7.82 -5.63
N GLY D 38 2.33 -7.09 -6.38
CA GLY D 38 2.81 -5.99 -7.17
C GLY D 38 3.27 -6.35 -8.56
N HIS D 39 3.21 -7.64 -8.93
CA HIS D 39 3.53 -8.03 -10.30
C HIS D 39 2.51 -7.46 -11.27
N GLY D 40 2.97 -7.11 -12.47
CA GLY D 40 2.08 -6.56 -13.46
C GLY D 40 1.22 -7.63 -14.11
N LEU D 41 0.14 -7.18 -14.75
CA LEU D 41 -0.77 -8.06 -15.47
C LEU D 41 -1.22 -7.38 -16.75
N VAL D 42 -1.28 -8.14 -17.83
CA VAL D 42 -1.85 -7.71 -19.10
C VAL D 42 -2.87 -8.74 -19.52
N THR D 43 -4.12 -8.31 -19.66
CA THR D 43 -5.19 -9.25 -19.94
C THR D 43 -4.96 -9.90 -21.30
N ASP D 44 -5.44 -11.15 -21.42
CA ASP D 44 -5.32 -11.85 -22.70
C ASP D 44 -6.09 -11.12 -23.79
N VAL D 45 -7.21 -10.48 -23.43
CA VAL D 45 -8.01 -9.77 -24.42
C VAL D 45 -7.21 -8.65 -25.06
N CYS D 46 -6.27 -8.04 -24.32
CA CYS D 46 -5.48 -6.96 -24.89
C CYS D 46 -4.54 -7.47 -25.98
N LEU D 47 -3.81 -8.54 -25.71
CA LEU D 47 -2.92 -9.10 -26.72
C LEU D 47 -3.72 -9.66 -27.89
N LYS D 48 -4.90 -10.22 -27.61
CA LYS D 48 -5.76 -10.70 -28.69
C LYS D 48 -6.23 -9.55 -29.57
N ARG D 49 -6.56 -8.41 -28.95
CA ARG D 49 -6.91 -7.22 -29.73
C ARG D 49 -5.75 -6.78 -30.60
N LYS D 50 -4.54 -6.80 -30.05
CA LYS D 50 -3.39 -6.41 -30.86
C LYS D 50 -3.19 -7.36 -32.04
N ILE D 51 -3.37 -8.67 -31.82
CA ILE D 51 -3.25 -9.63 -32.91
C ILE D 51 -4.32 -9.37 -33.97
N ARG D 52 -5.55 -9.07 -33.52
CA ARG D 52 -6.62 -8.78 -34.47
C ARG D 52 -6.31 -7.54 -35.29
N ASN D 53 -5.77 -6.50 -34.64
CA ASN D 53 -5.37 -5.30 -35.34
C ASN D 53 -4.31 -5.61 -36.39
N HIS D 54 -3.34 -6.44 -36.03
CA HIS D 54 -2.31 -6.80 -37.00
C HIS D 54 -2.91 -7.55 -38.18
N VAL D 55 -3.82 -8.48 -37.92
CA VAL D 55 -4.46 -9.23 -39.00
C VAL D 55 -5.18 -8.27 -39.93
N ALA D 56 -5.95 -7.34 -39.37
CA ALA D 56 -6.69 -6.39 -40.19
C ALA D 56 -5.74 -5.50 -40.99
N LEU D 57 -4.65 -5.06 -40.38
CA LEU D 57 -3.72 -4.17 -41.07
C LEU D 57 -3.02 -4.90 -42.22
N THR D 58 -2.64 -6.16 -42.01
CA THR D 58 -1.80 -6.85 -42.97
C THR D 58 -2.60 -7.54 -44.08
N LYS D 59 -3.83 -7.99 -43.80
CA LYS D 59 -4.63 -8.63 -44.83
C LYS D 59 -5.61 -7.69 -45.51
N GLU D 60 -5.96 -6.58 -44.88
CA GLU D 60 -6.78 -5.54 -45.50
C GLU D 60 -8.12 -6.09 -45.98
N GLY D 61 -8.76 -6.91 -45.16
CA GLY D 61 -10.08 -7.42 -45.50
C GLY D 61 -10.12 -8.35 -46.70
N ALA D 62 -9.16 -9.25 -46.80
CA ALA D 62 -9.22 -10.27 -47.84
C ALA D 62 -10.43 -11.16 -47.63
N GLU D 63 -10.64 -12.08 -48.57
CA GLU D 63 -11.86 -12.86 -48.58
C GLU D 63 -12.11 -13.57 -47.25
N ARG D 64 -11.12 -14.31 -46.77
CA ARG D 64 -11.29 -15.15 -45.58
C ARG D 64 -10.72 -14.51 -44.33
N PHE D 65 -10.29 -13.26 -44.39
CA PHE D 65 -9.52 -12.66 -43.30
C PHE D 65 -10.16 -11.37 -42.83
N ASN D 66 -11.48 -11.39 -42.63
CA ASN D 66 -12.15 -10.32 -41.90
C ASN D 66 -12.05 -10.59 -40.40
N ILE D 67 -12.22 -9.53 -39.61
CA ILE D 67 -12.24 -9.64 -38.16
C ILE D 67 -13.62 -9.25 -37.66
N TYR D 68 -14.10 -10.01 -36.68
CA TYR D 68 -15.51 -9.95 -36.30
C TYR D 68 -15.78 -8.85 -35.29
N ILE D 69 -14.93 -8.73 -34.28
CA ILE D 69 -15.09 -7.71 -33.25
C ILE D 69 -14.29 -6.49 -33.72
N GLN D 70 -15.01 -5.48 -34.20
CA GLN D 70 -14.41 -4.39 -34.93
C GLN D 70 -14.96 -3.07 -34.39
N GLU D 71 -14.09 -2.06 -34.33
CA GLU D 71 -14.50 -0.78 -33.74
C GLU D 71 -15.71 -0.21 -34.46
N LYS D 72 -16.68 0.23 -33.67
CA LYS D 72 -17.94 0.83 -34.12
C LYS D 72 -18.88 -0.18 -34.78
N ALA D 73 -18.47 -1.44 -34.92
CA ALA D 73 -19.30 -2.42 -35.58
C ALA D 73 -20.47 -2.83 -34.68
N ILE D 74 -21.57 -3.21 -35.31
CA ILE D 74 -22.74 -3.75 -34.62
C ILE D 74 -22.76 -5.24 -34.91
N LEU D 75 -22.78 -6.05 -33.85
CA LEU D 75 -22.59 -7.49 -34.01
C LEU D 75 -23.84 -8.16 -34.56
N ASN D 76 -25.03 -7.73 -34.13
CA ASN D 76 -26.24 -8.35 -34.65
C ASN D 76 -26.35 -8.17 -36.16
N GLU D 77 -26.02 -6.98 -36.66
CA GLU D 77 -26.07 -6.76 -38.10
C GLU D 77 -25.21 -7.77 -38.85
N THR D 78 -24.10 -8.21 -38.25
CA THR D 78 -23.20 -9.12 -38.94
C THR D 78 -23.76 -10.54 -38.95
N HIS D 79 -24.49 -10.91 -37.90
CA HIS D 79 -25.10 -12.23 -37.87
C HIS D 79 -26.15 -12.39 -38.97
N GLU D 80 -26.91 -11.32 -39.23
CA GLU D 80 -27.87 -11.35 -40.33
C GLU D 80 -27.18 -11.58 -41.66
N ARG D 81 -25.91 -11.14 -41.79
CA ARG D 81 -25.18 -11.44 -43.02
C ARG D 81 -24.97 -12.94 -43.19
N ALA D 82 -24.60 -13.64 -42.11
CA ALA D 82 -24.47 -15.08 -42.19
C ALA D 82 -25.81 -15.73 -42.50
N TYR D 83 -26.87 -15.22 -41.89
CA TYR D 83 -28.20 -15.80 -42.12
C TYR D 83 -28.63 -15.63 -43.57
N THR D 84 -28.42 -14.46 -44.15
CA THR D 84 -28.79 -14.25 -45.55
C THR D 84 -27.91 -15.08 -46.48
N ALA D 85 -26.61 -15.13 -46.21
CA ALA D 85 -25.71 -15.88 -47.07
C ALA D 85 -26.08 -17.35 -47.10
N CYS D 86 -26.47 -17.90 -45.96
CA CYS D 86 -26.90 -19.30 -45.88
C CYS D 86 -28.36 -19.49 -46.30
N ASP D 87 -29.04 -18.42 -46.70
CA ASP D 87 -30.43 -18.41 -47.15
C ASP D 87 -31.42 -18.76 -46.06
N LEU D 88 -31.04 -18.68 -44.79
CA LEU D 88 -31.98 -18.88 -43.69
C LEU D 88 -32.65 -17.57 -43.32
N LYS D 89 -33.72 -17.68 -42.52
CA LYS D 89 -34.39 -16.54 -41.93
C LYS D 89 -34.23 -16.59 -40.41
N PRO D 90 -33.74 -15.53 -39.78
CA PRO D 90 -33.39 -15.63 -38.35
C PRO D 90 -34.63 -15.63 -37.46
N GLU D 91 -34.71 -16.63 -36.58
CA GLU D 91 -35.71 -16.62 -35.54
C GLU D 91 -35.34 -15.57 -34.50
N PRO D 92 -36.30 -15.13 -33.69
CA PRO D 92 -36.04 -14.00 -32.78
C PRO D 92 -34.86 -14.21 -31.83
N LYS D 93 -34.61 -15.44 -31.36
CA LYS D 93 -33.60 -15.62 -30.33
C LYS D 93 -32.69 -16.82 -30.55
N LYS D 94 -33.06 -17.75 -31.43
CA LYS D 94 -32.48 -19.07 -31.40
C LYS D 94 -32.04 -19.51 -32.79
N LEU D 95 -31.22 -20.56 -32.83
CA LEU D 95 -30.62 -21.03 -34.05
C LEU D 95 -31.65 -21.71 -34.94
N PRO D 96 -31.34 -21.89 -36.23
CA PRO D 96 -32.21 -22.69 -37.09
C PRO D 96 -32.28 -24.13 -36.59
N LYS D 97 -33.49 -24.58 -36.30
CA LYS D 97 -33.65 -25.82 -35.55
C LYS D 97 -33.04 -27.02 -36.26
N LYS D 98 -33.12 -27.07 -37.60
CA LYS D 98 -32.44 -28.13 -38.33
C LYS D 98 -30.93 -27.96 -38.16
N VAL D 99 -30.29 -28.97 -37.58
CA VAL D 99 -28.89 -28.82 -37.14
C VAL D 99 -27.96 -28.51 -38.30
N GLU D 100 -28.27 -29.01 -39.51
CA GLU D 100 -27.40 -28.73 -40.65
C GLU D 100 -27.31 -27.22 -40.89
N ASP D 101 -28.44 -26.53 -40.83
CA ASP D 101 -28.44 -25.08 -41.03
C ASP D 101 -27.66 -24.37 -39.94
N ALA D 102 -27.79 -24.83 -38.70
CA ALA D 102 -27.03 -24.24 -37.60
C ALA D 102 -25.53 -24.34 -37.84
N LYS D 103 -25.06 -25.54 -38.14
CA LYS D 103 -23.62 -25.68 -38.38
C LYS D 103 -23.21 -24.92 -39.64
N ARG D 104 -24.11 -24.77 -40.61
CA ARG D 104 -23.79 -24.01 -41.81
C ARG D 104 -23.55 -22.55 -41.49
N VAL D 105 -24.45 -21.94 -40.71
CA VAL D 105 -24.27 -20.53 -40.36
C VAL D 105 -23.01 -20.35 -39.53
N THR D 106 -22.78 -21.26 -38.56
CA THR D 106 -21.60 -21.14 -37.73
C THR D 106 -20.32 -21.30 -38.55
N ASP D 107 -20.31 -22.24 -39.50
CA ASP D 107 -19.13 -22.42 -40.34
C ASP D 107 -18.92 -21.25 -41.28
N TRP D 108 -20.01 -20.63 -41.75
CA TRP D 108 -19.86 -19.40 -42.53
C TRP D 108 -19.13 -18.35 -41.71
N MET D 109 -19.61 -18.10 -40.48
CA MET D 109 -18.95 -17.13 -39.63
C MET D 109 -17.48 -17.48 -39.45
N CYS D 110 -17.19 -18.75 -39.17
CA CYS D 110 -15.81 -19.16 -38.94
C CYS D 110 -14.94 -18.95 -40.18
N THR D 111 -15.46 -19.29 -41.35
CA THR D 111 -14.65 -19.25 -42.56
C THR D 111 -14.40 -17.83 -43.03
N ASN D 112 -15.33 -16.90 -42.76
CA ASN D 112 -15.11 -15.54 -43.23
C ASN D 112 -14.23 -14.73 -42.27
N PHE D 113 -14.44 -14.87 -40.97
CA PHE D 113 -13.79 -14.02 -39.98
C PHE D 113 -12.65 -14.77 -39.33
N TYR D 114 -11.44 -14.21 -39.45
CA TYR D 114 -10.24 -14.88 -38.96
C TYR D 114 -10.30 -15.05 -37.44
N ASP D 115 -10.77 -14.03 -36.73
CA ASP D 115 -10.70 -14.07 -35.28
C ASP D 115 -11.74 -15.02 -34.70
N ILE D 116 -12.85 -15.25 -35.40
CA ILE D 116 -13.77 -16.28 -34.94
C ILE D 116 -13.15 -17.66 -35.15
N ARG D 117 -12.48 -17.85 -36.27
CA ARG D 117 -11.78 -19.08 -36.57
C ARG D 117 -10.66 -19.36 -35.57
N THR D 118 -10.08 -18.32 -34.98
CA THR D 118 -8.89 -18.47 -34.14
C THR D 118 -9.20 -18.39 -32.65
N PHE D 119 -9.83 -17.32 -32.18
CA PHE D 119 -10.12 -17.12 -30.76
C PHE D 119 -11.53 -17.49 -30.37
N GLY D 120 -12.40 -17.82 -31.32
CA GLY D 120 -13.77 -18.15 -31.01
C GLY D 120 -14.61 -16.89 -30.79
N ALA D 121 -15.88 -17.12 -30.48
CA ALA D 121 -16.80 -16.01 -30.25
C ALA D 121 -18.04 -16.53 -29.54
N VAL D 122 -18.80 -15.59 -28.98
CA VAL D 122 -20.08 -15.90 -28.35
C VAL D 122 -21.17 -15.12 -29.06
N MET D 123 -21.80 -15.72 -30.06
CA MET D 123 -22.74 -15.03 -30.93
C MET D 123 -24.19 -15.30 -30.54
N THR D 124 -24.46 -15.54 -29.27
CA THR D 124 -25.81 -15.87 -28.81
C THR D 124 -26.56 -14.57 -28.47
N THR D 125 -27.10 -13.96 -29.52
CA THR D 125 -27.81 -12.69 -29.42
C THR D 125 -29.15 -12.80 -30.14
N GLU D 126 -29.80 -11.65 -30.31
CA GLU D 126 -31.12 -11.63 -30.95
C GLU D 126 -31.08 -12.33 -32.31
N VAL D 127 -30.01 -12.15 -33.07
CA VAL D 127 -29.73 -12.96 -34.25
C VAL D 127 -28.60 -13.90 -33.87
N ASN D 128 -28.91 -15.18 -33.77
CA ASN D 128 -28.07 -16.15 -33.07
C ASN D 128 -27.26 -16.95 -34.07
N CYS D 129 -25.94 -17.00 -33.87
CA CYS D 129 -25.05 -17.79 -34.71
C CYS D 129 -24.30 -18.87 -33.92
N GLY D 130 -24.62 -19.03 -32.65
CA GLY D 130 -24.00 -20.08 -31.86
C GLY D 130 -22.71 -19.65 -31.21
N GLN D 131 -21.90 -20.64 -30.84
CA GLN D 131 -20.66 -20.41 -30.12
C GLN D 131 -19.52 -21.14 -30.79
N VAL D 132 -18.33 -20.56 -30.70
CA VAL D 132 -17.10 -21.18 -31.17
C VAL D 132 -16.04 -20.99 -30.09
N ARG D 133 -15.31 -22.06 -29.77
CA ARG D 133 -14.42 -22.05 -28.62
C ARG D 133 -13.02 -21.53 -28.93
N GLY D 134 -12.56 -21.67 -30.17
CA GLY D 134 -11.30 -21.07 -30.54
C GLY D 134 -10.13 -22.01 -30.34
N PRO D 135 -9.44 -22.38 -31.42
CA PRO D 135 -8.25 -23.23 -31.27
C PRO D 135 -7.11 -22.56 -30.50
N VAL D 136 -7.06 -21.24 -30.47
CA VAL D 136 -5.95 -20.50 -29.87
C VAL D 136 -6.46 -19.76 -28.65
N GLN D 137 -5.82 -20.00 -27.51
CA GLN D 137 -6.10 -19.28 -26.28
C GLN D 137 -4.78 -18.94 -25.61
N MET D 138 -4.80 -17.86 -24.82
CA MET D 138 -3.59 -17.44 -24.12
C MET D 138 -3.96 -16.87 -22.76
N ALA D 139 -3.06 -17.09 -21.80
CA ALA D 139 -3.29 -16.68 -20.42
C ALA D 139 -2.83 -15.24 -20.19
N PHE D 140 -3.16 -14.72 -19.01
CA PHE D 140 -2.71 -13.40 -18.63
C PHE D 140 -1.20 -13.33 -18.67
N ALA D 141 -0.66 -12.25 -19.22
CA ALA D 141 0.76 -12.00 -19.17
C ALA D 141 1.11 -11.36 -17.84
N ARG D 142 2.11 -11.92 -17.16
CA ARG D 142 2.51 -11.48 -15.84
C ARG D 142 4.00 -11.20 -15.82
N SER D 143 4.38 -10.10 -15.19
CA SER D 143 5.78 -9.70 -15.19
C SER D 143 6.62 -10.63 -14.34
N VAL D 144 7.92 -10.68 -14.64
CA VAL D 144 8.83 -11.56 -13.91
C VAL D 144 9.24 -10.95 -12.58
N GLU D 145 9.31 -9.64 -12.47
CA GLU D 145 9.64 -8.95 -11.23
C GLU D 145 8.61 -7.87 -10.97
N PRO D 146 8.33 -7.56 -9.71
CA PRO D 146 7.30 -6.57 -9.41
C PRO D 146 7.60 -5.23 -10.05
N VAL D 147 6.54 -4.53 -10.44
CA VAL D 147 6.63 -3.22 -11.06
C VAL D 147 6.11 -2.19 -10.09
N VAL D 148 6.55 -0.96 -10.25
CA VAL D 148 6.14 0.17 -9.42
C VAL D 148 5.52 1.22 -10.33
N PRO D 149 4.21 1.18 -10.56
CA PRO D 149 3.59 2.16 -11.45
C PRO D 149 3.75 3.59 -10.96
N GLN D 150 4.44 4.41 -11.73
CA GLN D 150 4.61 5.81 -11.41
C GLN D 150 3.53 6.64 -12.10
N GLU D 151 2.99 7.61 -11.39
CA GLU D 151 1.98 8.52 -11.91
C GLU D 151 2.63 9.86 -12.22
N VAL D 152 2.42 10.35 -13.44
CA VAL D 152 3.14 11.51 -13.97
C VAL D 152 2.12 12.63 -14.15
N SER D 153 2.33 13.74 -13.44
CA SER D 153 1.46 14.90 -13.55
C SER D 153 1.72 15.62 -14.87
N ILE D 154 0.65 15.99 -15.56
CA ILE D 154 0.72 16.56 -16.90
C ILE D 154 -0.13 17.83 -16.90
N THR D 155 0.36 18.87 -17.58
CA THR D 155 -0.30 20.16 -17.59
C THR D 155 -0.59 20.60 -19.01
N ARG D 156 -1.70 21.31 -19.18
CA ARG D 156 -2.09 21.90 -20.45
C ARG D 156 -2.50 23.35 -20.20
N MET D 157 -2.24 24.22 -21.17
CA MET D 157 -2.55 25.63 -21.03
C MET D 157 -3.78 26.06 -21.83
N ALA D 158 -4.23 25.26 -22.80
CA ALA D 158 -5.51 25.52 -23.42
C ALA D 158 -6.62 25.05 -22.48
N VAL D 159 -7.82 25.59 -22.70
CA VAL D 159 -8.96 25.29 -21.84
C VAL D 159 -10.09 24.74 -22.71
N THR D 160 -10.77 23.73 -22.19
CA THR D 160 -11.80 23.04 -22.97
C THR D 160 -13.03 23.92 -23.19
N THR D 161 -13.50 24.61 -22.15
CA THR D 161 -14.69 25.42 -22.26
C THR D 161 -14.60 26.56 -21.26
N LYS D 162 -15.46 27.57 -21.46
CA LYS D 162 -15.41 28.77 -20.64
C LYS D 162 -15.60 28.40 -19.17
N ALA D 163 -14.69 28.89 -18.33
CA ALA D 163 -14.59 28.43 -16.96
C ALA D 163 -14.49 29.62 -16.01
N GLU D 164 -14.81 29.35 -14.74
CA GLU D 164 -14.63 30.35 -13.69
C GLU D 164 -13.16 30.68 -13.44
N ALA D 165 -12.24 29.88 -13.97
CA ALA D 165 -10.82 30.15 -13.79
C ALA D 165 -10.42 31.48 -14.40
N GLU D 166 -11.24 32.04 -15.29
CA GLU D 166 -11.02 33.37 -15.83
C GLU D 166 -12.35 34.00 -16.22
N ASP D 171 -0.96 31.26 -13.53
CA ASP D 171 -1.57 30.20 -12.75
C ASP D 171 -2.07 29.08 -13.66
N ASN D 172 -2.15 27.87 -13.11
CA ASN D 172 -2.53 26.70 -13.90
C ASN D 172 -3.96 26.83 -14.40
N ARG D 173 -4.26 26.06 -15.46
CA ARG D 173 -5.63 25.93 -15.92
C ARG D 173 -6.01 24.50 -16.29
N THR D 174 -5.07 23.56 -16.27
CA THR D 174 -5.38 22.16 -16.50
C THR D 174 -4.22 21.28 -16.04
N MET D 175 -4.49 20.35 -15.13
CA MET D 175 -3.45 19.49 -14.56
C MET D 175 -3.92 18.03 -14.67
N GLY D 176 -3.59 17.40 -15.80
CA GLY D 176 -4.00 16.04 -16.06
C GLY D 176 -3.09 15.04 -15.35
N ARG D 177 -3.03 13.84 -15.92
CA ARG D 177 -2.24 12.76 -15.33
C ARG D 177 -1.85 11.75 -16.40
N LYS D 178 -0.76 11.05 -16.14
CA LYS D 178 -0.32 9.91 -16.92
C LYS D 178 0.17 8.82 -15.99
N HIS D 179 0.12 7.59 -16.47
CA HIS D 179 0.65 6.44 -15.74
C HIS D 179 1.66 5.73 -16.61
N ILE D 180 2.79 5.35 -16.03
CA ILE D 180 3.85 4.66 -16.75
C ILE D 180 4.41 3.56 -15.88
N VAL D 181 4.60 2.39 -16.45
CA VAL D 181 5.41 1.34 -15.84
C VAL D 181 6.85 1.62 -16.25
N PRO D 182 7.74 2.01 -15.33
CA PRO D 182 9.08 2.39 -15.77
C PRO D 182 9.79 1.30 -16.54
N TYR D 183 9.59 0.04 -16.15
CA TYR D 183 10.03 -1.09 -16.96
C TYR D 183 9.43 -2.37 -16.40
N GLY D 184 9.26 -3.35 -17.27
CA GLY D 184 8.75 -4.64 -16.87
C GLY D 184 8.79 -5.64 -17.99
N LEU D 185 9.27 -6.85 -17.72
CA LEU D 185 9.32 -7.92 -18.70
C LEU D 185 8.21 -8.91 -18.39
N TYR D 186 7.39 -9.20 -19.41
CA TYR D 186 6.18 -9.99 -19.24
C TYR D 186 6.32 -11.32 -19.98
N VAL D 187 5.70 -12.36 -19.44
CA VAL D 187 5.74 -13.70 -20.02
C VAL D 187 4.31 -14.16 -20.23
N ALA D 188 3.97 -14.49 -21.47
CA ALA D 188 2.61 -14.89 -21.83
C ALA D 188 2.64 -16.33 -22.33
N HIS D 189 1.82 -17.18 -21.73
CA HIS D 189 1.69 -18.57 -22.10
C HIS D 189 0.49 -18.74 -23.03
N GLY D 190 0.64 -19.56 -24.07
CA GLY D 190 -0.43 -19.75 -25.03
C GLY D 190 -0.54 -21.21 -25.43
N PHE D 191 -1.73 -21.57 -25.88
CA PHE D 191 -2.04 -22.93 -26.28
C PHE D 191 -2.79 -22.91 -27.60
N ILE D 192 -2.41 -23.79 -28.53
CA ILE D 192 -3.11 -23.97 -29.79
C ILE D 192 -3.53 -25.43 -29.88
N SER D 193 -4.78 -25.67 -30.22
CA SER D 193 -5.39 -26.99 -30.11
C SER D 193 -5.72 -27.52 -31.50
N ALA D 194 -5.18 -28.69 -31.84
CA ALA D 194 -5.56 -29.35 -33.08
C ALA D 194 -7.00 -29.85 -33.07
N PRO D 195 -7.51 -30.48 -32.01
CA PRO D 195 -8.90 -30.95 -32.05
C PRO D 195 -9.91 -29.86 -32.35
N LEU D 196 -9.72 -28.66 -31.81
CA LEU D 196 -10.61 -27.55 -32.10
C LEU D 196 -10.30 -26.92 -33.45
N ALA D 197 -9.03 -26.90 -33.85
CA ALA D 197 -8.67 -26.38 -35.16
C ALA D 197 -9.37 -27.17 -36.26
N GLU D 198 -9.39 -28.49 -36.15
CA GLU D 198 -10.15 -29.30 -37.10
C GLU D 198 -11.62 -28.94 -37.08
N LYS D 199 -12.15 -28.50 -35.94
CA LYS D 199 -13.56 -28.17 -35.85
C LYS D 199 -13.88 -26.85 -36.53
N THR D 200 -12.99 -25.86 -36.41
CA THR D 200 -13.22 -24.56 -37.05
C THR D 200 -12.59 -24.47 -38.43
N GLY D 201 -11.39 -25.01 -38.61
CA GLY D 201 -10.68 -24.89 -39.86
C GLY D 201 -9.44 -24.04 -39.79
N PHE D 202 -8.78 -23.98 -38.64
CA PHE D 202 -7.59 -23.16 -38.45
C PHE D 202 -6.43 -23.81 -39.17
N SER D 203 -6.23 -23.44 -40.42
CA SER D 203 -5.25 -24.09 -41.28
C SER D 203 -3.84 -23.65 -40.94
N ASP D 204 -2.88 -24.15 -41.70
CA ASP D 204 -1.47 -23.86 -41.43
C ASP D 204 -1.08 -22.46 -41.85
N GLU D 205 -1.68 -21.93 -42.93
CA GLU D 205 -1.40 -20.55 -43.30
C GLU D 205 -1.93 -19.59 -42.23
N ASP D 206 -3.05 -19.93 -41.61
CA ASP D 206 -3.53 -19.14 -40.49
C ASP D 206 -2.55 -19.18 -39.33
N LEU D 207 -1.98 -20.34 -39.05
CA LEU D 207 -0.98 -20.44 -37.98
C LEU D 207 0.26 -19.62 -38.31
N THR D 208 0.67 -19.64 -39.58
CA THR D 208 1.80 -18.81 -39.99
C THR D 208 1.50 -17.34 -39.78
N LEU D 209 0.32 -16.89 -40.19
CA LEU D 209 -0.05 -15.51 -39.95
C LEU D 209 -0.14 -15.21 -38.47
N PHE D 210 -0.46 -16.21 -37.65
CA PHE D 210 -0.53 -15.98 -36.20
C PHE D 210 0.85 -15.79 -35.60
N TRP D 211 1.81 -16.64 -35.98
CA TRP D 211 3.18 -16.42 -35.54
C TRP D 211 3.65 -15.04 -35.99
N ASP D 212 3.33 -14.67 -37.23
CA ASP D 212 3.68 -13.35 -37.72
C ASP D 212 3.08 -12.26 -36.85
N ALA D 213 1.81 -12.42 -36.47
CA ALA D 213 1.15 -11.41 -35.64
C ALA D 213 1.78 -11.31 -34.26
N LEU D 214 2.14 -12.45 -33.66
CA LEU D 214 2.81 -12.40 -32.35
C LEU D 214 4.14 -11.68 -32.45
N VAL D 215 4.94 -12.01 -33.46
CA VAL D 215 6.27 -11.40 -33.55
C VAL D 215 6.16 -9.92 -33.89
N ASN D 216 5.19 -9.55 -34.73
CA ASN D 216 4.99 -8.16 -35.14
C ASN D 216 3.81 -7.50 -34.43
N MET D 217 3.38 -8.05 -33.30
CA MET D 217 2.17 -7.57 -32.64
C MET D 217 2.26 -6.08 -32.32
N PHE D 218 3.36 -5.66 -31.70
CA PHE D 218 3.45 -4.32 -31.13
C PHE D 218 3.95 -3.27 -32.10
N GLU D 219 4.58 -3.66 -33.21
CA GLU D 219 5.29 -2.69 -34.02
C GLU D 219 4.38 -1.58 -34.55
N HIS D 220 3.08 -1.83 -34.62
CA HIS D 220 2.12 -0.84 -35.12
C HIS D 220 1.15 -0.38 -34.05
N ASP D 221 1.39 -0.71 -32.79
CA ASP D 221 0.49 -0.34 -31.69
C ASP D 221 0.93 0.93 -30.98
N ARG D 222 1.76 1.75 -31.61
CA ARG D 222 2.30 2.92 -30.92
C ARG D 222 1.21 3.92 -30.59
N SER D 223 1.35 4.58 -29.44
CA SER D 223 0.42 5.61 -29.02
C SER D 223 1.09 6.48 -27.98
N ALA D 224 0.39 7.54 -27.56
CA ALA D 224 0.96 8.47 -26.60
C ALA D 224 1.11 7.87 -25.21
N ALA D 225 0.37 6.82 -24.90
CA ALA D 225 0.45 6.20 -23.58
C ALA D 225 1.14 4.85 -23.59
N ARG D 226 1.37 4.26 -24.76
CA ARG D 226 1.88 2.90 -24.81
C ARG D 226 3.36 2.82 -24.46
N GLY D 227 4.15 3.83 -24.79
CA GLY D 227 5.57 3.72 -24.61
C GLY D 227 6.18 2.83 -25.68
N LEU D 228 7.35 2.28 -25.38
CA LEU D 228 8.06 1.40 -26.30
C LEU D 228 7.87 -0.04 -25.85
N MET D 229 6.99 -0.76 -26.52
CA MET D 229 6.74 -2.17 -26.26
C MET D 229 7.26 -2.99 -27.44
N SER D 230 7.86 -4.14 -27.14
CA SER D 230 8.47 -4.95 -28.17
C SER D 230 8.47 -6.41 -27.75
N SER D 231 8.51 -7.31 -28.74
CA SER D 231 8.52 -8.75 -28.49
C SER D 231 9.96 -9.22 -28.45
N ARG D 232 10.35 -9.83 -27.33
CA ARG D 232 11.75 -10.19 -27.12
C ARG D 232 12.03 -11.66 -27.47
N LYS D 233 11.14 -12.57 -27.08
CA LYS D 233 11.33 -13.99 -27.36
C LYS D 233 9.99 -14.63 -27.66
N LEU D 234 10.00 -15.56 -28.61
CA LEU D 234 8.85 -16.40 -28.92
C LEU D 234 9.35 -17.82 -29.12
N ILE D 235 9.03 -18.70 -28.18
CA ILE D 235 9.46 -20.10 -28.22
C ILE D 235 8.24 -20.95 -28.44
N VAL D 236 8.24 -21.73 -29.53
CA VAL D 236 7.10 -22.53 -29.95
C VAL D 236 7.44 -24.00 -29.75
N PHE D 237 6.57 -24.72 -29.05
CA PHE D 237 6.74 -26.14 -28.79
C PHE D 237 5.71 -26.90 -29.63
N LYS D 238 6.18 -27.61 -30.64
CA LYS D 238 5.31 -28.33 -31.57
C LYS D 238 5.34 -29.82 -31.23
N HIS D 239 4.15 -30.38 -30.99
CA HIS D 239 4.04 -31.77 -30.58
C HIS D 239 3.92 -32.68 -31.80
N GLN D 240 4.53 -33.86 -31.69
CA GLN D 240 4.59 -34.78 -32.82
C GLN D 240 3.28 -35.48 -33.11
N ASN D 241 2.28 -35.35 -32.25
CA ASN D 241 1.00 -36.00 -32.46
C ASN D 241 -0.13 -35.04 -32.12
N ARG D 242 -1.33 -35.38 -32.59
CA ARG D 242 -2.45 -34.44 -32.54
C ARG D 242 -2.85 -34.10 -31.11
N LEU D 243 -2.86 -35.09 -30.21
CA LEU D 243 -3.29 -34.87 -28.83
C LEU D 243 -2.13 -34.49 -27.92
N GLY D 244 -0.92 -34.42 -28.42
CA GLY D 244 0.22 -34.04 -27.61
C GLY D 244 0.82 -35.23 -26.87
N ASN D 245 2.05 -35.04 -26.42
CA ASN D 245 2.72 -36.08 -25.65
C ASN D 245 3.52 -35.55 -24.47
N ALA D 246 3.48 -34.26 -24.16
CA ALA D 246 4.15 -33.72 -22.99
C ALA D 246 3.23 -32.70 -22.31
N PRO D 247 3.21 -32.67 -20.99
CA PRO D 247 2.43 -31.68 -20.27
C PRO D 247 2.83 -30.27 -20.60
N ALA D 248 1.93 -29.34 -20.67
CA ALA D 248 2.15 -27.96 -20.92
C ALA D 248 3.10 -27.37 -19.92
N HIS D 249 2.88 -27.55 -18.67
CA HIS D 249 3.63 -27.04 -17.60
C HIS D 249 5.06 -27.47 -17.66
N LYS D 250 5.28 -28.70 -18.14
CA LYS D 250 6.65 -29.17 -18.32
C LYS D 250 7.38 -28.36 -19.37
N LEU D 251 6.70 -28.06 -20.48
CA LEU D 251 7.34 -27.30 -21.55
C LEU D 251 7.55 -25.85 -21.13
N PHE D 252 6.55 -25.24 -20.50
CA PHE D 252 6.69 -23.86 -20.05
C PHE D 252 7.83 -23.71 -19.06
N ASP D 253 8.14 -24.77 -18.32
CA ASP D 253 9.20 -24.69 -17.32
C ASP D 253 10.59 -24.74 -17.92
N LEU D 254 10.71 -24.99 -19.22
CA LEU D 254 12.03 -24.95 -19.85
C LEU D 254 12.53 -23.53 -20.03
N VAL D 255 11.63 -22.57 -20.25
CA VAL D 255 12.02 -21.19 -20.52
C VAL D 255 12.27 -20.48 -19.19
N LYS D 256 13.51 -20.53 -18.72
CA LYS D 256 13.87 -19.88 -17.46
C LYS D 256 14.35 -18.46 -17.70
N VAL D 257 13.82 -17.54 -16.90
CA VAL D 257 14.16 -16.13 -16.99
C VAL D 257 14.66 -15.67 -15.63
N SER D 258 15.84 -15.06 -15.61
CA SER D 258 16.45 -14.64 -14.35
C SER D 258 17.35 -13.44 -14.60
N ARG D 259 17.61 -12.69 -13.51
CA ARG D 259 18.44 -11.51 -13.63
C ARG D 259 19.88 -11.85 -14.01
N ALA D 260 20.35 -13.03 -13.64
CA ALA D 260 21.74 -13.40 -13.85
C ALA D 260 22.66 -12.34 -13.24
N GLU D 261 23.58 -11.79 -14.04
CA GLU D 261 24.58 -10.87 -13.52
C GLU D 261 24.12 -9.42 -13.51
N GLY D 262 22.94 -9.13 -14.05
CA GLY D 262 22.41 -7.77 -14.04
C GLY D 262 21.57 -7.50 -12.82
N SER D 263 21.74 -8.33 -11.78
CA SER D 263 20.94 -8.21 -10.57
C SER D 263 21.26 -6.97 -9.75
N SER D 264 22.13 -6.09 -10.24
CA SER D 264 22.46 -4.87 -9.53
C SER D 264 21.39 -3.81 -9.82
N GLY D 265 20.64 -3.43 -8.79
CA GLY D 265 19.70 -2.35 -8.90
C GLY D 265 18.47 -2.73 -9.68
N PRO D 266 17.54 -1.78 -9.85
CA PRO D 266 16.31 -2.07 -10.59
C PRO D 266 16.57 -2.39 -12.05
N ALA D 267 15.69 -3.19 -12.63
CA ALA D 267 15.80 -3.54 -14.04
C ALA D 267 15.28 -2.40 -14.91
N ARG D 268 16.07 -2.01 -15.89
CA ARG D 268 15.65 -0.96 -16.82
C ARG D 268 16.01 -1.25 -18.26
N SER D 269 16.47 -2.46 -18.59
CA SER D 269 16.71 -2.84 -19.98
C SER D 269 16.68 -4.35 -20.06
N PHE D 270 16.37 -4.85 -21.26
CA PHE D 270 16.27 -6.30 -21.43
C PHE D 270 17.60 -6.98 -21.19
N ALA D 271 18.72 -6.26 -21.29
CA ALA D 271 20.01 -6.86 -21.02
C ALA D 271 20.14 -7.30 -19.56
N ASP D 272 19.26 -6.84 -18.69
CA ASP D 272 19.31 -7.22 -17.28
C ASP D 272 18.80 -8.62 -17.03
N TYR D 273 18.20 -9.27 -18.03
CA TYR D 273 17.59 -10.58 -17.86
C TYR D 273 18.30 -11.60 -18.74
N ALA D 274 18.51 -12.79 -18.18
CA ALA D 274 19.03 -13.92 -18.94
C ALA D 274 17.92 -14.91 -19.21
N VAL D 275 17.84 -15.38 -20.45
CA VAL D 275 16.81 -16.30 -20.87
C VAL D 275 17.48 -17.55 -21.42
N THR D 276 17.07 -18.72 -20.93
CA THR D 276 17.66 -19.98 -21.32
C THR D 276 16.57 -21.02 -21.50
N VAL D 277 16.60 -21.73 -22.61
CA VAL D 277 15.65 -22.79 -22.91
C VAL D 277 16.42 -24.09 -23.06
N GLY D 278 16.05 -25.09 -22.26
CA GLY D 278 16.74 -26.37 -22.26
C GLY D 278 16.17 -27.33 -23.29
N GLN D 279 16.59 -28.58 -23.15
CA GLN D 279 16.11 -29.64 -24.03
C GLN D 279 14.62 -29.86 -23.82
N ALA D 280 13.87 -29.92 -24.92
CA ALA D 280 12.49 -30.33 -24.85
C ALA D 280 12.41 -31.86 -24.97
N PRO D 281 11.36 -32.46 -24.44
CA PRO D 281 11.25 -33.92 -24.50
C PRO D 281 11.37 -34.44 -25.93
N GLU D 282 11.64 -35.74 -26.04
CA GLU D 282 11.87 -36.34 -27.35
C GLU D 282 10.67 -36.18 -28.27
N GLY D 283 9.46 -36.18 -27.73
CA GLY D 283 8.28 -36.10 -28.54
C GLY D 283 7.86 -34.70 -28.94
N VAL D 284 8.65 -33.69 -28.57
CA VAL D 284 8.31 -32.29 -28.80
C VAL D 284 9.47 -31.63 -29.51
N GLU D 285 9.16 -30.73 -30.44
CA GLU D 285 10.16 -29.88 -31.07
C GLU D 285 10.05 -28.48 -30.47
N VAL D 286 11.18 -27.97 -30.00
CA VAL D 286 11.26 -26.60 -29.49
C VAL D 286 12.05 -25.77 -30.49
N LYS D 287 11.40 -24.75 -31.04
CA LYS D 287 12.05 -23.85 -31.98
C LYS D 287 11.86 -22.42 -31.50
N GLU D 288 12.94 -21.65 -31.54
CA GLU D 288 12.90 -20.24 -31.15
C GLU D 288 12.48 -19.43 -32.37
N MET D 289 11.20 -19.12 -32.46
CA MET D 289 10.70 -18.32 -33.57
C MET D 289 11.30 -16.93 -33.58
N LEU D 290 11.90 -16.49 -32.47
CA LEU D 290 12.48 -15.17 -32.37
C LEU D 290 13.48 -15.15 -31.22
N MET E 1 -2.28 17.01 -52.01
CA MET E 1 -1.49 16.45 -50.87
C MET E 1 -1.67 14.94 -50.78
N THR E 2 -0.58 14.24 -50.44
CA THR E 2 -0.59 12.79 -50.32
C THR E 2 0.29 12.39 -49.17
N ALA E 3 -0.06 11.26 -48.54
CA ALA E 3 0.59 10.83 -47.31
C ALA E 3 1.91 10.14 -47.59
N ILE E 4 2.72 10.02 -46.54
CA ILE E 4 4.00 9.33 -46.65
C ILE E 4 3.76 7.85 -46.94
N ALA E 5 4.82 7.16 -47.37
CA ALA E 5 4.71 5.79 -47.83
C ALA E 5 5.62 4.82 -47.10
N ASN E 6 6.38 5.27 -46.09
CA ASN E 6 7.36 4.44 -45.43
C ASN E 6 7.25 4.58 -43.92
N ARG E 7 7.67 3.53 -43.22
CA ARG E 7 7.79 3.60 -41.77
C ARG E 7 9.12 4.22 -41.38
N TYR E 8 9.13 4.94 -40.27
CA TYR E 8 10.34 5.54 -39.74
C TYR E 8 10.46 5.27 -38.26
N GLU E 9 11.70 5.18 -37.81
CA GLU E 9 12.06 5.33 -36.41
C GLU E 9 13.18 6.36 -36.35
N PHE E 10 13.25 7.09 -35.24
CA PHE E 10 14.33 8.06 -35.08
C PHE E 10 14.73 8.14 -33.62
N VAL E 11 15.94 8.63 -33.39
CA VAL E 11 16.51 8.77 -32.06
C VAL E 11 17.11 10.17 -31.96
N LEU E 12 16.65 10.93 -30.98
CA LEU E 12 17.11 12.31 -30.79
C LEU E 12 17.90 12.39 -29.49
N LEU E 13 19.09 12.97 -29.58
CA LEU E 13 19.94 13.18 -28.41
C LEU E 13 20.02 14.66 -28.10
N PHE E 14 19.59 15.03 -26.90
CA PHE E 14 19.65 16.41 -26.44
C PHE E 14 20.08 16.40 -24.98
N ASP E 15 20.70 17.50 -24.56
CA ASP E 15 21.25 17.58 -23.21
C ASP E 15 21.05 18.98 -22.66
N VAL E 16 21.09 19.07 -21.34
CA VAL E 16 20.84 20.31 -20.61
C VAL E 16 22.08 20.62 -19.78
N GLU E 17 22.23 21.89 -19.42
CA GLU E 17 23.38 22.32 -18.63
C GLU E 17 22.94 23.45 -17.72
N ASN E 18 23.05 23.22 -16.41
CA ASN E 18 22.66 24.20 -15.41
C ASN E 18 21.27 24.76 -15.71
N GLY E 19 20.31 23.85 -15.86
CA GLY E 19 18.95 24.27 -16.14
C GLY E 19 17.97 23.15 -15.87
N ASN E 20 16.70 23.54 -15.74
CA ASN E 20 15.61 22.62 -15.50
C ASN E 20 14.98 22.21 -16.81
N PRO E 21 15.25 21.00 -17.32
CA PRO E 21 14.69 20.64 -18.64
C PRO E 21 13.18 20.47 -18.61
N ASN E 22 12.65 19.85 -17.56
CA ASN E 22 11.21 19.66 -17.43
C ASN E 22 10.89 19.55 -15.95
N GLY E 23 10.07 20.47 -15.44
CA GLY E 23 9.74 20.46 -14.04
C GLY E 23 8.61 19.50 -13.70
N ASP E 24 8.55 19.12 -12.44
CA ASP E 24 7.55 18.18 -11.94
C ASP E 24 6.53 18.93 -11.11
N PRO E 25 5.25 18.99 -11.51
CA PRO E 25 4.27 19.71 -10.69
C PRO E 25 4.09 19.13 -9.30
N ASP E 26 4.48 17.88 -9.08
CA ASP E 26 4.27 17.23 -7.78
C ASP E 26 5.48 17.32 -6.86
N ALA E 27 6.64 17.71 -7.37
CA ALA E 27 7.84 17.93 -6.57
C ALA E 27 8.08 19.43 -6.38
N GLY E 28 7.00 20.20 -6.49
CA GLY E 28 7.08 21.64 -6.49
C GLY E 28 7.44 22.17 -7.86
N ASN E 29 8.73 22.16 -8.19
CA ASN E 29 9.13 22.26 -9.59
C ASN E 29 10.40 21.48 -9.90
N MET E 30 10.78 20.51 -9.07
CA MET E 30 12.06 19.85 -9.23
C MET E 30 12.13 19.18 -10.59
N PRO E 31 13.31 19.08 -11.19
CA PRO E 31 13.40 18.38 -12.48
C PRO E 31 12.90 16.96 -12.35
N ARG E 32 12.19 16.50 -13.37
CA ARG E 32 11.57 15.19 -13.32
C ARG E 32 12.64 14.10 -13.33
N ILE E 33 12.59 13.21 -12.35
CA ILE E 33 13.55 12.12 -12.22
C ILE E 33 12.81 10.82 -11.97
N ASP E 34 13.53 9.72 -12.16
CA ASP E 34 13.03 8.39 -11.83
C ASP E 34 13.39 8.10 -10.37
N PRO E 35 12.42 8.00 -9.47
CA PRO E 35 12.77 7.87 -8.05
C PRO E 35 13.57 6.62 -7.72
N GLU E 36 13.51 5.57 -8.53
CA GLU E 36 14.18 4.33 -8.20
C GLU E 36 15.63 4.30 -8.66
N THR E 37 16.01 5.10 -9.65
CA THR E 37 17.36 5.07 -10.20
C THR E 37 18.02 6.43 -10.33
N GLY E 38 17.27 7.53 -10.26
CA GLY E 38 17.88 8.84 -10.37
C GLY E 38 18.06 9.35 -11.78
N HIS E 39 17.77 8.54 -12.80
CA HIS E 39 17.84 9.01 -14.18
C HIS E 39 16.76 10.05 -14.42
N GLY E 40 17.13 11.13 -15.11
CA GLY E 40 16.17 12.17 -15.40
C GLY E 40 15.15 11.72 -16.43
N LEU E 41 14.03 12.43 -16.46
CA LEU E 41 12.96 12.16 -17.40
C LEU E 41 12.45 13.46 -18.00
N VAL E 42 12.01 13.40 -19.25
CA VAL E 42 11.33 14.49 -19.91
C VAL E 42 10.14 13.92 -20.64
N THR E 43 8.94 14.35 -20.26
CA THR E 43 7.73 13.80 -20.84
C THR E 43 7.69 14.05 -22.35
N ASP E 44 7.16 13.08 -23.09
CA ASP E 44 6.93 13.27 -24.51
C ASP E 44 6.09 14.51 -24.75
N VAL E 45 5.21 14.82 -23.81
CA VAL E 45 4.34 15.99 -23.92
C VAL E 45 5.17 17.26 -24.02
N CYS E 46 6.29 17.32 -23.28
CA CYS E 46 7.12 18.52 -23.29
C CYS E 46 7.76 18.74 -24.66
N LEU E 47 8.38 17.71 -25.21
CA LEU E 47 9.01 17.85 -26.52
C LEU E 47 7.96 18.13 -27.58
N LYS E 48 6.78 17.52 -27.47
CA LYS E 48 5.72 17.80 -28.43
C LYS E 48 5.26 19.25 -28.33
N ARG E 49 5.21 19.79 -27.11
CA ARG E 49 4.94 21.22 -26.96
C ARG E 49 6.00 22.05 -27.66
N LYS E 50 7.26 21.68 -27.51
CA LYS E 50 8.31 22.45 -28.16
C LYS E 50 8.19 22.40 -29.68
N ILE E 51 7.80 21.26 -30.23
CA ILE E 51 7.61 21.16 -31.67
C ILE E 51 6.42 22.00 -32.11
N ARG E 52 5.34 21.99 -31.32
CA ARG E 52 4.20 22.86 -31.63
C ARG E 52 4.64 24.32 -31.65
N ASN E 53 5.44 24.71 -30.66
CA ASN E 53 5.92 26.08 -30.60
C ASN E 53 6.76 26.42 -31.81
N HIS E 54 7.65 25.52 -32.22
CA HIS E 54 8.46 25.80 -33.41
C HIS E 54 7.60 25.91 -34.65
N VAL E 55 6.60 25.03 -34.79
CA VAL E 55 5.72 25.10 -35.95
C VAL E 55 5.02 26.45 -35.98
N ALA E 56 4.44 26.86 -34.85
CA ALA E 56 3.71 28.12 -34.82
C ALA E 56 4.64 29.30 -35.09
N LEU E 57 5.86 29.26 -34.55
CA LEU E 57 6.80 30.35 -34.75
C LEU E 57 7.20 30.48 -36.21
N THR E 58 7.56 29.36 -36.84
CA THR E 58 8.11 29.43 -38.20
C THR E 58 7.02 29.60 -39.25
N LYS E 59 5.81 29.08 -39.03
CA LYS E 59 4.76 29.18 -40.02
C LYS E 59 3.86 30.40 -39.82
N GLU E 60 3.73 30.89 -38.60
CA GLU E 60 2.94 32.09 -38.33
C GLU E 60 1.50 31.93 -38.83
N GLY E 61 0.89 30.80 -38.49
CA GLY E 61 -0.51 30.60 -38.81
C GLY E 61 -0.81 30.40 -40.27
N ALA E 62 0.16 29.96 -41.07
CA ALA E 62 -0.06 29.71 -42.49
C ALA E 62 -1.22 28.75 -42.65
N GLU E 63 -1.77 28.67 -43.86
CA GLU E 63 -2.92 27.81 -44.10
C GLU E 63 -2.56 26.35 -43.87
N ARG E 64 -3.43 25.63 -43.18
CA ARG E 64 -3.27 24.20 -42.90
C ARG E 64 -2.12 23.92 -41.94
N PHE E 65 -1.51 24.96 -41.38
CA PHE E 65 -0.46 24.79 -40.38
C PHE E 65 -0.82 25.50 -39.09
N ASN E 66 -2.10 25.54 -38.75
CA ASN E 66 -2.53 26.08 -37.47
C ASN E 66 -2.22 25.08 -36.36
N ILE E 67 -2.23 25.58 -35.13
CA ILE E 67 -1.94 24.79 -33.94
C ILE E 67 -3.22 24.69 -33.11
N TYR E 68 -3.67 23.47 -32.86
CA TYR E 68 -4.97 23.27 -32.24
C TYR E 68 -4.95 23.62 -30.76
N ILE E 69 -3.83 23.39 -30.08
CA ILE E 69 -3.68 23.69 -28.66
C ILE E 69 -2.78 24.90 -28.56
N GLN E 70 -3.35 26.03 -28.15
CA GLN E 70 -2.63 27.29 -28.05
C GLN E 70 -2.96 27.96 -26.74
N GLU E 71 -2.15 28.95 -26.38
CA GLU E 71 -2.29 29.61 -25.09
C GLU E 71 -3.66 30.27 -24.98
N LYS E 72 -4.43 29.87 -23.97
CA LYS E 72 -5.76 30.39 -23.66
C LYS E 72 -6.78 30.08 -24.75
N ALA E 73 -6.39 29.39 -25.81
CA ALA E 73 -7.36 29.01 -26.84
C ALA E 73 -8.39 28.06 -26.23
N ILE E 74 -9.65 28.28 -26.60
CA ILE E 74 -10.75 27.49 -26.07
C ILE E 74 -11.10 26.43 -27.11
N LEU E 75 -10.93 25.16 -26.72
CA LEU E 75 -11.03 24.07 -27.69
C LEU E 75 -12.44 23.94 -28.25
N ASN E 76 -13.45 24.02 -27.38
CA ASN E 76 -14.83 23.86 -27.83
C ASN E 76 -15.15 24.86 -28.93
N GLU E 77 -14.62 26.07 -28.83
CA GLU E 77 -14.86 27.06 -29.88
C GLU E 77 -14.20 26.65 -31.19
N THR E 78 -13.05 25.98 -31.13
CA THR E 78 -12.45 25.47 -32.36
C THR E 78 -13.29 24.36 -32.97
N HIS E 79 -13.82 23.48 -32.14
CA HIS E 79 -14.72 22.45 -32.66
C HIS E 79 -15.94 23.07 -33.32
N GLU E 80 -16.48 24.14 -32.70
CA GLU E 80 -17.63 24.83 -33.28
C GLU E 80 -17.25 25.50 -34.59
N ARG E 81 -16.05 26.06 -34.68
CA ARG E 81 -15.58 26.58 -35.96
C ARG E 81 -15.56 25.49 -37.02
N ALA E 82 -15.08 24.30 -36.67
CA ALA E 82 -15.05 23.20 -37.61
C ALA E 82 -16.47 22.84 -38.07
N TYR E 83 -17.39 22.74 -37.11
CA TYR E 83 -18.77 22.39 -37.45
C TYR E 83 -19.38 23.40 -38.41
N THR E 84 -19.23 24.69 -38.11
CA THR E 84 -19.78 25.71 -39.00
C THR E 84 -19.12 25.66 -40.37
N ALA E 85 -17.80 25.50 -40.40
CA ALA E 85 -17.08 25.53 -41.67
C ALA E 85 -17.44 24.36 -42.56
N CYS E 86 -17.77 23.21 -41.98
CA CYS E 86 -18.21 22.07 -42.77
C CYS E 86 -19.71 22.07 -43.01
N ASP E 87 -20.40 23.15 -42.66
CA ASP E 87 -21.83 23.32 -42.96
C ASP E 87 -22.66 22.27 -42.23
N LEU E 88 -22.58 22.29 -40.90
CA LEU E 88 -23.28 21.30 -40.10
C LEU E 88 -23.61 21.90 -38.74
N LYS E 89 -24.60 21.31 -38.06
CA LYS E 89 -25.01 21.77 -36.74
C LYS E 89 -24.68 20.70 -35.70
N PRO E 90 -23.83 21.00 -34.72
CA PRO E 90 -23.42 19.97 -33.77
C PRO E 90 -24.54 19.61 -32.80
N GLU E 91 -24.42 18.41 -32.25
CA GLU E 91 -25.22 17.98 -31.12
C GLU E 91 -24.40 18.16 -29.85
N PRO E 92 -24.98 18.65 -28.75
CA PRO E 92 -24.15 19.05 -27.60
C PRO E 92 -23.25 17.96 -27.01
N LYS E 93 -23.40 16.70 -27.42
CA LYS E 93 -22.52 15.66 -26.88
C LYS E 93 -22.03 14.67 -27.93
N LYS E 94 -22.66 14.64 -29.10
CA LYS E 94 -22.57 13.49 -29.97
C LYS E 94 -22.11 13.89 -31.37
N LEU E 95 -21.44 12.95 -32.04
CA LEU E 95 -20.96 13.18 -33.39
C LEU E 95 -22.12 13.18 -34.37
N PRO E 96 -21.91 13.69 -35.58
CA PRO E 96 -22.98 13.69 -36.57
C PRO E 96 -23.52 12.29 -36.83
N LYS E 97 -24.84 12.21 -37.03
CA LYS E 97 -25.47 10.91 -37.22
C LYS E 97 -24.92 10.21 -38.46
N LYS E 98 -24.80 10.93 -39.57
CA LYS E 98 -24.21 10.36 -40.76
C LYS E 98 -22.72 10.17 -40.55
N VAL E 99 -22.25 8.93 -40.69
CA VAL E 99 -20.82 8.66 -40.50
C VAL E 99 -20.01 9.52 -41.45
N GLU E 100 -20.56 9.84 -42.62
CA GLU E 100 -19.85 10.71 -43.56
C GLU E 100 -19.71 12.13 -43.03
N ASP E 101 -20.71 12.64 -42.32
CA ASP E 101 -20.58 13.98 -41.76
C ASP E 101 -19.57 14.01 -40.61
N ALA E 102 -19.58 12.97 -39.76
CA ALA E 102 -18.56 12.87 -38.72
C ALA E 102 -17.17 12.83 -39.35
N LYS E 103 -17.00 12.02 -40.40
CA LYS E 103 -15.72 11.97 -41.08
C LYS E 103 -15.37 13.33 -41.67
N ARG E 104 -16.36 14.04 -42.23
CA ARG E 104 -16.10 15.35 -42.79
C ARG E 104 -15.54 16.30 -41.74
N VAL E 105 -16.20 16.37 -40.59
CA VAL E 105 -15.77 17.34 -39.57
C VAL E 105 -14.41 16.96 -39.01
N THR E 106 -14.20 15.67 -38.70
CA THR E 106 -12.92 15.26 -38.16
C THR E 106 -11.81 15.46 -39.18
N ASP E 107 -12.10 15.22 -40.46
CA ASP E 107 -11.10 15.41 -41.49
C ASP E 107 -10.81 16.87 -41.73
N TRP E 108 -11.79 17.75 -41.55
CA TRP E 108 -11.51 19.18 -41.59
C TRP E 108 -10.54 19.57 -40.49
N MET E 109 -10.87 19.19 -39.25
CA MET E 109 -9.98 19.49 -38.13
C MET E 109 -8.57 18.96 -38.39
N CYS E 110 -8.47 17.70 -38.82
CA CYS E 110 -7.18 17.10 -39.07
C CYS E 110 -6.48 17.74 -40.26
N THR E 111 -7.25 18.26 -41.22
CA THR E 111 -6.65 18.81 -42.43
C THR E 111 -6.00 20.16 -42.16
N ASN E 112 -6.67 21.04 -41.42
CA ASN E 112 -6.16 22.39 -41.29
C ASN E 112 -5.48 22.71 -39.95
N PHE E 113 -5.27 21.72 -39.09
CA PHE E 113 -4.49 21.90 -37.86
C PHE E 113 -3.31 20.94 -37.89
N TYR E 114 -2.10 21.48 -37.87
CA TYR E 114 -0.91 20.65 -38.09
C TYR E 114 -0.71 19.66 -36.95
N ASP E 115 -0.91 20.09 -35.71
CA ASP E 115 -0.61 19.21 -34.58
C ASP E 115 -1.62 18.08 -34.47
N ILE E 116 -2.85 18.28 -34.94
CA ILE E 116 -3.79 17.16 -35.05
C ILE E 116 -3.35 16.22 -36.16
N ARG E 117 -2.87 16.79 -37.27
CA ARG E 117 -2.42 15.98 -38.38
C ARG E 117 -1.20 15.14 -38.01
N THR E 118 -0.41 15.60 -37.04
CA THR E 118 0.84 14.93 -36.68
C THR E 118 0.70 14.06 -35.43
N PHE E 119 0.31 14.65 -34.30
CA PHE E 119 0.28 13.98 -33.02
C PHE E 119 -1.11 13.47 -32.63
N GLY E 120 -2.12 13.70 -33.46
CA GLY E 120 -3.46 13.28 -33.11
C GLY E 120 -4.05 14.17 -32.02
N ALA E 121 -5.28 13.84 -31.62
CA ALA E 121 -5.97 14.64 -30.63
C ALA E 121 -7.18 13.87 -30.12
N VAL E 122 -7.67 14.28 -28.95
CA VAL E 122 -8.93 13.80 -28.40
C VAL E 122 -9.87 14.98 -28.31
N MET E 123 -11.04 14.86 -28.94
CA MET E 123 -11.93 16.00 -29.10
C MET E 123 -13.37 15.66 -28.73
N THR E 124 -13.59 14.62 -27.94
CA THR E 124 -14.95 14.22 -27.56
C THR E 124 -15.51 15.09 -26.44
N THR E 125 -15.51 16.40 -26.63
CA THR E 125 -16.12 17.33 -25.69
C THR E 125 -17.55 17.61 -26.12
N GLU E 126 -18.16 18.66 -25.56
CA GLU E 126 -19.55 18.96 -25.87
C GLU E 126 -19.75 19.14 -27.37
N VAL E 127 -18.87 19.90 -28.02
CA VAL E 127 -18.88 19.98 -29.49
C VAL E 127 -17.95 18.87 -29.97
N ASN E 128 -18.51 17.67 -30.07
CA ASN E 128 -17.71 16.47 -30.30
C ASN E 128 -17.21 16.44 -31.74
N CYS E 129 -15.91 16.14 -31.90
CA CYS E 129 -15.29 16.00 -33.21
C CYS E 129 -14.54 14.69 -33.36
N GLY E 130 -14.47 13.87 -32.32
CA GLY E 130 -13.89 12.54 -32.44
C GLY E 130 -12.47 12.41 -31.92
N GLN E 131 -11.68 11.56 -32.57
CA GLN E 131 -10.33 11.24 -32.13
C GLN E 131 -9.42 11.11 -33.34
N VAL E 132 -8.12 11.20 -33.10
CA VAL E 132 -7.10 10.97 -34.12
C VAL E 132 -5.87 10.39 -33.43
N ARG E 133 -5.38 9.25 -33.93
CA ARG E 133 -4.24 8.62 -33.27
C ARG E 133 -2.93 9.34 -33.57
N GLY E 134 -2.74 9.79 -34.80
CA GLY E 134 -1.56 10.53 -35.15
C GLY E 134 -0.40 9.62 -35.50
N PRO E 135 0.20 9.82 -36.68
CA PRO E 135 1.28 8.92 -37.09
C PRO E 135 2.55 9.05 -36.29
N VAL E 136 2.83 10.22 -35.71
CA VAL E 136 4.11 10.50 -35.07
C VAL E 136 3.93 10.37 -33.56
N GLN E 137 4.79 9.56 -32.94
CA GLN E 137 4.72 9.31 -31.51
C GLN E 137 6.12 9.40 -30.92
N MET E 138 6.18 9.64 -29.62
CA MET E 138 7.45 9.70 -28.90
C MET E 138 7.31 9.07 -27.53
N ALA E 139 8.41 8.54 -27.02
CA ALA E 139 8.46 8.02 -25.67
C ALA E 139 9.12 9.03 -24.73
N PHE E 140 9.01 8.77 -23.43
CA PHE E 140 9.70 9.60 -22.46
C PHE E 140 11.19 9.62 -22.76
N ALA E 141 11.78 10.80 -22.74
CA ALA E 141 13.22 10.92 -22.83
C ALA E 141 13.83 10.59 -21.48
N ARG E 142 14.92 9.83 -21.49
CA ARG E 142 15.57 9.38 -20.28
C ARG E 142 17.07 9.61 -20.38
N SER E 143 17.65 10.19 -19.34
CA SER E 143 19.08 10.48 -19.36
C SER E 143 19.89 9.19 -19.37
N VAL E 144 21.03 9.25 -20.06
CA VAL E 144 21.89 8.07 -20.14
C VAL E 144 22.45 7.67 -18.79
N GLU E 145 22.74 8.63 -17.93
CA GLU E 145 23.32 8.37 -16.62
C GLU E 145 22.59 9.16 -15.55
N PRO E 146 22.71 8.75 -14.29
CA PRO E 146 21.99 9.46 -13.22
C PRO E 146 22.41 10.92 -13.13
N VAL E 147 21.47 11.75 -12.68
CA VAL E 147 21.68 13.16 -12.47
C VAL E 147 21.30 13.49 -11.03
N VAL E 148 22.09 14.32 -10.38
CA VAL E 148 21.77 14.82 -9.04
C VAL E 148 21.33 16.28 -9.18
N PRO E 149 20.04 16.57 -9.08
CA PRO E 149 19.62 17.97 -9.16
C PRO E 149 20.06 18.75 -7.94
N GLN E 150 20.27 20.06 -8.14
CA GLN E 150 20.70 20.96 -7.08
C GLN E 150 19.65 22.04 -6.90
N GLU E 151 19.19 22.23 -5.67
CA GLU E 151 18.29 23.33 -5.37
C GLU E 151 19.12 24.60 -5.16
N VAL E 152 18.93 25.57 -6.04
CA VAL E 152 19.64 26.85 -5.95
C VAL E 152 18.75 27.82 -5.21
N SER E 153 19.19 28.26 -4.04
CA SER E 153 18.42 29.15 -3.19
C SER E 153 18.78 30.59 -3.51
N ILE E 154 17.76 31.41 -3.77
CA ILE E 154 17.95 32.78 -4.21
C ILE E 154 17.12 33.70 -3.32
N THR E 155 17.35 35.00 -3.48
CA THR E 155 16.75 36.01 -2.62
C THR E 155 16.18 37.11 -3.49
N ARG E 156 14.99 37.60 -3.14
CA ARG E 156 14.38 38.69 -3.88
C ARG E 156 14.55 40.01 -3.14
N MET E 157 14.66 41.09 -3.91
CA MET E 157 14.96 42.42 -3.38
C MET E 157 13.72 43.20 -2.94
N ALA E 158 12.52 42.73 -3.26
CA ALA E 158 11.33 43.52 -3.02
C ALA E 158 10.19 42.64 -2.53
N VAL E 159 9.16 43.29 -2.00
CA VAL E 159 8.00 42.62 -1.42
C VAL E 159 6.79 42.93 -2.28
N THR E 160 5.91 41.93 -2.44
CA THR E 160 4.72 42.13 -3.26
C THR E 160 3.67 42.96 -2.54
N THR E 161 3.57 42.83 -1.22
CA THR E 161 2.48 43.43 -0.46
C THR E 161 3.04 44.17 0.75
N LYS E 162 2.29 45.16 1.21
CA LYS E 162 2.64 45.86 2.44
C LYS E 162 2.35 44.97 3.64
N ALA E 163 3.28 44.92 4.58
CA ALA E 163 3.10 44.15 5.80
C ALA E 163 4.11 44.63 6.83
N GLU E 164 4.06 44.06 8.04
CA GLU E 164 5.03 44.40 9.06
C GLU E 164 6.42 43.89 8.69
N ALA E 165 6.51 42.64 8.22
CA ALA E 165 7.76 42.09 7.73
C ALA E 165 8.00 42.44 6.26
N GLU E 166 7.14 43.25 5.67
CA GLU E 166 7.26 43.63 4.26
C GLU E 166 7.21 45.13 4.09
N ASP E 171 10.75 46.65 -0.57
CA ASP E 171 10.92 47.24 0.74
C ASP E 171 11.77 46.35 1.64
N ASN E 172 11.74 45.04 1.39
CA ASN E 172 12.44 44.08 2.22
C ASN E 172 12.77 42.87 1.38
N ARG E 173 13.67 42.03 1.91
CA ARG E 173 14.06 40.83 1.21
C ARG E 173 13.07 39.69 1.48
N THR E 174 13.13 38.67 0.62
CA THR E 174 12.34 37.46 0.78
C THR E 174 13.01 36.35 0.00
N MET E 175 12.70 35.10 0.38
CA MET E 175 13.43 33.96 -0.14
C MET E 175 12.75 33.34 -1.35
N GLY E 176 13.53 32.57 -2.10
CA GLY E 176 13.05 31.86 -3.27
C GLY E 176 14.04 30.77 -3.61
N ARG E 177 13.73 30.01 -4.66
CA ARG E 177 14.61 28.90 -5.03
C ARG E 177 14.48 28.61 -6.52
N LYS E 178 15.54 28.01 -7.06
CA LYS E 178 15.58 27.48 -8.41
C LYS E 178 16.12 26.05 -8.35
N HIS E 179 15.75 25.25 -9.35
CA HIS E 179 16.26 23.90 -9.51
C HIS E 179 16.96 23.79 -10.85
N ILE E 180 18.07 23.07 -10.86
CA ILE E 180 18.87 22.90 -12.06
C ILE E 180 19.39 21.47 -12.11
N VAL E 181 19.44 20.90 -13.30
CA VAL E 181 20.19 19.67 -13.54
C VAL E 181 21.58 20.12 -13.99
N PRO E 182 22.63 19.86 -13.22
CA PRO E 182 23.95 20.40 -13.61
C PRO E 182 24.36 19.98 -15.01
N TYR E 183 24.04 18.75 -15.41
CA TYR E 183 24.22 18.32 -16.78
C TYR E 183 23.57 16.95 -16.95
N GLY E 184 23.00 16.72 -18.12
CA GLY E 184 22.41 15.44 -18.43
C GLY E 184 22.18 15.26 -19.92
N LEU E 185 22.62 14.13 -20.47
CA LEU E 185 22.41 13.81 -21.87
C LEU E 185 21.23 12.85 -21.99
N TYR E 186 20.18 13.29 -22.68
CA TYR E 186 18.94 12.55 -22.78
C TYR E 186 18.83 11.89 -24.15
N VAL E 187 18.07 10.80 -24.21
CA VAL E 187 17.82 10.06 -25.43
C VAL E 187 16.32 9.92 -25.59
N ALA E 188 15.80 10.33 -26.74
CA ALA E 188 14.38 10.26 -27.04
C ALA E 188 14.15 9.36 -28.24
N HIS E 189 13.28 8.36 -28.06
CA HIS E 189 12.90 7.44 -29.13
C HIS E 189 11.60 7.90 -29.76
N GLY E 190 11.51 7.79 -31.09
CA GLY E 190 10.31 8.21 -31.78
C GLY E 190 9.96 7.24 -32.89
N PHE E 191 8.68 7.22 -33.23
CA PHE E 191 8.14 6.34 -34.26
C PHE E 191 7.26 7.13 -35.20
N ILE E 192 7.22 6.71 -36.46
CA ILE E 192 6.30 7.24 -37.46
C ILE E 192 5.75 6.06 -38.23
N SER E 193 4.45 6.10 -38.54
CA SER E 193 3.77 4.98 -39.20
C SER E 193 3.05 5.49 -40.43
N ALA E 194 3.32 4.87 -41.57
CA ALA E 194 2.59 5.19 -42.79
C ALA E 194 1.11 4.83 -42.72
N PRO E 195 0.70 3.71 -42.15
CA PRO E 195 -0.73 3.37 -42.14
C PRO E 195 -1.61 4.43 -41.51
N LEU E 196 -1.11 5.17 -40.53
CA LEU E 196 -1.88 6.25 -39.92
C LEU E 196 -1.71 7.56 -40.65
N ALA E 197 -0.52 7.82 -41.19
CA ALA E 197 -0.31 9.00 -42.02
C ALA E 197 -1.23 8.99 -43.23
N GLU E 198 -1.59 7.79 -43.71
CA GLU E 198 -2.56 7.71 -44.80
C GLU E 198 -3.94 8.14 -44.34
N LYS E 199 -4.23 8.03 -43.04
CA LYS E 199 -5.51 8.51 -42.52
C LYS E 199 -5.49 10.01 -42.31
N THR E 200 -4.48 10.52 -41.60
CA THR E 200 -4.47 11.93 -41.26
C THR E 200 -3.97 12.81 -42.40
N GLY E 201 -3.38 12.25 -43.44
CA GLY E 201 -2.83 13.03 -44.51
C GLY E 201 -1.45 13.59 -44.25
N PHE E 202 -0.74 13.08 -43.26
CA PHE E 202 0.61 13.54 -42.94
C PHE E 202 1.53 13.32 -44.12
N SER E 203 1.94 14.39 -44.79
CA SER E 203 2.66 14.29 -46.05
C SER E 203 4.16 14.46 -45.85
N ASP E 204 4.89 14.39 -46.96
CA ASP E 204 6.34 14.54 -46.91
C ASP E 204 6.75 15.93 -46.44
N GLU E 205 6.06 16.98 -46.91
CA GLU E 205 6.41 18.32 -46.46
C GLU E 205 6.21 18.48 -44.96
N ASP E 206 5.14 17.91 -44.43
CA ASP E 206 4.96 17.90 -42.98
C ASP E 206 6.11 17.17 -42.30
N LEU E 207 6.59 16.08 -42.90
CA LEU E 207 7.66 15.31 -42.28
C LEU E 207 8.97 16.10 -42.28
N THR E 208 9.26 16.83 -43.37
CA THR E 208 10.45 17.66 -43.38
C THR E 208 10.34 18.78 -42.35
N LEU E 209 9.16 19.38 -42.23
CA LEU E 209 8.97 20.40 -41.21
C LEU E 209 9.17 19.80 -39.82
N PHE E 210 8.72 18.56 -39.61
CA PHE E 210 8.91 17.89 -38.32
C PHE E 210 10.38 17.64 -38.04
N TRP E 211 11.13 17.19 -39.05
CA TRP E 211 12.57 17.00 -38.87
C TRP E 211 13.24 18.30 -38.49
N ASP E 212 12.90 19.39 -39.19
CA ASP E 212 13.48 20.69 -38.84
C ASP E 212 13.10 21.08 -37.42
N ALA E 213 11.85 20.84 -37.03
CA ALA E 213 11.42 21.16 -35.69
C ALA E 213 12.25 20.43 -34.65
N LEU E 214 12.54 19.15 -34.87
CA LEU E 214 13.40 18.42 -33.95
C LEU E 214 14.82 18.96 -33.94
N VAL E 215 15.38 19.26 -35.11
CA VAL E 215 16.76 19.73 -35.16
C VAL E 215 16.89 21.10 -34.50
N ASN E 216 15.87 21.94 -34.63
CA ASN E 216 15.88 23.30 -34.09
C ASN E 216 14.85 23.47 -32.97
N MET E 217 14.54 22.39 -32.26
CA MET E 217 13.46 22.43 -31.28
C MET E 217 13.76 23.44 -30.17
N PHE E 218 14.98 23.45 -29.64
CA PHE E 218 15.30 24.20 -28.44
C PHE E 218 15.81 25.61 -28.71
N GLU E 219 16.16 25.93 -29.95
CA GLU E 219 16.81 27.20 -30.21
C GLU E 219 15.89 28.40 -30.05
N HIS E 220 14.65 28.21 -29.60
CA HIS E 220 13.73 29.32 -29.41
C HIS E 220 12.91 29.26 -28.14
N ASP E 221 13.14 28.27 -27.28
CA ASP E 221 12.44 28.18 -26.00
C ASP E 221 13.31 28.60 -24.83
N ARG E 222 14.38 29.36 -25.09
CA ARG E 222 15.22 29.85 -24.01
C ARG E 222 14.36 30.55 -22.96
N SER E 223 14.82 30.50 -21.72
CA SER E 223 14.13 31.17 -20.62
C SER E 223 15.05 31.20 -19.41
N ALA E 224 14.52 31.72 -18.30
CA ALA E 224 15.33 31.86 -17.10
C ALA E 224 15.46 30.56 -16.32
N ALA E 225 14.72 29.52 -16.69
CA ALA E 225 14.74 28.27 -15.94
C ALA E 225 15.53 27.18 -16.64
N ARG E 226 15.58 27.18 -17.97
CA ARG E 226 16.06 26.02 -18.70
C ARG E 226 17.54 26.04 -19.01
N GLY E 227 18.19 27.18 -18.92
CA GLY E 227 19.61 27.18 -19.22
C GLY E 227 19.87 26.84 -20.67
N LEU E 228 20.90 26.02 -20.89
CA LEU E 228 21.40 25.73 -22.24
C LEU E 228 20.89 24.36 -22.69
N MET E 229 19.63 24.34 -23.14
CA MET E 229 19.11 23.17 -23.83
C MET E 229 19.62 23.14 -25.27
N SER E 230 19.94 21.95 -25.77
CA SER E 230 20.46 21.83 -27.12
C SER E 230 20.21 20.42 -27.64
N SER E 231 20.14 20.29 -28.96
CA SER E 231 19.96 19.01 -29.63
C SER E 231 21.26 18.62 -30.32
N ARG E 232 21.71 17.40 -30.08
CA ARG E 232 23.06 16.96 -30.44
C ARG E 232 23.11 15.98 -31.60
N LYS E 233 22.20 15.01 -31.65
CA LYS E 233 22.20 14.02 -32.71
C LYS E 233 20.77 13.60 -33.03
N LEU E 234 20.53 13.29 -34.30
CA LEU E 234 19.23 12.83 -34.75
C LEU E 234 19.47 11.76 -35.81
N ILE E 235 19.22 10.50 -35.44
CA ILE E 235 19.36 9.37 -36.35
C ILE E 235 17.97 8.90 -36.74
N VAL E 236 17.73 8.79 -38.04
CA VAL E 236 16.43 8.39 -38.57
C VAL E 236 16.60 7.10 -39.38
N PHE E 237 15.73 6.14 -39.15
CA PHE E 237 15.76 4.85 -39.82
C PHE E 237 14.55 4.76 -40.73
N LYS E 238 14.76 4.91 -42.03
CA LYS E 238 13.68 4.83 -43.01
C LYS E 238 13.61 3.42 -43.57
N HIS E 239 12.43 2.79 -43.46
CA HIS E 239 12.23 1.44 -43.97
C HIS E 239 11.75 1.50 -45.41
N GLN E 240 12.25 0.57 -46.22
CA GLN E 240 11.89 0.51 -47.64
C GLN E 240 10.46 0.03 -47.87
N ASN E 241 9.69 -0.24 -46.81
CA ASN E 241 8.40 -0.88 -46.93
C ASN E 241 7.39 -0.13 -46.08
N ARG E 242 6.11 -0.26 -46.48
CA ARG E 242 5.05 0.43 -45.74
C ARG E 242 4.93 -0.09 -44.33
N LEU E 243 5.07 -1.40 -44.13
CA LEU E 243 4.91 -1.99 -42.81
C LEU E 243 6.23 -2.22 -42.08
N GLY E 244 7.35 -1.89 -42.70
CA GLY E 244 8.65 -2.02 -42.05
C GLY E 244 9.34 -3.33 -42.37
N ASN E 245 10.66 -3.33 -42.16
CA ASN E 245 11.50 -4.48 -42.46
C ASN E 245 12.30 -4.99 -41.27
N ALA E 246 12.35 -4.25 -40.16
CA ALA E 246 13.08 -4.68 -38.98
C ALA E 246 12.35 -4.20 -37.74
N PRO E 247 12.51 -4.90 -36.61
CA PRO E 247 11.89 -4.42 -35.37
C PRO E 247 12.47 -3.08 -34.94
N ALA E 248 11.65 -2.28 -34.26
CA ALA E 248 12.12 -0.98 -33.78
C ALA E 248 13.23 -1.15 -32.76
N HIS E 249 13.09 -2.11 -31.84
CA HIS E 249 14.07 -2.23 -30.76
C HIS E 249 15.45 -2.61 -31.30
N LYS E 250 15.50 -3.40 -32.37
CA LYS E 250 16.78 -3.71 -32.99
C LYS E 250 17.44 -2.45 -33.52
N LEU E 251 16.66 -1.58 -34.16
CA LEU E 251 17.21 -0.36 -34.72
C LEU E 251 17.69 0.59 -33.62
N PHE E 252 16.89 0.76 -32.57
CA PHE E 252 17.26 1.67 -31.51
C PHE E 252 18.57 1.26 -30.85
N ASP E 253 18.92 -0.02 -30.92
CA ASP E 253 20.14 -0.50 -30.30
C ASP E 253 21.37 -0.25 -31.17
N LEU E 254 21.19 0.09 -32.44
CA LEU E 254 22.34 0.38 -33.29
C LEU E 254 23.08 1.62 -32.81
N VAL E 255 22.35 2.64 -32.38
CA VAL E 255 22.96 3.86 -31.87
C VAL E 255 23.25 3.65 -30.38
N LYS E 256 24.54 3.66 -30.03
CA LYS E 256 25.00 3.35 -28.69
C LYS E 256 25.79 4.54 -28.14
N VAL E 257 25.51 4.89 -26.89
CA VAL E 257 26.14 6.04 -26.24
C VAL E 257 26.77 5.58 -24.95
N SER E 258 28.04 5.95 -24.75
CA SER E 258 28.79 5.52 -23.58
C SER E 258 29.84 6.59 -23.27
N ARG E 259 30.45 6.46 -22.10
CA ARG E 259 31.41 7.45 -21.66
C ARG E 259 32.60 7.51 -22.59
N ALA E 260 33.07 8.72 -22.87
CA ALA E 260 34.22 8.89 -23.75
C ALA E 260 35.43 8.19 -23.17
N GLU E 261 36.49 8.13 -23.97
CA GLU E 261 37.72 7.46 -23.56
C GLU E 261 38.49 8.31 -22.55
N GLY E 262 38.57 7.85 -21.32
CA GLY E 262 39.32 8.56 -20.29
C GLY E 262 38.57 9.66 -19.59
N SER E 263 37.31 9.91 -19.94
CA SER E 263 36.49 10.90 -19.23
C SER E 263 35.73 10.19 -18.12
N SER E 264 36.44 9.97 -17.01
CA SER E 264 35.95 9.12 -15.92
C SER E 264 35.34 9.90 -14.75
N GLY E 265 35.25 11.21 -14.84
CA GLY E 265 34.54 11.97 -13.83
C GLY E 265 33.07 12.03 -14.13
N PRO E 266 32.32 12.68 -13.24
CA PRO E 266 30.90 12.91 -13.52
C PRO E 266 30.74 13.82 -14.72
N ALA E 267 29.88 13.42 -15.65
CA ALA E 267 29.79 14.10 -16.92
C ALA E 267 29.34 15.54 -16.74
N ARG E 268 29.98 16.44 -17.48
CA ARG E 268 29.59 17.84 -17.47
C ARG E 268 29.64 18.47 -18.86
N SER E 269 29.93 17.70 -19.91
CA SER E 269 29.88 18.20 -21.27
C SER E 269 29.55 17.04 -22.19
N PHE E 270 29.02 17.37 -23.37
CA PHE E 270 28.70 16.32 -24.34
C PHE E 270 29.95 15.55 -24.74
N ALA E 271 31.12 16.19 -24.70
CA ALA E 271 32.35 15.50 -25.04
C ALA E 271 32.60 14.32 -24.13
N ASP E 272 32.00 14.30 -22.94
CA ASP E 272 32.20 13.19 -22.02
C ASP E 272 31.53 11.91 -22.47
N TYR E 273 30.70 11.96 -23.51
CA TYR E 273 30.04 10.79 -24.05
C TYR E 273 30.47 10.57 -25.49
N ALA E 274 30.59 9.30 -25.88
CA ALA E 274 30.89 8.91 -27.24
C ALA E 274 29.72 8.15 -27.81
N VAL E 275 29.27 8.55 -29.01
CA VAL E 275 28.09 7.98 -29.63
C VAL E 275 28.48 7.39 -30.97
N THR E 276 28.06 6.16 -31.24
CA THR E 276 28.37 5.46 -32.47
C THR E 276 27.13 4.75 -32.98
N VAL E 277 27.04 4.64 -34.31
CA VAL E 277 25.89 4.05 -34.97
C VAL E 277 26.34 2.80 -35.70
N GLY E 278 25.64 1.69 -35.48
CA GLY E 278 26.00 0.43 -36.10
C GLY E 278 25.49 0.31 -37.52
N GLN E 279 25.60 -0.91 -38.04
CA GLN E 279 25.17 -1.19 -39.41
C GLN E 279 23.68 -1.54 -39.43
N ALA E 280 22.94 -0.88 -40.31
CA ALA E 280 21.52 -1.12 -40.42
C ALA E 280 21.25 -2.40 -41.20
N PRO E 281 20.15 -3.11 -40.91
CA PRO E 281 19.78 -4.25 -41.73
C PRO E 281 19.56 -3.83 -43.18
N GLU E 282 19.72 -4.80 -44.08
CA GLU E 282 19.75 -4.49 -45.51
C GLU E 282 18.47 -3.81 -45.99
N GLY E 283 17.36 -4.01 -45.29
CA GLY E 283 16.11 -3.39 -45.69
C GLY E 283 15.84 -2.04 -45.08
N VAL E 284 16.76 -1.50 -44.30
CA VAL E 284 16.54 -0.26 -43.56
C VAL E 284 17.68 0.70 -43.88
N GLU E 285 17.35 1.98 -44.02
CA GLU E 285 18.29 3.03 -44.34
C GLU E 285 18.46 3.93 -43.13
N VAL E 286 19.70 4.21 -42.75
CA VAL E 286 20.03 5.04 -41.59
C VAL E 286 20.70 6.31 -42.08
N LYS E 287 20.23 7.45 -41.57
CA LYS E 287 20.75 8.76 -41.96
C LYS E 287 21.01 9.57 -40.70
N GLU E 288 22.08 10.35 -40.72
CA GLU E 288 22.42 11.25 -39.62
C GLU E 288 21.85 12.62 -39.94
N MET E 289 20.59 12.86 -39.56
CA MET E 289 19.96 14.13 -39.86
C MET E 289 20.71 15.30 -39.23
N LEU E 290 21.46 15.06 -38.16
CA LEU E 290 22.18 16.11 -37.46
C LEU E 290 23.39 15.52 -36.77
N MET F 1 5.36 49.47 -30.74
CA MET F 1 6.78 49.76 -30.39
C MET F 1 7.73 48.99 -31.31
N THR F 2 8.83 49.64 -31.70
CA THR F 2 9.82 49.02 -32.57
C THR F 2 10.74 48.10 -31.76
N ALA F 3 11.34 47.14 -32.46
CA ALA F 3 12.15 46.13 -31.80
C ALA F 3 13.28 45.70 -32.72
N ILE F 4 14.28 45.05 -32.13
CA ILE F 4 15.42 44.57 -32.90
C ILE F 4 14.96 43.59 -33.97
N ALA F 5 15.79 43.41 -34.99
CA ALA F 5 15.46 42.55 -36.12
C ALA F 5 16.48 41.44 -36.35
N ASN F 6 17.32 41.14 -35.36
CA ASN F 6 18.31 40.09 -35.49
C ASN F 6 18.33 39.25 -34.22
N ARG F 7 18.81 38.01 -34.34
CA ARG F 7 18.94 37.12 -33.21
C ARG F 7 20.39 37.07 -32.75
N TYR F 8 20.59 37.11 -31.43
CA TYR F 8 21.91 37.23 -30.84
C TYR F 8 22.19 36.12 -29.84
N GLU F 9 23.44 35.68 -29.80
CA GLU F 9 24.03 35.01 -28.67
C GLU F 9 25.28 35.78 -28.26
N PHE F 10 25.64 35.69 -26.98
CA PHE F 10 26.84 36.36 -26.48
C PHE F 10 27.42 35.54 -25.35
N VAL F 11 28.72 35.75 -25.10
CA VAL F 11 29.42 35.15 -23.98
C VAL F 11 30.23 36.22 -23.29
N LEU F 12 30.11 36.31 -21.97
CA LEU F 12 30.80 37.30 -21.16
C LEU F 12 31.73 36.58 -20.19
N LEU F 13 32.97 37.07 -20.09
CA LEU F 13 33.95 36.52 -19.16
C LEU F 13 34.21 37.53 -18.06
N PHE F 14 34.01 37.11 -16.82
CA PHE F 14 34.31 37.94 -15.67
C PHE F 14 35.00 37.07 -14.62
N ASP F 15 35.88 37.70 -13.84
CA ASP F 15 36.66 36.98 -12.86
C ASP F 15 36.66 37.75 -11.55
N VAL F 16 36.87 37.03 -10.45
CA VAL F 16 36.89 37.61 -9.12
C VAL F 16 38.17 37.19 -8.43
N GLU F 17 38.84 38.15 -7.79
CA GLU F 17 40.09 37.91 -7.07
C GLU F 17 39.88 38.25 -5.61
N ASN F 18 40.10 37.27 -4.74
CA ASN F 18 39.97 37.45 -3.30
C ASN F 18 38.65 38.15 -2.96
N GLY F 19 37.56 37.48 -3.27
CA GLY F 19 36.25 38.05 -3.00
C GLY F 19 35.17 36.99 -3.16
N ASN F 20 33.96 37.38 -2.74
CA ASN F 20 32.81 36.51 -2.82
C ASN F 20 31.91 37.01 -3.94
N PRO F 21 31.89 36.35 -5.11
CA PRO F 21 31.05 36.87 -6.20
C PRO F 21 29.57 36.65 -5.97
N ASN F 22 29.19 35.51 -5.38
CA ASN F 22 27.78 35.24 -5.13
C ASN F 22 27.70 34.30 -3.93
N GLY F 23 27.12 34.78 -2.83
CA GLY F 23 27.00 33.95 -1.65
C GLY F 23 25.91 32.90 -1.80
N ASP F 24 25.99 31.89 -0.94
CA ASP F 24 25.02 30.81 -0.94
C ASP F 24 24.18 30.89 0.32
N PRO F 25 22.89 31.22 0.23
CA PRO F 25 22.06 31.28 1.45
C PRO F 25 22.00 29.97 2.22
N ASP F 26 22.19 28.84 1.56
CA ASP F 26 22.09 27.53 2.19
C ASP F 26 23.43 26.98 2.66
N ALA F 27 24.52 27.72 2.49
CA ALA F 27 25.85 27.28 2.89
C ALA F 27 26.55 28.37 3.69
N GLY F 28 25.80 29.09 4.52
CA GLY F 28 26.40 30.10 5.35
C GLY F 28 27.10 31.19 4.57
N ASN F 29 26.54 31.58 3.43
CA ASN F 29 27.03 32.67 2.59
C ASN F 29 28.37 32.35 1.92
N MET F 30 28.78 31.10 1.90
CA MET F 30 29.98 30.74 1.17
C MET F 30 29.71 30.89 -0.33
N PRO F 31 30.75 31.08 -1.13
CA PRO F 31 30.55 31.19 -2.58
C PRO F 31 29.88 29.94 -3.13
N ARG F 32 28.97 30.14 -4.07
CA ARG F 32 28.31 28.99 -4.70
C ARG F 32 29.34 28.14 -5.44
N ILE F 33 29.16 26.82 -5.37
CA ILE F 33 30.00 25.88 -6.10
C ILE F 33 29.14 24.73 -6.59
N ASP F 34 29.62 24.07 -7.63
CA ASP F 34 29.06 22.81 -8.07
C ASP F 34 29.67 21.72 -7.19
N PRO F 35 28.92 21.17 -6.23
CA PRO F 35 29.55 20.35 -5.20
C PRO F 35 30.31 19.16 -5.75
N GLU F 36 29.84 18.55 -6.82
CA GLU F 36 30.49 17.35 -7.34
C GLU F 36 31.81 17.65 -8.04
N THR F 37 32.01 18.88 -8.50
CA THR F 37 33.19 19.23 -9.28
C THR F 37 34.01 20.36 -8.69
N GLY F 38 33.43 21.21 -7.85
CA GLY F 38 34.15 22.31 -7.26
C GLY F 38 34.14 23.59 -8.05
N HIS F 39 33.63 23.58 -9.28
CA HIS F 39 33.56 24.80 -10.05
C HIS F 39 32.61 25.79 -9.39
N GLY F 40 33.01 27.06 -9.41
CA GLY F 40 32.16 28.09 -8.84
C GLY F 40 30.97 28.40 -9.72
N LEU F 41 29.94 28.95 -9.10
CA LEU F 41 28.72 29.33 -9.80
C LEU F 41 28.32 30.74 -9.40
N VAL F 42 27.65 31.43 -10.31
CA VAL F 42 26.99 32.70 -10.03
C VAL F 42 25.67 32.71 -10.77
N THR F 43 24.57 32.88 -10.04
CA THR F 43 23.26 32.78 -10.63
C THR F 43 23.06 33.84 -11.69
N ASP F 44 22.25 33.50 -12.71
CA ASP F 44 21.83 34.50 -13.68
C ASP F 44 21.17 35.68 -12.97
N VAL F 45 20.53 35.42 -11.83
CA VAL F 45 19.83 36.47 -11.11
C VAL F 45 20.80 37.52 -10.61
N CYS F 46 21.98 37.11 -10.15
CA CYS F 46 22.95 38.09 -9.66
C CYS F 46 23.39 39.03 -10.78
N LEU F 47 23.69 38.48 -11.95
CA LEU F 47 24.11 39.32 -13.08
C LEU F 47 22.96 40.20 -13.55
N LYS F 48 21.74 39.68 -13.53
CA LYS F 48 20.59 40.50 -13.91
C LYS F 48 20.39 41.65 -12.94
N ARG F 49 20.61 41.41 -11.65
CA ARG F 49 20.55 42.50 -10.68
C ARG F 49 21.64 43.52 -10.93
N LYS F 50 22.84 43.06 -11.28
CA LYS F 50 23.90 44.02 -11.57
C LYS F 50 23.52 44.89 -12.77
N ILE F 51 22.92 44.28 -13.79
CA ILE F 51 22.44 45.05 -14.94
C ILE F 51 21.38 46.04 -14.49
N ARG F 52 20.44 45.60 -13.66
CA ARG F 52 19.36 46.46 -13.18
C ARG F 52 19.94 47.66 -12.44
N ASN F 53 20.89 47.42 -11.55
CA ASN F 53 21.51 48.50 -10.81
C ASN F 53 22.24 49.46 -11.74
N HIS F 54 22.93 48.93 -12.74
CA HIS F 54 23.61 49.81 -13.69
C HIS F 54 22.61 50.68 -14.44
N VAL F 55 21.49 50.09 -14.87
CA VAL F 55 20.50 50.85 -15.61
C VAL F 55 19.89 51.94 -14.74
N ALA F 56 19.58 51.61 -13.48
CA ALA F 56 19.03 52.61 -12.57
C ALA F 56 20.04 53.72 -12.32
N LEU F 57 21.32 53.36 -12.16
CA LEU F 57 22.35 54.37 -11.95
C LEU F 57 22.46 55.30 -13.14
N THR F 58 22.40 54.74 -14.35
CA THR F 58 22.63 55.55 -15.55
C THR F 58 21.41 56.39 -15.90
N LYS F 59 20.28 55.75 -16.20
CA LYS F 59 19.12 56.46 -16.73
C LYS F 59 18.34 57.22 -15.66
N GLU F 60 18.62 56.97 -14.38
CA GLU F 60 18.04 57.77 -13.30
C GLU F 60 16.53 57.89 -13.42
N GLY F 61 15.85 56.78 -13.72
CA GLY F 61 14.40 56.76 -13.67
C GLY F 61 13.70 57.48 -14.79
N ALA F 62 14.33 57.64 -15.95
CA ALA F 62 13.66 58.26 -17.09
C ALA F 62 12.33 57.55 -17.36
N GLU F 63 11.45 58.22 -18.11
CA GLU F 63 10.08 57.77 -18.20
C GLU F 63 9.96 56.38 -18.84
N ARG F 64 10.96 55.93 -19.58
CA ARG F 64 10.95 54.62 -20.20
C ARG F 64 11.87 53.63 -19.52
N PHE F 65 12.72 54.08 -18.59
CA PHE F 65 13.81 53.26 -18.08
C PHE F 65 13.74 53.05 -16.57
N ASN F 66 12.55 53.08 -15.99
CA ASN F 66 12.42 52.74 -14.58
C ASN F 66 12.68 51.25 -14.39
N ILE F 67 13.06 50.89 -13.17
CA ILE F 67 13.35 49.50 -12.81
C ILE F 67 12.19 48.97 -12.00
N TYR F 68 11.70 47.79 -12.39
CA TYR F 68 10.50 47.23 -11.78
C TYR F 68 10.78 46.73 -10.37
N ILE F 69 11.89 46.03 -10.18
CA ILE F 69 12.24 45.50 -8.85
C ILE F 69 13.25 46.48 -8.25
N GLN F 70 12.74 47.43 -7.49
CA GLN F 70 13.58 48.45 -6.87
C GLN F 70 14.08 47.98 -5.52
N GLU F 71 15.05 48.72 -4.98
CA GLU F 71 15.54 48.45 -3.64
C GLU F 71 14.40 48.54 -2.63
N LYS F 72 13.55 49.56 -2.76
CA LYS F 72 12.45 49.81 -1.83
C LYS F 72 11.18 50.00 -2.66
N ALA F 73 10.39 48.95 -2.81
CA ALA F 73 9.17 49.01 -3.60
C ALA F 73 8.21 47.92 -3.14
N ILE F 74 6.92 48.19 -3.32
CA ILE F 74 5.86 47.21 -3.12
C ILE F 74 5.21 46.99 -4.48
N LEU F 75 5.36 45.78 -5.02
CA LEU F 75 5.06 45.58 -6.43
C LEU F 75 3.57 45.74 -6.73
N ASN F 76 2.71 45.36 -5.79
CA ASN F 76 1.28 45.50 -6.04
C ASN F 76 0.89 46.95 -6.28
N GLU F 77 1.52 47.87 -5.54
CA GLU F 77 1.29 49.29 -5.82
C GLU F 77 1.77 49.67 -7.21
N THR F 78 2.88 49.08 -7.65
CA THR F 78 3.37 49.36 -9.00
C THR F 78 2.41 48.85 -10.06
N HIS F 79 1.70 47.75 -9.77
CA HIS F 79 0.64 47.31 -10.68
C HIS F 79 -0.55 48.26 -10.63
N GLU F 80 -0.88 48.74 -9.44
CA GLU F 80 -2.00 49.67 -9.31
C GLU F 80 -1.74 50.95 -10.11
N ARG F 81 -0.47 51.37 -10.18
CA ARG F 81 -0.14 52.50 -11.03
C ARG F 81 -0.48 52.20 -12.49
N ALA F 82 -0.19 50.99 -12.95
CA ALA F 82 -0.54 50.61 -14.31
C ALA F 82 -2.05 50.63 -14.51
N TYR F 83 -2.79 50.10 -13.55
CA TYR F 83 -4.25 50.06 -13.69
C TYR F 83 -4.82 51.47 -13.76
N THR F 84 -4.31 52.37 -12.92
CA THR F 84 -4.77 53.75 -12.98
C THR F 84 -4.34 54.42 -14.28
N ALA F 85 -3.19 54.02 -14.83
CA ALA F 85 -2.73 54.60 -16.08
C ALA F 85 -3.65 54.29 -17.23
N CYS F 86 -4.22 53.08 -17.26
CA CYS F 86 -5.13 52.68 -18.34
C CYS F 86 -6.56 53.13 -18.10
N ASP F 87 -6.85 53.73 -16.94
CA ASP F 87 -8.20 54.18 -16.62
C ASP F 87 -9.16 53.01 -16.48
N LEU F 88 -8.78 52.04 -15.65
CA LEU F 88 -9.58 50.84 -15.42
C LEU F 88 -9.47 50.42 -13.95
N LYS F 89 -10.50 49.73 -13.48
CA LYS F 89 -10.54 49.28 -12.08
C LYS F 89 -9.96 47.87 -11.99
N PRO F 90 -9.00 47.64 -11.07
CA PRO F 90 -8.49 46.26 -10.90
C PRO F 90 -9.55 45.26 -10.47
N GLU F 91 -9.15 44.00 -10.38
CA GLU F 91 -9.96 42.91 -9.87
C GLU F 91 -9.06 42.12 -8.92
N PRO F 92 -9.63 41.55 -7.84
CA PRO F 92 -8.77 41.00 -6.78
C PRO F 92 -7.73 39.99 -7.25
N LYS F 93 -8.04 39.15 -8.24
CA LYS F 93 -7.06 38.15 -8.68
C LYS F 93 -6.92 38.02 -10.19
N LYS F 94 -7.85 38.51 -11.00
CA LYS F 94 -7.86 38.22 -12.42
C LYS F 94 -7.51 39.45 -13.25
N LEU F 95 -7.25 39.21 -14.53
CA LEU F 95 -6.95 40.26 -15.47
C LEU F 95 -8.24 40.91 -15.95
N PRO F 96 -8.15 42.02 -16.69
CA PRO F 96 -9.35 42.57 -17.31
C PRO F 96 -10.00 41.53 -18.22
N LYS F 97 -11.34 41.50 -18.20
CA LYS F 97 -12.06 40.44 -18.88
C LYS F 97 -11.76 40.40 -20.37
N LYS F 98 -11.56 41.57 -20.99
CA LYS F 98 -11.29 41.64 -22.41
C LYS F 98 -9.79 41.68 -22.65
N VAL F 99 -9.31 40.83 -23.56
CA VAL F 99 -7.87 40.69 -23.78
C VAL F 99 -7.26 42.01 -24.25
N GLU F 100 -8.06 42.87 -24.86
CA GLU F 100 -7.51 44.12 -25.40
C GLU F 100 -6.99 45.01 -24.28
N ASP F 101 -7.79 45.22 -23.24
CA ASP F 101 -7.35 46.07 -22.14
C ASP F 101 -6.23 45.40 -21.34
N ALA F 102 -6.27 44.07 -21.20
CA ALA F 102 -5.18 43.38 -20.54
C ALA F 102 -3.87 43.59 -21.30
N LYS F 103 -3.92 43.50 -22.63
CA LYS F 103 -2.74 43.78 -23.43
C LYS F 103 -2.31 45.23 -23.26
N ARG F 104 -3.27 46.16 -23.12
CA ARG F 104 -2.92 47.54 -22.87
C ARG F 104 -2.12 47.69 -21.58
N VAL F 105 -2.58 47.02 -20.52
CA VAL F 105 -1.88 47.10 -19.23
C VAL F 105 -0.48 46.51 -19.35
N THR F 106 -0.38 45.31 -19.92
CA THR F 106 0.93 44.67 -20.05
C THR F 106 1.86 45.51 -20.91
N ASP F 107 1.32 46.16 -21.94
CA ASP F 107 2.13 47.01 -22.80
C ASP F 107 2.59 48.27 -22.07
N TRP F 108 1.75 48.84 -21.22
CA TRP F 108 2.18 49.96 -20.39
C TRP F 108 3.35 49.53 -19.50
N MET F 109 3.21 48.38 -18.85
CA MET F 109 4.29 47.87 -18.01
C MET F 109 5.57 47.70 -18.82
N CYS F 110 5.49 47.02 -19.95
CA CYS F 110 6.67 46.82 -20.78
C CYS F 110 7.25 48.15 -21.27
N THR F 111 6.40 49.14 -21.49
CA THR F 111 6.86 50.40 -22.06
C THR F 111 7.65 51.21 -21.05
N ASN F 112 7.14 51.30 -19.82
CA ASN F 112 7.79 52.17 -18.83
C ASN F 112 8.98 51.53 -18.14
N PHE F 113 8.94 50.23 -17.84
CA PHE F 113 9.98 49.59 -17.05
C PHE F 113 10.96 48.86 -17.97
N TYR F 114 12.24 49.21 -17.87
CA TYR F 114 13.24 48.62 -18.75
C TYR F 114 13.47 47.15 -18.44
N ASP F 115 13.47 46.79 -17.16
CA ASP F 115 13.81 45.42 -16.81
C ASP F 115 12.68 44.45 -17.12
N ILE F 116 11.43 44.91 -17.04
CA ILE F 116 10.33 44.08 -17.54
C ILE F 116 10.45 43.92 -19.05
N ARG F 117 10.82 45.01 -19.73
CA ARG F 117 10.98 44.96 -21.18
C ARG F 117 12.09 44.01 -21.59
N THR F 118 13.13 43.86 -20.76
CA THR F 118 14.30 43.07 -21.11
C THR F 118 14.23 41.64 -20.59
N PHE F 119 14.15 41.46 -19.28
CA PHE F 119 14.24 40.15 -18.66
C PHE F 119 12.89 39.51 -18.42
N GLY F 120 11.79 40.19 -18.74
CA GLY F 120 10.48 39.65 -18.44
C GLY F 120 10.17 39.77 -16.96
N ALA F 121 8.96 39.34 -16.60
CA ALA F 121 8.53 39.43 -15.22
C ALA F 121 7.30 38.56 -15.01
N VAL F 122 7.05 38.23 -13.75
CA VAL F 122 5.84 37.53 -13.32
C VAL F 122 5.10 38.44 -12.37
N MET F 123 3.89 38.85 -12.76
CA MET F 123 3.12 39.83 -12.00
C MET F 123 1.67 39.37 -11.90
N THR F 124 1.47 38.11 -11.52
CA THR F 124 0.14 37.53 -11.35
C THR F 124 -0.37 37.70 -9.92
N THR F 125 0.02 38.78 -9.25
CA THR F 125 -0.33 39.02 -7.86
C THR F 125 -1.76 39.52 -7.73
N GLU F 126 -2.13 40.03 -6.55
CA GLU F 126 -3.48 40.50 -6.32
C GLU F 126 -3.92 41.48 -7.41
N VAL F 127 -3.09 42.47 -7.71
CA VAL F 127 -3.31 43.34 -8.85
C VAL F 127 -2.66 42.69 -10.06
N ASN F 128 -3.38 41.76 -10.69
CA ASN F 128 -2.79 40.92 -11.72
C ASN F 128 -2.45 41.73 -12.96
N CYS F 129 -1.30 41.43 -13.56
CA CYS F 129 -0.88 42.06 -14.80
C CYS F 129 -0.35 41.07 -15.81
N GLY F 130 -0.37 39.77 -15.51
CA GLY F 130 0.04 38.79 -16.50
C GLY F 130 1.50 38.45 -16.41
N GLN F 131 2.12 38.23 -17.58
CA GLN F 131 3.48 37.71 -17.64
C GLN F 131 4.22 38.34 -18.81
N VAL F 132 5.54 38.23 -18.79
CA VAL F 132 6.40 38.63 -19.89
C VAL F 132 7.57 37.65 -19.94
N ARG F 133 7.80 37.02 -21.08
CA ARG F 133 8.78 35.95 -21.16
C ARG F 133 10.22 36.44 -21.21
N GLY F 134 10.47 37.64 -21.72
CA GLY F 134 11.79 38.23 -21.63
C GLY F 134 12.63 37.97 -22.86
N PRO F 135 12.87 39.00 -23.67
CA PRO F 135 13.73 38.82 -24.85
C PRO F 135 15.18 38.49 -24.52
N VAL F 136 15.65 38.73 -23.31
CA VAL F 136 17.04 38.52 -22.93
C VAL F 136 17.11 37.47 -21.84
N GLN F 137 17.95 36.46 -22.05
CA GLN F 137 18.09 35.34 -21.13
C GLN F 137 19.57 35.07 -20.88
N MET F 138 19.89 34.60 -19.68
CA MET F 138 21.25 34.28 -19.31
C MET F 138 21.28 32.97 -18.54
N ALA F 139 22.35 32.21 -18.73
CA ALA F 139 22.54 30.98 -18.00
C ALA F 139 23.44 31.21 -16.78
N PHE F 140 23.57 30.17 -15.96
CA PHE F 140 24.46 30.26 -14.81
C PHE F 140 25.89 30.51 -15.27
N ALA F 141 26.57 31.43 -14.61
CA ALA F 141 27.99 31.64 -14.83
C ALA F 141 28.78 30.60 -14.07
N ARG F 142 29.55 29.81 -14.80
CA ARG F 142 30.30 28.69 -14.23
C ARG F 142 31.78 28.88 -14.51
N SER F 143 32.60 28.63 -13.49
CA SER F 143 34.03 28.89 -13.62
C SER F 143 34.65 28.01 -14.69
N VAL F 144 35.88 28.36 -15.08
CA VAL F 144 36.61 27.56 -16.04
C VAL F 144 37.38 26.44 -15.39
N GLU F 145 37.80 26.61 -14.14
CA GLU F 145 38.47 25.53 -13.40
C GLU F 145 38.02 25.61 -11.95
N PRO F 146 38.15 24.51 -11.21
CA PRO F 146 37.64 24.50 -9.84
C PRO F 146 38.25 25.60 -9.00
N VAL F 147 37.45 26.14 -8.09
CA VAL F 147 37.86 27.20 -7.18
C VAL F 147 37.77 26.67 -5.76
N VAL F 148 38.65 27.14 -4.90
CA VAL F 148 38.69 26.70 -3.50
C VAL F 148 38.33 27.89 -2.61
N PRO F 149 37.06 28.08 -2.27
CA PRO F 149 36.72 29.18 -1.37
C PRO F 149 37.37 29.02 -0.01
N GLN F 150 37.71 30.14 0.62
CA GLN F 150 38.41 30.14 1.89
C GLN F 150 37.59 30.92 2.91
N GLU F 151 37.43 30.34 4.10
CA GLU F 151 36.79 31.03 5.20
C GLU F 151 37.85 31.71 6.04
N VAL F 152 37.72 33.02 6.22
CA VAL F 152 38.69 33.82 6.96
C VAL F 152 37.98 34.42 8.17
N SER F 153 38.54 34.19 9.35
CA SER F 153 37.96 34.73 10.58
C SER F 153 38.51 36.12 10.84
N ILE F 154 37.61 37.03 11.20
CA ILE F 154 37.97 38.40 11.53
C ILE F 154 37.34 38.76 12.87
N THR F 155 37.90 39.79 13.50
CA THR F 155 37.57 40.16 14.87
C THR F 155 37.07 41.60 14.90
N ARG F 156 36.22 41.91 15.89
CA ARG F 156 35.69 43.25 16.06
C ARG F 156 36.01 43.77 17.46
N MET F 157 36.39 45.05 17.52
CA MET F 157 36.67 45.69 18.80
C MET F 157 35.40 45.99 19.57
N ALA F 158 34.38 46.50 18.89
CA ALA F 158 33.17 46.91 19.57
C ALA F 158 32.32 45.71 19.96
N VAL F 159 31.32 45.97 20.79
CA VAL F 159 30.33 44.98 21.20
C VAL F 159 28.95 45.55 20.91
N THR F 160 28.09 44.74 20.30
CA THR F 160 26.84 45.25 19.77
C THR F 160 25.90 45.70 20.89
N THR F 161 25.72 44.88 21.91
CA THR F 161 24.72 45.10 22.94
C THR F 161 25.35 45.12 24.33
N LYS F 162 24.51 45.39 25.32
CA LYS F 162 24.88 45.14 26.71
C LYS F 162 24.62 43.69 27.05
N ALA F 163 25.55 43.08 27.78
CA ALA F 163 25.43 41.67 28.11
C ALA F 163 26.25 41.38 29.35
N GLU F 164 25.94 40.24 29.99
CA GLU F 164 26.70 39.78 31.14
C GLU F 164 28.12 39.35 30.78
N ALA F 165 28.37 39.08 29.50
CA ALA F 165 29.70 38.67 29.05
C ALA F 165 30.72 39.81 29.15
N GLU F 166 30.28 41.03 29.39
CA GLU F 166 31.18 42.17 29.54
C GLU F 166 31.42 42.49 31.02
N ASP F 171 38.76 42.34 28.47
CA ASP F 171 37.43 42.76 28.05
C ASP F 171 36.87 41.80 27.01
N ASN F 172 35.61 42.00 26.63
CA ASN F 172 34.97 41.13 25.66
C ASN F 172 35.38 41.49 24.25
N ARG F 173 35.69 40.47 23.44
CA ARG F 173 36.04 40.65 22.03
C ARG F 173 35.31 39.59 21.22
N THR F 174 34.73 40.02 20.09
CA THR F 174 33.82 39.19 19.31
C THR F 174 34.50 38.69 18.05
N MET F 175 34.05 37.55 17.53
CA MET F 175 34.65 36.91 16.38
C MET F 175 33.64 36.82 15.23
N GLY F 176 34.11 37.14 14.03
CA GLY F 176 33.29 37.04 12.83
C GLY F 176 34.07 36.41 11.70
N ARG F 177 33.58 36.50 10.46
CA ARG F 177 34.26 35.82 9.37
C ARG F 177 33.87 36.44 8.03
N LYS F 178 34.69 36.12 7.03
CA LYS F 178 34.42 36.41 5.62
C LYS F 178 34.71 35.15 4.82
N HIS F 179 34.13 35.09 3.62
CA HIS F 179 34.37 33.99 2.70
C HIS F 179 34.94 34.53 1.40
N ILE F 180 36.01 33.89 0.92
CA ILE F 180 36.87 34.45 -0.11
C ILE F 180 37.12 33.38 -1.17
N VAL F 181 36.98 33.75 -2.43
CA VAL F 181 37.48 32.91 -3.52
C VAL F 181 38.84 33.45 -3.95
N PRO F 182 39.92 32.66 -3.84
CA PRO F 182 41.23 33.22 -4.22
C PRO F 182 41.25 33.81 -5.62
N TYR F 183 40.87 33.04 -6.63
CA TYR F 183 40.71 33.55 -7.97
C TYR F 183 39.86 32.57 -8.76
N GLY F 184 39.06 33.10 -9.68
CA GLY F 184 38.23 32.27 -10.52
C GLY F 184 37.73 32.99 -11.75
N LEU F 185 37.87 32.36 -12.90
CA LEU F 185 37.43 32.93 -14.17
C LEU F 185 36.10 32.30 -14.54
N TYR F 186 35.09 33.13 -14.78
CA TYR F 186 33.73 32.68 -15.03
C TYR F 186 33.33 33.03 -16.45
N VAL F 187 32.58 32.13 -17.08
CA VAL F 187 32.06 32.31 -18.43
C VAL F 187 30.54 32.30 -18.33
N ALA F 188 29.91 33.34 -18.85
CA ALA F 188 28.46 33.50 -18.82
C ALA F 188 27.92 33.47 -20.25
N HIS F 189 27.02 32.53 -20.53
CA HIS F 189 26.36 32.42 -21.82
C HIS F 189 24.99 33.07 -21.76
N GLY F 190 24.61 33.77 -22.82
CA GLY F 190 23.33 34.43 -22.89
C GLY F 190 22.72 34.33 -24.27
N PHE F 191 21.42 34.62 -24.33
CA PHE F 191 20.66 34.52 -25.57
C PHE F 191 19.72 35.70 -25.69
N ILE F 192 19.42 36.09 -26.93
CA ILE F 192 18.42 37.11 -27.23
C ILE F 192 17.64 36.65 -28.45
N SER F 193 16.33 36.84 -28.43
CA SER F 193 15.45 36.37 -29.48
C SER F 193 14.62 37.52 -30.01
N ALA F 194 14.74 37.79 -31.31
CA ALA F 194 13.89 38.80 -31.95
C ALA F 194 12.40 38.48 -31.83
N PRO F 195 11.96 37.23 -31.95
CA PRO F 195 10.53 36.95 -31.83
C PRO F 195 9.90 37.45 -30.54
N LEU F 196 10.66 37.50 -29.44
CA LEU F 196 10.15 38.05 -28.20
C LEU F 196 10.34 39.57 -28.13
N ALA F 197 11.43 40.08 -28.69
CA ALA F 197 11.60 41.53 -28.77
C ALA F 197 10.42 42.16 -29.49
N GLU F 198 9.91 41.49 -30.53
CA GLU F 198 8.72 41.99 -31.20
C GLU F 198 7.50 41.95 -30.30
N LYS F 199 7.44 40.96 -29.41
CA LYS F 199 6.31 40.82 -28.49
C LYS F 199 6.43 41.73 -27.27
N THR F 200 7.57 42.40 -27.10
CA THR F 200 7.78 43.24 -25.92
C THR F 200 8.26 44.65 -26.24
N GLY F 201 8.90 44.89 -27.38
CA GLY F 201 9.35 46.23 -27.71
C GLY F 201 10.80 46.50 -27.38
N PHE F 202 11.61 45.47 -27.24
CA PHE F 202 13.03 45.63 -26.93
C PHE F 202 13.74 46.22 -28.16
N SER F 203 14.13 47.48 -28.08
CA SER F 203 14.62 48.23 -29.22
C SER F 203 16.14 48.19 -29.33
N ASP F 204 16.66 48.86 -30.36
CA ASP F 204 18.10 48.98 -30.52
C ASP F 204 18.71 49.82 -29.39
N GLU F 205 18.02 50.88 -28.98
CA GLU F 205 18.51 51.66 -27.85
C GLU F 205 18.65 50.78 -26.61
N ASP F 206 17.65 49.95 -26.33
CA ASP F 206 17.72 49.04 -25.20
C ASP F 206 18.87 48.05 -25.36
N LEU F 207 19.11 47.58 -26.58
CA LEU F 207 20.18 46.60 -26.79
C LEU F 207 21.55 47.23 -26.57
N THR F 208 21.75 48.44 -27.08
CA THR F 208 23.03 49.11 -26.85
C THR F 208 23.24 49.40 -25.38
N LEU F 209 22.19 49.85 -24.68
CA LEU F 209 22.32 50.07 -23.25
C LEU F 209 22.61 48.78 -22.52
N PHE F 210 22.01 47.66 -22.95
CA PHE F 210 22.27 46.38 -22.32
C PHE F 210 23.71 45.95 -22.50
N TRP F 211 24.25 46.10 -23.72
CA TRP F 211 25.66 45.79 -23.93
C TRP F 211 26.54 46.67 -23.06
N ASP F 212 26.20 47.96 -22.97
CA ASP F 212 26.99 48.86 -22.13
C ASP F 212 26.95 48.42 -20.67
N ALA F 213 25.78 47.99 -20.20
CA ALA F 213 25.68 47.49 -18.83
C ALA F 213 26.52 46.24 -18.63
N LEU F 214 26.53 45.33 -19.60
CA LEU F 214 27.36 44.15 -19.48
C LEU F 214 28.84 44.52 -19.40
N VAL F 215 29.28 45.47 -20.22
CA VAL F 215 30.70 45.82 -20.25
C VAL F 215 31.12 46.48 -18.93
N ASN F 216 30.35 47.46 -18.47
CA ASN F 216 30.65 48.17 -17.24
C ASN F 216 29.82 47.63 -16.06
N MET F 217 29.57 46.33 -16.04
CA MET F 217 28.65 45.75 -15.07
C MET F 217 29.12 45.97 -13.64
N PHE F 218 30.35 45.59 -13.33
CA PHE F 218 30.81 45.52 -11.96
C PHE F 218 31.49 46.78 -11.48
N GLU F 219 31.84 47.70 -12.38
CA GLU F 219 32.65 48.84 -11.99
C GLU F 219 32.02 49.66 -10.87
N HIS F 220 30.69 49.65 -10.76
CA HIS F 220 30.00 50.38 -9.71
C HIS F 220 29.32 49.45 -8.71
N ASP F 221 29.81 48.22 -8.57
CA ASP F 221 29.25 47.24 -7.65
C ASP F 221 30.21 46.89 -6.53
N ARG F 222 31.19 47.75 -6.23
CA ARG F 222 32.19 47.44 -5.22
C ARG F 222 31.54 47.37 -3.84
N SER F 223 32.18 46.60 -2.95
CA SER F 223 31.70 46.47 -1.59
C SER F 223 32.78 45.81 -0.74
N ALA F 224 32.45 45.57 0.52
CA ALA F 224 33.40 44.94 1.44
C ALA F 224 33.34 43.43 1.39
N ALA F 225 32.35 42.85 0.70
CA ALA F 225 32.29 41.40 0.52
C ALA F 225 32.99 40.97 -0.76
N ARG F 226 32.75 41.66 -1.86
CA ARG F 226 33.36 41.32 -3.13
C ARG F 226 34.80 41.81 -3.18
N GLY F 227 35.57 41.21 -4.08
CA GLY F 227 36.94 41.60 -4.35
C GLY F 227 37.06 42.42 -5.61
N LEU F 228 38.21 42.33 -6.24
CA LEU F 228 38.39 42.95 -7.55
C LEU F 228 37.66 42.12 -8.59
N MET F 229 36.40 42.47 -8.85
CA MET F 229 35.55 41.75 -9.77
C MET F 229 35.40 42.59 -11.04
N SER F 230 35.71 42.00 -12.18
CA SER F 230 35.82 42.75 -13.42
C SER F 230 35.40 41.90 -14.60
N SER F 231 34.85 42.55 -15.62
CA SER F 231 34.58 41.90 -16.89
C SER F 231 35.83 41.94 -17.77
N ARG F 232 35.99 40.90 -18.58
CA ARG F 232 37.25 40.72 -19.30
C ARG F 232 37.07 40.55 -20.80
N LYS F 233 36.00 39.88 -21.22
CA LYS F 233 35.75 39.62 -22.63
C LYS F 233 34.26 39.60 -22.88
N LEU F 234 33.88 39.98 -24.11
CA LEU F 234 32.47 39.99 -24.50
C LEU F 234 32.41 39.71 -26.01
N ILE F 235 32.13 38.47 -26.38
CA ILE F 235 32.00 38.05 -27.76
C ILE F 235 30.51 37.98 -28.08
N VAL F 236 30.10 38.68 -29.14
CA VAL F 236 28.69 38.78 -29.52
C VAL F 236 28.50 38.14 -30.87
N PHE F 237 27.63 37.15 -30.93
CA PHE F 237 27.26 36.50 -32.18
C PHE F 237 25.92 37.05 -32.62
N LYS F 238 25.90 37.71 -33.77
CA LYS F 238 24.67 38.27 -34.33
C LYS F 238 24.27 37.46 -35.55
N HIS F 239 23.05 36.94 -35.55
CA HIS F 239 22.53 36.21 -36.69
C HIS F 239 21.88 37.17 -37.68
N GLN F 240 22.04 36.87 -38.97
CA GLN F 240 21.62 37.82 -40.00
C GLN F 240 20.12 37.90 -40.19
N ASN F 241 19.33 36.95 -39.67
CA ASN F 241 17.91 36.93 -39.92
C ASN F 241 17.16 36.72 -38.61
N ARG F 242 15.83 36.82 -38.69
CA ARG F 242 15.00 36.82 -37.49
C ARG F 242 15.19 35.55 -36.67
N LEU F 243 15.20 34.40 -37.33
CA LEU F 243 15.51 33.15 -36.65
C LEU F 243 17.02 32.91 -36.74
N GLY F 244 17.46 31.70 -36.43
CA GLY F 244 18.88 31.42 -36.34
C GLY F 244 19.49 30.99 -37.67
N ASN F 245 20.83 31.04 -37.72
CA ASN F 245 21.60 30.50 -38.83
C ASN F 245 22.60 29.45 -38.38
N ALA F 246 22.65 29.13 -37.11
CA ALA F 246 23.50 28.07 -36.58
C ALA F 246 23.03 27.73 -35.18
N PRO F 247 23.22 26.49 -34.73
CA PRO F 247 22.83 26.15 -33.36
C PRO F 247 23.68 26.91 -32.36
N ALA F 248 23.06 27.29 -31.25
CA ALA F 248 23.77 28.08 -30.24
C ALA F 248 24.99 27.34 -29.73
N HIS F 249 24.84 26.06 -29.40
CA HIS F 249 25.96 25.31 -28.83
C HIS F 249 27.16 25.31 -29.77
N LYS F 250 26.93 25.38 -31.08
CA LYS F 250 28.05 25.44 -32.01
C LYS F 250 28.77 26.78 -31.91
N LEU F 251 28.02 27.86 -31.66
CA LEU F 251 28.65 29.17 -31.54
C LEU F 251 29.44 29.30 -30.24
N PHE F 252 28.85 28.85 -29.13
CA PHE F 252 29.56 28.93 -27.85
C PHE F 252 30.89 28.18 -27.90
N ASP F 253 30.94 27.10 -28.69
CA ASP F 253 32.14 26.29 -28.76
C ASP F 253 33.26 26.93 -29.58
N LEU F 254 32.98 28.05 -30.26
CA LEU F 254 34.04 28.79 -30.92
C LEU F 254 34.92 29.54 -29.92
N VAL F 255 34.36 29.91 -28.78
CA VAL F 255 35.10 30.63 -27.74
C VAL F 255 35.73 29.58 -26.84
N LYS F 256 37.05 29.43 -26.95
CA LYS F 256 37.81 28.43 -26.21
C LYS F 256 38.72 29.12 -25.22
N VAL F 257 38.66 28.69 -23.96
CA VAL F 257 39.53 29.20 -22.90
C VAL F 257 40.48 28.09 -22.50
N SER F 258 41.77 28.35 -22.65
CA SER F 258 42.81 27.37 -22.38
C SER F 258 43.81 27.94 -21.39
N ARG F 259 44.34 27.07 -20.53
CA ARG F 259 45.37 27.48 -19.60
C ARG F 259 46.57 27.98 -20.38
N ALA F 260 47.11 29.13 -19.96
CA ALA F 260 48.15 29.79 -20.72
C ALA F 260 49.39 28.90 -20.83
N GLU F 261 50.34 29.37 -21.65
CA GLU F 261 51.57 28.61 -21.86
C GLU F 261 52.44 28.66 -20.62
N GLY F 262 52.91 27.49 -20.19
CA GLY F 262 53.82 27.42 -19.07
C GLY F 262 53.24 27.86 -17.74
N SER F 263 51.92 28.00 -17.64
CA SER F 263 51.27 28.36 -16.38
C SER F 263 50.79 27.10 -15.66
N SER F 264 51.74 26.39 -15.04
CA SER F 264 51.42 25.11 -14.43
C SER F 264 50.70 25.27 -13.09
N GLY F 265 51.01 26.32 -12.34
CA GLY F 265 50.49 26.47 -11.00
C GLY F 265 49.03 26.89 -10.99
N PRO F 266 48.43 26.93 -9.80
CA PRO F 266 47.02 27.35 -9.71
C PRO F 266 46.85 28.79 -10.16
N ALA F 267 45.68 29.07 -10.73
CA ALA F 267 45.44 30.37 -11.35
C ALA F 267 45.31 31.47 -10.30
N ARG F 268 45.97 32.59 -10.55
CA ARG F 268 45.80 33.77 -9.72
C ARG F 268 45.74 35.05 -10.53
N SER F 269 45.71 34.99 -11.85
CA SER F 269 45.59 36.18 -12.68
C SER F 269 44.93 35.81 -14.00
N PHE F 270 44.36 36.81 -14.66
CA PHE F 270 43.72 36.55 -15.95
C PHE F 270 44.73 36.13 -17.00
N ALA F 271 46.00 36.53 -16.85
CA ALA F 271 47.03 36.16 -17.80
C ALA F 271 47.30 34.67 -17.81
N ASP F 272 46.84 33.94 -16.80
CA ASP F 272 47.08 32.49 -16.77
C ASP F 272 46.20 31.74 -17.75
N TYR F 273 45.22 32.40 -18.37
CA TYR F 273 44.35 31.78 -19.35
C TYR F 273 44.55 32.42 -20.71
N ALA F 274 44.32 31.64 -21.76
CA ALA F 274 44.34 32.12 -23.12
C ALA F 274 42.97 31.90 -23.75
N VAL F 275 42.40 32.96 -24.31
CA VAL F 275 41.07 32.91 -24.92
C VAL F 275 41.21 33.15 -26.41
N THR F 276 40.68 32.24 -27.21
CA THR F 276 40.73 32.33 -28.66
C THR F 276 39.33 32.14 -29.23
N VAL F 277 39.05 32.82 -30.33
CA VAL F 277 37.74 32.81 -30.95
C VAL F 277 37.90 32.36 -32.39
N GLY F 278 37.14 31.34 -32.78
CA GLY F 278 37.24 30.80 -34.12
C GLY F 278 36.42 31.60 -35.12
N GLN F 279 36.32 31.03 -36.32
CA GLN F 279 35.55 31.67 -37.39
C GLN F 279 34.09 31.23 -37.30
N ALA F 280 33.19 32.19 -37.36
CA ALA F 280 31.77 31.90 -37.25
C ALA F 280 31.21 31.39 -38.57
N PRO F 281 30.15 30.57 -38.52
CA PRO F 281 29.52 30.12 -39.77
C PRO F 281 29.13 31.26 -40.69
N GLU F 282 28.77 30.94 -41.93
CA GLU F 282 28.58 31.98 -42.95
C GLU F 282 27.45 32.94 -42.62
N GLY F 283 26.38 32.46 -42.00
CA GLY F 283 25.24 33.31 -41.70
C GLY F 283 25.31 34.07 -40.40
N VAL F 284 26.47 34.07 -39.73
CA VAL F 284 26.61 34.65 -38.40
C VAL F 284 27.75 35.65 -38.43
N GLU F 285 27.53 36.80 -37.80
CA GLU F 285 28.56 37.79 -37.56
C GLU F 285 29.04 37.68 -36.12
N VAL F 286 30.35 37.79 -35.91
CA VAL F 286 30.94 37.74 -34.58
C VAL F 286 31.63 39.07 -34.31
N LYS F 287 31.31 39.68 -33.18
CA LYS F 287 31.84 40.96 -32.78
C LYS F 287 32.40 40.86 -31.37
N GLU F 288 33.47 41.59 -31.10
CA GLU F 288 34.13 41.57 -29.80
C GLU F 288 34.11 42.98 -29.23
N MET F 289 33.51 43.13 -28.05
CA MET F 289 33.38 44.42 -27.40
C MET F 289 34.33 44.60 -26.22
N LEU F 290 35.23 43.64 -26.00
CA LEU F 290 36.23 43.75 -24.96
C LEU F 290 37.46 42.94 -25.32
N MET G 1 26.79 68.49 4.01
CA MET G 1 28.11 68.79 3.37
C MET G 1 28.14 68.26 1.94
N THR G 2 28.89 68.93 1.08
CA THR G 2 29.00 68.51 -0.31
C THR G 2 29.79 67.22 -0.43
N ALA G 3 29.47 66.43 -1.46
CA ALA G 3 30.17 65.18 -1.70
C ALA G 3 31.29 65.38 -2.72
N ILE G 4 32.18 64.39 -2.79
CA ILE G 4 33.26 64.45 -3.76
C ILE G 4 32.67 64.43 -5.17
N ALA G 5 33.48 64.85 -6.14
CA ALA G 5 33.01 65.07 -7.50
C ALA G 5 33.53 64.04 -8.50
N ASN G 6 34.33 63.07 -8.07
CA ASN G 6 34.94 62.15 -9.01
C ASN G 6 35.05 60.76 -8.41
N ARG G 7 35.09 59.77 -9.29
CA ARG G 7 35.44 58.41 -8.90
C ARG G 7 36.95 58.26 -8.85
N TYR G 8 37.44 57.49 -7.88
CA TYR G 8 38.86 57.28 -7.69
C TYR G 8 39.19 55.80 -7.61
N GLU G 9 40.41 55.47 -8.01
CA GLU G 9 41.09 54.25 -7.61
C GLU G 9 42.45 54.64 -7.04
N PHE G 10 42.95 53.84 -6.10
CA PHE G 10 44.24 54.11 -5.51
C PHE G 10 44.95 52.79 -5.27
N VAL G 11 46.28 52.87 -5.17
CA VAL G 11 47.11 51.69 -5.00
C VAL G 11 48.16 51.96 -3.93
N LEU G 12 48.04 51.30 -2.79
CA LEU G 12 48.98 51.46 -1.69
C LEU G 12 49.94 50.27 -1.63
N LEU G 13 51.22 50.57 -1.38
CA LEU G 13 52.23 49.55 -1.17
C LEU G 13 52.84 49.77 0.21
N PHE G 14 52.99 48.70 0.98
CA PHE G 14 53.57 48.81 2.30
C PHE G 14 54.42 47.59 2.58
N ASP G 15 55.21 47.67 3.65
CA ASP G 15 56.26 46.73 3.96
C ASP G 15 56.06 46.14 5.36
N VAL G 16 56.75 45.02 5.60
CA VAL G 16 56.86 44.44 6.92
C VAL G 16 58.21 43.73 7.00
N GLU G 17 58.84 43.78 8.17
CA GLU G 17 60.11 43.12 8.40
C GLU G 17 60.14 42.56 9.82
N ASN G 18 60.28 41.24 9.94
CA ASN G 18 60.34 40.57 11.22
C ASN G 18 59.11 40.88 12.07
N GLY G 19 57.95 40.85 11.43
CA GLY G 19 56.72 41.22 12.11
C GLY G 19 55.53 40.45 11.59
N ASN G 20 54.47 40.45 12.39
CA ASN G 20 53.20 39.83 12.05
C ASN G 20 52.24 40.90 11.53
N PRO G 21 52.18 41.14 10.22
CA PRO G 21 51.31 42.22 9.72
C PRO G 21 49.84 42.00 10.04
N ASN G 22 49.39 40.75 10.06
CA ASN G 22 47.99 40.46 10.36
C ASN G 22 47.91 39.01 10.79
N GLY G 23 47.55 38.77 12.05
CA GLY G 23 47.48 37.41 12.54
C GLY G 23 46.26 36.68 12.02
N ASP G 24 46.36 35.35 12.01
CA ASP G 24 45.29 34.50 11.52
C ASP G 24 44.68 33.74 12.68
N PRO G 25 43.48 34.12 13.16
CA PRO G 25 42.88 33.36 14.26
C PRO G 25 42.65 31.90 13.94
N ASP G 26 42.46 31.55 12.67
CA ASP G 26 42.12 30.18 12.29
C ASP G 26 43.30 29.23 12.37
N ALA G 27 44.53 29.74 12.30
CA ALA G 27 45.73 28.92 12.18
C ALA G 27 46.71 29.32 13.29
N GLY G 28 46.19 29.43 14.51
CA GLY G 28 46.98 29.91 15.63
C GLY G 28 47.07 31.42 15.60
N ASN G 29 48.27 31.95 15.31
CA ASN G 29 48.41 33.37 15.03
C ASN G 29 49.38 33.62 13.90
N MET G 30 49.50 32.66 12.97
CA MET G 30 50.41 32.80 11.84
C MET G 30 49.97 33.98 10.97
N PRO G 31 50.90 34.69 10.35
CA PRO G 31 50.51 35.69 9.36
C PRO G 31 49.69 35.05 8.26
N ARG G 32 48.60 35.70 7.86
CA ARG G 32 47.73 35.13 6.83
C ARG G 32 48.51 34.91 5.55
N ILE G 33 48.31 33.73 4.95
CA ILE G 33 48.92 33.40 3.66
C ILE G 33 47.88 32.70 2.80
N ASP G 34 48.14 32.70 1.50
CA ASP G 34 47.35 31.91 0.56
C ASP G 34 47.97 30.51 0.50
N PRO G 35 47.28 29.49 0.99
CA PRO G 35 47.94 28.18 1.14
C PRO G 35 48.47 27.62 -0.16
N GLU G 36 47.77 27.80 -1.28
CA GLU G 36 48.18 27.17 -2.53
C GLU G 36 49.44 27.78 -3.10
N THR G 37 49.75 29.04 -2.79
CA THR G 37 50.88 29.71 -3.39
C THR G 37 51.83 30.26 -2.32
N GLY G 38 51.31 30.62 -1.16
CA GLY G 38 52.12 31.12 -0.08
C GLY G 38 52.20 32.63 0.03
N HIS G 39 51.61 33.36 -0.91
CA HIS G 39 51.65 34.82 -0.84
C HIS G 39 50.95 35.31 0.42
N GLY G 40 51.48 36.38 0.99
CA GLY G 40 50.92 36.92 2.22
C GLY G 40 49.66 37.72 1.98
N LEU G 41 48.77 37.71 2.97
CA LEU G 41 47.49 38.39 2.89
C LEU G 41 47.30 39.26 4.13
N VAL G 42 46.74 40.45 3.92
CA VAL G 42 46.28 41.32 5.00
C VAL G 42 44.85 41.73 4.67
N THR G 43 43.93 41.43 5.56
CA THR G 43 42.54 41.75 5.30
C THR G 43 42.35 43.24 5.12
N ASP G 44 41.44 43.61 4.22
CA ASP G 44 41.06 45.01 4.08
C ASP G 44 40.58 45.57 5.41
N VAL G 45 40.00 44.72 6.25
CA VAL G 45 39.49 45.16 7.55
C VAL G 45 40.62 45.69 8.42
N CYS G 46 41.80 45.08 8.32
CA CYS G 46 42.93 45.55 9.12
C CYS G 46 43.33 46.97 8.75
N LEU G 47 43.43 47.26 7.45
CA LEU G 47 43.78 48.62 7.04
C LEU G 47 42.66 49.59 7.37
N LYS G 48 41.40 49.15 7.27
CA LYS G 48 40.30 50.01 7.69
C LYS G 48 40.44 50.37 9.16
N ARG G 49 40.77 49.39 10.00
CA ARG G 49 40.97 49.66 11.42
C ARG G 49 42.13 50.64 11.62
N LYS G 50 43.22 50.46 10.90
CA LYS G 50 44.33 51.39 11.04
C LYS G 50 43.91 52.81 10.68
N ILE G 51 43.11 52.95 9.63
CA ILE G 51 42.63 54.28 9.24
C ILE G 51 41.75 54.87 10.33
N ARG G 52 40.87 54.05 10.90
CA ARG G 52 40.04 54.51 12.00
C ARG G 52 40.90 55.03 13.15
N ASN G 53 41.92 54.25 13.51
CA ASN G 53 42.81 54.65 14.59
C ASN G 53 43.51 55.97 14.28
N HIS G 54 44.00 56.12 13.05
CA HIS G 54 44.72 57.33 12.69
C HIS G 54 43.81 58.56 12.75
N VAL G 55 42.58 58.43 12.22
CA VAL G 55 41.67 59.56 12.24
C VAL G 55 41.32 59.93 13.68
N ALA G 56 41.08 58.92 14.53
CA ALA G 56 40.78 59.21 15.92
C ALA G 56 41.95 59.88 16.61
N LEU G 57 43.17 59.43 16.33
CA LEU G 57 44.34 60.02 16.95
C LEU G 57 44.51 61.47 16.54
N THR G 58 44.44 61.76 15.24
CA THR G 58 44.73 63.10 14.76
C THR G 58 43.60 64.08 15.08
N LYS G 59 42.34 63.64 15.02
CA LYS G 59 41.22 64.52 15.29
C LYS G 59 40.81 64.52 16.75
N GLU G 60 41.20 63.50 17.52
CA GLU G 60 40.96 63.47 18.96
C GLU G 60 39.51 63.72 19.31
N GLY G 61 38.60 63.11 18.55
CA GLY G 61 37.19 63.16 18.89
C GLY G 61 36.50 64.48 18.60
N ALA G 62 36.94 65.21 17.59
CA ALA G 62 36.24 66.43 17.20
C ALA G 62 34.84 66.08 16.70
N GLU G 63 33.97 67.08 16.66
CA GLU G 63 32.62 66.87 16.17
C GLU G 63 32.64 66.55 14.68
N ARG G 64 31.72 65.69 14.27
CA ARG G 64 31.55 65.33 12.87
C ARG G 64 32.64 64.35 12.40
N PHE G 65 33.63 64.08 13.25
CA PHE G 65 34.73 63.19 12.88
C PHE G 65 34.95 62.08 13.90
N ASN G 66 33.95 61.78 14.73
CA ASN G 66 34.04 60.64 15.61
C ASN G 66 33.99 59.35 14.80
N ILE G 67 34.41 58.24 15.42
CA ILE G 67 34.35 56.94 14.78
C ILE G 67 33.38 56.06 15.55
N TYR G 68 32.85 55.05 14.86
CA TYR G 68 31.71 54.29 15.36
C TYR G 68 32.14 52.95 15.93
N ILE G 69 33.18 52.34 15.37
CA ILE G 69 33.70 51.07 15.89
C ILE G 69 34.79 51.43 16.87
N GLN G 70 34.39 51.60 18.12
CA GLN G 70 35.29 51.99 19.19
C GLN G 70 35.63 50.80 20.09
N GLU G 71 36.67 50.97 20.90
CA GLU G 71 37.10 49.90 21.80
C GLU G 71 36.06 49.64 22.87
N LYS G 72 35.60 50.68 23.57
CA LYS G 72 34.72 50.51 24.72
C LYS G 72 33.25 50.59 24.37
N ALA G 73 32.90 50.99 23.15
CA ALA G 73 31.53 51.37 22.84
C ALA G 73 30.61 50.17 22.78
N ILE G 74 29.34 50.40 23.09
CA ILE G 74 28.25 49.48 22.79
C ILE G 74 27.41 50.15 21.72
N LEU G 75 27.28 49.49 20.57
CA LEU G 75 26.73 50.16 19.39
C LEU G 75 25.24 50.45 19.55
N ASN G 76 24.51 49.56 20.23
CA ASN G 76 23.07 49.80 20.44
C ASN G 76 22.85 51.07 21.23
N GLU G 77 23.76 51.40 22.15
CA GLU G 77 23.68 52.67 22.85
C GLU G 77 23.84 53.84 21.88
N THR G 78 24.73 53.68 20.89
CA THR G 78 24.87 54.71 19.87
C THR G 78 23.60 54.87 19.04
N HIS G 79 22.94 53.75 18.72
CA HIS G 79 21.68 53.83 18.00
C HIS G 79 20.61 54.52 18.84
N GLU G 80 20.57 54.23 20.15
CA GLU G 80 19.66 54.96 21.03
C GLU G 80 19.98 56.45 21.04
N ARG G 81 21.27 56.79 21.04
CA ARG G 81 21.66 58.19 20.95
C ARG G 81 21.12 58.82 19.68
N ALA G 82 21.21 58.10 18.57
CA ALA G 82 20.70 58.62 17.30
C ALA G 82 19.21 58.86 17.37
N TYR G 83 18.47 57.89 17.91
CA TYR G 83 17.01 58.04 18.03
C TYR G 83 16.67 59.25 18.89
N THR G 84 17.37 59.42 20.01
CA THR G 84 17.11 60.56 20.87
C THR G 84 17.45 61.87 20.16
N ALA G 85 18.55 61.90 19.42
CA ALA G 85 18.93 63.12 18.72
C ALA G 85 17.88 63.51 17.68
N CYS G 86 17.36 62.54 16.93
CA CYS G 86 16.30 62.83 15.97
C CYS G 86 14.94 62.98 16.63
N ASP G 87 14.84 62.78 17.94
CA ASP G 87 13.61 62.99 18.69
C ASP G 87 12.56 61.91 18.40
N LEU G 88 13.03 60.69 18.22
CA LEU G 88 12.16 59.51 18.19
C LEU G 88 12.44 58.65 19.41
N LYS G 89 11.65 57.58 19.56
CA LYS G 89 11.85 56.63 20.64
C LYS G 89 12.18 55.26 20.07
N PRO G 90 13.35 54.69 20.36
CA PRO G 90 13.76 53.40 19.75
C PRO G 90 13.07 52.20 20.37
N GLU G 91 11.77 52.09 20.15
CA GLU G 91 11.00 51.00 20.73
C GLU G 91 11.18 49.70 19.95
N PRO G 92 10.93 49.69 18.64
CA PRO G 92 10.92 48.42 17.91
C PRO G 92 12.30 48.01 17.42
N LYS G 93 12.35 46.80 16.86
CA LYS G 93 13.54 46.33 16.15
C LYS G 93 13.68 47.00 14.79
N LYS G 94 12.61 47.58 14.26
CA LYS G 94 12.58 48.03 12.88
C LYS G 94 12.97 49.50 12.78
N LEU G 95 13.29 49.91 11.55
CA LEU G 95 13.53 51.31 11.24
C LEU G 95 12.25 52.08 11.55
N PRO G 96 12.29 53.40 11.73
CA PRO G 96 11.06 54.14 11.98
C PRO G 96 10.10 53.98 10.81
N LYS G 97 8.82 53.80 11.13
CA LYS G 97 7.85 53.46 10.10
C LYS G 97 7.86 54.49 8.98
N LYS G 98 7.97 55.77 9.32
CA LYS G 98 8.00 56.83 8.32
C LYS G 98 9.39 56.87 7.70
N VAL G 99 9.45 56.79 6.37
CA VAL G 99 10.74 56.75 5.69
C VAL G 99 11.54 58.01 5.96
N GLU G 100 10.87 59.15 6.13
CA GLU G 100 11.58 60.40 6.38
C GLU G 100 12.42 60.31 7.65
N ASP G 101 11.84 59.78 8.72
CA ASP G 101 12.59 59.63 9.96
C ASP G 101 13.72 58.62 9.82
N ALA G 102 13.52 57.57 9.05
CA ALA G 102 14.60 56.61 8.80
C ALA G 102 15.79 57.31 8.12
N LYS G 103 15.51 58.09 7.08
CA LYS G 103 16.57 58.82 6.42
C LYS G 103 17.22 59.81 7.39
N ARG G 104 16.42 60.46 8.23
CA ARG G 104 16.98 61.42 9.18
C ARG G 104 17.95 60.75 10.15
N VAL G 105 17.57 59.62 10.73
CA VAL G 105 18.43 58.95 11.70
C VAL G 105 19.69 58.44 11.01
N THR G 106 19.54 57.83 9.84
CA THR G 106 20.72 57.34 9.13
C THR G 106 21.64 58.48 8.76
N ASP G 107 21.07 59.64 8.39
CA ASP G 107 21.88 60.79 8.04
C ASP G 107 22.60 61.36 9.25
N TRP G 108 21.96 61.31 10.42
CA TRP G 108 22.64 61.72 11.64
C TRP G 108 23.85 60.83 11.88
N MET G 109 23.66 59.51 11.79
CA MET G 109 24.77 58.59 11.97
C MET G 109 25.89 58.85 10.97
N CYS G 110 25.53 59.11 9.72
CA CYS G 110 26.53 59.42 8.71
C CYS G 110 27.24 60.74 9.00
N THR G 111 26.50 61.75 9.46
CA THR G 111 27.09 63.07 9.64
C THR G 111 28.10 63.09 10.78
N ASN G 112 27.72 62.56 11.94
CA ASN G 112 28.60 62.73 13.10
C ASN G 112 29.81 61.81 13.05
N PHE G 113 29.68 60.60 12.49
CA PHE G 113 30.74 59.60 12.52
C PHE G 113 31.49 59.62 11.20
N TYR G 114 32.82 59.59 11.27
CA TYR G 114 33.62 59.60 10.05
C TYR G 114 33.66 58.23 9.39
N ASP G 115 33.75 57.16 10.19
CA ASP G 115 33.94 55.84 9.60
C ASP G 115 32.64 55.28 9.04
N ILE G 116 31.50 55.59 9.67
CA ILE G 116 30.22 55.24 9.05
C ILE G 116 30.09 55.95 7.71
N ARG G 117 30.47 57.22 7.68
CA ARG G 117 30.38 58.00 6.46
C ARG G 117 31.32 57.49 5.38
N THR G 118 32.47 56.93 5.77
CA THR G 118 33.50 56.56 4.81
C THR G 118 33.39 55.11 4.38
N PHE G 119 33.50 54.17 5.32
CA PHE G 119 33.51 52.75 5.00
C PHE G 119 32.13 52.10 5.09
N GLY G 120 31.10 52.86 5.43
CA GLY G 120 29.78 52.28 5.58
C GLY G 120 29.70 51.45 6.84
N ALA G 121 28.50 50.99 7.19
CA ALA G 121 28.35 50.18 8.38
C ALA G 121 26.95 49.57 8.39
N VAL G 122 26.85 48.39 8.98
CA VAL G 122 25.58 47.69 9.13
C VAL G 122 25.13 47.88 10.57
N MET G 123 24.01 48.59 10.74
CA MET G 123 23.50 48.94 12.05
C MET G 123 22.05 48.47 12.22
N THR G 124 21.74 47.27 11.72
CA THR G 124 20.43 46.65 11.89
C THR G 124 20.37 45.80 13.15
N THR G 125 20.68 46.40 14.30
CA THR G 125 20.74 45.68 15.56
C THR G 125 19.37 45.75 16.24
N GLU G 126 19.33 45.41 17.54
CA GLU G 126 18.07 45.44 18.27
C GLU G 126 17.41 46.81 18.16
N VAL G 127 18.19 47.87 18.31
CA VAL G 127 17.76 49.23 17.98
C VAL G 127 18.39 49.59 16.66
N ASN G 128 17.56 49.91 15.67
CA ASN G 128 17.93 49.84 14.25
C ASN G 128 18.07 51.24 13.69
N CYS G 129 19.17 51.48 12.97
CA CYS G 129 19.40 52.72 12.26
C CYS G 129 19.50 52.52 10.75
N GLY G 130 19.41 51.28 10.27
CA GLY G 130 19.50 50.99 8.86
C GLY G 130 20.85 50.42 8.46
N GLN G 131 21.29 50.71 7.24
CA GLN G 131 22.57 50.23 6.76
C GLN G 131 23.11 51.21 5.72
N VAL G 132 24.43 51.30 5.63
CA VAL G 132 25.12 52.20 4.71
C VAL G 132 26.14 51.39 3.94
N ARG G 133 26.34 51.74 2.67
CA ARG G 133 27.21 50.96 1.80
C ARG G 133 28.63 51.48 1.73
N GLY G 134 28.87 52.76 1.96
CA GLY G 134 30.22 53.25 2.11
C GLY G 134 30.87 53.61 0.78
N PRO G 135 31.31 54.87 0.63
CA PRO G 135 31.98 55.25 -0.61
C PRO G 135 33.42 54.74 -0.74
N VAL G 136 33.99 54.17 0.30
CA VAL G 136 35.38 53.71 0.27
C VAL G 136 35.40 52.20 0.47
N GLN G 137 36.17 51.50 -0.36
CA GLN G 137 36.33 50.06 -0.26
C GLN G 137 37.77 49.70 -0.53
N MET G 138 38.23 48.62 0.09
CA MET G 138 39.60 48.15 -0.07
C MET G 138 39.59 46.64 -0.21
N ALA G 139 40.45 46.14 -1.09
CA ALA G 139 40.58 44.71 -1.30
C ALA G 139 41.68 44.14 -0.41
N PHE G 140 41.70 42.81 -0.29
CA PHE G 140 42.75 42.16 0.47
C PHE G 140 44.11 42.53 -0.11
N ALA G 141 45.02 42.93 0.77
CA ALA G 141 46.38 43.24 0.33
C ALA G 141 47.18 41.96 0.24
N ARG G 142 47.78 41.73 -0.92
CA ARG G 142 48.48 40.47 -1.19
C ARG G 142 49.94 40.76 -1.52
N SER G 143 50.82 39.86 -1.06
CA SER G 143 52.25 40.09 -1.22
C SER G 143 52.70 39.81 -2.65
N VAL G 144 53.78 40.50 -3.05
CA VAL G 144 54.32 40.32 -4.39
C VAL G 144 54.95 38.95 -4.57
N GLU G 145 55.63 38.43 -3.55
CA GLU G 145 56.27 37.12 -3.61
C GLU G 145 55.88 36.34 -2.38
N PRO G 146 55.85 35.02 -2.45
CA PRO G 146 55.44 34.23 -1.29
C PRO G 146 56.32 34.51 -0.09
N VAL G 147 55.70 34.45 1.09
CA VAL G 147 56.36 34.76 2.35
C VAL G 147 56.47 33.48 3.17
N VAL G 148 57.53 33.41 3.97
CA VAL G 148 57.77 32.25 4.84
C VAL G 148 57.50 32.68 6.27
N PRO G 149 56.31 32.44 6.81
CA PRO G 149 56.03 32.87 8.19
C PRO G 149 56.71 31.97 9.22
N GLN G 150 57.98 32.23 9.47
CA GLN G 150 58.77 31.38 10.35
C GLN G 150 58.34 31.58 11.80
N GLU G 151 58.18 30.47 12.52
CA GLU G 151 57.77 30.52 13.91
C GLU G 151 58.99 30.81 14.80
N VAL G 152 58.76 31.56 15.87
CA VAL G 152 59.78 31.91 16.84
C VAL G 152 59.27 31.57 18.23
N SER G 153 60.11 30.91 19.02
CA SER G 153 59.77 30.50 20.37
C SER G 153 60.62 31.28 21.37
N ILE G 154 59.99 31.75 22.45
CA ILE G 154 60.63 32.50 23.51
C ILE G 154 60.12 31.98 24.85
N THR G 155 60.64 32.53 25.94
CA THR G 155 60.30 32.06 27.28
C THR G 155 60.08 33.24 28.22
N ARG G 156 59.25 33.00 29.23
CA ARG G 156 58.95 33.97 30.27
C ARG G 156 59.63 33.53 31.56
N MET G 157 60.49 34.39 32.11
CA MET G 157 61.17 34.09 33.37
C MET G 157 60.29 34.47 34.57
N ALA G 158 59.11 33.89 34.60
CA ALA G 158 58.14 34.07 35.68
C ALA G 158 57.03 33.06 35.45
N VAL G 159 55.99 33.13 36.28
CA VAL G 159 54.82 32.27 36.13
C VAL G 159 53.62 33.00 36.70
N THR G 160 52.49 32.91 35.99
CA THR G 160 51.30 33.66 36.38
C THR G 160 50.61 32.99 37.56
N THR G 161 50.40 31.68 37.49
CA THR G 161 49.67 30.92 38.50
C THR G 161 50.64 30.10 39.33
N LYS G 162 50.11 29.27 40.21
CA LYS G 162 50.93 28.35 40.97
C LYS G 162 51.57 27.34 40.04
N ALA G 163 52.78 26.90 40.38
CA ALA G 163 53.47 25.90 39.57
C ALA G 163 54.48 25.16 40.44
N GLU G 164 54.66 23.87 40.12
CA GLU G 164 55.62 23.04 40.83
C GLU G 164 56.96 22.94 40.11
N ALA G 165 56.95 23.00 38.77
CA ALA G 165 58.19 22.95 38.00
C ALA G 165 58.92 24.29 38.01
N GLU G 166 58.25 25.38 38.35
CA GLU G 166 58.88 26.69 38.40
C GLU G 166 59.71 26.85 39.68
N ASP G 171 63.90 24.29 36.76
CA ASP G 171 65.05 24.98 36.17
C ASP G 171 64.63 25.80 34.95
N ASN G 172 63.84 25.17 34.08
CA ASN G 172 63.43 25.82 32.84
C ASN G 172 62.45 26.95 33.14
N ARG G 173 62.09 27.68 32.07
CA ARG G 173 61.23 28.85 32.17
C ARG G 173 60.00 28.67 31.29
N THR G 174 58.95 29.41 31.61
CA THR G 174 57.67 29.26 30.91
C THR G 174 57.85 29.57 29.43
N MET G 175 57.08 28.87 28.60
CA MET G 175 57.27 28.94 27.15
C MET G 175 56.45 30.06 26.52
N GLY G 176 57.03 30.68 25.49
CA GLY G 176 56.34 31.70 24.73
C GLY G 176 56.63 31.53 23.25
N ARG G 177 55.77 32.13 22.42
CA ARG G 177 55.85 31.93 20.98
C ARG G 177 55.35 33.17 20.26
N LYS G 178 55.92 33.43 19.08
CA LYS G 178 55.44 34.49 18.21
C LYS G 178 55.94 34.21 16.80
N HIS G 179 55.20 34.70 15.82
CA HIS G 179 55.48 34.45 14.41
C HIS G 179 55.81 35.77 13.72
N ILE G 180 56.69 35.72 12.73
CA ILE G 180 57.15 36.91 12.04
C ILE G 180 57.39 36.61 10.56
N VAL G 181 57.00 37.54 9.71
CA VAL G 181 57.38 37.49 8.31
C VAL G 181 58.77 38.11 8.16
N PRO G 182 59.74 37.42 7.56
CA PRO G 182 61.06 38.03 7.37
C PRO G 182 60.99 39.36 6.62
N TYR G 183 60.38 39.35 5.44
CA TYR G 183 60.16 40.58 4.69
C TYR G 183 59.22 40.30 3.53
N GLY G 184 58.46 41.32 3.15
CA GLY G 184 57.52 41.19 2.05
C GLY G 184 56.85 42.50 1.71
N LEU G 185 56.57 42.71 0.43
CA LEU G 185 55.95 43.93 -0.05
C LEU G 185 54.51 43.63 -0.46
N TYR G 186 53.56 44.31 0.16
CA TYR G 186 52.14 44.04 -0.01
C TYR G 186 51.51 45.13 -0.86
N VAL G 187 50.62 44.74 -1.76
CA VAL G 187 49.91 45.67 -2.65
C VAL G 187 48.44 45.66 -2.27
N ALA G 188 47.86 46.85 -2.11
CA ALA G 188 46.47 47.00 -1.69
C ALA G 188 45.75 47.91 -2.69
N HIS G 189 44.78 47.34 -3.39
CA HIS G 189 43.95 48.11 -4.32
C HIS G 189 42.74 48.66 -3.59
N GLY G 190 42.21 49.77 -4.10
CA GLY G 190 41.09 50.42 -3.44
C GLY G 190 40.23 51.19 -4.43
N PHE G 191 39.02 51.53 -3.97
CA PHE G 191 38.02 52.18 -4.81
C PHE G 191 37.31 53.26 -4.03
N ILE G 192 37.07 54.40 -4.68
CA ILE G 192 36.20 55.45 -4.15
C ILE G 192 35.14 55.73 -5.21
N SER G 193 33.88 55.73 -4.80
CA SER G 193 32.75 55.90 -5.71
C SER G 193 32.00 57.18 -5.38
N ALA G 194 31.88 58.07 -6.37
CA ALA G 194 31.14 59.30 -6.16
C ALA G 194 29.66 59.07 -5.89
N PRO G 195 28.96 58.18 -6.58
CA PRO G 195 27.51 58.05 -6.34
C PRO G 195 27.17 57.72 -4.90
N LEU G 196 27.95 56.89 -4.22
CA LEU G 196 27.70 56.60 -2.81
C LEU G 196 28.15 57.73 -1.90
N ALA G 197 29.26 58.39 -2.24
CA ALA G 197 29.68 59.55 -1.47
C ALA G 197 28.59 60.61 -1.46
N GLU G 198 27.84 60.73 -2.55
CA GLU G 198 26.73 61.66 -2.60
C GLU G 198 25.57 61.23 -1.71
N LYS G 199 25.51 59.96 -1.33
CA LYS G 199 24.49 59.50 -0.41
C LYS G 199 24.91 59.67 1.05
N THR G 200 26.17 59.34 1.36
CA THR G 200 26.66 59.47 2.72
C THR G 200 27.15 60.88 3.04
N GLY G 201 27.62 61.63 2.04
CA GLY G 201 28.18 62.94 2.27
C GLY G 201 29.69 62.98 2.35
N PHE G 202 30.37 61.88 2.00
CA PHE G 202 31.83 61.85 2.00
C PHE G 202 32.36 63.01 1.18
N SER G 203 33.01 63.96 1.84
CA SER G 203 33.36 65.23 1.23
C SER G 203 34.84 65.25 0.81
N ASP G 204 35.21 66.35 0.15
CA ASP G 204 36.60 66.50 -0.29
C ASP G 204 37.55 66.55 0.89
N GLU G 205 37.17 67.24 1.97
CA GLU G 205 37.99 67.25 3.17
C GLU G 205 38.15 65.84 3.74
N ASP G 206 37.06 65.06 3.75
CA ASP G 206 37.18 63.67 4.15
C ASP G 206 38.20 62.94 3.29
N LEU G 207 38.19 63.20 1.98
CA LEU G 207 39.11 62.49 1.09
C LEU G 207 40.55 62.88 1.36
N THR G 208 40.82 64.17 1.57
CA THR G 208 42.19 64.59 1.87
C THR G 208 42.67 63.99 3.18
N LEU G 209 41.81 64.01 4.20
CA LEU G 209 42.16 63.35 5.46
C LEU G 209 42.42 61.87 5.25
N PHE G 210 41.65 61.24 4.36
CA PHE G 210 41.83 59.82 4.08
C PHE G 210 43.19 59.56 3.43
N TRP G 211 43.57 60.38 2.46
CA TRP G 211 44.89 60.23 1.86
C TRP G 211 45.98 60.41 2.91
N ASP G 212 45.84 61.42 3.77
CA ASP G 212 46.85 61.65 4.80
C ASP G 212 46.93 60.47 5.76
N ALA G 213 45.78 59.91 6.12
CA ALA G 213 45.78 58.75 7.00
C ALA G 213 46.48 57.56 6.33
N LEU G 214 46.20 57.34 5.05
CA LEU G 214 46.80 56.21 4.35
C LEU G 214 48.31 56.37 4.30
N VAL G 215 48.80 57.58 4.00
CA VAL G 215 50.24 57.77 3.92
C VAL G 215 50.89 57.66 5.30
N ASN G 216 50.24 58.18 6.34
CA ASN G 216 50.77 58.15 7.69
C ASN G 216 50.14 57.06 8.54
N MET G 217 49.68 55.97 7.92
CA MET G 217 48.84 55.01 8.63
C MET G 217 49.62 54.25 9.69
N PHE G 218 50.78 53.70 9.33
CA PHE G 218 51.42 52.70 10.16
C PHE G 218 52.29 53.29 11.26
N GLU G 219 52.56 54.59 11.25
CA GLU G 219 53.56 55.12 12.16
C GLU G 219 53.13 55.02 13.61
N HIS G 220 51.84 55.13 13.88
CA HIS G 220 51.32 55.06 15.25
C HIS G 220 50.74 53.70 15.60
N ASP G 221 51.03 52.66 14.82
CA ASP G 221 50.49 51.33 15.03
C ASP G 221 51.54 50.34 15.48
N ARG G 222 52.48 50.78 16.33
CA ARG G 222 53.55 49.91 16.77
C ARG G 222 53.10 49.01 17.92
N SER G 223 53.82 47.92 18.10
CA SER G 223 53.54 46.96 19.16
C SER G 223 54.62 45.90 19.11
N ALA G 224 54.57 44.99 20.10
CA ALA G 224 55.58 43.94 20.18
C ALA G 224 55.51 42.98 19.00
N ALA G 225 54.35 42.84 18.36
CA ALA G 225 54.14 41.80 17.37
C ALA G 225 54.31 42.29 15.93
N ARG G 226 54.28 43.59 15.70
CA ARG G 226 54.21 44.11 14.34
C ARG G 226 55.57 44.27 13.66
N GLY G 227 56.65 44.33 14.42
CA GLY G 227 57.92 44.66 13.81
C GLY G 227 57.88 46.05 13.23
N LEU G 228 58.51 46.22 12.07
CA LEU G 228 58.58 47.51 11.38
C LEU G 228 57.74 47.43 10.11
N MET G 229 56.55 48.02 10.15
CA MET G 229 55.64 48.07 9.02
C MET G 229 55.55 49.51 8.52
N SER G 230 55.74 49.70 7.21
CA SER G 230 55.92 51.04 6.67
C SER G 230 55.29 51.14 5.29
N SER G 231 54.71 52.31 5.01
CA SER G 231 54.20 52.60 3.68
C SER G 231 55.36 52.95 2.76
N ARG G 232 55.20 52.63 1.48
CA ARG G 232 56.26 52.89 0.51
C ARG G 232 55.79 53.69 -0.70
N LYS G 233 54.59 53.42 -1.22
CA LYS G 233 54.09 54.11 -2.39
C LYS G 233 52.57 54.19 -2.31
N LEU G 234 52.01 55.22 -2.95
CA LEU G 234 50.55 55.36 -3.06
C LEU G 234 50.26 56.13 -4.34
N ILE G 235 49.76 55.42 -5.35
CA ILE G 235 49.37 56.01 -6.61
C ILE G 235 47.86 56.24 -6.57
N VAL G 236 47.43 57.44 -6.93
CA VAL G 236 46.01 57.80 -6.91
C VAL G 236 45.55 58.03 -8.35
N PHE G 237 44.49 57.33 -8.74
CA PHE G 237 43.88 57.49 -10.05
C PHE G 237 42.56 58.22 -9.89
N LYS G 238 42.47 59.42 -10.47
CA LYS G 238 41.27 60.25 -10.37
C LYS G 238 40.62 60.36 -11.74
N HIS G 239 39.35 59.96 -11.83
CA HIS G 239 38.59 60.10 -13.06
C HIS G 239 38.01 61.51 -13.13
N GLN G 240 38.05 62.10 -14.34
CA GLN G 240 37.59 63.47 -14.49
C GLN G 240 36.08 63.57 -14.68
N ASN G 241 35.32 62.54 -14.32
CA ASN G 241 33.86 62.62 -14.35
C ASN G 241 33.30 61.66 -13.33
N ARG G 242 32.00 61.81 -13.06
CA ARG G 242 31.39 61.10 -11.95
C ARG G 242 31.55 59.59 -12.08
N LEU G 243 31.34 59.05 -13.27
CA LEU G 243 31.51 57.63 -13.55
C LEU G 243 32.76 57.47 -14.39
N GLY G 244 33.64 56.57 -13.97
CA GLY G 244 34.98 56.55 -14.51
C GLY G 244 35.03 56.48 -16.02
N ASN G 245 36.21 56.78 -16.55
CA ASN G 245 36.49 56.72 -17.97
C ASN G 245 37.30 55.49 -18.37
N ALA G 246 37.54 54.57 -17.43
CA ALA G 246 38.29 53.36 -17.74
C ALA G 246 38.01 52.31 -16.67
N PRO G 247 38.06 51.03 -17.01
CA PRO G 247 37.86 49.99 -15.98
C PRO G 247 38.99 50.00 -14.97
N ALA G 248 38.66 49.61 -13.73
CA ALA G 248 39.64 49.62 -12.67
C ALA G 248 40.80 48.70 -12.97
N HIS G 249 40.52 47.48 -13.43
CA HIS G 249 41.58 46.49 -13.61
C HIS G 249 42.61 46.97 -14.62
N LYS G 250 42.24 47.88 -15.52
CA LYS G 250 43.21 48.45 -16.43
C LYS G 250 44.15 49.42 -15.69
N LEU G 251 43.59 50.28 -14.85
CA LEU G 251 44.41 51.24 -14.13
C LEU G 251 45.35 50.55 -13.17
N PHE G 252 44.86 49.55 -12.44
CA PHE G 252 45.71 48.85 -11.49
C PHE G 252 46.91 48.21 -12.18
N ASP G 253 46.70 47.68 -13.39
CA ASP G 253 47.79 47.02 -14.10
C ASP G 253 48.91 47.98 -14.48
N LEU G 254 48.67 49.29 -14.44
CA LEU G 254 49.74 50.23 -14.73
C LEU G 254 50.80 50.21 -13.64
N VAL G 255 50.40 50.01 -12.39
CA VAL G 255 51.33 49.93 -11.27
C VAL G 255 52.00 48.57 -11.35
N LYS G 256 53.20 48.53 -11.93
CA LYS G 256 53.95 47.30 -12.12
C LYS G 256 55.05 47.21 -11.09
N VAL G 257 55.20 46.03 -10.47
CA VAL G 257 56.20 45.84 -9.43
C VAL G 257 57.04 44.61 -9.74
N SER G 258 58.19 44.83 -10.38
CA SER G 258 59.16 43.76 -10.56
C SER G 258 60.28 43.90 -9.54
N ARG G 259 61.25 42.98 -9.60
CA ARG G 259 62.39 43.03 -8.71
C ARG G 259 63.58 43.66 -9.40
N ALA G 260 64.31 44.49 -8.67
CA ALA G 260 65.50 45.13 -9.20
C ALA G 260 66.55 44.08 -9.52
N GLU G 261 67.10 44.15 -10.73
CA GLU G 261 68.12 43.19 -11.13
C GLU G 261 69.37 43.25 -10.27
N GLY G 262 69.57 44.35 -9.52
CA GLY G 262 70.73 44.46 -8.66
C GLY G 262 70.74 43.51 -7.48
N SER G 263 69.62 42.83 -7.23
CA SER G 263 69.55 41.87 -6.13
C SER G 263 68.71 40.69 -6.58
N SER G 264 68.94 39.55 -5.92
CA SER G 264 68.20 38.33 -6.22
C SER G 264 68.20 37.46 -4.97
N GLY G 265 67.50 36.34 -5.05
CA GLY G 265 67.31 35.47 -3.91
C GLY G 265 66.22 36.00 -3.00
N PRO G 266 66.27 35.62 -1.72
CA PRO G 266 65.26 36.14 -0.78
C PRO G 266 65.30 37.67 -0.71
N ALA G 267 64.13 38.26 -0.62
CA ALA G 267 64.02 39.71 -0.53
C ALA G 267 64.00 40.15 0.92
N ARG G 268 64.69 41.25 1.20
CA ARG G 268 64.72 41.78 2.56
C ARG G 268 64.64 43.30 2.63
N SER G 269 64.46 44.00 1.51
CA SER G 269 64.37 45.46 1.55
C SER G 269 63.60 45.95 0.33
N PHE G 270 62.98 47.12 0.48
CA PHE G 270 62.22 47.71 -0.61
C PHE G 270 63.09 48.04 -1.80
N ALA G 271 64.41 48.10 -1.60
CA ALA G 271 65.32 48.23 -2.74
C ALA G 271 65.26 47.00 -3.64
N ASP G 272 64.68 45.90 -3.18
CA ASP G 272 64.62 44.68 -3.97
C ASP G 272 63.48 44.71 -5.00
N TYR G 273 62.60 45.71 -4.93
CA TYR G 273 61.48 45.80 -5.85
C TYR G 273 61.56 47.11 -6.63
N ALA G 274 60.98 47.10 -7.82
CA ALA G 274 61.22 48.11 -8.85
C ALA G 274 59.89 48.71 -9.34
N VAL G 275 59.07 49.16 -8.39
CA VAL G 275 57.76 49.71 -8.72
C VAL G 275 57.88 50.65 -9.91
N THR G 276 56.97 50.48 -10.88
CA THR G 276 56.94 51.26 -12.11
C THR G 276 55.51 51.68 -12.40
N VAL G 277 55.34 52.91 -12.87
CA VAL G 277 54.02 53.47 -13.14
C VAL G 277 53.99 53.94 -14.59
N GLY G 278 52.95 53.54 -15.32
CA GLY G 278 52.83 53.88 -16.72
C GLY G 278 51.97 55.12 -16.94
N GLN G 279 51.59 55.32 -18.21
CA GLN G 279 50.78 56.45 -18.60
C GLN G 279 49.31 56.05 -18.57
N ALA G 280 48.49 56.85 -17.88
CA ALA G 280 47.08 56.53 -17.75
C ALA G 280 46.30 56.97 -19.00
N PRO G 281 45.22 56.26 -19.33
CA PRO G 281 44.38 56.70 -20.45
C PRO G 281 44.00 58.17 -20.35
N GLU G 282 43.56 58.72 -21.47
CA GLU G 282 43.23 60.14 -21.54
C GLU G 282 42.04 60.51 -20.67
N GLY G 283 41.28 59.54 -20.19
CA GLY G 283 40.16 59.81 -19.31
C GLY G 283 40.47 59.77 -17.83
N VAL G 284 41.74 59.64 -17.45
CA VAL G 284 42.13 59.50 -16.06
C VAL G 284 43.43 60.28 -15.83
N GLU G 285 43.62 60.74 -14.61
CA GLU G 285 44.84 61.44 -14.21
C GLU G 285 45.45 60.75 -13.00
N VAL G 286 46.78 60.85 -12.89
CA VAL G 286 47.54 60.11 -11.89
C VAL G 286 48.31 61.09 -11.03
N LYS G 287 48.61 60.67 -9.81
CA LYS G 287 49.50 61.38 -8.91
C LYS G 287 50.27 60.35 -8.10
N GLU G 288 51.53 60.67 -7.81
CA GLU G 288 52.45 59.67 -7.25
C GLU G 288 53.17 60.11 -5.99
N MET G 289 53.25 61.40 -5.67
CA MET G 289 54.01 61.86 -4.51
C MET G 289 53.16 61.68 -3.25
N LEU G 290 53.23 60.46 -2.71
CA LEU G 290 52.52 60.13 -1.48
C LEU G 290 53.31 59.08 -0.70
N MET H 1 51.73 63.65 37.13
CA MET H 1 53.08 63.57 36.49
C MET H 1 52.99 63.95 35.01
N THR H 2 53.94 64.78 34.58
CA THR H 2 53.93 65.34 33.23
C THR H 2 54.58 64.34 32.28
N ALA H 3 53.76 63.71 31.44
CA ALA H 3 54.26 62.73 30.49
C ALA H 3 55.06 63.41 29.39
N ILE H 4 55.92 62.62 28.74
CA ILE H 4 56.76 63.17 27.67
C ILE H 4 55.88 63.59 26.51
N ALA H 5 56.33 64.60 25.77
CA ALA H 5 55.51 65.23 24.74
C ALA H 5 56.00 64.98 23.32
N ASN H 6 57.17 64.37 23.16
CA ASN H 6 57.79 64.21 21.85
C ASN H 6 57.84 62.73 21.45
N ARG H 7 57.63 62.47 20.16
CA ARG H 7 57.87 61.16 19.60
C ARG H 7 59.36 60.99 19.27
N TYR H 8 59.88 59.79 19.50
CA TYR H 8 61.29 59.50 19.26
C TYR H 8 61.43 58.21 18.48
N GLU H 9 62.55 58.11 17.77
CA GLU H 9 63.04 56.85 17.22
C GLU H 9 64.53 56.76 17.51
N PHE H 10 64.99 55.57 17.86
CA PHE H 10 66.38 55.36 18.21
C PHE H 10 66.90 54.10 17.54
N VAL H 11 68.19 54.11 17.23
CA VAL H 11 68.87 52.97 16.62
C VAL H 11 69.96 52.52 17.56
N LEU H 12 69.98 51.23 17.89
CA LEU H 12 70.93 50.68 18.84
C LEU H 12 71.81 49.64 18.14
N LEU H 13 73.12 49.81 18.26
CA LEU H 13 74.09 48.86 17.72
C LEU H 13 74.76 48.14 18.89
N PHE H 14 74.86 46.82 18.80
CA PHE H 14 75.56 46.05 19.82
C PHE H 14 76.26 44.86 19.17
N ASP H 15 77.41 44.50 19.74
CA ASP H 15 78.24 43.42 19.23
C ASP H 15 78.17 42.20 20.14
N VAL H 16 78.46 41.05 19.55
CA VAL H 16 78.71 39.81 20.28
C VAL H 16 79.94 39.16 19.68
N GLU H 17 80.89 38.80 20.53
CA GLU H 17 82.14 38.18 20.08
C GLU H 17 82.32 36.86 20.79
N ASN H 18 82.50 35.81 20.02
CA ASN H 18 82.82 34.50 20.55
C ASN H 18 81.81 34.08 21.62
N GLY H 19 80.53 34.12 21.27
CA GLY H 19 79.51 33.68 22.21
C GLY H 19 78.14 33.63 21.57
N ASN H 20 77.14 33.31 22.39
CA ASN H 20 75.76 33.21 21.94
C ASN H 20 74.97 34.40 22.49
N PRO H 21 74.47 35.31 21.65
CA PRO H 21 73.67 36.42 22.18
C PRO H 21 72.26 35.99 22.59
N ASN H 22 71.68 35.03 21.87
CA ASN H 22 70.34 34.56 22.17
C ASN H 22 70.13 33.23 21.48
N GLY H 23 69.68 32.21 22.22
CA GLY H 23 69.55 30.87 21.70
C GLY H 23 68.12 30.48 21.38
N ASP H 24 67.98 29.63 20.37
CA ASP H 24 66.67 29.16 19.93
C ASP H 24 66.31 27.88 20.66
N PRO H 25 65.22 27.85 21.44
CA PRO H 25 64.86 26.59 22.13
C PRO H 25 64.59 25.42 21.19
N ASP H 26 64.11 25.66 19.98
CA ASP H 26 63.73 24.57 19.08
C ASP H 26 64.92 23.93 18.38
N ALA H 27 66.08 24.58 18.37
CA ALA H 27 67.27 24.06 17.68
C ALA H 27 68.36 23.76 18.69
N GLY H 28 67.99 23.14 19.80
CA GLY H 28 68.90 23.05 20.93
C GLY H 28 69.00 24.41 21.58
N ASN H 29 70.17 25.04 21.48
CA ASN H 29 70.29 26.44 21.87
C ASN H 29 71.14 27.21 20.86
N MET H 30 71.03 26.87 19.58
CA MET H 30 71.77 27.56 18.53
C MET H 30 71.37 29.03 18.54
N PRO H 31 72.27 29.95 18.22
CA PRO H 31 71.86 31.35 18.06
C PRO H 31 70.79 31.48 16.98
N ARG H 32 69.79 32.33 17.25
CA ARG H 32 68.73 32.53 16.27
C ARG H 32 69.31 33.06 14.97
N ILE H 33 68.78 32.56 13.85
CA ILE H 33 69.31 32.88 12.54
C ILE H 33 68.16 33.03 11.56
N ASP H 34 68.38 33.85 10.54
CA ASP H 34 67.50 33.91 9.38
C ASP H 34 67.92 32.80 8.43
N PRO H 35 67.24 31.66 8.42
CA PRO H 35 67.75 30.51 7.66
C PRO H 35 67.94 30.78 6.18
N GLU H 36 67.15 31.70 5.60
CA GLU H 36 67.29 31.97 4.17
C GLU H 36 68.56 32.76 3.88
N THR H 37 68.73 33.91 4.53
CA THR H 37 69.85 34.79 4.23
C THR H 37 71.04 34.59 5.16
N GLY H 38 70.88 33.82 6.24
CA GLY H 38 71.99 33.54 7.13
C GLY H 38 72.29 34.62 8.15
N HIS H 39 71.51 35.69 8.19
CA HIS H 39 71.71 36.73 9.18
C HIS H 39 71.20 36.28 10.55
N GLY H 40 71.89 36.69 11.60
CA GLY H 40 71.48 36.35 12.95
C GLY H 40 70.43 37.29 13.48
N LEU H 41 69.69 36.81 14.49
CA LEU H 41 68.60 37.57 15.09
C LEU H 41 68.67 37.50 16.60
N VAL H 42 68.14 38.51 17.26
CA VAL H 42 67.93 38.51 18.70
C VAL H 42 66.55 39.08 18.98
N THR H 43 65.75 38.35 19.76
CA THR H 43 64.39 38.79 20.05
C THR H 43 64.41 40.06 20.89
N ASP H 44 63.39 40.89 20.67
CA ASP H 44 63.25 42.11 21.47
C ASP H 44 63.11 41.79 22.95
N VAL H 45 62.47 40.65 23.26
CA VAL H 45 62.24 40.29 24.66
C VAL H 45 63.55 40.14 25.40
N CYS H 46 64.62 39.71 24.72
CA CYS H 46 65.92 39.62 25.38
C CYS H 46 66.42 41.01 25.80
N LEU H 47 66.27 42.00 24.91
CA LEU H 47 66.66 43.35 25.26
C LEU H 47 65.81 43.90 26.39
N LYS H 48 64.52 43.58 26.39
CA LYS H 48 63.67 43.98 27.51
C LYS H 48 64.15 43.33 28.80
N ARG H 49 64.53 42.05 28.74
CA ARG H 49 65.06 41.36 29.91
C ARG H 49 66.27 42.11 30.45
N LYS H 50 67.21 42.43 29.57
CA LYS H 50 68.43 43.10 30.01
C LYS H 50 68.13 44.47 30.60
N ILE H 51 67.24 45.23 29.96
CA ILE H 51 66.91 46.56 30.45
C ILE H 51 66.22 46.49 31.81
N ARG H 52 65.32 45.52 31.98
CA ARG H 52 64.62 45.40 33.25
C ARG H 52 65.56 44.96 34.36
N ASN H 53 66.51 44.07 34.05
CA ASN H 53 67.54 43.74 35.03
C ASN H 53 68.35 44.97 35.42
N HIS H 54 68.73 45.76 34.42
CA HIS H 54 69.49 46.98 34.67
C HIS H 54 68.71 47.92 35.59
N VAL H 55 67.42 48.08 35.31
CA VAL H 55 66.59 48.97 36.12
C VAL H 55 66.47 48.45 37.55
N ALA H 56 66.21 47.15 37.69
CA ALA H 56 66.10 46.58 39.04
C ALA H 56 67.40 46.75 39.81
N LEU H 57 68.54 46.60 39.15
CA LEU H 57 69.83 46.79 39.82
C LEU H 57 70.02 48.24 40.23
N THR H 58 69.78 49.17 39.32
CA THR H 58 70.11 50.57 39.57
C THR H 58 69.14 51.24 40.54
N LYS H 59 67.89 50.80 40.59
CA LYS H 59 66.91 51.39 41.49
C LYS H 59 66.60 50.53 42.71
N GLU H 60 67.13 49.32 42.77
CA GLU H 60 66.97 48.41 43.91
C GLU H 60 65.51 48.32 44.36
N GLY H 61 64.56 48.48 43.44
CA GLY H 61 63.17 48.33 43.79
C GLY H 61 62.61 49.43 44.66
N ALA H 62 63.15 50.64 44.58
CA ALA H 62 62.66 51.75 45.37
C ALA H 62 61.33 52.25 44.81
N GLU H 63 60.85 53.36 45.35
CA GLU H 63 59.56 53.90 44.96
C GLU H 63 59.50 54.17 43.46
N ARG H 64 58.38 53.78 42.85
CA ARG H 64 58.05 54.08 41.46
C ARG H 64 59.01 53.45 40.46
N PHE H 65 59.81 52.48 40.87
CA PHE H 65 60.67 51.76 39.93
C PHE H 65 60.71 50.27 40.27
N ASN H 66 59.55 49.69 40.57
CA ASN H 66 59.47 48.25 40.75
C ASN H 66 59.37 47.56 39.39
N ILE H 67 59.72 46.27 39.37
CA ILE H 67 59.74 45.48 38.15
C ILE H 67 58.67 44.40 38.26
N TYR H 68 57.81 44.33 37.25
CA TYR H 68 56.67 43.43 37.30
C TYR H 68 57.08 41.98 37.03
N ILE H 69 58.12 41.77 36.23
CA ILE H 69 58.53 40.43 35.84
C ILE H 69 59.72 40.01 36.70
N GLN H 70 59.51 38.97 37.50
CA GLN H 70 60.55 38.40 38.35
C GLN H 70 60.36 36.89 38.40
N GLU H 71 61.43 36.18 38.75
CA GLU H 71 61.41 34.72 38.64
C GLU H 71 60.27 34.11 39.46
N LYS H 72 60.16 34.46 40.73
CA LYS H 72 59.14 33.90 41.62
C LYS H 72 58.10 34.95 42.03
N ALA H 73 57.89 35.97 41.22
CA ALA H 73 56.82 36.94 41.46
C ALA H 73 55.57 36.42 40.79
N ILE H 74 54.77 35.66 41.55
CA ILE H 74 53.51 35.15 41.03
C ILE H 74 52.65 36.33 40.63
N LEU H 75 52.38 36.46 39.33
CA LEU H 75 51.83 37.70 38.81
C LEU H 75 50.39 37.91 39.22
N ASN H 76 49.63 36.82 39.46
CA ASN H 76 48.29 36.98 40.00
C ASN H 76 48.34 37.56 41.41
N GLU H 77 49.35 37.19 42.20
CA GLU H 77 49.51 37.80 43.51
C GLU H 77 49.90 39.26 43.40
N THR H 78 50.70 39.62 42.39
CA THR H 78 50.96 41.04 42.14
C THR H 78 49.69 41.78 41.76
N HIS H 79 48.81 41.15 41.00
CA HIS H 79 47.51 41.75 40.68
C HIS H 79 46.66 41.91 41.93
N GLU H 80 46.70 40.93 42.82
CA GLU H 80 46.01 41.05 44.10
C GLU H 80 46.56 42.24 44.89
N ARG H 81 47.88 42.40 44.89
CA ARG H 81 48.49 43.57 45.54
C ARG H 81 48.02 44.86 44.89
N ALA H 82 47.87 44.85 43.56
CA ALA H 82 47.38 46.03 42.88
C ALA H 82 45.97 46.38 43.32
N TYR H 83 45.09 45.38 43.39
CA TYR H 83 43.73 45.62 43.86
C TYR H 83 43.74 46.12 45.30
N THR H 84 44.60 45.53 46.14
CA THR H 84 44.72 46.00 47.51
C THR H 84 45.08 47.48 47.54
N ALA H 85 46.13 47.86 46.82
CA ALA H 85 46.53 49.26 46.76
C ALA H 85 45.42 50.14 46.18
N CYS H 86 44.53 49.56 45.37
CA CYS H 86 43.40 50.30 44.83
C CYS H 86 42.18 50.27 45.74
N ASP H 87 42.22 49.50 46.83
CA ASP H 87 41.09 49.43 47.77
C ASP H 87 39.85 48.87 47.09
N LEU H 88 40.02 47.80 46.32
CA LEU H 88 38.95 47.24 45.50
C LEU H 88 38.89 45.73 45.66
N LYS H 89 37.71 45.17 45.35
CA LYS H 89 37.46 43.74 45.47
C LYS H 89 37.71 43.01 44.13
N PRO H 90 38.67 42.06 44.08
CA PRO H 90 38.84 41.22 42.88
C PRO H 90 37.83 40.05 42.80
N GLU H 91 37.40 39.68 41.57
CA GLU H 91 36.30 38.70 41.20
C GLU H 91 36.74 37.69 40.14
N PRO H 92 36.47 36.34 40.25
CA PRO H 92 37.32 35.48 39.56
C PRO H 92 37.19 35.59 38.05
N LYS H 93 36.36 36.53 37.51
CA LYS H 93 36.16 36.64 36.05
C LYS H 93 36.81 37.85 35.38
N LYS H 94 36.42 39.08 35.77
CA LYS H 94 36.73 40.25 34.94
C LYS H 94 36.93 41.49 35.79
N LEU H 95 37.31 42.60 35.12
CA LEU H 95 37.65 43.88 35.76
C LEU H 95 36.46 44.45 36.53
N PRO H 96 36.68 45.46 37.37
CA PRO H 96 35.54 46.11 38.04
C PRO H 96 34.61 46.78 37.03
N LYS H 97 33.33 46.86 37.40
CA LYS H 97 32.33 47.40 36.49
C LYS H 97 32.48 48.91 36.33
N LYS H 98 32.75 49.61 37.42
CA LYS H 98 32.96 51.06 37.35
C LYS H 98 34.21 51.33 36.52
N VAL H 99 34.01 51.95 35.36
CA VAL H 99 35.13 52.19 34.45
C VAL H 99 36.22 52.99 35.15
N GLU H 100 35.84 53.96 35.98
CA GLU H 100 36.85 54.77 36.66
C GLU H 100 37.77 53.91 37.51
N ASP H 101 37.23 52.88 38.15
CA ASP H 101 38.06 52.04 39.02
C ASP H 101 38.96 51.11 38.21
N ALA H 102 38.49 50.62 37.06
CA ALA H 102 39.38 49.89 36.17
C ALA H 102 40.54 50.76 35.73
N LYS H 103 40.23 52.02 35.36
CA LYS H 103 41.30 52.95 35.01
C LYS H 103 42.23 53.17 36.19
N ARG H 104 41.67 53.21 37.41
CA ARG H 104 42.50 53.45 38.59
C ARG H 104 43.46 52.31 38.84
N VAL H 105 42.99 51.06 38.71
CA VAL H 105 43.90 49.93 38.88
C VAL H 105 44.98 49.95 37.81
N THR H 106 44.61 50.27 36.56
CA THR H 106 45.61 50.36 35.51
C THR H 106 46.62 51.46 35.80
N ASP H 107 46.16 52.60 36.32
CA ASP H 107 47.05 53.71 36.64
C ASP H 107 48.00 53.33 37.77
N TRP H 108 47.51 52.61 38.78
CA TRP H 108 48.38 52.13 39.83
C TRP H 108 49.48 51.24 39.24
N MET H 109 49.09 50.34 38.35
CA MET H 109 50.08 49.48 37.70
C MET H 109 51.10 50.31 36.93
N CYS H 110 50.63 51.33 36.20
CA CYS H 110 51.55 52.18 35.44
C CYS H 110 52.52 52.91 36.37
N THR H 111 52.02 53.46 37.48
CA THR H 111 52.85 54.25 38.37
C THR H 111 53.89 53.39 39.06
N ASN H 112 53.47 52.28 39.67
CA ASN H 112 54.37 51.56 40.57
C ASN H 112 55.44 50.79 39.81
N PHE H 113 55.11 50.19 38.68
CA PHE H 113 56.03 49.34 37.93
C PHE H 113 56.64 50.14 36.79
N TYR H 114 57.96 50.06 36.66
CA TYR H 114 58.63 50.72 35.55
C TYR H 114 58.42 49.98 34.24
N ASP H 115 58.48 48.65 34.27
CA ASP H 115 58.38 47.89 33.02
C ASP H 115 56.96 47.94 32.47
N ILE H 116 55.95 47.93 33.34
CA ILE H 116 54.58 48.12 32.87
C ILE H 116 54.44 49.51 32.26
N ARG H 117 55.06 50.51 32.90
CA ARG H 117 54.98 51.87 32.39
C ARG H 117 55.66 52.00 31.03
N THR H 118 56.73 51.24 30.80
CA THR H 118 57.57 51.42 29.63
C THR H 118 57.17 50.50 28.48
N PHE H 119 57.24 49.18 28.70
CA PHE H 119 57.01 48.19 27.66
C PHE H 119 55.56 47.68 27.62
N GLY H 120 54.72 48.07 28.56
CA GLY H 120 53.37 47.55 28.61
C GLY H 120 53.36 46.12 29.11
N ALA H 121 52.16 45.61 29.36
CA ALA H 121 52.01 44.27 29.90
C ALA H 121 50.61 43.74 29.60
N VAL H 122 50.48 42.42 29.66
CA VAL H 122 49.21 41.74 29.53
C VAL H 122 48.85 41.18 30.91
N MET H 123 47.68 41.56 31.41
CA MET H 123 47.27 41.19 32.76
C MET H 123 45.82 40.72 32.81
N THR H 124 45.39 39.91 31.84
CA THR H 124 44.00 39.47 31.78
C THR H 124 43.85 38.11 32.45
N THR H 125 44.71 37.81 33.42
CA THR H 125 44.69 36.51 34.07
C THR H 125 43.44 36.36 34.94
N GLU H 126 43.38 35.26 35.69
CA GLU H 126 42.19 34.95 36.47
C GLU H 126 41.75 36.14 37.33
N VAL H 127 42.70 36.83 37.95
CA VAL H 127 42.45 38.12 38.57
C VAL H 127 43.05 39.17 37.64
N ASN H 128 42.18 40.03 37.09
CA ASN H 128 42.49 40.82 35.91
C ASN H 128 42.80 42.26 36.31
N CYS H 129 43.81 42.84 35.66
CA CYS H 129 44.16 44.24 35.83
C CYS H 129 44.31 44.96 34.50
N GLY H 130 44.01 44.31 33.39
CA GLY H 130 43.87 44.99 32.11
C GLY H 130 45.04 44.85 31.16
N GLN H 131 45.15 45.80 30.23
CA GLN H 131 46.15 45.77 29.18
C GLN H 131 46.84 47.13 29.11
N VAL H 132 48.11 47.12 28.71
CA VAL H 132 48.88 48.34 28.51
C VAL H 132 49.78 48.14 27.30
N ARG H 133 49.82 49.14 26.41
CA ARG H 133 50.64 49.02 25.20
C ARG H 133 52.08 49.45 25.45
N GLY H 134 52.27 50.57 26.14
CA GLY H 134 53.59 51.06 26.45
C GLY H 134 54.17 51.89 25.32
N PRO H 135 54.64 53.11 25.61
CA PRO H 135 55.13 53.98 24.54
C PRO H 135 56.42 53.50 23.91
N VAL H 136 57.18 52.62 24.56
CA VAL H 136 58.47 52.18 24.07
C VAL H 136 58.32 50.82 23.41
N GLN H 137 58.76 50.70 22.16
CA GLN H 137 58.71 49.46 21.42
C GLN H 137 59.99 49.32 20.61
N MET H 138 60.32 48.08 20.25
CA MET H 138 61.45 47.82 19.37
C MET H 138 61.21 46.52 18.62
N ALA H 139 61.87 46.39 17.48
CA ALA H 139 61.72 45.23 16.64
C ALA H 139 62.82 44.21 16.95
N PHE H 140 62.83 43.12 16.20
CA PHE H 140 63.89 42.14 16.33
C PHE H 140 65.23 42.76 15.93
N ALA H 141 66.29 42.36 16.63
CA ALA H 141 67.63 42.80 16.27
C ALA H 141 68.23 41.83 15.28
N ARG H 142 68.72 42.36 14.15
CA ARG H 142 69.25 41.55 13.07
C ARG H 142 70.71 41.92 12.82
N SER H 143 71.49 40.92 12.41
CA SER H 143 72.90 41.14 12.16
C SER H 143 73.11 41.97 10.89
N VAL H 144 74.19 42.74 10.88
CA VAL H 144 74.56 43.52 9.70
C VAL H 144 75.19 42.67 8.61
N GLU H 145 75.49 41.41 8.88
CA GLU H 145 76.18 40.53 7.95
C GLU H 145 75.69 39.11 8.20
N PRO H 146 75.97 38.18 7.28
CA PRO H 146 75.56 36.81 7.54
C PRO H 146 76.54 36.15 8.49
N VAL H 147 76.05 35.18 9.24
CA VAL H 147 76.87 34.50 10.24
C VAL H 147 76.63 33.00 10.13
N VAL H 148 77.68 32.23 10.34
CA VAL H 148 77.59 30.77 10.33
C VAL H 148 77.86 30.28 11.75
N PRO H 149 76.92 30.45 12.68
CA PRO H 149 77.15 29.96 14.04
C PRO H 149 77.26 28.44 14.06
N GLN H 150 78.03 27.94 15.03
CA GLN H 150 78.35 26.53 15.07
C GLN H 150 78.23 26.01 16.50
N GLU H 151 77.98 24.71 16.61
CA GLU H 151 78.03 24.03 17.89
C GLU H 151 79.49 23.76 18.29
N VAL H 152 79.73 23.74 19.59
CA VAL H 152 81.06 23.54 20.15
C VAL H 152 81.02 22.32 21.06
N SER H 153 81.96 21.39 20.85
CA SER H 153 82.06 20.22 21.71
C SER H 153 82.95 20.52 22.89
N ILE H 154 82.48 20.15 24.09
CA ILE H 154 83.23 20.37 25.32
C ILE H 154 83.22 19.08 26.14
N THR H 155 84.15 19.02 27.10
CA THR H 155 84.26 17.89 28.01
C THR H 155 84.36 18.41 29.44
N ARG H 156 83.88 17.60 30.38
CA ARG H 156 83.87 17.97 31.78
C ARG H 156 84.23 16.76 32.62
N MET H 157 84.72 17.01 33.83
CA MET H 157 85.18 15.93 34.69
C MET H 157 84.04 15.17 35.36
N ALA H 158 82.98 15.87 35.75
CA ALA H 158 81.96 15.32 36.65
C ALA H 158 80.66 15.07 35.91
N VAL H 159 79.95 14.03 36.33
CA VAL H 159 78.60 13.71 35.86
C VAL H 159 77.72 13.52 37.08
N THR H 160 76.46 13.94 36.96
CA THR H 160 75.58 14.08 38.12
C THR H 160 75.06 12.76 38.66
N THR H 161 75.04 11.69 37.86
CA THR H 161 74.45 10.43 38.30
C THR H 161 75.31 9.27 37.87
N LYS H 162 75.26 8.18 38.64
CA LYS H 162 75.96 6.96 38.31
C LYS H 162 75.54 6.46 36.94
N ALA H 163 76.50 6.11 36.10
CA ALA H 163 76.22 5.60 34.77
C ALA H 163 77.51 5.08 34.16
N GLU H 164 77.38 4.49 32.97
CA GLU H 164 78.55 4.03 32.23
C GLU H 164 79.09 5.17 31.37
N ALA H 165 79.47 6.27 32.01
CA ALA H 165 79.95 7.45 31.28
C ALA H 165 81.47 7.44 31.14
N GLU H 166 82.18 7.08 32.20
CA GLU H 166 83.64 7.09 32.18
C GLU H 166 84.21 5.89 32.94
N ASP H 171 83.92 6.07 28.36
CA ASP H 171 85.37 6.09 28.52
C ASP H 171 85.92 7.51 28.35
N ASN H 172 85.48 8.18 27.29
CA ASN H 172 85.88 9.56 27.07
C ASN H 172 85.31 10.45 28.16
N ARG H 173 86.01 11.55 28.45
CA ARG H 173 85.58 12.45 29.52
C ARG H 173 84.20 13.01 29.21
N THR H 174 83.41 13.20 30.26
CA THR H 174 81.99 13.52 30.14
C THR H 174 81.76 14.58 29.07
N MET H 175 81.01 14.23 28.03
CA MET H 175 80.85 15.09 26.88
C MET H 175 79.73 16.10 27.09
N GLY H 176 79.88 17.26 26.45
CA GLY H 176 78.85 18.29 26.43
C GLY H 176 79.12 19.19 25.24
N ARG H 177 78.14 20.02 24.93
CA ARG H 177 78.25 20.88 23.75
C ARG H 177 77.72 22.27 24.05
N LYS H 178 78.39 23.28 23.48
CA LYS H 178 77.97 24.66 23.54
C LYS H 178 77.68 25.16 22.12
N HIS H 179 77.30 26.43 22.02
CA HIS H 179 76.97 27.05 20.73
C HIS H 179 77.41 28.50 20.76
N ILE H 180 78.00 28.96 19.65
CA ILE H 180 78.69 30.24 19.63
C ILE H 180 78.40 31.00 18.34
N VAL H 181 78.48 32.31 18.43
CA VAL H 181 78.62 33.19 17.27
C VAL H 181 80.05 33.73 17.28
N PRO H 182 80.88 33.40 16.29
CA PRO H 182 82.26 33.92 16.33
C PRO H 182 82.32 35.43 16.46
N TYR H 183 81.56 36.15 15.64
CA TYR H 183 81.44 37.59 15.78
C TYR H 183 80.35 38.09 14.86
N GLY H 184 79.55 39.04 15.34
CA GLY H 184 78.49 39.61 14.53
C GLY H 184 77.87 40.85 15.16
N LEU H 185 77.76 41.91 14.38
CA LEU H 185 77.19 43.16 14.86
C LEU H 185 75.68 43.18 14.59
N TYR H 186 74.93 43.71 15.55
CA TYR H 186 73.48 43.70 15.50
C TYR H 186 72.94 45.12 15.50
N VAL H 187 71.85 45.34 14.77
CA VAL H 187 71.19 46.63 14.67
C VAL H 187 69.75 46.46 15.11
N ALA H 188 69.31 47.32 16.03
CA ALA H 188 67.95 47.29 16.56
C ALA H 188 67.33 48.67 16.45
N HIS H 189 66.05 48.70 16.07
CA HIS H 189 65.29 49.93 15.95
C HIS H 189 64.21 49.96 17.03
N GLY H 190 63.85 51.16 17.47
CA GLY H 190 62.84 51.31 18.50
C GLY H 190 62.08 52.60 18.34
N PHE H 191 60.90 52.66 18.98
CA PHE H 191 59.96 53.75 18.82
C PHE H 191 59.41 54.18 20.16
N ILE H 192 59.34 55.50 20.37
CA ILE H 192 58.72 56.10 21.55
C ILE H 192 57.50 56.89 21.06
N SER H 193 56.34 56.55 21.60
CA SER H 193 55.07 57.16 21.16
C SER H 193 54.49 57.97 22.31
N ALA H 194 54.54 59.30 22.19
CA ALA H 194 53.93 60.15 23.19
C ALA H 194 52.44 59.90 23.36
N PRO H 195 51.65 59.66 22.31
CA PRO H 195 50.21 59.45 22.50
C PRO H 195 49.90 58.35 23.48
N LEU H 196 50.67 57.27 23.47
CA LEU H 196 50.53 56.25 24.51
C LEU H 196 51.17 56.71 25.82
N ALA H 197 52.26 57.48 25.74
CA ALA H 197 52.92 57.95 26.94
C ALA H 197 51.95 58.69 27.85
N GLU H 198 51.00 59.43 27.26
CA GLU H 198 50.03 60.13 28.09
C GLU H 198 49.21 59.17 28.93
N LYS H 199 48.95 57.96 28.41
CA LYS H 199 48.15 56.98 29.13
C LYS H 199 48.95 56.22 30.17
N THR H 200 50.27 56.45 30.25
CA THR H 200 51.07 55.75 31.23
C THR H 200 52.00 56.67 32.01
N GLY H 201 51.99 57.98 31.75
CA GLY H 201 52.80 58.92 32.49
C GLY H 201 54.28 58.85 32.24
N PHE H 202 54.72 58.02 31.32
CA PHE H 202 56.12 57.95 30.96
C PHE H 202 56.65 59.36 30.70
N SER H 203 57.67 59.76 31.44
CA SER H 203 58.18 61.13 31.41
C SER H 203 59.67 61.13 31.06
N ASP H 204 60.27 62.33 31.13
CA ASP H 204 61.66 62.48 30.73
C ASP H 204 62.60 61.69 31.61
N GLU H 205 62.32 61.60 32.92
CA GLU H 205 63.19 60.83 33.80
C GLU H 205 63.21 59.36 33.38
N ASP H 206 62.05 58.80 33.06
CA ASP H 206 62.00 57.41 32.60
C ASP H 206 62.76 57.25 31.29
N LEU H 207 62.63 58.22 30.38
CA LEU H 207 63.36 58.12 29.12
C LEU H 207 64.87 58.17 29.35
N THR H 208 65.32 59.02 30.29
CA THR H 208 66.74 59.08 30.58
C THR H 208 67.24 57.79 31.20
N LEU H 209 66.45 57.20 32.10
CA LEU H 209 66.82 55.89 32.64
C LEU H 209 66.90 54.85 31.53
N PHE H 210 65.97 54.92 30.57
CA PHE H 210 65.99 54.00 29.43
C PHE H 210 67.27 54.20 28.61
N TRP H 211 67.65 55.45 28.37
CA TRP H 211 68.89 55.72 27.65
C TRP H 211 70.08 55.14 28.41
N ASP H 212 70.09 55.30 29.73
CA ASP H 212 71.17 54.74 30.54
C ASP H 212 71.23 53.23 30.41
N ALA H 213 70.07 52.58 30.49
CA ALA H 213 70.03 51.12 30.40
C ALA H 213 70.53 50.65 29.03
N LEU H 214 70.11 51.33 27.96
CA LEU H 214 70.59 50.97 26.63
C LEU H 214 72.09 51.19 26.52
N VAL H 215 72.62 52.25 27.15
CA VAL H 215 74.05 52.51 27.11
C VAL H 215 74.81 51.40 27.84
N ASN H 216 74.34 51.04 29.03
CA ASN H 216 75.01 50.08 29.90
C ASN H 216 74.24 48.77 30.02
N MET H 217 73.71 48.29 28.90
CA MET H 217 72.79 47.15 28.95
C MET H 217 73.48 45.88 29.41
N PHE H 218 74.60 45.54 28.79
CA PHE H 218 75.18 44.20 28.90
C PHE H 218 76.11 44.02 30.10
N GLU H 219 76.33 45.05 30.91
CA GLU H 219 77.38 45.00 31.92
C GLU H 219 77.01 44.14 33.13
N HIS H 220 75.91 43.38 33.09
CA HIS H 220 75.51 42.59 34.25
C HIS H 220 75.02 41.19 33.88
N ASP H 221 75.20 40.76 32.63
CA ASP H 221 74.59 39.53 32.14
C ASP H 221 75.63 38.68 31.39
N ARG H 222 76.79 38.47 31.99
CA ARG H 222 77.89 37.76 31.35
C ARG H 222 78.09 36.40 31.99
N SER H 223 78.23 35.37 31.16
CA SER H 223 78.60 34.04 31.61
C SER H 223 79.49 33.40 30.54
N ALA H 224 79.91 32.16 30.81
CA ALA H 224 80.89 31.50 29.95
C ALA H 224 80.39 31.38 28.51
N ALA H 225 79.18 30.88 28.32
CA ALA H 225 78.66 30.66 26.98
C ALA H 225 78.34 31.95 26.25
N ARG H 226 77.94 32.99 26.97
CA ARG H 226 77.44 34.20 26.31
C ARG H 226 78.54 34.90 25.52
N GLY H 227 79.80 34.69 25.87
CA GLY H 227 80.84 35.50 25.29
C GLY H 227 80.77 36.92 25.86
N LEU H 228 81.26 37.87 25.07
CA LEU H 228 81.27 39.27 25.45
C LEU H 228 80.31 40.04 24.55
N MET H 229 79.44 40.85 25.15
CA MET H 229 78.49 41.67 24.44
C MET H 229 78.62 43.12 24.90
N SER H 230 78.48 44.06 23.97
CA SER H 230 78.73 45.46 24.29
C SER H 230 78.00 46.34 23.29
N SER H 231 77.52 47.48 23.79
CA SER H 231 76.93 48.49 22.93
C SER H 231 78.02 49.22 22.16
N ARG H 232 77.72 49.62 20.92
CA ARG H 232 78.66 50.33 20.08
C ARG H 232 78.17 51.73 19.73
N LYS H 233 76.94 51.86 19.25
CA LYS H 233 76.39 53.15 18.86
C LYS H 233 74.94 53.22 19.33
N LEU H 234 74.48 54.45 19.58
CA LEU H 234 73.09 54.67 19.97
C LEU H 234 72.69 56.06 19.46
N ILE H 235 72.08 56.08 18.28
CA ILE H 235 71.56 57.31 17.69
C ILE H 235 70.13 57.50 18.18
N VAL H 236 69.71 58.76 18.32
CA VAL H 236 68.36 59.09 18.73
C VAL H 236 67.82 60.18 17.82
N PHE H 237 66.57 60.01 17.37
CA PHE H 237 65.88 61.00 16.55
C PHE H 237 64.70 61.54 17.35
N LYS H 238 64.64 62.86 17.48
CA LYS H 238 63.65 63.52 18.31
C LYS H 238 62.69 64.32 17.44
N HIS H 239 61.38 64.10 17.63
CA HIS H 239 60.35 64.86 16.95
C HIS H 239 59.86 65.98 17.86
N GLN H 240 59.55 67.13 17.26
CA GLN H 240 59.22 68.33 18.01
C GLN H 240 57.76 68.38 18.45
N ASN H 241 56.94 67.39 18.12
CA ASN H 241 55.55 67.43 18.51
C ASN H 241 55.04 66.02 18.76
N ARG H 242 53.81 65.94 19.27
CA ARG H 242 53.23 64.67 19.71
C ARG H 242 53.24 63.65 18.59
N LEU H 243 53.02 64.08 17.35
CA LEU H 243 52.98 63.20 16.19
C LEU H 243 54.17 63.54 15.30
N GLY H 244 54.93 62.52 14.89
CA GLY H 244 56.18 62.76 14.21
C GLY H 244 56.01 63.53 12.93
N ASN H 245 57.12 64.10 12.47
CA ASN H 245 57.16 64.90 11.25
C ASN H 245 57.87 64.19 10.10
N ALA H 246 58.32 62.96 10.29
CA ALA H 246 58.97 62.20 9.23
C ALA H 246 58.69 60.73 9.44
N PRO H 247 58.62 59.94 8.36
CA PRO H 247 58.46 58.49 8.54
C PRO H 247 59.65 57.88 9.26
N ALA H 248 59.38 56.86 10.06
CA ALA H 248 60.45 56.18 10.77
C ALA H 248 61.42 55.50 9.82
N HIS H 249 60.93 54.95 8.72
CA HIS H 249 61.80 54.26 7.78
C HIS H 249 62.77 55.23 7.09
N LYS H 250 62.44 56.51 7.06
CA LYS H 250 63.41 57.49 6.55
C LYS H 250 64.53 57.72 7.54
N LEU H 251 64.19 57.89 8.82
CA LEU H 251 65.21 58.14 9.83
C LEU H 251 66.11 56.93 10.03
N PHE H 252 65.52 55.73 10.09
CA PHE H 252 66.31 54.52 10.27
C PHE H 252 67.31 54.32 9.14
N ASP H 253 67.09 54.97 7.98
CA ASP H 253 68.03 54.87 6.88
C ASP H 253 69.13 55.92 6.93
N LEU H 254 68.90 57.02 7.64
CA LEU H 254 69.90 58.08 7.70
C LEU H 254 71.20 57.59 8.34
N VAL H 255 71.09 56.77 9.39
CA VAL H 255 72.27 56.27 10.10
C VAL H 255 72.74 55.05 9.34
N LYS H 256 73.56 55.28 8.33
CA LYS H 256 74.07 54.20 7.49
C LYS H 256 75.14 53.42 8.23
N VAL H 257 75.16 52.10 8.02
CA VAL H 257 76.15 51.22 8.62
C VAL H 257 76.64 50.26 7.54
N SER H 258 77.95 50.24 7.32
CA SER H 258 78.55 49.37 6.32
C SER H 258 80.02 49.16 6.67
N ARG H 259 80.62 48.16 6.04
CA ARG H 259 82.01 47.81 6.32
C ARG H 259 82.93 48.95 5.92
N ALA H 260 83.91 49.24 6.78
CA ALA H 260 84.90 50.26 6.47
C ALA H 260 85.83 49.75 5.38
N GLU H 261 86.24 50.67 4.49
CA GLU H 261 87.13 50.30 3.40
C GLU H 261 88.51 49.88 3.91
N GLY H 262 88.83 50.14 5.16
CA GLY H 262 90.09 49.73 5.74
C GLY H 262 90.17 48.26 6.10
N SER H 263 89.14 47.49 5.81
CA SER H 263 89.11 46.07 6.10
C SER H 263 89.06 45.27 4.81
N SER H 264 89.86 44.21 4.75
CA SER H 264 89.88 43.29 3.62
C SER H 264 89.74 41.87 4.13
N GLY H 265 88.97 41.06 3.39
CA GLY H 265 88.66 39.73 3.82
C GLY H 265 87.55 39.72 4.85
N PRO H 266 87.41 38.63 5.60
CA PRO H 266 86.33 38.56 6.58
C PRO H 266 86.49 39.59 7.68
N ALA H 267 85.35 40.08 8.18
CA ALA H 267 85.36 41.06 9.26
C ALA H 267 85.33 40.36 10.61
N ARG H 268 86.12 40.87 11.56
CA ARG H 268 86.21 40.27 12.88
C ARG H 268 86.22 41.29 14.01
N SER H 269 85.92 42.57 13.74
CA SER H 269 85.95 43.58 14.77
C SER H 269 85.04 44.73 14.37
N PHE H 270 84.60 45.49 15.38
CA PHE H 270 83.80 46.68 15.11
C PHE H 270 84.56 47.66 14.22
N ALA H 271 85.89 47.61 14.26
CA ALA H 271 86.68 48.48 13.40
C ALA H 271 86.46 48.19 11.93
N ASP H 272 85.88 47.05 11.60
CA ASP H 272 85.56 46.72 10.22
C ASP H 272 84.42 47.56 9.66
N TYR H 273 83.73 48.35 10.49
CA TYR H 273 82.50 49.01 10.11
C TYR H 273 82.64 50.53 10.24
N ALA H 274 82.23 51.24 9.19
CA ALA H 274 82.20 52.69 9.18
C ALA H 274 80.75 53.15 9.28
N VAL H 275 80.45 53.94 10.29
CA VAL H 275 79.09 54.36 10.62
C VAL H 275 78.94 55.83 10.31
N THR H 276 77.82 56.19 9.70
CA THR H 276 77.54 57.56 9.30
C THR H 276 76.11 57.92 9.68
N VAL H 277 75.87 59.21 9.87
CA VAL H 277 74.52 59.74 10.07
C VAL H 277 74.40 61.04 9.27
N GLY H 278 73.28 61.21 8.59
CA GLY H 278 73.04 62.41 7.81
C GLY H 278 72.38 63.49 8.63
N GLN H 279 71.63 64.37 7.97
CA GLN H 279 70.89 65.45 8.62
C GLN H 279 69.40 65.14 8.53
N ALA H 280 68.72 65.17 9.68
CA ALA H 280 67.34 64.77 9.73
C ALA H 280 66.44 65.85 9.13
N PRO H 281 65.20 65.51 8.78
CA PRO H 281 64.28 66.51 8.24
C PRO H 281 64.11 67.69 9.19
N GLU H 282 63.48 68.74 8.68
CA GLU H 282 63.32 69.96 9.46
C GLU H 282 62.50 69.72 10.71
N GLY H 283 61.66 68.69 10.72
CA GLY H 283 60.85 68.35 11.86
C GLY H 283 61.54 67.47 12.88
N VAL H 284 62.79 67.08 12.64
CA VAL H 284 63.51 66.16 13.51
C VAL H 284 64.90 66.72 13.79
N GLU H 285 65.45 66.35 14.94
CA GLU H 285 66.82 66.67 15.29
C GLU H 285 67.51 65.42 15.81
N VAL H 286 68.83 65.40 15.69
CA VAL H 286 69.64 64.21 15.91
C VAL H 286 70.46 64.37 17.18
N LYS H 287 70.50 63.31 17.98
CA LYS H 287 71.42 63.22 19.11
C LYS H 287 72.09 61.86 19.09
N GLU H 288 73.27 61.80 19.72
CA GLU H 288 74.14 60.63 19.59
C GLU H 288 74.77 60.37 20.97
N MET H 289 74.35 59.26 21.60
CA MET H 289 74.81 58.95 22.94
C MET H 289 76.06 58.09 22.95
N LEU H 290 76.24 57.21 21.97
CA LEU H 290 77.47 56.44 21.84
C LEU H 290 78.18 56.78 20.53
N LEU I 3 -59.06 -34.82 17.41
CA LEU I 3 -59.06 -34.01 18.54
C LEU I 3 -60.43 -33.90 19.15
N GLN I 4 -60.59 -33.78 20.43
CA GLN I 4 -61.79 -33.55 21.11
C GLN I 4 -62.21 -32.10 21.12
N ALA I 5 -61.33 -31.19 20.88
CA ALA I 5 -61.59 -29.82 20.63
C ALA I 5 -62.50 -29.65 19.44
N LEU I 6 -62.25 -30.33 18.37
CA LEU I 6 -63.06 -30.41 17.22
C LEU I 6 -64.44 -30.93 17.52
N HIS I 7 -64.54 -31.96 18.30
CA HIS I 7 -65.73 -32.53 18.78
C HIS I 7 -66.58 -31.53 19.52
N GLY I 8 -65.94 -30.82 20.44
CA GLY I 8 -66.63 -29.75 21.14
C GLY I 8 -67.11 -28.66 20.20
N TYR I 9 -66.32 -28.34 19.18
CA TYR I 9 -66.75 -27.34 18.22
C TYR I 9 -67.99 -27.82 17.47
N TYR I 10 -68.02 -29.09 17.06
CA TYR I 10 -69.21 -29.61 16.43
C TYR I 10 -70.42 -29.49 17.35
N GLN I 11 -70.25 -29.92 18.60
CA GLN I 11 -71.33 -29.78 19.57
C GLN I 11 -71.79 -28.35 19.69
N ARG I 12 -70.87 -27.39 19.51
CA ARG I 12 -71.24 -25.97 19.57
C ARG I 12 -72.05 -25.57 18.35
N MET I 13 -71.45 -25.67 17.16
CA MET I 13 -72.11 -25.19 15.95
C MET I 13 -73.37 -25.99 15.65
N SER I 14 -73.38 -27.28 15.97
CA SER I 14 -74.54 -28.11 15.68
C SER I 14 -75.79 -27.64 16.41
N ALA I 15 -75.63 -26.87 17.49
CA ALA I 15 -76.79 -26.39 18.23
C ALA I 15 -77.66 -25.48 17.38
N ASP I 16 -77.06 -24.59 16.60
CA ASP I 16 -77.80 -23.63 15.81
C ASP I 16 -78.33 -24.27 14.53
N PRO I 17 -79.53 -23.90 14.09
CA PRO I 17 -80.06 -24.47 12.84
C PRO I 17 -79.41 -23.90 11.58
N ASP I 18 -78.52 -22.92 11.70
CA ASP I 18 -77.80 -22.39 10.55
C ASP I 18 -76.34 -22.23 10.92
N ALA I 19 -75.50 -22.01 9.90
CA ALA I 19 -74.06 -21.93 10.09
C ALA I 19 -73.54 -23.19 10.76
N GLY I 20 -74.00 -24.34 10.24
CA GLY I 20 -73.63 -25.62 10.81
C GLY I 20 -74.45 -26.72 10.18
N MET I 21 -74.63 -27.80 10.95
CA MET I 21 -75.45 -28.91 10.48
C MET I 21 -75.77 -29.82 11.66
N PRO I 22 -77.02 -30.22 11.83
CA PRO I 22 -77.39 -31.05 12.99
C PRO I 22 -77.42 -32.54 12.72
N PRO I 23 -77.02 -33.05 11.55
CA PRO I 23 -77.13 -34.50 11.32
C PRO I 23 -76.45 -35.30 12.42
N TYR I 24 -76.81 -36.59 12.47
CA TYR I 24 -76.27 -37.50 13.48
C TYR I 24 -74.82 -37.86 13.18
N LEU I 180 -65.88 -53.88 17.27
CA LEU I 180 -66.74 -53.89 18.44
C LEU I 180 -66.66 -52.60 19.27
N CYS I 181 -67.40 -52.53 20.38
CA CYS I 181 -67.52 -51.48 21.29
C CYS I 181 -66.25 -51.29 22.10
N GLY I 182 -66.01 -50.16 22.65
CA GLY I 182 -64.95 -49.78 23.43
C GLY I 182 -64.98 -48.44 24.05
N GLN I 183 -63.96 -47.99 24.69
CA GLN I 183 -63.78 -46.71 25.25
C GLN I 183 -63.50 -45.70 24.18
N CYS I 184 -64.31 -44.72 23.95
CA CYS I 184 -64.17 -43.64 23.06
C CYS I 184 -63.18 -42.65 23.61
N LEU I 185 -62.02 -42.48 22.98
CA LEU I 185 -60.96 -41.60 23.47
C LEU I 185 -61.27 -40.11 23.25
N ILE I 186 -62.21 -39.77 22.37
CA ILE I 186 -62.68 -38.46 22.11
C ILE I 186 -63.51 -37.93 23.24
N THR I 187 -64.49 -38.66 23.66
CA THR I 187 -65.47 -38.39 24.64
C THR I 187 -65.19 -38.91 26.02
N GLY I 188 -64.59 -40.04 26.16
CA GLY I 188 -64.38 -40.74 27.33
C GLY I 188 -65.44 -41.60 27.88
N GLU I 189 -66.50 -41.79 27.18
CA GLU I 189 -67.57 -42.67 27.45
C GLU I 189 -67.19 -44.10 27.21
N ARG I 190 -67.50 -45.02 28.06
CA ARG I 190 -67.22 -46.41 28.04
C ARG I 190 -68.23 -47.16 27.21
N GLN I 191 -67.86 -48.23 26.57
CA GLN I 191 -68.72 -49.12 25.89
C GLN I 191 -69.58 -48.40 24.88
N LYS I 192 -69.01 -47.83 23.86
CA LYS I 192 -69.60 -47.15 22.77
C LYS I 192 -69.19 -47.71 21.44
N PRO I 193 -70.03 -47.64 20.40
CA PRO I 193 -69.71 -48.25 19.12
C PRO I 193 -68.52 -47.68 18.40
N ILE I 194 -67.37 -48.35 18.36
CA ILE I 194 -66.16 -47.83 17.70
C ILE I 194 -66.29 -47.86 16.17
N ALA I 195 -65.79 -46.83 15.48
CA ALA I 195 -65.72 -46.81 14.02
C ALA I 195 -64.59 -47.71 13.49
N GLN I 196 -64.89 -48.63 12.58
CA GLN I 196 -63.90 -49.50 11.90
C GLN I 196 -63.14 -48.75 10.80
N LEU I 197 -63.74 -47.72 10.22
CA LEU I 197 -63.20 -46.93 9.12
C LEU I 197 -63.78 -45.52 9.23
N HIS I 198 -62.94 -44.55 9.58
CA HIS I 198 -63.36 -43.17 9.79
C HIS I 198 -63.83 -42.51 8.48
N PRO I 199 -64.80 -41.57 8.54
CA PRO I 199 -65.17 -40.78 7.39
C PRO I 199 -64.05 -39.90 6.89
N SER I 200 -63.96 -39.64 5.63
CA SER I 200 -62.94 -38.96 4.96
C SER I 200 -62.98 -37.47 5.19
N ILE I 201 -61.90 -36.78 5.06
CA ILE I 201 -61.67 -35.39 5.16
C ILE I 201 -61.47 -34.77 3.80
N LYS I 202 -61.87 -33.52 3.62
CA LYS I 202 -61.77 -32.88 2.31
C LYS I 202 -60.34 -32.46 2.03
N GLY I 203 -59.76 -32.98 0.95
CA GLY I 203 -58.46 -32.56 0.47
C GLY I 203 -58.60 -31.64 -0.73
N GLY I 204 -57.48 -31.43 -1.40
CA GLY I 204 -57.46 -30.60 -2.58
C GLY I 204 -57.60 -29.12 -2.23
N ARG I 205 -57.59 -28.30 -3.27
CA ARG I 205 -57.59 -26.85 -3.08
C ARG I 205 -58.84 -26.38 -2.35
N ASP I 206 -59.91 -27.16 -2.39
CA ASP I 206 -61.13 -26.82 -1.67
C ASP I 206 -61.17 -27.38 -0.25
N GLY I 207 -60.13 -28.07 0.17
CA GLY I 207 -60.01 -28.54 1.54
C GLY I 207 -58.63 -28.25 2.09
N VAL I 208 -57.96 -29.28 2.60
CA VAL I 208 -56.56 -29.13 3.02
C VAL I 208 -55.70 -29.17 1.76
N ARG I 209 -55.17 -28.01 1.36
CA ARG I 209 -54.42 -27.91 0.12
C ARG I 209 -53.32 -28.96 0.09
N GLY I 210 -53.07 -29.49 -1.11
CA GLY I 210 -51.96 -30.39 -1.33
C GLY I 210 -52.28 -31.86 -1.15
N ALA I 211 -53.12 -32.21 -0.18
CA ALA I 211 -53.49 -33.61 -0.01
C ALA I 211 -54.47 -34.04 -1.08
N GLN I 212 -54.57 -35.35 -1.28
CA GLN I 212 -55.52 -35.89 -2.23
C GLN I 212 -56.94 -35.67 -1.73
N ALA I 213 -57.90 -35.65 -2.67
CA ALA I 213 -59.26 -35.27 -2.33
C ALA I 213 -59.80 -36.08 -1.16
N VAL I 214 -59.52 -37.32 -1.03
CA VAL I 214 -59.84 -38.22 0.01
C VAL I 214 -58.76 -38.27 1.05
N ALA I 215 -58.67 -37.39 1.98
CA ALA I 215 -57.74 -37.27 3.03
C ALA I 215 -58.25 -37.85 4.34
N SER I 216 -57.40 -38.21 5.25
CA SER I 216 -57.67 -38.82 6.49
C SER I 216 -56.66 -38.52 7.56
N ILE I 217 -57.04 -38.37 8.79
CA ILE I 217 -56.25 -38.28 9.95
C ILE I 217 -55.75 -39.63 10.39
N VAL I 218 -56.69 -40.53 10.71
CA VAL I 218 -56.39 -41.90 11.10
C VAL I 218 -56.40 -42.78 9.85
N SER I 219 -55.36 -43.58 9.62
CA SER I 219 -55.23 -44.45 8.44
C SER I 219 -54.24 -45.57 8.70
N PHE I 220 -54.72 -46.81 8.79
CA PHE I 220 -53.89 -47.99 9.08
C PHE I 220 -53.89 -48.97 7.91
N ASN I 221 -53.70 -48.44 6.69
CA ASN I 221 -53.74 -49.21 5.45
C ASN I 221 -52.54 -50.17 5.31
N ASN I 222 -51.41 -49.87 5.96
CA ASN I 222 -50.17 -50.56 5.94
C ASN I 222 -49.93 -51.34 7.21
N THR I 223 -49.29 -52.46 7.16
CA THR I 223 -49.07 -53.38 8.21
C THR I 223 -48.11 -52.91 9.27
N ALA I 224 -47.25 -52.00 8.99
CA ALA I 224 -46.31 -51.44 9.87
C ALA I 224 -46.97 -50.76 11.06
N PHE I 225 -48.01 -49.97 10.80
CA PHE I 225 -48.63 -49.09 11.79
C PHE I 225 -49.59 -49.80 12.75
N GLU I 226 -50.03 -51.01 12.39
CA GLU I 226 -50.96 -51.83 13.17
C GLU I 226 -50.29 -52.35 14.46
N SER I 227 -51.01 -52.38 15.57
CA SER I 227 -50.42 -52.58 16.89
C SER I 227 -51.30 -53.37 17.83
N TYR I 228 -50.69 -54.11 18.76
CA TYR I 228 -51.36 -54.92 19.77
C TYR I 228 -52.46 -55.84 19.19
N GLY I 229 -52.21 -56.36 17.98
CA GLY I 229 -53.13 -57.25 17.26
C GLY I 229 -54.38 -56.60 16.67
N LYS I 230 -54.57 -55.28 16.80
CA LYS I 230 -55.78 -54.58 16.33
C LYS I 230 -55.67 -54.14 14.86
N GLU I 231 -56.81 -54.02 14.19
CA GLU I 231 -56.95 -53.74 12.74
C GLU I 231 -57.36 -52.27 12.42
N GLN I 232 -57.83 -52.00 11.19
CA GLN I 232 -57.81 -50.71 10.49
C GLN I 232 -58.15 -49.43 11.29
N SER I 233 -59.11 -49.44 12.19
CA SER I 233 -59.33 -48.28 13.08
C SER I 233 -59.58 -48.65 14.53
N ILE I 234 -59.51 -49.93 14.86
CA ILE I 234 -59.62 -50.39 16.25
C ILE I 234 -58.37 -49.92 17.04
N ASN I 235 -57.25 -49.69 16.36
CA ASN I 235 -56.06 -49.05 16.93
C ASN I 235 -56.30 -47.62 17.46
N ALA I 236 -57.31 -46.92 16.95
CA ALA I 236 -57.58 -45.51 17.23
C ALA I 236 -59.04 -45.35 17.69
N PRO I 237 -59.45 -45.96 18.81
CA PRO I 237 -60.86 -46.23 19.06
C PRO I 237 -61.65 -44.97 19.40
N VAL I 238 -62.52 -44.53 18.49
CA VAL I 238 -63.50 -43.47 18.74
C VAL I 238 -64.89 -43.93 18.30
N SER I 239 -65.94 -43.61 19.07
CA SER I 239 -67.29 -43.90 18.80
C SER I 239 -67.68 -43.35 17.44
N GLN I 240 -68.65 -43.89 16.79
CA GLN I 240 -69.13 -43.51 15.52
C GLN I 240 -69.54 -42.06 15.48
N GLU I 241 -70.28 -41.62 16.45
CA GLU I 241 -70.77 -40.31 16.62
C GLU I 241 -69.66 -39.30 16.63
N ALA I 242 -68.66 -39.50 17.43
CA ALA I 242 -67.49 -38.71 17.55
C ALA I 242 -66.74 -38.63 16.26
N ALA I 243 -66.57 -39.73 15.59
CA ALA I 243 -65.94 -39.87 14.34
C ALA I 243 -66.56 -38.97 13.30
N PHE I 244 -67.84 -38.98 13.20
CA PHE I 244 -68.62 -38.13 12.39
C PHE I 244 -68.44 -36.68 12.74
N SER I 245 -68.54 -36.35 14.00
CA SER I 245 -68.56 -35.07 14.56
C SER I 245 -67.32 -34.29 14.24
N TYR I 246 -66.18 -34.79 14.60
CA TYR I 246 -64.91 -34.17 14.45
C TYR I 246 -64.58 -33.94 13.00
N VAL I 247 -64.83 -34.87 12.15
CA VAL I 247 -64.67 -34.82 10.75
C VAL I 247 -65.48 -33.70 10.15
N THR I 248 -66.73 -33.60 10.47
CA THR I 248 -67.63 -32.61 10.03
C THR I 248 -67.21 -31.23 10.44
N ALA I 249 -66.81 -31.09 11.71
CA ALA I 249 -66.36 -29.79 12.20
C ALA I 249 -65.12 -29.34 11.43
N LEU I 250 -64.16 -30.18 11.21
CA LEU I 250 -62.99 -29.95 10.46
C LEU I 250 -63.33 -29.51 9.05
N ASN I 251 -64.26 -30.24 8.44
CA ASN I 251 -64.67 -29.91 7.08
C ASN I 251 -65.31 -28.53 7.00
N TYR I 252 -66.17 -28.21 7.97
CA TYR I 252 -66.81 -26.90 7.98
C TYR I 252 -65.78 -25.79 8.15
N LEU I 253 -64.79 -26.01 9.02
CA LEU I 253 -63.73 -25.03 9.16
C LEU I 253 -62.88 -24.94 7.90
N LEU I 254 -62.79 -26.02 7.14
CA LEU I 254 -61.97 -26.04 5.93
C LEU I 254 -62.66 -25.34 4.75
N ASN I 255 -63.97 -25.19 4.78
CA ASN I 255 -64.68 -24.55 3.69
C ASN I 255 -64.28 -23.08 3.65
N PRO I 256 -63.64 -22.59 2.57
CA PRO I 256 -63.17 -21.20 2.57
C PRO I 256 -64.27 -20.17 2.66
N SER I 257 -65.50 -20.51 2.31
CA SER I 257 -66.60 -19.55 2.45
C SER I 257 -66.65 -18.99 3.86
N ASN I 258 -66.41 -19.83 4.86
CA ASN I 258 -66.26 -19.39 6.23
C ASN I 258 -64.89 -18.75 6.40
N ARG I 259 -64.84 -17.68 7.20
CA ARG I 259 -63.59 -16.93 7.33
C ARG I 259 -62.59 -17.61 8.25
N GLN I 260 -62.94 -18.72 8.88
CA GLN I 260 -62.02 -19.39 9.80
C GLN I 260 -61.08 -20.33 9.03
N LYS I 261 -60.08 -19.77 8.36
CA LYS I 261 -59.10 -20.56 7.63
C LYS I 261 -58.03 -19.65 7.06
N VAL I 262 -56.80 -20.17 6.99
CA VAL I 262 -55.69 -19.50 6.31
C VAL I 262 -54.70 -20.56 5.88
N THR I 263 -53.99 -20.29 4.80
CA THR I 263 -53.00 -21.21 4.27
C THR I 263 -51.60 -20.63 4.45
N ILE I 264 -50.73 -21.39 5.12
CA ILE I 264 -49.37 -20.95 5.42
C ILE I 264 -48.42 -21.97 4.80
N ALA I 265 -47.53 -21.49 3.93
CA ALA I 265 -46.57 -22.36 3.28
C ALA I 265 -47.27 -23.56 2.66
N ASP I 266 -47.06 -24.75 3.21
CA ASP I 266 -47.77 -25.93 2.70
C ASP I 266 -48.96 -26.30 3.57
N ALA I 267 -49.02 -25.79 4.80
CA ALA I 267 -50.04 -26.19 5.75
C ALA I 267 -51.22 -25.22 5.72
N THR I 268 -52.41 -25.77 5.98
CA THR I 268 -53.63 -24.97 6.10
C THR I 268 -54.02 -24.91 7.57
N VAL I 269 -54.28 -23.71 8.07
CA VAL I 269 -54.54 -23.45 9.48
C VAL I 269 -56.03 -23.16 9.65
N VAL I 270 -56.64 -23.80 10.63
CA VAL I 270 -58.04 -23.59 10.98
C VAL I 270 -58.12 -23.33 12.47
N PHE I 271 -58.90 -22.34 12.86
CA PHE I 271 -58.93 -21.87 14.25
C PHE I 271 -60.37 -21.60 14.65
N TRP I 272 -60.63 -21.63 15.95
CA TRP I 272 -61.96 -21.34 16.46
C TRP I 272 -61.87 -21.00 17.94
N ALA I 273 -62.90 -20.32 18.44
CA ALA I 273 -63.06 -20.05 19.84
C ALA I 273 -64.06 -21.04 20.45
N GLU I 274 -63.87 -21.33 21.74
CA GLU I 274 -64.74 -22.31 22.38
C GLU I 274 -66.19 -21.85 22.42
N ARG I 275 -66.43 -20.54 22.34
CA ARG I 275 -67.79 -20.02 22.18
C ARG I 275 -67.70 -18.75 21.35
N SER I 276 -68.83 -18.40 20.73
CA SER I 276 -68.85 -17.29 19.78
C SER I 276 -68.14 -16.08 20.33
N SER I 277 -67.18 -15.57 19.57
CA SER I 277 -66.45 -14.37 19.93
C SER I 277 -65.96 -13.69 18.67
N PRO I 278 -65.80 -12.35 18.68
CA PRO I 278 -65.29 -11.67 17.48
C PRO I 278 -63.86 -12.05 17.12
N ALA I 279 -63.16 -12.76 18.00
CA ALA I 279 -61.80 -13.19 17.69
C ALA I 279 -61.78 -14.03 16.42
N GLU I 280 -62.74 -14.94 16.29
CA GLU I 280 -62.78 -15.83 15.13
C GLU I 280 -62.83 -15.05 13.82
N ASP I 281 -63.37 -13.84 13.83
CA ASP I 281 -63.37 -13.01 12.62
C ASP I 281 -62.09 -12.20 12.49
N ILE I 282 -61.31 -12.09 13.57
CA ILE I 282 -60.11 -11.25 13.54
C ILE I 282 -58.88 -12.09 13.21
N PHE I 283 -58.79 -13.28 13.81
CA PHE I 283 -57.57 -14.06 13.66
C PHE I 283 -57.35 -14.51 12.22
N ALA I 284 -58.41 -14.54 11.41
CA ALA I 284 -58.24 -14.87 10.00
C ALA I 284 -57.21 -13.95 9.36
N GLY I 285 -57.27 -12.66 9.67
CA GLY I 285 -56.34 -11.72 9.10
C GLY I 285 -55.17 -11.39 10.02
N MET I 286 -55.29 -11.71 11.31
CA MET I 286 -54.27 -11.26 12.24
C MET I 286 -52.92 -11.91 11.99
N PHE I 287 -52.87 -13.15 11.47
CA PHE I 287 -51.62 -13.69 10.94
C PHE I 287 -51.68 -13.85 9.42
N ASP I 288 -52.42 -12.96 8.75
CA ASP I 288 -52.26 -12.73 7.31
C ASP I 288 -52.82 -11.34 7.03
N PRO I 289 -52.21 -10.31 7.59
CA PRO I 289 -52.82 -8.98 7.60
C PRO I 289 -53.08 -8.48 6.20
N PRO I 290 -54.20 -7.76 5.98
CA PRO I 290 -54.45 -7.12 4.68
C PRO I 290 -53.72 -5.79 4.57
N ARG I 325 -60.52 -1.03 10.51
CA ARG I 325 -60.48 -1.34 11.95
C ARG I 325 -59.34 -2.29 12.25
N MET I 326 -59.15 -3.27 11.36
CA MET I 326 -58.16 -4.31 11.62
C MET I 326 -56.77 -3.71 11.82
N HIS I 327 -56.39 -2.74 10.99
CA HIS I 327 -55.09 -2.12 11.16
C HIS I 327 -54.98 -1.41 12.50
N ASP I 328 -56.03 -0.72 12.91
CA ASP I 328 -55.99 -0.04 14.21
C ASP I 328 -55.82 -1.05 15.33
N LEU I 329 -56.54 -2.17 15.27
CA LEU I 329 -56.39 -3.22 16.26
C LEU I 329 -54.96 -3.75 16.29
N LEU I 330 -54.38 -3.96 15.10
CA LEU I 330 -53.03 -4.49 15.04
C LEU I 330 -52.05 -3.52 15.68
N VAL I 331 -52.17 -2.23 15.36
CA VAL I 331 -51.27 -1.25 15.98
C VAL I 331 -51.46 -1.23 17.48
N ALA I 332 -52.72 -1.34 17.93
CA ALA I 332 -52.99 -1.32 19.37
C ALA I 332 -52.30 -2.49 20.06
N ILE I 333 -52.52 -3.72 19.57
CA ILE I 333 -51.96 -4.87 20.26
C ILE I 333 -50.44 -4.90 20.12
N ARG I 334 -49.90 -4.34 19.03
CA ARG I 334 -48.45 -4.20 18.94
C ARG I 334 -47.93 -3.20 19.96
N SER I 335 -48.77 -2.25 20.37
CA SER I 335 -48.39 -1.29 21.39
C SER I 335 -48.52 -1.83 22.81
N GLY I 336 -49.07 -3.04 22.97
CA GLY I 336 -49.31 -3.57 24.29
C GLY I 336 -50.63 -3.19 24.91
N LYS I 337 -51.50 -2.50 24.15
CA LYS I 337 -52.82 -2.17 24.64
C LYS I 337 -53.73 -3.39 24.57
N ARG I 338 -54.67 -3.46 25.50
CA ARG I 338 -55.61 -4.56 25.55
C ARG I 338 -56.63 -4.44 24.41
N ALA I 339 -57.05 -5.60 23.88
CA ALA I 339 -57.96 -5.59 22.75
C ALA I 339 -59.29 -4.94 23.08
N THR I 340 -59.69 -4.96 24.36
CA THR I 340 -60.98 -4.39 24.75
C THR I 340 -61.06 -2.92 24.39
N ASP I 341 -59.93 -2.23 24.32
CA ASP I 341 -59.93 -0.80 24.03
C ASP I 341 -60.28 -0.49 22.58
N ILE I 342 -60.23 -1.49 21.70
CA ILE I 342 -60.66 -1.31 20.32
C ILE I 342 -61.89 -2.13 19.98
N MET I 343 -62.16 -3.21 20.72
CA MET I 343 -63.34 -4.04 20.50
C MET I 343 -63.91 -4.43 21.86
N PRO I 344 -64.84 -3.63 22.41
CA PRO I 344 -65.38 -3.95 23.74
C PRO I 344 -66.04 -5.31 23.81
N ASP I 345 -66.60 -5.80 22.70
CA ASP I 345 -67.25 -7.10 22.69
C ASP I 345 -66.26 -8.26 22.76
N MET I 346 -64.96 -7.98 22.83
CA MET I 346 -63.95 -9.03 22.86
C MET I 346 -63.78 -9.59 24.27
N ASP I 347 -64.47 -10.69 24.56
CA ASP I 347 -64.31 -11.38 25.83
C ASP I 347 -63.02 -12.20 25.80
N GLU I 348 -61.97 -11.70 26.44
CA GLU I 348 -60.66 -12.34 26.31
C GLU I 348 -60.53 -13.59 27.17
N SER I 349 -61.46 -13.87 28.07
CA SER I 349 -61.40 -15.10 28.84
C SER I 349 -61.80 -16.31 28.02
N VAL I 350 -62.30 -16.12 26.79
CA VAL I 350 -62.68 -17.24 25.95
C VAL I 350 -61.44 -17.98 25.49
N ARG I 351 -61.49 -19.30 25.52
CA ARG I 351 -60.36 -20.09 25.05
C ARG I 351 -60.36 -20.18 23.53
N PHE I 352 -59.18 -20.08 22.95
CA PHE I 352 -58.99 -20.06 21.51
C PHE I 352 -58.18 -21.29 21.09
N HIS I 353 -58.41 -21.77 19.87
CA HIS I 353 -57.70 -22.92 19.35
C HIS I 353 -57.18 -22.65 17.96
N VAL I 354 -55.98 -23.15 17.68
CA VAL I 354 -55.36 -23.07 16.36
C VAL I 354 -54.79 -24.43 16.02
N LEU I 355 -54.99 -24.92 14.84
CA LEU I 355 -54.63 -26.18 14.30
C LEU I 355 -53.95 -26.06 12.97
N GLY I 356 -52.88 -26.80 12.74
CA GLY I 356 -52.20 -26.79 11.46
C GLY I 356 -52.07 -28.18 10.89
N LEU I 357 -52.53 -28.43 9.71
CA LEU I 357 -52.58 -29.64 8.98
C LEU I 357 -51.67 -29.62 7.78
N SER I 358 -50.76 -30.59 7.66
CA SER I 358 -49.91 -30.65 6.48
C SER I 358 -50.26 -31.87 5.66
N PRO I 359 -50.15 -31.80 4.33
CA PRO I 359 -50.54 -32.95 3.50
C PRO I 359 -49.42 -33.94 3.30
N ASN I 360 -49.71 -35.20 3.40
CA ASN I 360 -48.96 -36.36 3.08
C ASN I 360 -49.73 -37.28 2.16
N ALA I 361 -49.81 -36.94 0.87
CA ALA I 361 -50.65 -37.64 -0.10
C ALA I 361 -52.03 -37.81 0.52
N ALA I 362 -52.55 -38.97 0.79
CA ALA I 362 -53.79 -39.26 1.41
C ALA I 362 -53.81 -39.02 2.90
N ARG I 363 -52.71 -39.05 3.57
CA ARG I 363 -52.47 -38.79 4.93
C ARG I 363 -52.17 -37.34 5.16
N LEU I 364 -52.65 -36.71 6.17
CA LEU I 364 -52.36 -35.43 6.64
C LEU I 364 -51.94 -35.44 8.08
N SER I 365 -51.03 -34.63 8.50
CA SER I 365 -50.36 -34.58 9.73
C SER I 365 -50.59 -33.31 10.50
N VAL I 366 -50.65 -33.33 11.79
CA VAL I 366 -50.75 -32.27 12.71
C VAL I 366 -49.38 -31.64 12.87
N ARG I 367 -49.20 -30.38 12.48
CA ARG I 367 -47.89 -29.76 12.61
C ARG I 367 -47.77 -28.98 13.92
N PHE I 368 -48.82 -28.27 14.33
CA PHE I 368 -48.80 -27.55 15.59
C PHE I 368 -50.23 -27.41 16.10
N TRP I 369 -50.40 -26.98 17.31
CA TRP I 369 -51.60 -26.94 18.07
C TRP I 369 -51.52 -26.04 19.26
N GLU I 370 -52.41 -25.04 19.37
CA GLU I 370 -52.44 -24.14 20.52
C GLU I 370 -53.86 -24.04 21.05
N VAL I 371 -53.99 -23.96 22.37
CA VAL I 371 -55.30 -23.90 23.02
C VAL I 371 -55.35 -22.72 23.98
N ASP I 372 -54.59 -21.67 23.70
CA ASP I 372 -54.47 -20.55 24.61
C ASP I 372 -55.76 -19.73 24.62
N THR I 373 -55.83 -18.79 25.56
CA THR I 373 -56.97 -17.88 25.64
C THR I 373 -56.80 -16.72 24.66
N VAL I 374 -57.93 -16.13 24.27
CA VAL I 374 -57.90 -15.10 23.24
C VAL I 374 -56.98 -13.96 23.65
N GLY I 375 -57.16 -13.45 24.88
CA GLY I 375 -56.33 -12.35 25.33
C GLY I 375 -54.86 -12.70 25.34
N HIS I 376 -54.52 -13.88 25.88
CA HIS I 376 -53.12 -14.23 26.04
C HIS I 376 -52.42 -14.35 24.68
N MET I 377 -52.99 -15.14 23.77
CA MET I 377 -52.32 -15.32 22.48
C MET I 377 -52.41 -14.07 21.63
N LEU I 378 -53.43 -13.25 21.80
CA LEU I 378 -53.47 -11.96 21.14
C LEU I 378 -52.32 -11.08 21.60
N ASP I 379 -52.03 -11.09 22.90
CA ASP I 379 -50.86 -10.38 23.41
C ASP I 379 -49.58 -10.97 22.85
N LYS I 380 -49.51 -12.29 22.72
CA LYS I 380 -48.31 -12.92 22.16
C LYS I 380 -48.09 -12.50 20.72
N VAL I 381 -49.16 -12.48 19.91
CA VAL I 381 -49.03 -12.00 18.53
C VAL I 381 -48.63 -10.54 18.52
N GLY I 382 -49.14 -9.75 19.46
CA GLY I 382 -48.70 -8.38 19.57
C GLY I 382 -47.20 -8.28 19.80
N ARG I 383 -46.69 -9.11 20.71
CA ARG I 383 -45.26 -9.10 20.99
C ARG I 383 -44.46 -9.53 19.76
N HIS I 384 -44.96 -10.52 19.02
CA HIS I 384 -44.32 -10.95 17.79
C HIS I 384 -44.20 -9.79 16.81
N TYR I 385 -45.32 -9.12 16.54
CA TYR I 385 -45.28 -7.98 15.61
C TYR I 385 -44.42 -6.85 16.13
N ARG I 386 -44.32 -6.70 17.46
CA ARG I 386 -43.43 -5.71 18.03
C ARG I 386 -41.98 -6.04 17.75
N GLU I 387 -41.60 -7.32 17.91
CA GLU I 387 -40.25 -7.74 17.61
C GLU I 387 -39.92 -7.56 16.13
N LEU I 388 -40.87 -7.87 15.25
CA LEU I 388 -40.59 -7.83 13.82
C LEU I 388 -40.44 -6.41 13.29
N GLU I 389 -40.78 -5.40 14.08
CA GLU I 389 -40.92 -4.05 13.55
C GLU I 389 -39.58 -3.47 13.09
N ILE I 390 -39.56 -2.96 11.86
CA ILE I 390 -38.41 -2.32 11.25
C ILE I 390 -38.91 -1.21 10.33
N ILE I 391 -38.10 -0.17 10.16
CA ILE I 391 -38.52 0.91 9.29
C ILE I 391 -38.67 0.38 7.87
N PRO I 392 -39.63 0.86 7.08
CA PRO I 392 -39.80 0.34 5.73
C PRO I 392 -38.63 0.73 4.83
N GLN I 393 -38.35 -0.13 3.87
CA GLN I 393 -37.34 0.16 2.85
C GLN I 393 -37.92 1.02 1.73
N PHE I 394 -39.10 0.64 1.23
CA PHE I 394 -39.85 1.45 0.28
C PHE I 394 -41.26 1.60 0.82
N ASN I 395 -41.83 2.79 0.64
CA ASN I 395 -43.08 3.13 1.31
C ASN I 395 -44.28 2.33 0.82
N ASN I 396 -44.10 1.36 -0.08
CA ASN I 396 -45.19 0.49 -0.49
C ASN I 396 -45.25 -0.81 0.31
N GLU I 397 -44.22 -1.12 1.09
CA GLU I 397 -44.23 -2.33 1.90
C GLU I 397 -45.15 -2.14 3.10
N GLN I 398 -45.83 -3.23 3.48
CA GLN I 398 -46.88 -3.14 4.48
C GLN I 398 -46.31 -3.05 5.89
N GLU I 399 -47.10 -2.49 6.79
CA GLU I 399 -46.64 -2.25 8.16
C GLU I 399 -46.59 -3.53 8.98
N PHE I 400 -47.43 -4.51 8.65
CA PHE I 400 -47.50 -5.78 9.39
C PHE I 400 -47.22 -6.89 8.38
N PRO I 401 -45.95 -7.27 8.20
CA PRO I 401 -45.62 -8.23 7.14
C PRO I 401 -46.30 -9.57 7.35
N SER I 402 -47.10 -9.97 6.34
CA SER I 402 -47.79 -11.25 6.42
C SER I 402 -46.79 -12.37 6.60
N LEU I 403 -47.13 -13.32 7.48
CA LEU I 403 -46.19 -14.39 7.79
C LEU I 403 -45.81 -15.17 6.55
N SER I 404 -46.73 -15.32 5.60
CA SER I 404 -46.39 -15.99 4.34
C SER I 404 -45.33 -15.22 3.58
N THR I 405 -45.45 -13.89 3.54
CA THR I 405 -44.43 -13.09 2.88
C THR I 405 -43.09 -13.22 3.57
N LEU I 406 -43.08 -13.27 4.90
CA LEU I 406 -41.83 -13.47 5.62
C LEU I 406 -41.20 -14.81 5.26
N LEU I 407 -42.01 -15.87 5.21
CA LEU I 407 -41.48 -17.19 4.87
C LEU I 407 -41.04 -17.24 3.42
N ARG I 408 -41.86 -16.71 2.52
CA ARG I 408 -41.54 -16.76 1.09
C ARG I 408 -40.15 -16.20 0.83
N GLN I 409 -39.77 -15.16 1.55
CA GLN I 409 -38.50 -14.49 1.30
C GLN I 409 -37.30 -15.36 1.67
N THR I 410 -37.49 -16.43 2.45
CA THR I 410 -36.43 -17.39 2.69
C THR I 410 -36.50 -18.58 1.74
N ALA I 411 -37.42 -18.57 0.79
CA ALA I 411 -37.58 -19.70 -0.12
C ALA I 411 -36.45 -19.74 -1.14
N VAL I 412 -36.17 -20.94 -1.63
CA VAL I 412 -35.02 -21.19 -2.50
C VAL I 412 -35.09 -20.34 -3.75
N LEU I 413 -36.30 -19.92 -4.14
CA LEU I 413 -36.44 -19.08 -5.33
C LEU I 413 -37.47 -17.98 -5.14
N ASN I 414 -37.79 -17.63 -3.90
CA ASN I 414 -38.78 -16.59 -3.61
C ASN I 414 -40.12 -16.92 -4.26
N LYS I 415 -40.54 -18.17 -4.09
CA LYS I 415 -41.89 -18.58 -4.46
C LYS I 415 -42.43 -19.48 -3.35
N THR I 416 -43.76 -19.52 -3.23
CA THR I 416 -44.39 -20.23 -2.13
C THR I 416 -43.91 -21.67 -2.02
N GLU I 417 -43.72 -22.34 -3.15
CA GLU I 417 -43.03 -23.61 -3.14
C GLU I 417 -41.54 -23.37 -2.89
N ASN I 418 -40.89 -24.35 -2.29
CA ASN I 418 -39.52 -24.27 -1.79
C ASN I 418 -39.45 -23.60 -0.41
N ILE I 419 -40.59 -23.32 0.22
CA ILE I 419 -40.57 -22.97 1.63
C ILE I 419 -40.31 -24.24 2.42
N SER I 420 -39.30 -24.20 3.28
CA SER I 420 -39.01 -25.37 4.10
C SER I 420 -40.17 -25.61 5.03
N PRO I 421 -40.87 -26.75 4.93
CA PRO I 421 -42.02 -26.97 5.83
C PRO I 421 -41.67 -26.84 7.30
N VAL I 422 -40.45 -27.22 7.69
CA VAL I 422 -40.06 -27.13 9.09
C VAL I 422 -39.98 -25.67 9.54
N LEU I 423 -39.52 -24.77 8.67
CA LEU I 423 -39.51 -23.36 9.04
C LEU I 423 -40.92 -22.80 9.09
N ALA I 424 -41.81 -23.25 8.19
CA ALA I 424 -43.19 -22.83 8.26
C ALA I 424 -43.83 -23.26 9.58
N GLY I 425 -43.56 -24.49 10.01
CA GLY I 425 -44.06 -24.93 11.30
C GLY I 425 -43.42 -24.18 12.45
N GLY I 426 -42.12 -23.90 12.35
CA GLY I 426 -41.44 -23.22 13.44
C GLY I 426 -41.98 -21.82 13.68
N LEU I 427 -42.39 -21.14 12.62
CA LEU I 427 -43.00 -19.82 12.76
C LEU I 427 -44.51 -19.93 12.87
N ARG I 429 -45.81 -21.61 15.20
CA ARG I 429 -45.78 -22.10 16.57
C ARG I 429 -45.01 -21.15 17.48
N ALA I 430 -43.89 -20.64 16.98
CA ALA I 430 -43.12 -19.68 17.77
C ALA I 430 -43.79 -18.31 17.77
N MET I 431 -44.54 -18.00 16.72
CA MET I 431 -45.20 -16.70 16.64
C MET I 431 -46.21 -16.51 17.76
N LEU I 432 -47.02 -17.53 18.04
CA LEU I 432 -48.13 -17.41 18.97
C LEU I 432 -48.04 -18.32 20.18
N THR I 433 -46.93 -19.04 20.36
CA THR I 433 -46.64 -19.62 21.66
C THR I 433 -45.74 -18.71 22.49
N GLY I 434 -45.09 -17.74 21.86
CA GLY I 434 -44.24 -16.80 22.55
C GLY I 434 -42.83 -17.26 22.81
N GLY I 435 -42.45 -18.44 22.33
CA GLY I 435 -41.13 -18.96 22.58
C GLY I 435 -40.13 -18.52 21.53
N PRO I 436 -38.90 -18.97 21.70
CA PRO I 436 -37.86 -18.64 20.72
C PRO I 436 -38.20 -19.21 19.34
N TYR I 437 -37.86 -18.44 18.32
CA TYR I 437 -38.03 -18.91 16.96
C TYR I 437 -37.05 -20.06 16.70
N PRO I 438 -37.34 -20.91 15.72
CA PRO I 438 -36.45 -22.04 15.45
C PRO I 438 -35.04 -21.55 15.14
N GLN I 439 -34.05 -22.26 15.68
CA GLN I 439 -32.67 -21.86 15.52
C GLN I 439 -32.20 -21.96 14.08
N SER I 440 -32.97 -22.62 13.21
CA SER I 440 -32.60 -22.72 11.81
C SER I 440 -33.03 -21.52 10.99
N LEU I 441 -33.69 -20.54 11.62
CA LEU I 441 -34.22 -19.40 10.87
C LEU I 441 -33.11 -18.44 10.45
N LEU I 442 -32.27 -18.02 11.39
CA LEU I 442 -31.20 -17.09 11.06
C LEU I 442 -30.25 -17.65 10.02
N PRO I 443 -29.73 -18.88 10.15
CA PRO I 443 -28.91 -19.42 9.07
C PRO I 443 -29.66 -19.52 7.76
N ALA I 444 -30.99 -19.67 7.77
CA ALA I 444 -31.74 -19.74 6.53
C ALA I 444 -31.78 -18.39 5.83
N VAL I 445 -32.07 -17.31 6.56
CA VAL I 445 -32.08 -15.99 5.94
C VAL I 445 -30.68 -15.58 5.52
N LEU I 446 -29.68 -15.91 6.33
CA LEU I 446 -28.31 -15.63 5.93
C LEU I 446 -27.92 -16.43 4.69
N GLY I 447 -28.40 -17.66 4.57
CA GLY I 447 -28.15 -18.43 3.37
C GLY I 447 -28.79 -17.81 2.14
N ARG I 448 -30.01 -17.32 2.29
CA ARG I 448 -30.64 -16.60 1.17
C ARG I 448 -29.80 -15.39 0.79
N ILE I 449 -29.36 -14.62 1.77
CA ILE I 449 -28.55 -13.44 1.47
C ILE I 449 -27.26 -13.84 0.77
N ARG I 450 -26.67 -14.97 1.16
CA ARG I 450 -25.49 -15.46 0.45
C ARG I 450 -25.83 -15.78 -1.00
N ALA I 451 -26.89 -16.57 -1.21
CA ALA I 451 -27.16 -17.14 -2.52
C ALA I 451 -28.04 -16.25 -3.38
N GLU I 452 -28.39 -15.05 -2.92
CA GLU I 452 -29.21 -14.15 -3.71
C GLU I 452 -28.33 -13.18 -4.49
N HIS I 453 -28.95 -12.54 -5.48
CA HIS I 453 -28.34 -11.45 -6.22
C HIS I 453 -29.44 -10.57 -6.77
N ALA I 454 -29.11 -9.32 -7.05
CA ALA I 454 -30.11 -8.33 -7.45
C ALA I 454 -30.58 -8.65 -8.87
N ARG I 455 -31.79 -9.19 -8.97
CA ARG I 455 -32.40 -9.41 -10.28
C ARG I 455 -33.02 -8.11 -10.78
N PRO I 456 -32.60 -7.60 -11.94
CA PRO I 456 -33.26 -6.41 -12.50
C PRO I 456 -34.56 -6.71 -13.20
N GLU I 457 -35.08 -7.92 -13.08
CA GLU I 457 -36.30 -8.32 -13.78
C GLU I 457 -37.57 -7.80 -13.10
N ASP I 458 -37.46 -7.19 -11.93
CA ASP I 458 -38.61 -6.47 -11.37
C ASP I 458 -39.05 -5.33 -12.26
N LYS I 459 -38.15 -4.82 -13.11
CA LYS I 459 -38.43 -3.78 -14.09
C LYS I 459 -38.86 -2.47 -13.44
N SER I 460 -38.55 -2.28 -12.16
CA SER I 460 -38.64 -0.96 -11.54
C SER I 460 -37.34 -0.20 -11.77
N ARG I 461 -37.30 1.04 -11.27
CA ARG I 461 -36.05 1.79 -11.31
C ARG I 461 -34.99 1.09 -10.46
N TYR I 462 -35.36 0.61 -9.29
CA TYR I 462 -34.41 -0.03 -8.40
C TYR I 462 -34.17 -1.48 -8.83
N ARG I 463 -32.91 -1.89 -8.79
CA ARG I 463 -32.58 -3.30 -8.86
C ARG I 463 -32.86 -3.94 -7.52
N LEU I 464 -33.46 -5.13 -7.55
CA LEU I 464 -34.00 -5.71 -6.31
C LEU I 464 -32.91 -5.83 -5.26
N GLU I 465 -33.28 -5.48 -4.03
CA GLU I 465 -32.32 -5.49 -2.92
C GLU I 465 -31.99 -6.92 -2.50
N VAL I 466 -30.87 -7.06 -1.81
CA VAL I 466 -30.45 -8.36 -1.28
C VAL I 466 -30.91 -8.54 0.16
N VAL I 467 -30.74 -7.53 0.98
CA VAL I 467 -31.31 -7.53 2.35
C VAL I 467 -32.62 -6.77 2.25
N THR I 468 -33.69 -7.49 1.96
CA THR I 468 -35.00 -6.88 1.84
C THR I 468 -35.55 -6.51 3.22
N TYR I 469 -36.62 -5.72 3.20
CA TYR I 469 -37.29 -5.33 4.43
C TYR I 469 -37.64 -6.55 5.29
N TYR I 470 -38.15 -7.60 4.64
CA TYR I 470 -38.65 -8.75 5.39
C TYR I 470 -37.53 -9.59 5.97
N ARG I 471 -36.44 -9.77 5.24
CA ARG I 471 -35.31 -10.51 5.79
C ARG I 471 -34.70 -9.80 6.99
N ALA I 472 -34.58 -8.47 6.91
CA ALA I 472 -34.10 -7.72 8.05
C ALA I 472 -35.07 -7.80 9.22
N ALA I 473 -36.38 -7.81 8.94
CA ALA I 473 -37.35 -7.97 10.01
C ALA I 473 -37.18 -9.32 10.71
N LEU I 474 -37.00 -10.39 9.94
CA LEU I 474 -36.80 -11.70 10.53
C LEU I 474 -35.51 -11.74 11.35
N ILE I 475 -34.44 -11.14 10.84
CA ILE I 475 -33.19 -11.11 11.58
C ILE I 475 -33.36 -10.35 12.89
N LYS I 476 -34.07 -9.23 12.86
CA LYS I 476 -34.33 -8.48 14.08
C LYS I 476 -35.11 -9.31 15.08
N ALA I 477 -36.13 -10.03 14.60
CA ALA I 477 -36.91 -10.86 15.51
C ALA I 477 -36.02 -11.93 16.15
N TYR I 478 -35.17 -12.57 15.35
CA TYR I 478 -34.30 -13.61 15.89
C TYR I 478 -33.32 -13.05 16.91
N LEU I 479 -32.78 -11.85 16.65
CA LEU I 479 -31.83 -11.27 17.58
C LEU I 479 -32.50 -10.81 18.86
N ILE I 480 -33.73 -10.29 18.77
CA ILE I 480 -34.44 -9.87 19.97
C ILE I 480 -34.81 -11.07 20.83
N ARG I 481 -35.37 -12.11 20.20
CA ARG I 481 -35.93 -13.22 20.98
C ARG I 481 -34.85 -14.19 21.44
N ASN I 482 -34.17 -14.83 20.49
CA ASN I 482 -33.25 -15.90 20.87
C ASN I 482 -32.02 -15.38 21.58
N ARG I 483 -31.46 -14.26 21.14
CA ARG I 483 -30.20 -13.76 21.66
C ARG I 483 -30.37 -12.66 22.71
N LYS I 484 -31.60 -12.21 22.97
CA LYS I 484 -31.86 -11.21 24.00
C LYS I 484 -31.14 -9.89 23.73
N LEU I 485 -30.72 -9.64 22.49
CA LEU I 485 -30.01 -8.42 22.18
C LEU I 485 -30.97 -7.23 22.16
N GLU I 486 -30.40 -6.05 21.94
CA GLU I 486 -31.16 -4.83 21.73
C GLU I 486 -30.98 -4.40 20.28
N VAL I 487 -32.08 -4.21 19.58
CA VAL I 487 -32.05 -3.82 18.18
C VAL I 487 -33.02 -2.67 17.95
N PRO I 488 -32.60 -1.57 17.35
CA PRO I 488 -33.50 -0.44 17.17
C PRO I 488 -34.40 -0.62 15.96
N VAL I 489 -35.38 0.28 15.84
CA VAL I 489 -36.23 0.29 14.66
C VAL I 489 -35.56 1.02 13.51
N SER I 490 -34.72 2.00 13.79
CA SER I 490 -33.98 2.70 12.75
C SER I 490 -32.54 2.85 13.20
N LEU I 491 -31.74 3.55 12.39
CA LEU I 491 -30.32 3.68 12.67
C LEU I 491 -30.09 4.34 14.02
N ASP I 492 -29.10 3.82 14.75
CA ASP I 492 -28.67 4.40 16.02
C ASP I 492 -27.16 4.59 15.94
N PRO I 493 -26.70 5.70 15.38
CA PRO I 493 -25.25 5.91 15.27
C PRO I 493 -24.55 6.00 16.62
N ALA I 494 -25.29 6.22 17.69
CA ALA I 494 -24.70 6.21 19.03
C ALA I 494 -24.58 4.78 19.54
N ARG I 495 -23.77 3.96 18.85
CA ARG I 495 -23.62 2.56 19.18
C ARG I 495 -22.17 2.15 18.94
N THR I 496 -21.75 1.08 19.62
CA THR I 496 -20.34 0.71 19.65
C THR I 496 -20.09 -0.78 19.47
N ASP I 497 -21.00 -1.51 18.81
CA ASP I 497 -20.77 -2.92 18.54
C ASP I 497 -20.02 -3.06 17.23
N ARG I 498 -18.89 -3.77 17.25
CA ARG I 498 -18.12 -3.94 16.03
C ARG I 498 -18.91 -4.58 14.90
N PRO I 499 -19.72 -5.62 15.12
CA PRO I 499 -20.54 -6.14 14.01
C PRO I 499 -21.45 -5.08 13.40
N TYR I 500 -22.12 -4.30 14.25
CA TYR I 500 -23.01 -3.25 13.76
C TYR I 500 -22.23 -2.20 12.97
N LEU I 501 -21.06 -1.81 13.49
CA LEU I 501 -20.26 -0.81 12.83
C LEU I 501 -19.75 -1.32 11.48
N LEU I 502 -19.40 -2.60 11.41
CA LEU I 502 -18.98 -3.17 10.13
C LEU I 502 -20.14 -3.24 9.15
N GLY I 503 -21.35 -3.53 9.62
CA GLY I 503 -22.49 -3.49 8.73
C GLY I 503 -22.71 -2.11 8.16
N ARG I 504 -22.63 -1.09 9.02
CA ARG I 504 -22.76 0.28 8.55
C ARG I 504 -21.65 0.65 7.56
N LEU I 505 -20.43 0.22 7.85
CA LEU I 505 -19.31 0.48 6.96
C LEU I 505 -19.55 -0.16 5.59
N PHE I 506 -20.02 -1.41 5.58
CA PHE I 506 -20.35 -2.06 4.33
C PHE I 506 -21.39 -1.28 3.57
N ALA I 507 -22.41 -0.78 4.27
CA ALA I 507 -23.44 0.01 3.61
C ALA I 507 -22.86 1.25 2.96
N VAL I 508 -21.98 1.96 3.66
CA VAL I 508 -21.43 3.19 3.07
C VAL I 508 -20.52 2.86 1.90
N LEU I 509 -19.75 1.77 1.97
CA LEU I 509 -18.95 1.37 0.82
C LEU I 509 -19.83 1.05 -0.38
N GLU I 510 -20.94 0.36 -0.14
CA GLU I 510 -21.85 0.03 -1.23
C GLU I 510 -22.44 1.29 -1.84
N LYS I 511 -22.81 2.27 -1.00
CA LYS I 511 -23.33 3.53 -1.52
C LYS I 511 -22.28 4.24 -2.35
N ALA I 512 -21.03 4.26 -1.88
CA ALA I 512 -19.97 4.89 -2.66
C ALA I 512 -19.80 4.19 -4.00
N GLN I 513 -19.88 2.86 -4.02
CA GLN I 513 -19.81 2.14 -5.28
C GLN I 513 -20.92 2.56 -6.22
N GLU I 514 -22.17 2.50 -5.74
CA GLU I 514 -23.29 2.80 -6.61
C GLU I 514 -23.33 4.25 -7.05
N ASP I 515 -22.63 5.15 -6.35
CA ASP I 515 -22.48 6.50 -6.85
C ASP I 515 -21.33 6.64 -7.85
N ALA I 516 -20.25 5.87 -7.67
CA ALA I 516 -19.11 5.97 -8.58
C ALA I 516 -19.42 5.39 -9.95
N VAL I 517 -20.16 4.29 -9.99
CA VAL I 517 -20.48 3.60 -11.24
C VAL I 517 -21.99 3.45 -11.35
N PRO I 518 -22.71 4.51 -11.70
CA PRO I 518 -24.17 4.44 -11.68
C PRO I 518 -24.71 3.44 -12.69
N GLY I 519 -25.82 2.81 -12.32
CA GLY I 519 -26.55 1.95 -13.23
C GLY I 519 -25.92 0.60 -13.51
N ALA I 520 -24.85 0.26 -12.80
CA ALA I 520 -24.19 -1.02 -13.05
C ALA I 520 -25.11 -2.18 -12.66
N ASN I 521 -24.89 -3.32 -13.32
CA ASN I 521 -25.75 -4.48 -13.12
C ASN I 521 -25.33 -5.33 -11.93
N ALA I 522 -24.25 -4.98 -11.24
CA ALA I 522 -23.80 -5.76 -10.09
C ALA I 522 -23.16 -4.83 -9.09
N THR I 523 -23.17 -5.25 -7.83
CA THR I 523 -22.61 -4.47 -6.73
C THR I 523 -22.04 -5.43 -5.71
N ILE I 524 -21.16 -4.91 -4.84
CA ILE I 524 -20.53 -5.76 -3.84
C ILE I 524 -21.56 -6.54 -3.04
N LYS I 525 -22.76 -5.99 -2.87
CA LYS I 525 -23.79 -6.71 -2.12
C LYS I 525 -24.15 -8.02 -2.80
N ASP I 526 -23.92 -8.12 -4.10
CA ASP I 526 -24.22 -9.36 -4.82
C ASP I 526 -23.19 -10.44 -4.57
N ARG I 527 -21.95 -10.07 -4.28
CA ARG I 527 -20.86 -11.05 -4.19
C ARG I 527 -20.25 -11.14 -2.80
N TYR I 528 -19.81 -10.01 -2.25
CA TYR I 528 -18.97 -10.01 -1.07
C TYR I 528 -19.72 -9.81 0.24
N LEU I 529 -21.04 -9.71 0.21
CA LEU I 529 -21.79 -9.59 1.47
C LEU I 529 -21.66 -10.86 2.30
N ALA I 530 -21.77 -12.03 1.66
CA ALA I 530 -21.71 -13.29 2.39
C ALA I 530 -20.39 -13.48 3.11
N SER I 531 -19.28 -13.19 2.43
CA SER I 531 -17.96 -13.35 3.02
C SER I 531 -17.53 -12.18 3.86
N ALA I 532 -18.04 -10.97 3.60
CA ALA I 532 -17.78 -9.85 4.49
C ALA I 532 -18.42 -10.09 5.85
N SER I 533 -19.65 -10.59 5.88
CA SER I 533 -20.33 -10.75 7.16
C SER I 533 -19.70 -11.88 7.97
N ALA I 534 -19.24 -12.94 7.32
CA ALA I 534 -18.78 -14.14 8.02
C ALA I 534 -17.28 -14.15 8.26
N ASN I 535 -16.52 -13.35 7.54
CA ASN I 535 -15.06 -13.41 7.62
C ASN I 535 -14.47 -12.05 7.31
N PRO I 536 -14.70 -11.05 8.16
CA PRO I 536 -14.29 -9.68 7.80
C PRO I 536 -12.80 -9.55 7.55
N GLY I 537 -11.96 -10.23 8.32
CA GLY I 537 -10.53 -10.03 8.23
C GLY I 537 -9.95 -10.30 6.85
N GLN I 538 -10.62 -11.13 6.06
CA GLN I 538 -10.08 -11.54 4.77
C GLN I 538 -10.49 -10.63 3.62
N VAL I 539 -11.60 -9.90 3.76
CA VAL I 539 -12.19 -9.21 2.62
C VAL I 539 -12.30 -7.70 2.81
N PHE I 540 -12.32 -7.17 4.03
CA PHE I 540 -12.58 -5.74 4.16
C PHE I 540 -11.41 -4.89 3.67
N HIS I 541 -10.22 -5.48 3.54
CA HIS I 541 -9.12 -4.73 2.95
C HIS I 541 -9.40 -4.44 1.47
N MET I 542 -9.85 -5.45 0.73
CA MET I 542 -10.14 -5.25 -0.68
C MET I 542 -11.33 -4.35 -0.88
N LEU I 543 -12.36 -4.48 -0.04
CA LEU I 543 -13.52 -3.61 -0.17
C LEU I 543 -13.14 -2.16 0.11
N LEU I 544 -12.28 -1.93 1.10
CA LEU I 544 -11.85 -0.57 1.40
C LEU I 544 -10.98 0.00 0.28
N LYS I 545 -10.11 -0.82 -0.31
CA LYS I 545 -9.30 -0.34 -1.43
C LYS I 545 -10.17 -0.01 -2.64
N ASN I 546 -11.16 -0.86 -2.93
CA ASN I 546 -12.07 -0.57 -4.03
C ASN I 546 -12.87 0.69 -3.75
N ALA I 547 -13.31 0.88 -2.50
CA ALA I 547 -14.01 2.10 -2.15
C ALA I 547 -13.10 3.31 -2.29
N SER I 548 -11.81 3.14 -2.01
CA SER I 548 -10.86 4.21 -2.23
C SER I 548 -10.82 4.59 -3.71
N ASN I 549 -10.77 3.60 -4.59
CA ASN I 549 -10.79 3.90 -6.03
C ASN I 549 -12.11 4.57 -6.43
N HIS I 550 -13.22 4.14 -5.84
CA HIS I 550 -14.51 4.74 -6.15
C HIS I 550 -14.54 6.21 -5.75
N THR I 551 -14.04 6.52 -4.55
CA THR I 551 -13.97 7.91 -4.12
C THR I 551 -12.99 8.69 -4.97
N ALA I 552 -11.93 8.04 -5.44
CA ALA I 552 -11.00 8.71 -6.34
C ALA I 552 -11.72 9.16 -7.60
N LYS I 553 -12.45 8.25 -8.24
CA LYS I 553 -13.19 8.61 -9.45
C LYS I 553 -14.22 9.68 -9.14
N LEU I 554 -14.91 9.56 -8.00
CA LEU I 554 -15.96 10.50 -7.66
C LEU I 554 -15.41 11.90 -7.43
N ARG I 555 -14.21 12.00 -6.87
CA ARG I 555 -13.66 13.31 -6.51
C ARG I 555 -13.47 14.18 -7.75
N LYS I 556 -12.90 13.63 -8.81
CA LYS I 556 -12.66 14.40 -10.03
C LYS I 556 -13.94 14.68 -10.80
N ASP I 557 -14.92 13.78 -10.73
CA ASP I 557 -16.20 13.96 -11.39
C ASP I 557 -17.01 15.02 -10.65
N PRO I 558 -18.20 15.34 -11.16
CA PRO I 558 -19.17 16.06 -10.32
C PRO I 558 -19.46 15.27 -9.06
N GLU I 559 -20.24 15.82 -8.13
CA GLU I 559 -20.31 15.26 -6.78
C GLU I 559 -18.93 15.33 -6.14
N ARG I 560 -18.26 16.46 -6.34
CA ARG I 560 -16.84 16.58 -6.04
C ARG I 560 -16.54 16.53 -4.55
N LYS I 561 -17.57 16.61 -3.71
CA LYS I 561 -17.37 16.61 -2.27
C LYS I 561 -18.69 16.37 -1.54
N SER I 563 -20.07 14.16 -3.33
CA SER I 563 -20.17 13.47 -2.06
C SER I 563 -18.89 12.70 -1.76
N ALA I 564 -17.86 12.91 -2.57
CA ALA I 564 -16.63 12.16 -2.41
C ALA I 564 -16.06 12.32 -1.00
N ILE I 565 -16.20 13.50 -0.41
CA ILE I 565 -15.66 13.73 0.92
C ILE I 565 -16.56 13.10 1.98
N HIS I 566 -17.88 13.25 1.83
CA HIS I 566 -18.79 12.83 2.88
C HIS I 566 -18.65 11.35 3.20
N TYR I 567 -18.59 10.51 2.16
CA TYR I 567 -18.44 9.08 2.40
C TYR I 567 -17.15 8.77 3.14
N GLU I 568 -16.07 9.48 2.81
CA GLU I 568 -14.83 9.25 3.54
C GLU I 568 -14.96 9.68 5.00
N ILE I 569 -15.71 10.74 5.28
CA ILE I 569 -15.94 11.15 6.66
C ILE I 569 -16.69 10.04 7.40
N MET I 570 -17.71 9.46 6.75
CA MET I 570 -18.44 8.38 7.38
C MET I 570 -17.54 7.17 7.63
N MET I 571 -16.66 6.86 6.68
CA MET I 571 -15.71 5.76 6.90
C MET I 571 -14.82 6.06 8.10
N GLN I 572 -14.34 7.30 8.20
CA GLN I 572 -13.56 7.72 9.35
C GLN I 572 -14.31 7.46 10.65
N GLU I 573 -15.54 7.94 10.71
CA GLU I 573 -16.28 7.91 11.98
C GLU I 573 -16.74 6.51 12.34
N ILE I 574 -16.87 5.62 11.35
CA ILE I 574 -17.24 4.25 11.65
C ILE I 574 -16.00 3.43 11.98
N ILE I 575 -14.97 3.52 11.14
CA ILE I 575 -13.74 2.78 11.38
C ILE I 575 -13.09 3.21 12.70
N ASP I 576 -13.39 4.44 13.14
CA ASP I 576 -12.73 4.96 14.33
C ASP I 576 -13.05 4.14 15.58
N ASN I 577 -14.18 3.43 15.60
CA ASN I 577 -14.60 2.70 16.79
C ASN I 577 -14.13 1.25 16.82
N ILE I 578 -13.49 0.75 15.76
CA ILE I 578 -13.13 -0.65 15.64
C ILE I 578 -11.63 -0.78 15.88
N SER I 579 -11.24 -1.74 16.71
CA SER I 579 -9.84 -1.99 16.99
C SER I 579 -9.20 -2.87 15.92
N ASP I 580 -9.89 -3.94 15.52
CA ASP I 580 -9.40 -4.85 14.50
C ASP I 580 -10.59 -5.42 13.74
N PHE I 581 -10.34 -5.88 12.53
CA PHE I 581 -11.33 -6.69 11.83
C PHE I 581 -11.24 -8.11 12.36
N PRO I 582 -12.31 -8.68 12.91
CA PRO I 582 -12.21 -10.03 13.46
C PRO I 582 -11.96 -11.06 12.36
N VAL I 583 -11.29 -12.15 12.74
CA VAL I 583 -11.00 -13.21 11.78
C VAL I 583 -12.29 -13.83 11.29
N THR I 584 -13.23 -14.07 12.21
CA THR I 584 -14.53 -14.64 11.86
C THR I 584 -15.58 -14.09 12.82
N MET I 585 -16.85 -14.20 12.39
CA MET I 585 -17.97 -13.71 13.17
C MET I 585 -19.02 -14.80 13.30
N SER I 586 -19.71 -14.81 14.44
CA SER I 586 -20.72 -15.81 14.72
C SER I 586 -21.94 -15.61 13.81
N SER I 587 -22.92 -16.50 13.97
CA SER I 587 -24.16 -16.36 13.21
C SER I 587 -24.95 -15.13 13.68
N ASP I 588 -25.06 -14.93 14.99
CA ASP I 588 -25.76 -13.74 15.48
C ASP I 588 -24.96 -12.48 15.23
N GLU I 589 -23.62 -12.56 15.25
CA GLU I 589 -22.82 -11.42 14.82
C GLU I 589 -23.09 -11.10 13.36
N GLN I 590 -23.27 -12.13 12.52
CA GLN I 590 -23.68 -11.89 11.14
C GLN I 590 -25.05 -11.26 11.08
N GLY I 591 -25.97 -11.66 11.97
CA GLY I 591 -27.27 -11.02 12.01
C GLY I 591 -27.18 -9.55 12.32
N LEU I 592 -26.36 -9.20 13.30
CA LEU I 592 -26.14 -7.78 13.61
C LEU I 592 -25.49 -7.05 12.44
N PHE I 593 -24.56 -7.70 11.75
CA PHE I 593 -24.00 -7.10 10.54
C PHE I 593 -25.08 -6.79 9.53
N MET I 594 -25.99 -7.74 9.30
CA MET I 594 -27.06 -7.52 8.32
C MET I 594 -27.97 -6.39 8.76
N ILE I 595 -28.34 -6.36 10.04
CA ILE I 595 -29.22 -5.29 10.52
C ILE I 595 -28.54 -3.94 10.37
N GLY I 596 -27.25 -3.85 10.71
CA GLY I 596 -26.55 -2.59 10.55
C GLY I 596 -26.47 -2.16 9.09
N TYR I 597 -26.22 -3.11 8.19
CA TYR I 597 -26.18 -2.79 6.77
C TYR I 597 -27.52 -2.27 6.29
N TYR I 598 -28.60 -2.94 6.69
CA TYR I 598 -29.93 -2.48 6.30
C TYR I 598 -30.20 -1.07 6.84
N HIS I 599 -29.84 -0.82 8.09
CA HIS I 599 -30.10 0.49 8.68
C HIS I 599 -29.31 1.57 7.96
N GLN I 600 -28.01 1.37 7.80
CA GLN I 600 -27.17 2.41 7.20
C GLN I 600 -27.47 2.60 5.73
N ARG I 601 -27.97 1.57 5.05
CA ARG I 601 -28.37 1.72 3.65
C ARG I 601 -29.61 2.59 3.55
N LYS I 602 -30.62 2.31 4.37
CA LYS I 602 -31.86 3.07 4.31
C LYS I 602 -31.62 4.53 4.67
N ALA I 603 -30.83 4.78 5.70
CA ALA I 603 -30.60 6.14 6.16
C ALA I 603 -29.71 6.92 5.20
N LEU I 604 -29.35 6.31 4.06
CA LEU I 604 -28.43 6.92 3.12
C LEU I 604 -28.95 6.92 1.69
N PHE I 605 -30.21 6.55 1.46
CA PHE I 605 -30.74 6.56 0.10
C PHE I 605 -30.67 7.95 -0.52
N THR I 606 -31.19 8.96 0.18
CA THR I 606 -31.14 10.33 -0.31
C THR I 606 -30.75 11.27 0.83
N LYS I 607 -29.72 10.87 1.59
CA LYS I 607 -29.01 11.83 2.45
C LYS I 607 -28.24 12.85 1.60
N LYS I 608 -27.55 12.37 0.58
CA LYS I 608 -26.81 13.25 -0.32
C LYS I 608 -26.80 12.68 -1.74
N VAL J 1 -8.00 7.56 23.84
CA VAL J 1 -7.97 7.75 22.37
C VAL J 1 -8.16 6.41 21.65
N SER J 2 -9.10 6.37 20.71
CA SER J 2 -9.31 5.14 19.95
C SER J 2 -8.06 4.76 19.18
N LEU J 3 -7.40 5.73 18.57
CA LEU J 3 -6.05 5.51 18.09
C LEU J 3 -5.17 5.06 19.26
N ASP J 4 -4.43 3.99 19.04
CA ASP J 4 -3.62 3.42 20.12
C ASP J 4 -2.16 3.73 19.80
N PRO J 5 -1.63 4.86 20.27
CA PRO J 5 -0.23 5.18 19.98
C PRO J 5 0.76 4.18 20.57
N ALA J 6 0.35 3.40 21.56
CA ALA J 6 1.23 2.41 22.17
C ALA J 6 1.22 1.08 21.44
N ARG J 7 0.46 0.95 20.35
CA ARG J 7 0.38 -0.31 19.60
C ARG J 7 1.56 -0.40 18.65
N THR J 8 2.66 -0.96 19.16
CA THR J 8 3.82 -1.20 18.31
C THR J 8 3.50 -2.39 17.40
N ASP J 9 2.81 -2.12 16.29
CA ASP J 9 2.41 -3.20 15.40
C ASP J 9 2.75 -2.82 13.98
N ARG J 10 3.41 -3.74 13.27
CA ARG J 10 4.02 -3.41 11.99
C ARG J 10 3.01 -2.90 10.96
N PRO J 11 1.98 -3.64 10.57
CA PRO J 11 1.00 -3.07 9.64
C PRO J 11 0.30 -1.84 10.19
N TYR J 12 -0.01 -1.83 11.50
CA TYR J 12 -0.66 -0.66 12.09
C TYR J 12 0.23 0.56 12.01
N LEU J 13 1.52 0.39 12.30
CA LEU J 13 2.46 1.51 12.21
C LEU J 13 2.58 1.99 10.77
N LEU J 14 2.63 1.08 9.81
CA LEU J 14 2.69 1.49 8.41
C LEU J 14 1.43 2.26 8.01
N GLY J 15 0.27 1.83 8.51
CA GLY J 15 -0.96 2.56 8.20
C GLY J 15 -0.95 3.97 8.78
N ARG J 16 -0.50 4.10 10.02
CA ARG J 16 -0.35 5.43 10.60
C ARG J 16 0.61 6.29 9.79
N LEU J 17 1.71 5.69 9.35
CA LEU J 17 2.68 6.41 8.53
C LEU J 17 2.04 6.88 7.24
N PHE J 18 1.24 6.02 6.60
CA PHE J 18 0.54 6.43 5.39
C PHE J 18 -0.38 7.62 5.66
N ALA J 19 -1.11 7.58 6.77
CA ALA J 19 -2.01 8.68 7.07
C ALA J 19 -1.26 9.98 7.26
N VAL J 20 -0.16 9.94 8.01
CA VAL J 20 0.58 11.19 8.26
C VAL J 20 1.22 11.69 6.98
N LEU J 21 1.68 10.79 6.11
CA LEU J 21 2.20 11.22 4.81
C LEU J 21 1.12 11.91 3.98
N GLU J 22 -0.08 11.36 3.97
CA GLU J 22 -1.16 11.98 3.23
C GLU J 22 -1.47 13.36 3.78
N LYS J 23 -1.49 13.50 5.11
CA LYS J 23 -1.73 14.81 5.69
C LYS J 23 -0.65 15.80 5.31
N ALA J 24 0.62 15.35 5.33
CA ALA J 24 1.71 16.24 4.96
C ALA J 24 1.57 16.72 3.52
N GLN J 25 1.24 15.81 2.60
CA GLN J 25 1.04 16.23 1.22
C GLN J 25 -0.13 17.20 1.12
N GLU J 26 -1.22 16.90 1.82
CA GLU J 26 -2.38 17.77 1.74
C GLU J 26 -2.08 19.17 2.25
N ASP J 27 -1.19 19.28 3.23
CA ASP J 27 -0.79 20.60 3.70
C ASP J 27 0.17 21.30 2.74
N ALA J 28 1.06 20.55 2.08
CA ALA J 28 2.02 21.18 1.19
C ALA J 28 1.38 21.68 -0.10
N VAL J 29 0.46 20.91 -0.68
CA VAL J 29 -0.19 21.30 -1.92
C VAL J 29 -1.70 21.08 -1.75
N PRO J 30 -2.42 22.04 -1.16
CA PRO J 30 -3.82 21.79 -0.83
C PRO J 30 -4.72 21.66 -2.05
N GLY J 31 -5.80 20.89 -1.87
CA GLY J 31 -6.92 20.90 -2.79
C GLY J 31 -6.72 20.19 -4.11
N ALA J 32 -5.62 19.46 -4.28
CA ALA J 32 -5.36 18.82 -5.55
C ALA J 32 -6.43 17.78 -5.85
N ASN J 33 -6.55 17.43 -7.14
CA ASN J 33 -7.56 16.48 -7.57
C ASN J 33 -7.31 15.06 -7.06
N ALA J 34 -6.13 14.78 -6.52
CA ALA J 34 -5.81 13.42 -6.10
C ALA J 34 -4.82 13.48 -4.95
N THR J 35 -5.05 12.63 -3.95
CA THR J 35 -4.16 12.47 -2.81
C THR J 35 -3.41 11.15 -2.91
N ILE J 36 -2.33 11.03 -2.13
CA ILE J 36 -1.53 9.80 -2.22
C ILE J 36 -2.36 8.61 -1.77
N LYS J 37 -3.33 8.81 -0.89
CA LYS J 37 -4.30 7.76 -0.59
C LYS J 37 -5.02 7.33 -1.86
N ASP J 38 -5.14 8.23 -2.82
CA ASP J 38 -5.85 7.93 -4.06
C ASP J 38 -4.91 7.39 -5.12
N ARG J 39 -3.64 7.78 -5.06
CA ARG J 39 -2.67 7.38 -6.06
C ARG J 39 -2.00 6.05 -5.70
N TYR J 40 -1.36 5.98 -4.53
CA TYR J 40 -0.43 4.91 -4.22
C TYR J 40 -0.96 3.87 -3.24
N LEU J 41 -2.22 3.94 -2.83
CA LEU J 41 -2.71 2.98 -1.85
C LEU J 41 -2.57 1.55 -2.37
N ALA J 42 -2.85 1.35 -3.65
CA ALA J 42 -2.73 0.02 -4.24
C ALA J 42 -1.33 -0.53 -4.06
N SER J 43 -0.34 0.17 -4.63
CA SER J 43 1.05 -0.29 -4.51
C SER J 43 1.49 -0.30 -3.06
N ALA J 44 1.10 0.71 -2.29
CA ALA J 44 1.53 0.78 -0.89
C ALA J 44 1.12 -0.46 -0.12
N SER J 45 -0.11 -0.91 -0.27
CA SER J 45 -0.56 -2.11 0.43
C SER J 45 -0.14 -3.39 -0.28
N ALA J 46 0.27 -3.30 -1.54
CA ALA J 46 0.67 -4.49 -2.28
C ALA J 46 2.09 -4.91 -1.92
N ASN J 47 3.07 -4.06 -2.18
CA ASN J 47 4.48 -4.32 -1.86
C ASN J 47 5.02 -3.11 -1.10
N PRO J 48 4.77 -3.04 0.21
CA PRO J 48 5.12 -1.81 0.94
C PRO J 48 6.59 -1.45 0.86
N GLY J 49 7.49 -2.41 1.08
CA GLY J 49 8.91 -2.10 1.08
C GLY J 49 9.40 -1.53 -0.23
N GLN J 50 8.64 -1.73 -1.30
CA GLN J 50 9.07 -1.28 -2.62
C GLN J 50 8.66 0.16 -2.93
N VAL J 51 7.73 0.74 -2.17
CA VAL J 51 7.23 2.08 -2.47
C VAL J 51 7.25 3.02 -1.28
N PHE J 52 7.33 2.53 -0.05
CA PHE J 52 7.29 3.44 1.09
C PHE J 52 8.51 4.33 1.12
N HIS J 53 9.62 3.90 0.55
CA HIS J 53 10.80 4.76 0.51
C HIS J 53 10.53 6.01 -0.32
N MET J 54 9.95 5.85 -1.52
CA MET J 54 9.67 7.01 -2.35
C MET J 54 8.53 7.84 -1.78
N LEU J 55 7.56 7.19 -1.13
CA LEU J 55 6.56 7.96 -0.41
C LEU J 55 7.20 8.83 0.65
N LEU J 56 8.23 8.32 1.34
CA LEU J 56 8.92 9.10 2.35
C LEU J 56 9.71 10.24 1.72
N LYS J 57 10.34 10.02 0.57
CA LYS J 57 10.99 11.13 -0.13
C LYS J 57 10.00 12.25 -0.43
N ASN J 58 8.84 11.88 -0.97
CA ASN J 58 7.83 12.87 -1.31
C ASN J 58 7.35 13.61 -0.07
N ALA J 59 7.13 12.88 1.03
CA ALA J 59 6.70 13.52 2.26
C ALA J 59 7.77 14.45 2.81
N SER J 60 9.04 14.09 2.63
CA SER J 60 10.12 14.98 3.03
C SER J 60 10.08 16.28 2.24
N ASN J 61 9.85 16.17 0.93
CA ASN J 61 9.72 17.39 0.13
C ASN J 61 8.54 18.24 0.61
N HIS J 62 7.41 17.60 0.90
CA HIS J 62 6.25 18.33 1.37
C HIS J 62 6.54 19.05 2.69
N THR J 63 7.20 18.36 3.61
CA THR J 63 7.53 18.96 4.89
C THR J 63 8.54 20.08 4.74
N ALA J 64 9.45 19.96 3.78
CA ALA J 64 10.37 21.06 3.49
C ALA J 64 9.61 22.28 2.99
N LYS J 65 8.64 22.07 2.10
CA LYS J 65 7.79 23.18 1.66
C LYS J 65 7.10 23.82 2.86
N LEU J 66 6.55 23.01 3.76
CA LEU J 66 5.87 23.55 4.92
C LEU J 66 6.82 24.32 5.83
N ARG J 67 8.07 23.86 5.95
CA ARG J 67 9.01 24.41 6.91
C ARG J 67 9.35 25.87 6.61
N LYS J 68 9.30 26.28 5.35
CA LYS J 68 9.69 27.65 5.01
C LYS J 68 8.77 28.69 5.64
N ASP J 69 7.50 28.39 5.76
CA ASP J 69 6.48 29.33 6.20
C ASP J 69 6.35 29.32 7.72
N PRO J 70 5.73 30.36 8.29
CA PRO J 70 5.50 30.35 9.74
C PRO J 70 4.60 29.23 10.22
N GLU J 71 3.78 28.65 9.34
CA GLU J 71 2.89 27.58 9.72
C GLU J 71 3.65 26.26 9.82
N ARG J 72 4.64 26.20 10.71
CA ARG J 72 5.40 24.97 10.88
C ARG J 72 4.55 23.97 11.66
N LYS J 73 3.51 23.46 10.99
CA LYS J 73 2.58 22.51 11.60
C LYS J 73 3.31 21.44 12.38
N ALA J 76 5.18 21.41 10.04
CA ALA J 76 6.16 20.46 9.50
C ALA J 76 6.83 19.69 10.62
N ILE J 77 7.07 20.36 11.74
CA ILE J 77 7.75 19.70 12.85
C ILE J 77 6.89 18.58 13.42
N HIS J 78 5.59 18.80 13.54
CA HIS J 78 4.71 17.74 14.05
C HIS J 78 4.71 16.54 13.12
N TYR J 79 4.59 16.77 11.82
CA TYR J 79 4.60 15.65 10.88
C TYR J 79 5.93 14.92 10.91
N GLU J 80 7.04 15.65 10.97
CA GLU J 80 8.35 15.01 10.96
C GLU J 80 8.57 14.20 12.24
N ILE J 81 8.18 14.74 13.39
CA ILE J 81 8.33 13.99 14.63
C ILE J 81 7.41 12.78 14.64
N MET J 82 6.22 12.90 14.05
CA MET J 82 5.33 11.75 13.93
C MET J 82 5.98 10.66 13.09
N MET J 83 6.56 11.03 11.95
CA MET J 83 7.25 10.05 11.11
C MET J 83 8.39 9.40 11.89
N GLN J 84 9.14 10.21 12.64
CA GLN J 84 10.24 9.68 13.44
C GLN J 84 9.74 8.66 14.46
N GLU J 85 8.65 9.00 15.16
CA GLU J 85 8.10 8.12 16.17
C GLU J 85 7.58 6.81 15.59
N ILE J 86 6.92 6.89 14.43
CA ILE J 86 6.34 5.69 13.84
C ILE J 86 7.43 4.77 13.30
N ILE J 87 8.38 5.33 12.54
CA ILE J 87 9.42 4.50 11.96
C ILE J 87 10.37 3.99 13.03
N ASP J 88 10.43 4.65 14.18
CA ASP J 88 11.27 4.17 15.27
C ASP J 88 10.90 2.74 15.64
N ASN J 89 9.61 2.43 15.60
CA ASN J 89 9.12 1.13 16.04
C ASN J 89 9.22 0.05 14.97
N ILE J 90 9.52 0.41 13.72
CA ILE J 90 9.61 -0.53 12.62
C ILE J 90 11.06 -0.93 12.43
N SER J 91 11.30 -2.23 12.33
CA SER J 91 12.66 -2.72 12.11
C SER J 91 12.96 -2.92 10.64
N ASP J 92 11.94 -3.16 9.81
CA ASP J 92 12.14 -3.39 8.39
C ASP J 92 10.79 -3.37 7.71
N PHE J 93 10.78 -2.92 6.44
CA PHE J 93 9.54 -2.92 5.67
C PHE J 93 9.22 -4.32 5.18
N PRO J 94 7.96 -4.73 5.24
CA PRO J 94 7.61 -6.09 4.77
C PRO J 94 7.61 -6.17 3.25
N VAL J 95 7.99 -7.34 2.74
CA VAL J 95 7.94 -7.56 1.30
C VAL J 95 6.51 -7.63 0.82
N THR J 96 5.65 -8.33 1.57
CA THR J 96 4.23 -8.44 1.24
C THR J 96 3.44 -8.55 2.53
N MET J 97 2.19 -8.11 2.48
CA MET J 97 1.28 -8.21 3.61
C MET J 97 0.09 -9.09 3.22
N SER J 98 -0.34 -9.93 4.16
CA SER J 98 -1.49 -10.77 3.92
C SER J 98 -2.78 -9.95 3.96
N SER J 99 -3.91 -10.65 3.84
CA SER J 99 -5.20 -9.96 3.84
C SER J 99 -5.48 -9.31 5.20
N ASP J 100 -5.21 -10.02 6.29
CA ASP J 100 -5.44 -9.44 7.61
C ASP J 100 -4.49 -8.30 7.91
N GLU J 101 -3.23 -8.42 7.48
CA GLU J 101 -2.30 -7.32 7.66
C GLU J 101 -2.74 -6.10 6.86
N GLN J 102 -3.30 -6.29 5.67
CA GLN J 102 -3.80 -5.15 4.91
C GLN J 102 -5.02 -4.54 5.58
N GLY J 103 -5.90 -5.35 6.15
CA GLY J 103 -7.01 -4.77 6.92
C GLY J 103 -6.51 -3.94 8.07
N LEU J 104 -5.51 -4.46 8.80
CA LEU J 104 -4.92 -3.70 9.89
C LEU J 104 -4.30 -2.40 9.38
N PHE J 105 -3.61 -2.46 8.24
CA PHE J 105 -3.07 -1.27 7.61
C PHE J 105 -4.16 -0.22 7.39
N MET J 106 -5.28 -0.64 6.80
CA MET J 106 -6.35 0.31 6.51
C MET J 106 -6.90 0.92 7.78
N ILE J 107 -7.16 0.10 8.81
CA ILE J 107 -7.76 0.65 10.02
C ILE J 107 -6.78 1.59 10.72
N GLY J 108 -5.49 1.26 10.71
CA GLY J 108 -4.51 2.15 11.30
C GLY J 108 -4.44 3.48 10.58
N TYR J 109 -4.46 3.43 9.25
CA TYR J 109 -4.47 4.67 8.46
C TYR J 109 -5.68 5.52 8.83
N TYR J 110 -6.86 4.91 8.88
CA TYR J 110 -8.06 5.69 9.19
C TYR J 110 -8.06 6.20 10.61
N HIS J 111 -7.46 5.46 11.54
CA HIS J 111 -7.33 5.94 12.92
C HIS J 111 -6.46 7.18 12.96
N GLN J 112 -5.27 7.11 12.36
CA GLN J 112 -4.35 8.24 12.41
C GLN J 112 -4.90 9.45 11.68
N ARG J 113 -5.60 9.23 10.57
CA ARG J 113 -6.19 10.34 9.83
C ARG J 113 -7.20 11.09 10.69
N LYS J 114 -8.04 10.35 11.42
CA LYS J 114 -9.01 10.98 12.31
C LYS J 114 -8.32 11.84 13.35
N ALA J 115 -7.20 11.37 13.89
CA ALA J 115 -6.50 12.11 14.92
C ALA J 115 -5.96 13.44 14.39
N LEU J 116 -5.35 13.40 13.20
CA LEU J 116 -4.73 14.61 12.67
C LEU J 116 -5.76 15.69 12.40
N PHE J 117 -6.97 15.31 11.97
CA PHE J 117 -8.01 16.30 11.75
C PHE J 117 -8.56 16.88 13.04
N THR J 118 -8.51 16.11 14.13
CA THR J 118 -9.05 16.58 15.40
C THR J 118 -8.20 17.73 15.94
N LYS J 119 -8.85 18.64 16.65
CA LYS J 119 -8.19 19.80 17.23
C LYS J 119 -7.04 19.38 18.14
N VAL K 1 11.84 -1.53 20.43
CA VAL K 1 12.48 -1.56 19.09
C VAL K 1 12.93 -0.17 18.68
N SER K 2 14.24 -0.04 18.44
CA SER K 2 14.82 1.26 18.07
C SER K 2 16.11 0.97 17.31
N LEU K 3 16.95 1.99 17.15
CA LEU K 3 18.18 1.85 16.39
C LEU K 3 18.97 0.62 16.84
N ASP K 4 19.37 -0.20 15.88
CA ASP K 4 20.29 -1.30 16.14
C ASP K 4 21.71 -0.78 15.90
N PRO K 5 22.55 -0.67 16.93
CA PRO K 5 23.91 -0.14 16.72
C PRO K 5 24.86 -1.15 16.06
N ALA K 6 24.44 -2.40 15.87
CA ALA K 6 25.31 -3.43 15.33
C ALA K 6 24.60 -4.24 14.25
N ARG K 7 23.93 -3.57 13.30
CA ARG K 7 23.14 -4.29 12.32
C ARG K 7 24.01 -4.79 11.16
N THR K 8 24.94 -3.97 10.69
CA THR K 8 25.90 -4.36 9.66
C THR K 8 25.24 -4.48 8.28
N ASP K 9 23.92 -4.34 8.19
CA ASP K 9 23.25 -4.30 6.89
C ASP K 9 23.68 -3.06 6.16
N ARG K 10 24.28 -3.22 4.98
CA ARG K 10 24.89 -2.09 4.28
C ARG K 10 23.93 -0.94 4.03
N PRO K 11 22.71 -1.16 3.50
CA PRO K 11 21.78 -0.03 3.37
C PRO K 11 21.45 0.63 4.70
N TYR K 12 21.30 -0.14 5.76
CA TYR K 12 21.05 0.42 7.08
C TYR K 12 22.20 1.31 7.52
N LEU K 13 23.44 0.84 7.30
CA LEU K 13 24.59 1.64 7.65
C LEU K 13 24.64 2.93 6.84
N LEU K 14 24.29 2.85 5.55
CA LEU K 14 24.26 4.06 4.73
C LEU K 14 23.22 5.05 5.24
N GLY K 15 22.05 4.55 5.64
CA GLY K 15 21.04 5.44 6.19
C GLY K 15 21.52 6.12 7.46
N ARG K 16 22.14 5.36 8.36
CA ARG K 16 22.69 5.93 9.58
C ARG K 16 23.74 6.99 9.24
N LEU K 17 24.59 6.69 8.26
CA LEU K 17 25.62 7.64 7.86
C LEU K 17 25.00 8.92 7.35
N PHE K 18 23.92 8.82 6.56
CA PHE K 18 23.24 10.01 6.08
C PHE K 18 22.67 10.82 7.24
N ALA K 19 22.06 10.14 8.22
CA ALA K 19 21.50 10.87 9.35
C ALA K 19 22.58 11.63 10.12
N VAL K 20 23.71 10.97 10.38
CA VAL K 20 24.77 11.62 11.15
C VAL K 20 25.40 12.76 10.36
N LEU K 21 25.56 12.58 9.04
CA LEU K 21 26.06 13.67 8.21
C LEU K 21 25.12 14.87 8.25
N GLU K 22 23.81 14.61 8.17
CA GLU K 22 22.83 15.68 8.24
C GLU K 22 22.95 16.45 9.56
N LYS K 23 23.04 15.71 10.67
CA LYS K 23 23.15 16.39 11.96
C LYS K 23 24.44 17.20 12.06
N ALA K 24 25.55 16.64 11.58
CA ALA K 24 26.81 17.36 11.63
C ALA K 24 26.75 18.63 10.81
N GLN K 25 26.18 18.55 9.60
CA GLN K 25 26.07 19.75 8.77
C GLN K 25 25.18 20.79 9.43
N GLU K 26 24.08 20.36 10.04
CA GLU K 26 23.22 21.32 10.71
C GLU K 26 23.96 22.00 11.85
N ASP K 27 24.74 21.23 12.62
CA ASP K 27 25.46 21.82 13.74
C ASP K 27 26.56 22.77 13.27
N ALA K 28 27.21 22.46 12.15
CA ALA K 28 28.32 23.28 11.68
C ALA K 28 27.84 24.58 11.04
N VAL K 29 26.75 24.54 10.30
CA VAL K 29 26.29 25.71 9.53
C VAL K 29 24.82 25.97 9.82
N PRO K 30 24.47 26.59 10.94
CA PRO K 30 23.07 26.95 11.19
C PRO K 30 22.61 28.07 10.26
N GLY K 31 21.30 28.11 10.04
CA GLY K 31 20.70 29.14 9.21
C GLY K 31 20.56 28.80 7.75
N ALA K 32 20.65 27.52 7.37
CA ALA K 32 20.51 27.12 5.98
C ALA K 32 19.06 26.75 5.71
N ASN K 33 18.49 27.31 4.64
CA ASN K 33 17.09 27.09 4.34
C ASN K 33 16.82 25.68 3.86
N ALA K 34 17.81 25.05 3.21
CA ALA K 34 17.68 23.67 2.75
C ALA K 34 18.88 22.88 3.25
N THR K 35 18.62 21.84 4.03
CA THR K 35 19.68 21.03 4.60
C THR K 35 20.30 20.14 3.54
N ILE K 36 21.16 19.23 3.96
CA ILE K 36 21.68 18.23 3.02
C ILE K 36 20.65 17.14 2.80
N LYS K 37 19.77 16.92 3.77
CA LYS K 37 18.66 16.00 3.55
C LYS K 37 17.75 16.50 2.43
N ASP K 38 17.30 17.76 2.53
CA ASP K 38 16.36 18.28 1.56
C ASP K 38 16.94 18.23 0.15
N ARG K 39 18.26 18.32 0.03
CA ARG K 39 18.88 18.42 -1.28
C ARG K 39 19.43 17.11 -1.80
N TYR K 40 19.68 16.12 -0.94
CA TYR K 40 20.32 14.88 -1.37
C TYR K 40 19.70 13.61 -0.81
N LEU K 41 18.51 13.67 -0.21
CA LEU K 41 17.94 12.46 0.38
C LEU K 41 17.61 11.43 -0.68
N ALA K 42 17.02 11.87 -1.80
CA ALA K 42 16.68 10.93 -2.86
C ALA K 42 17.95 10.41 -3.54
N SER K 43 18.88 11.30 -3.84
CA SER K 43 20.11 10.89 -4.54
C SER K 43 20.92 9.95 -3.68
N ALA K 44 20.94 10.17 -2.35
CA ALA K 44 21.72 9.32 -1.47
C ALA K 44 21.25 7.88 -1.52
N SER K 45 19.94 7.66 -1.57
CA SER K 45 19.43 6.30 -1.63
C SER K 45 19.54 5.73 -3.04
N ALA K 46 19.27 6.55 -4.06
CA ALA K 46 19.22 6.03 -5.43
C ALA K 46 20.59 5.55 -5.89
N ASN K 47 21.62 6.39 -5.74
CA ASN K 47 22.96 6.09 -6.22
C ASN K 47 23.97 6.44 -5.15
N PRO K 48 24.10 5.61 -4.11
CA PRO K 48 24.98 5.98 -2.99
C PRO K 48 26.42 6.26 -3.39
N GLY K 49 26.97 5.51 -4.33
CA GLY K 49 28.38 5.65 -4.64
C GLY K 49 28.75 7.02 -5.18
N GLN K 50 27.89 7.60 -6.02
CA GLN K 50 28.24 8.84 -6.70
C GLN K 50 28.19 10.04 -5.76
N VAL K 51 27.33 9.99 -4.74
CA VAL K 51 27.02 11.17 -3.95
C VAL K 51 27.67 11.12 -2.57
N PHE K 52 27.79 9.92 -2.00
CA PHE K 52 28.25 9.84 -0.62
C PHE K 52 29.67 10.37 -0.47
N HIS K 53 30.55 10.06 -1.42
CA HIS K 53 31.94 10.48 -1.24
C HIS K 53 32.07 12.00 -1.29
N MET K 54 31.25 12.67 -2.10
CA MET K 54 31.24 14.14 -2.05
C MET K 54 30.71 14.63 -0.70
N LEU K 55 29.69 13.97 -0.17
CA LEU K 55 29.17 14.36 1.13
C LEU K 55 30.23 14.18 2.21
N LEU K 56 30.98 13.08 2.16
CA LEU K 56 32.05 12.87 3.14
C LEU K 56 33.15 13.91 2.97
N LYS K 57 33.48 14.25 1.71
CA LYS K 57 34.49 15.28 1.47
C LYS K 57 34.07 16.63 2.06
N ASN K 58 32.79 16.98 1.93
CA ASN K 58 32.30 18.22 2.52
C ASN K 58 32.24 18.11 4.05
N ALA K 59 31.91 16.93 4.56
CA ALA K 59 31.78 16.78 6.00
C ALA K 59 33.13 16.83 6.71
N SER K 60 34.19 16.40 6.03
CA SER K 60 35.53 16.57 6.62
C SER K 60 35.81 18.03 6.89
N ASN K 61 35.51 18.91 5.94
CA ASN K 61 35.65 20.34 6.13
C ASN K 61 34.65 20.90 7.16
N HIS K 62 33.44 20.36 7.19
CA HIS K 62 32.49 20.78 8.21
C HIS K 62 33.02 20.50 9.60
N THR K 63 33.61 19.32 9.80
CA THR K 63 34.20 18.99 11.10
C THR K 63 35.45 19.84 11.35
N ALA K 64 36.22 20.14 10.30
CA ALA K 64 37.35 21.04 10.48
C ALA K 64 36.90 22.38 11.02
N LYS K 65 35.80 22.93 10.49
CA LYS K 65 35.24 24.14 11.06
C LYS K 65 34.78 23.92 12.49
N LEU K 66 34.02 22.85 12.71
CA LEU K 66 33.39 22.65 14.01
C LEU K 66 34.42 22.49 15.12
N ARG K 67 35.60 21.96 14.80
CA ARG K 67 36.59 21.69 15.83
C ARG K 67 37.43 22.91 16.19
N LYS K 68 37.43 23.95 15.34
CA LYS K 68 38.37 25.05 15.53
C LYS K 68 38.18 25.73 16.88
N ASP K 69 36.97 25.69 17.43
CA ASP K 69 36.72 26.33 18.72
C ASP K 69 36.42 25.24 19.76
N PRO K 70 36.37 25.59 21.05
CA PRO K 70 36.28 24.55 22.09
C PRO K 70 35.04 23.66 22.00
N GLU K 71 33.94 24.13 21.41
CA GLU K 71 32.72 23.34 21.42
C GLU K 71 32.95 22.01 20.69
N ARG K 72 32.49 20.93 21.32
CA ARG K 72 32.66 19.58 20.79
C ARG K 72 31.33 18.87 20.81
N LYS K 73 31.05 18.13 19.75
CA LYS K 73 29.80 17.37 19.63
C LYS K 73 30.07 15.88 19.64
N ALA K 76 33.55 17.78 18.02
CA ALA K 76 32.92 17.00 16.97
C ALA K 76 33.26 15.53 17.11
N ILE K 77 33.92 15.19 18.22
CA ILE K 77 34.51 13.87 18.38
C ILE K 77 33.46 12.78 18.19
N HIS K 78 32.28 12.95 18.79
CA HIS K 78 31.26 11.92 18.66
C HIS K 78 30.85 11.72 17.20
N TYR K 79 30.60 12.81 16.48
CA TYR K 79 30.17 12.70 15.10
C TYR K 79 31.25 12.06 14.23
N GLU K 80 32.49 12.53 14.36
CA GLU K 80 33.55 11.98 13.52
C GLU K 80 33.81 10.51 13.85
N ILE K 81 33.76 10.12 15.13
CA ILE K 81 33.96 8.74 15.49
C ILE K 81 32.83 7.87 14.95
N MET K 82 31.59 8.34 15.05
CA MET K 82 30.46 7.57 14.52
C MET K 82 30.61 7.38 13.02
N MET K 83 30.92 8.45 12.30
CA MET K 83 31.07 8.34 10.85
C MET K 83 32.20 7.39 10.50
N GLN K 84 33.33 7.49 11.20
CA GLN K 84 34.46 6.63 10.91
C GLN K 84 34.09 5.17 11.12
N GLU K 85 33.40 4.86 12.23
CA GLU K 85 33.03 3.47 12.48
C GLU K 85 32.03 2.96 11.46
N ILE K 86 31.02 3.75 11.13
CA ILE K 86 30.03 3.29 10.16
C ILE K 86 30.69 3.04 8.82
N ILE K 87 31.54 3.96 8.36
CA ILE K 87 32.25 3.75 7.11
C ILE K 87 33.14 2.52 7.20
N ASP K 88 33.74 2.29 8.36
CA ASP K 88 34.57 1.11 8.53
C ASP K 88 33.77 -0.17 8.36
N ASN K 89 32.51 -0.18 8.81
CA ASN K 89 31.67 -1.34 8.62
C ASN K 89 31.23 -1.50 7.16
N ILE K 90 31.01 -0.40 6.45
CA ILE K 90 30.56 -0.46 5.06
C ILE K 90 31.73 -0.92 4.20
N SER K 91 31.63 -2.13 3.66
CA SER K 91 32.73 -2.68 2.85
C SER K 91 32.96 -1.85 1.60
N ASP K 92 31.89 -1.42 0.94
CA ASP K 92 32.01 -0.76 -0.36
C ASP K 92 30.71 -0.06 -0.72
N PHE K 93 30.80 1.18 -1.17
CA PHE K 93 29.60 1.95 -1.49
C PHE K 93 29.00 1.46 -2.79
N PRO K 94 27.74 1.05 -2.82
CA PRO K 94 27.15 0.55 -4.07
C PRO K 94 27.02 1.66 -5.12
N VAL K 95 27.01 1.25 -6.38
CA VAL K 95 26.69 2.18 -7.46
C VAL K 95 25.20 2.25 -7.71
N THR K 96 24.43 1.26 -7.23
CA THR K 96 22.98 1.29 -7.30
C THR K 96 22.43 0.54 -6.10
N MET K 97 21.17 0.83 -5.77
CA MET K 97 20.47 0.14 -4.70
C MET K 97 19.05 -0.15 -5.14
N SER K 98 18.60 -1.37 -4.88
CA SER K 98 17.24 -1.77 -5.21
C SER K 98 16.25 -1.13 -4.25
N SER K 99 14.97 -1.30 -4.56
CA SER K 99 13.90 -0.67 -3.78
C SER K 99 13.94 -1.14 -2.32
N ASP K 100 14.11 -2.44 -2.10
CA ASP K 100 14.14 -2.94 -0.73
C ASP K 100 15.28 -2.30 0.04
N GLU K 101 16.45 -2.20 -0.58
CA GLU K 101 17.59 -1.59 0.07
C GLU K 101 17.33 -0.12 0.37
N GLN K 102 16.61 0.58 -0.51
CA GLN K 102 16.29 1.98 -0.25
C GLN K 102 15.31 2.13 0.90
N GLY K 103 14.32 1.23 1.01
CA GLY K 103 13.45 1.27 2.17
C GLY K 103 14.22 1.03 3.45
N LEU K 104 15.14 0.07 3.43
CA LEU K 104 16.00 -0.14 4.59
C LEU K 104 16.85 1.09 4.89
N PHE K 105 17.31 1.77 3.84
CA PHE K 105 18.07 3.00 4.02
C PHE K 105 17.24 4.05 4.74
N MET K 106 15.99 4.22 4.34
CA MET K 106 15.13 5.20 5.00
C MET K 106 14.91 4.83 6.46
N ILE K 107 14.67 3.54 6.72
CA ILE K 107 14.46 3.12 8.11
C ILE K 107 15.70 3.43 8.94
N GLY K 108 16.88 3.06 8.44
CA GLY K 108 18.10 3.31 9.18
C GLY K 108 18.34 4.80 9.40
N TYR K 109 18.08 5.61 8.38
CA TYR K 109 18.25 7.05 8.53
C TYR K 109 17.37 7.59 9.64
N TYR K 110 16.09 7.23 9.63
CA TYR K 110 15.19 7.75 10.66
C TYR K 110 15.60 7.26 12.05
N HIS K 111 16.01 5.99 12.16
CA HIS K 111 16.45 5.49 13.45
C HIS K 111 17.64 6.27 13.97
N GLN K 112 18.63 6.49 13.11
CA GLN K 112 19.81 7.24 13.54
C GLN K 112 19.46 8.69 13.85
N ARG K 113 18.47 9.26 13.15
CA ARG K 113 18.05 10.62 13.44
C ARG K 113 17.43 10.73 14.82
N LYS K 114 16.61 9.76 15.20
CA LYS K 114 16.02 9.80 16.54
C LYS K 114 17.11 9.69 17.61
N ALA K 115 18.10 8.83 17.39
CA ALA K 115 19.13 8.65 18.41
C ALA K 115 19.87 9.95 18.70
N LEU K 116 20.18 10.72 17.67
CA LEU K 116 20.86 11.99 17.87
C LEU K 116 20.00 12.99 18.61
N PHE K 117 18.69 12.76 18.67
CA PHE K 117 17.80 13.56 19.50
C PHE K 117 17.99 13.26 20.98
N THR K 118 18.14 12.00 21.35
CA THR K 118 18.25 11.61 22.74
C THR K 118 19.47 12.26 23.39
N LYS K 119 19.37 12.48 24.70
CA LYS K 119 20.45 13.09 25.46
C LYS K 119 20.80 14.45 24.87
N MET M 1 -66.92 -62.04 -8.82
CA MET M 1 -66.62 -60.60 -8.57
C MET M 1 -65.63 -60.08 -9.60
N ASP M 2 -65.65 -58.77 -9.83
CA ASP M 2 -64.82 -58.13 -10.86
C ASP M 2 -63.42 -57.91 -10.33
N ASN M 3 -62.67 -59.01 -10.22
CA ASN M 3 -61.28 -58.96 -9.81
C ASN M 3 -60.45 -58.42 -10.97
N LYS M 4 -60.54 -57.12 -11.22
CA LYS M 4 -59.80 -56.47 -12.28
C LYS M 4 -59.49 -55.05 -11.87
N ILE M 5 -58.26 -54.62 -12.10
CA ILE M 5 -57.84 -53.25 -11.80
C ILE M 5 -58.08 -52.40 -13.03
N THR M 6 -58.61 -51.21 -12.81
CA THR M 6 -59.04 -50.31 -13.88
C THR M 6 -58.62 -48.90 -13.52
N PRO M 7 -58.63 -47.98 -14.50
CA PRO M 7 -58.27 -46.59 -14.19
C PRO M 7 -59.13 -45.97 -13.10
N ALA M 8 -60.36 -46.44 -12.93
CA ALA M 8 -61.21 -45.94 -11.85
C ALA M 8 -60.63 -46.26 -10.48
N ASP M 9 -59.70 -47.21 -10.40
CA ASP M 9 -59.05 -47.53 -9.13
C ASP M 9 -57.93 -46.56 -8.79
N GLU M 10 -57.52 -45.70 -9.73
CA GLU M 10 -56.24 -45.01 -9.59
C GLU M 10 -56.19 -44.17 -8.31
N GLU M 11 -57.26 -43.44 -8.00
CA GLU M 11 -57.26 -42.66 -6.77
C GLU M 11 -57.11 -43.57 -5.56
N LYS M 12 -57.78 -44.67 -5.50
CA LYS M 12 -57.75 -45.64 -4.47
C LYS M 12 -56.41 -46.31 -4.36
N ILE M 13 -55.75 -46.60 -5.43
CA ILE M 13 -54.43 -47.10 -5.50
C ILE M 13 -53.46 -46.13 -4.86
N ARG M 14 -53.51 -44.89 -5.23
CA ARG M 14 -52.78 -43.81 -4.68
C ARG M 14 -52.92 -43.76 -3.19
N GLU M 15 -54.11 -43.80 -2.69
CA GLU M 15 -54.46 -43.85 -1.32
C GLU M 15 -53.77 -45.00 -0.62
N TRP M 16 -54.00 -46.20 -1.06
CA TRP M 16 -53.53 -47.41 -0.53
C TRP M 16 -52.03 -47.39 -0.35
N LEU M 17 -51.31 -47.17 -1.40
CA LEU M 17 -49.92 -47.00 -1.45
C LEU M 17 -49.42 -45.69 -0.92
N ASN M 18 -50.23 -44.68 -0.87
CA ASN M 18 -49.90 -43.36 -0.50
C ASN M 18 -48.99 -42.67 -1.48
N CYS M 19 -48.83 -43.26 -2.67
CA CYS M 19 -47.96 -42.70 -3.68
C CYS M 19 -48.65 -41.55 -4.40
N GLU M 20 -47.88 -40.52 -4.74
CA GLU M 20 -48.37 -39.38 -5.47
C GLU M 20 -48.35 -39.59 -6.98
N GLU M 21 -48.37 -40.84 -7.43
CA GLU M 21 -48.46 -41.15 -8.85
C GLU M 21 -49.02 -42.57 -9.01
N ALA M 22 -49.97 -42.71 -9.92
CA ALA M 22 -50.53 -44.01 -10.24
C ALA M 22 -50.92 -44.01 -11.70
N SER M 23 -50.92 -45.21 -12.30
CA SER M 23 -51.29 -45.36 -13.70
C SER M 23 -51.60 -46.82 -13.98
N VAL M 24 -52.79 -47.08 -14.50
CA VAL M 24 -53.21 -48.42 -14.89
C VAL M 24 -53.18 -48.48 -16.41
N ASP M 25 -52.58 -49.55 -16.93
CA ASP M 25 -52.38 -49.69 -18.37
C ASP M 25 -53.69 -50.14 -19.01
N ASN M 26 -53.62 -50.50 -20.30
CA ASN M 26 -54.82 -50.92 -21.02
C ASN M 26 -55.33 -52.28 -20.56
N ASP M 27 -54.43 -53.22 -20.23
CA ASP M 27 -54.83 -54.54 -19.78
C ASP M 27 -55.25 -54.57 -18.31
N GLY M 28 -54.54 -53.87 -17.44
CA GLY M 28 -54.90 -53.85 -16.03
C GLY M 28 -53.70 -53.79 -15.10
N ASP M 29 -52.49 -53.92 -15.64
CA ASP M 29 -51.31 -53.74 -14.81
C ASP M 29 -51.28 -52.30 -14.29
N VAL M 30 -50.59 -52.11 -13.16
CA VAL M 30 -50.67 -50.86 -12.41
C VAL M 30 -49.25 -50.35 -12.15
N TRP M 31 -49.11 -49.03 -12.06
CA TRP M 31 -47.83 -48.37 -11.89
C TRP M 31 -47.96 -47.30 -10.81
N VAL M 32 -46.85 -47.02 -10.13
CA VAL M 32 -46.83 -46.10 -8.99
C VAL M 32 -45.44 -45.51 -8.88
N ALA M 33 -45.34 -44.30 -8.32
CA ALA M 33 -44.04 -43.65 -8.22
C ALA M 33 -44.12 -42.45 -7.28
N VAL M 34 -43.01 -41.71 -7.22
CA VAL M 34 -42.83 -40.42 -6.54
C VAL M 34 -42.42 -40.60 -5.08
N PRO M 35 -43.28 -41.04 -4.14
CA PRO M 35 -42.72 -41.45 -2.84
C PRO M 35 -41.92 -42.72 -2.90
N MET M 36 -41.90 -43.44 -3.98
CA MET M 36 -41.28 -44.67 -4.27
C MET M 36 -40.56 -44.64 -5.58
N THR M 37 -39.65 -45.59 -5.79
CA THR M 37 -39.10 -45.79 -7.12
C THR M 37 -40.19 -46.32 -8.05
N GLY M 38 -40.30 -45.74 -9.23
CA GLY M 38 -41.32 -46.18 -10.17
C GLY M 38 -41.22 -47.67 -10.41
N HIS M 39 -42.31 -48.40 -10.15
CA HIS M 39 -42.29 -49.85 -10.27
C HIS M 39 -43.70 -50.37 -10.53
N TRP M 40 -43.76 -51.58 -11.08
CA TRP M 40 -45.04 -52.25 -11.31
C TRP M 40 -45.38 -53.12 -10.10
N LEU M 41 -46.61 -53.01 -9.62
CA LEU M 41 -47.03 -53.84 -8.51
C LEU M 41 -46.95 -55.32 -8.89
N SER M 42 -46.53 -56.14 -7.95
CA SER M 42 -46.46 -57.57 -8.19
C SER M 42 -47.85 -58.20 -8.06
N ASP M 43 -47.96 -59.43 -8.54
CA ASP M 43 -49.23 -60.15 -8.47
C ASP M 43 -49.75 -60.17 -7.03
N GLU M 44 -48.87 -60.48 -6.08
CA GLU M 44 -49.31 -60.55 -4.68
C GLU M 44 -49.75 -59.17 -4.19
N GLN M 45 -49.06 -58.11 -4.60
CA GLN M 45 -49.48 -56.77 -4.22
C GLN M 45 -50.83 -56.43 -4.84
N LYS M 46 -51.08 -56.87 -6.08
CA LYS M 46 -52.38 -56.68 -6.68
C LYS M 46 -53.46 -57.39 -5.89
N ALA M 47 -53.18 -58.62 -5.45
CA ALA M 47 -54.14 -59.37 -4.65
C ALA M 47 -54.42 -58.64 -3.35
N LYS M 48 -53.44 -58.14 -2.67
CA LYS M 48 -53.51 -57.35 -1.51
C LYS M 48 -54.41 -56.16 -1.72
N TYR M 49 -54.23 -55.46 -2.79
CA TYR M 49 -54.98 -54.34 -3.20
C TYR M 49 -56.44 -54.66 -3.30
N ILE M 50 -56.80 -55.71 -3.98
CA ILE M 50 -58.12 -56.13 -4.23
C ILE M 50 -58.83 -56.50 -2.96
N GLU M 51 -58.19 -57.20 -2.08
CA GLU M 51 -58.64 -57.49 -0.77
C GLU M 51 -58.93 -56.23 0.01
N TRP M 52 -58.06 -55.27 -0.03
CA TRP M 52 -58.17 -53.98 0.52
C TRP M 52 -59.41 -53.28 0.03
N ARG M 53 -59.64 -53.28 -1.24
CA ARG M 53 -60.75 -52.73 -1.92
C ARG M 53 -62.04 -53.31 -1.42
N GLY M 54 -62.12 -54.60 -1.32
CA GLY M 54 -63.21 -55.28 -0.83
C GLY M 54 -63.58 -55.03 0.58
N ASP M 55 -62.59 -55.07 1.47
CA ASP M 55 -62.76 -54.93 2.91
C ASP M 55 -62.93 -53.45 3.35
N GLU M 56 -61.99 -52.59 2.98
CA GLU M 56 -61.92 -51.19 3.39
C GLU M 56 -62.63 -50.26 2.37
N THR M 57 -63.91 -50.54 2.07
CA THR M 57 -64.75 -49.87 1.15
C THR M 57 -65.53 -48.74 1.78
#